data_7MLU
#
_entry.id   7MLU
#
loop_
_entity.id
_entity.type
_entity.pdbx_description
1 polymer '3D1 Fab Light Chain'
2 polymer '3D1 Fab Heavy Chain'
3 polymer 'Glycine receptor alpha 1'
4 non-polymer 2-acetamido-2-deoxy-beta-D-glucopyranose
#
loop_
_entity_poly.entity_id
_entity_poly.type
_entity_poly.pdbx_seq_one_letter_code
_entity_poly.pdbx_strand_id
1 'polypeptide(L)'
;DIVMTQSHKFMSTSVGDRVSITCKASQDVSTAVAWYQQKPGQSPKLLIYWASTRHTGVPGRFTGSGSGTDYTLTISSVQA
EDLSLYYCQQHYSTPRTFGGGTKLEIK
;
K,J,O,M,I
2 'polypeptide(L)'
;QVQLQQSGAELMKPGAAVKISCKATGHTISRYWIDWLKQRPGHGLEWIGEILPGSGSTNYNEKFKGKATFTAEKSSNTAY
MQLSSLTSEDSAVYYCAMGVRGNYFDYWGQGTTLTVSS
;
F,G,N,L,H
3 'polypeptide(L)'
;MYRFNTLRLYLWETIVFFSLAASKEAEAARSASKPMSPSDFLDKLMGRTSGYDARIRPNFKGPPVNVSCNIFINSFGSIA
ETTMDYRVNIFLRQQWNDPRLAYNEYPDDSLDLDPSMLDSIWKPDLFFANEKGAHFHEITTDNKLLRISRNGNVLYSIRI
TLTLACPMDLKNFPMDVQTCIMQLESFGYTMNDLIFEWQEQGAVQVADGLTLPQFILKEEKDLRYCTKHYNTGKFTCIEA
RFHLERQMGYYLIQMYIPSLLIVILSWISFWINMDAAPARVGLGITTVLTMTTQSSGSRASLPKVSYVKAIDIWMAVCLL
FVFSALLEYAAVNFVSRQHKELLRFRRKRRHHKSPMLNLFQEDEAGEGRFNFSAYGMGPACLQAKDGISVKGANNTTTNP
PPAPSKSPEEMRKLFIQRAKKIDKISRIGFPMAFLIFNMFYWIIYKIVRREDVHNQ
;
A,E,D,B,C
#
# COMPACT_ATOMS: atom_id res chain seq x y z
N ILE A 2 47.07 14.66 19.52
CA ILE A 2 46.60 15.61 20.52
C ILE A 2 47.17 15.27 21.90
N VAL A 3 47.83 16.25 22.50
CA VAL A 3 48.30 16.17 23.88
C VAL A 3 47.91 17.47 24.56
N MET A 4 47.15 17.37 25.65
CA MET A 4 46.79 18.56 26.41
C MET A 4 48.00 19.08 27.19
N THR A 5 47.99 20.39 27.47
CA THR A 5 49.13 21.03 28.12
C THR A 5 48.65 22.00 29.17
N GLN A 6 48.94 21.70 30.44
CA GLN A 6 48.65 22.61 31.55
C GLN A 6 49.88 23.46 31.82
N SER A 7 49.87 24.17 32.95
CA SER A 7 51.03 24.96 33.36
C SER A 7 51.35 24.87 34.84
N HIS A 8 50.61 24.07 35.63
CA HIS A 8 50.85 23.96 37.05
C HIS A 8 50.56 22.55 37.52
N LYS A 9 51.43 22.02 38.37
CA LYS A 9 51.13 20.79 39.12
C LYS A 9 50.61 21.09 40.52
N PHE A 10 51.00 22.21 41.10
CA PHE A 10 50.54 22.65 42.41
C PHE A 10 50.11 24.10 42.32
N MET A 11 49.13 24.47 43.13
CA MET A 11 48.69 25.86 43.25
C MET A 11 48.49 26.18 44.72
N SER A 12 49.39 26.97 45.29
CA SER A 12 49.28 27.36 46.69
C SER A 12 48.22 28.44 46.87
N THR A 13 47.28 28.19 47.77
CA THR A 13 46.18 29.10 48.01
C THR A 13 45.66 28.91 49.42
N SER A 14 44.65 29.69 49.79
CA SER A 14 43.97 29.61 51.07
C SER A 14 42.48 29.35 50.83
N VAL A 15 41.75 29.21 51.93
CA VAL A 15 40.34 28.84 51.86
C VAL A 15 39.52 30.04 51.47
N GLY A 16 38.73 29.90 50.41
CA GLY A 16 37.85 30.97 49.97
C GLY A 16 38.43 31.90 48.93
N ASP A 17 39.28 31.40 48.05
CA ASP A 17 39.94 32.23 47.05
C ASP A 17 39.35 32.00 45.66
N ARG A 18 39.94 32.65 44.67
CA ARG A 18 39.55 32.51 43.27
C ARG A 18 40.70 31.83 42.53
N VAL A 19 40.52 30.55 42.21
CA VAL A 19 41.56 29.76 41.56
C VAL A 19 41.09 29.39 40.16
N SER A 20 42.03 29.45 39.20
CA SER A 20 41.74 29.16 37.80
C SER A 20 42.83 28.27 37.23
N ILE A 21 42.42 27.32 36.39
CA ILE A 21 43.32 26.34 35.80
C ILE A 21 43.28 26.48 34.29
N THR A 22 44.43 26.72 33.68
CA THR A 22 44.54 26.85 32.23
C THR A 22 45.13 25.57 31.66
N CYS A 23 44.30 24.79 30.98
CA CYS A 23 44.72 23.56 30.32
C CYS A 23 44.65 23.80 28.81
N LYS A 24 45.77 24.24 28.24
CA LYS A 24 45.82 24.53 26.81
C LYS A 24 45.82 23.26 26.00
N ALA A 25 45.01 23.23 24.94
CA ALA A 25 44.89 22.05 24.10
C ALA A 25 45.98 22.01 23.03
N SER A 26 46.03 20.88 22.33
CA SER A 26 47.02 20.73 21.26
C SER A 26 46.59 21.46 19.99
N GLN A 27 45.32 21.37 19.62
CA GLN A 27 44.82 22.02 18.42
C GLN A 27 43.36 22.40 18.66
N ASP A 28 42.66 22.76 17.58
CA ASP A 28 41.31 23.28 17.68
C ASP A 28 40.32 22.14 17.96
N VAL A 29 39.73 22.14 19.15
CA VAL A 29 38.65 21.21 19.46
C VAL A 29 37.41 22.04 19.82
N SER A 30 37.64 23.24 20.34
CA SER A 30 36.73 24.39 20.45
C SER A 30 35.60 24.23 21.47
N THR A 31 35.30 23.00 21.91
CA THR A 31 34.30 22.83 22.98
C THR A 31 34.71 21.69 23.90
N ALA A 32 35.43 20.71 23.34
CA ALA A 32 35.59 19.40 23.96
C ALA A 32 36.61 19.48 25.09
N VAL A 33 36.15 19.98 26.23
CA VAL A 33 36.96 20.10 27.43
C VAL A 33 36.18 19.55 28.62
N ALA A 34 36.75 18.57 29.30
CA ALA A 34 36.19 18.03 30.52
C ALA A 34 37.18 18.22 31.67
N TRP A 35 36.65 18.19 32.89
CA TRP A 35 37.45 18.40 34.10
C TRP A 35 37.18 17.26 35.08
N TYR A 36 38.25 16.65 35.58
CA TYR A 36 38.18 15.52 36.48
C TYR A 36 38.86 15.85 37.81
N GLN A 37 38.22 15.43 38.90
CA GLN A 37 38.78 15.58 40.24
C GLN A 37 38.94 14.21 40.87
N GLN A 38 40.14 13.92 41.37
CA GLN A 38 40.44 12.65 42.00
C GLN A 38 40.89 12.90 43.44
N LYS A 39 40.13 12.38 44.39
CA LYS A 39 40.61 12.35 45.75
C LYS A 39 41.40 11.07 45.99
N PRO A 40 42.41 11.10 46.85
CA PRO A 40 43.21 9.89 47.12
C PRO A 40 42.38 8.81 47.82
N GLY A 41 42.58 7.57 47.37
CA GLY A 41 41.77 6.45 47.82
C GLY A 41 40.48 6.27 47.06
N GLN A 42 40.17 7.16 46.11
CA GLN A 42 38.94 7.09 45.32
C GLN A 42 39.27 7.37 43.86
N SER A 43 38.23 7.34 43.01
CA SER A 43 38.25 7.41 41.56
C SER A 43 38.17 8.86 41.07
N PRO A 44 38.76 9.16 39.89
CA PRO A 44 38.59 10.49 39.31
C PRO A 44 37.17 10.75 38.83
N LYS A 45 36.48 11.68 39.47
CA LYS A 45 35.08 11.94 39.15
C LYS A 45 34.93 13.17 38.28
N LEU A 46 33.76 13.26 37.64
CA LEU A 46 33.48 14.34 36.69
C LEU A 46 33.20 15.66 37.40
N LEU A 47 33.70 16.75 36.82
CA LEU A 47 33.33 18.09 37.24
C LEU A 47 32.55 18.83 36.17
N ILE A 48 33.14 19.03 35.00
CA ILE A 48 32.54 19.77 33.90
C ILE A 48 32.64 18.88 32.66
N TYR A 49 31.60 18.88 31.84
CA TYR A 49 31.71 18.27 30.51
C TYR A 49 31.15 19.23 29.47
N TRP A 50 31.75 19.17 28.27
CA TRP A 50 31.57 20.13 27.17
C TRP A 50 31.91 21.56 27.58
N ALA A 51 32.81 21.70 28.57
CA ALA A 51 33.39 22.95 29.05
C ALA A 51 32.38 23.93 29.64
N SER A 52 31.12 23.56 29.81
CA SER A 52 30.16 24.46 30.45
C SER A 52 29.17 23.78 31.40
N THR A 53 29.01 22.46 31.37
CA THR A 53 27.90 21.82 32.05
C THR A 53 28.37 21.18 33.34
N ARG A 54 27.47 20.46 34.02
CA ARG A 54 27.74 19.92 35.33
C ARG A 54 27.20 18.50 35.43
N HIS A 55 27.81 17.72 36.33
CA HIS A 55 27.34 16.39 36.65
C HIS A 55 26.26 16.46 37.72
N THR A 56 25.43 15.41 37.78
CA THR A 56 24.36 15.33 38.77
C THR A 56 24.95 15.14 40.17
N GLY A 57 24.64 16.09 41.07
CA GLY A 57 25.10 16.02 42.44
C GLY A 57 26.39 16.78 42.70
N VAL A 58 26.48 18.00 42.18
CA VAL A 58 27.69 18.81 42.25
C VAL A 58 27.31 20.14 42.92
N PRO A 59 28.25 20.85 43.55
CA PRO A 59 27.99 22.26 43.88
C PRO A 59 28.15 23.15 42.66
N GLY A 60 27.70 24.39 42.83
CA GLY A 60 27.59 25.31 41.71
C GLY A 60 28.73 26.29 41.53
N ARG A 61 29.75 26.20 42.38
CA ARG A 61 30.92 27.07 42.24
C ARG A 61 31.80 26.67 41.06
N PHE A 62 31.63 25.47 40.54
CA PHE A 62 32.47 24.97 39.45
C PHE A 62 31.84 25.34 38.12
N THR A 63 32.42 26.33 37.45
CA THR A 63 31.98 26.73 36.13
C THR A 63 33.10 26.48 35.13
N GLY A 64 32.72 26.51 33.85
CA GLY A 64 33.70 26.39 32.79
C GLY A 64 33.57 27.52 31.79
N SER A 65 34.66 27.85 31.10
CA SER A 65 34.65 28.94 30.15
C SER A 65 35.74 28.69 29.11
N GLY A 66 35.96 29.66 28.24
CA GLY A 66 37.02 29.57 27.26
C GLY A 66 36.67 28.73 26.04
N SER A 67 37.25 29.08 24.91
CA SER A 67 37.10 28.32 23.68
C SER A 67 38.33 28.57 22.83
N GLY A 68 38.40 27.88 21.69
CA GLY A 68 39.56 28.03 20.82
C GLY A 68 40.79 27.33 21.37
N THR A 69 41.75 28.12 21.86
CA THR A 69 43.01 27.58 22.37
C THR A 69 43.18 27.73 23.87
N ASP A 70 42.29 28.44 24.56
CA ASP A 70 42.40 28.65 25.99
C ASP A 70 41.12 28.25 26.69
N TYR A 71 41.27 27.70 27.90
CA TYR A 71 40.14 27.22 28.69
C TYR A 71 40.42 27.51 30.16
N THR A 72 39.37 27.43 30.98
CA THR A 72 39.47 27.80 32.39
C THR A 72 38.47 27.00 33.21
N LEU A 73 38.94 26.38 34.28
CA LEU A 73 38.09 25.89 35.36
C LEU A 73 38.12 26.90 36.50
N THR A 74 36.94 27.39 36.89
CA THR A 74 36.84 28.51 37.81
C THR A 74 36.19 28.05 39.11
N ILE A 75 36.83 28.38 40.23
CA ILE A 75 36.25 28.21 41.56
C ILE A 75 36.23 29.58 42.23
N SER A 76 35.03 30.10 42.48
CA SER A 76 34.91 31.43 43.08
C SER A 76 35.26 31.44 44.55
N SER A 77 35.05 30.33 45.25
CA SER A 77 35.38 30.25 46.67
C SER A 77 35.73 28.80 47.00
N VAL A 78 36.93 28.58 47.50
CA VAL A 78 37.39 27.24 47.83
C VAL A 78 36.88 26.86 49.21
N GLN A 79 36.29 25.68 49.32
CA GLN A 79 35.80 25.16 50.59
C GLN A 79 36.85 24.27 51.24
N ALA A 80 36.45 23.57 52.30
CA ALA A 80 37.41 22.85 53.13
C ALA A 80 37.90 21.56 52.47
N GLU A 81 37.00 20.77 51.92
CA GLU A 81 37.35 19.46 51.38
C GLU A 81 37.86 19.50 49.94
N ASP A 82 38.16 20.68 49.42
CA ASP A 82 38.62 20.83 48.04
C ASP A 82 40.10 20.51 47.86
N LEU A 83 40.80 20.10 48.92
CA LEU A 83 42.22 19.77 48.86
C LEU A 83 42.38 18.42 48.16
N SER A 84 42.38 18.47 46.83
CA SER A 84 42.39 17.25 46.03
C SER A 84 43.09 17.53 44.71
N LEU A 85 43.10 16.51 43.84
CA LEU A 85 43.81 16.55 42.57
C LEU A 85 42.84 17.00 41.48
N TYR A 86 43.31 17.86 40.58
CA TYR A 86 42.48 18.44 39.53
C TYR A 86 43.06 18.04 38.17
N TYR A 87 42.20 17.55 37.29
CA TYR A 87 42.58 17.11 35.95
C TYR A 87 41.74 17.82 34.92
N CYS A 88 42.33 18.08 33.76
CA CYS A 88 41.59 18.47 32.57
C CYS A 88 41.50 17.29 31.62
N GLN A 89 40.67 17.43 30.58
CA GLN A 89 40.39 16.32 29.69
C GLN A 89 39.88 16.85 28.36
N GLN A 90 40.26 16.23 27.24
CA GLN A 90 39.61 16.50 25.97
C GLN A 90 38.89 15.25 25.50
N HIS A 91 37.63 15.41 25.10
CA HIS A 91 36.79 14.30 24.66
C HIS A 91 36.40 14.48 23.20
N TYR A 92 37.37 14.84 22.37
CA TYR A 92 37.17 15.15 20.97
C TYR A 92 37.55 13.99 20.05
N SER A 93 38.81 13.56 20.10
CA SER A 93 39.37 12.69 19.08
C SER A 93 39.53 11.27 19.61
N THR A 94 40.15 10.42 18.79
CA THR A 94 40.46 9.06 19.25
C THR A 94 41.54 9.01 20.32
N PRO A 95 42.73 9.74 20.21
CA PRO A 95 43.62 9.76 21.37
C PRO A 95 43.06 10.56 22.53
N ARG A 96 42.68 9.87 23.60
CA ARG A 96 42.04 10.49 24.76
C ARG A 96 43.11 10.87 25.79
N THR A 97 43.88 11.89 25.42
CA THR A 97 44.87 12.47 26.32
C THR A 97 44.20 13.29 27.41
N PHE A 98 44.93 13.51 28.51
CA PHE A 98 44.38 14.20 29.66
C PHE A 98 45.09 15.52 29.93
N GLY A 99 46.41 15.51 30.14
CA GLY A 99 47.12 16.75 30.38
C GLY A 99 47.83 16.82 31.71
N GLY A 100 48.22 15.67 32.26
CA GLY A 100 48.99 15.64 33.49
C GLY A 100 48.15 15.75 34.74
N GLY A 101 47.70 16.97 35.05
CA GLY A 101 46.93 17.18 36.27
C GLY A 101 47.51 18.24 37.18
N THR A 102 46.74 18.67 38.17
CA THR A 102 47.15 19.77 39.05
C THR A 102 46.63 19.48 40.44
N LYS A 103 47.48 19.69 41.44
CA LYS A 103 47.06 19.55 42.83
C LYS A 103 46.68 20.90 43.43
N VAL B 2 23.65 2.57 39.21
CA VAL B 2 24.28 1.49 38.48
C VAL B 2 25.79 1.70 38.43
N GLN B 3 26.52 0.78 39.05
CA GLN B 3 27.97 0.88 39.18
C GLN B 3 28.59 -0.48 38.85
N LEU B 4 29.76 -0.44 38.22
CA LEU B 4 30.47 -1.65 37.85
C LEU B 4 31.16 -2.27 39.07
N GLN B 5 31.83 -3.41 38.85
CA GLN B 5 32.47 -4.14 39.93
C GLN B 5 33.63 -4.93 39.35
N GLN B 6 34.71 -5.05 40.11
CA GLN B 6 35.90 -5.75 39.68
C GLN B 6 36.24 -6.86 40.68
N SER B 7 37.18 -7.72 40.30
CA SER B 7 37.63 -8.80 41.17
C SER B 7 38.84 -8.33 41.97
N GLY B 8 39.50 -9.25 42.65
CA GLY B 8 40.63 -8.88 43.50
C GLY B 8 41.87 -8.57 42.68
N ALA B 9 42.66 -7.62 43.19
CA ALA B 9 43.88 -7.21 42.51
C ALA B 9 44.96 -8.28 42.60
N GLU B 10 45.82 -8.33 41.59
CA GLU B 10 46.81 -9.40 41.47
C GLU B 10 48.22 -8.82 41.51
N LEU B 11 49.20 -9.69 41.30
CA LEU B 11 50.61 -9.34 41.37
C LEU B 11 51.39 -10.28 40.46
N MET B 12 52.14 -9.71 39.51
CA MET B 12 52.89 -10.50 38.56
C MET B 12 54.31 -9.96 38.44
N LYS B 13 55.17 -10.76 37.77
CA LYS B 13 56.57 -10.72 37.40
C LYS B 13 56.74 -10.15 35.99
N PRO B 14 57.89 -9.55 35.67
CA PRO B 14 58.04 -8.91 34.36
C PRO B 14 58.08 -9.89 33.20
N GLY B 15 57.42 -9.50 32.11
CA GLY B 15 57.29 -10.34 30.94
C GLY B 15 56.08 -11.23 30.91
N ALA B 16 55.20 -11.13 31.90
CA ALA B 16 54.06 -12.03 32.02
C ALA B 16 52.83 -11.41 31.34
N ALA B 17 51.66 -12.00 31.59
CA ALA B 17 50.42 -11.58 30.99
C ALA B 17 49.27 -11.96 31.92
N VAL B 18 48.29 -11.07 32.06
CA VAL B 18 47.20 -11.30 33.01
C VAL B 18 45.94 -10.63 32.45
N LYS B 19 44.79 -11.16 32.86
CA LYS B 19 43.48 -10.66 32.46
C LYS B 19 42.82 -9.94 33.63
N ILE B 20 42.14 -8.84 33.32
CA ILE B 20 41.43 -8.04 34.32
C ILE B 20 39.93 -8.12 34.03
N SER B 21 39.16 -8.56 35.02
CA SER B 21 37.72 -8.75 34.88
C SER B 21 36.96 -7.53 35.40
N CYS B 22 35.75 -7.32 34.85
CA CYS B 22 34.91 -6.18 35.23
C CYS B 22 33.45 -6.66 35.24
N LYS B 23 32.99 -7.08 36.41
CA LYS B 23 31.61 -7.51 36.58
C LYS B 23 30.66 -6.32 36.51
N ALA B 24 29.54 -6.49 35.82
CA ALA B 24 28.55 -5.44 35.65
C ALA B 24 27.31 -5.76 36.48
N THR B 25 26.88 -4.78 37.28
CA THR B 25 25.70 -4.91 38.12
C THR B 25 24.67 -3.88 37.67
N GLY B 26 23.51 -4.36 37.26
CA GLY B 26 22.41 -3.46 36.95
C GLY B 26 21.76 -3.65 35.59
N HIS B 27 22.57 -3.97 34.59
CA HIS B 27 22.08 -4.03 33.22
C HIS B 27 22.89 -5.06 32.44
N THR B 28 22.75 -5.04 31.11
CA THR B 28 23.52 -5.89 30.22
C THR B 28 24.64 -5.04 29.62
N ILE B 29 25.89 -5.47 29.86
CA ILE B 29 27.04 -4.62 29.56
C ILE B 29 27.31 -4.53 28.06
N SER B 30 26.69 -5.40 27.25
CA SER B 30 26.85 -5.32 25.80
C SER B 30 26.11 -4.13 25.20
N ARG B 31 25.23 -3.47 25.96
CA ARG B 31 24.53 -2.31 25.44
C ARG B 31 25.46 -1.12 25.28
N TYR B 32 26.28 -0.83 26.29
CA TYR B 32 27.10 0.36 26.33
C TYR B 32 28.56 0.03 26.05
N TRP B 33 29.38 1.06 25.97
CA TRP B 33 30.81 0.87 25.82
C TRP B 33 31.47 0.51 27.15
N ILE B 34 32.71 0.03 27.05
CA ILE B 34 33.60 -0.19 28.18
C ILE B 34 34.97 0.37 27.81
N ASP B 35 35.49 1.27 28.63
CA ASP B 35 36.80 1.87 28.40
C ASP B 35 37.77 1.46 29.51
N TRP B 36 39.04 1.73 29.28
CA TRP B 36 40.08 1.36 30.24
C TRP B 36 41.07 2.50 30.38
N LEU B 37 41.48 2.74 31.63
CA LEU B 37 42.39 3.84 31.97
C LEU B 37 43.56 3.31 32.79
N LYS B 38 44.75 3.82 32.49
CA LYS B 38 46.00 3.42 33.14
C LYS B 38 46.48 4.52 34.07
N GLN B 39 46.49 4.23 35.38
CA GLN B 39 46.99 5.18 36.38
C GLN B 39 48.29 4.64 36.96
N ARG B 40 49.41 5.07 36.38
CA ARG B 40 50.72 4.80 36.94
C ARG B 40 51.07 5.94 37.91
N PRO B 41 51.36 5.63 39.17
CA PRO B 41 51.58 6.69 40.16
C PRO B 41 52.88 7.44 39.91
N GLY B 42 52.87 8.71 40.30
CA GLY B 42 53.89 9.64 39.87
C GLY B 42 53.43 10.39 38.64
N HIS B 43 53.07 9.63 37.60
CA HIS B 43 52.34 10.18 36.46
C HIS B 43 50.84 10.12 36.77
N GLY B 44 50.01 10.33 35.76
CA GLY B 44 48.57 10.34 35.99
C GLY B 44 47.80 9.24 35.31
N LEU B 45 46.57 9.55 34.93
CA LEU B 45 45.69 8.60 34.26
C LEU B 45 45.99 8.57 32.77
N GLU B 46 45.62 7.47 32.11
CA GLU B 46 45.95 7.28 30.69
C GLU B 46 44.97 6.27 30.08
N TRP B 47 44.15 6.74 29.14
CA TRP B 47 43.16 5.89 28.49
C TRP B 47 43.81 4.81 27.64
N ILE B 48 43.20 3.63 27.63
CA ILE B 48 43.75 2.50 26.89
C ILE B 48 42.97 2.24 25.62
N GLY B 49 41.70 1.87 25.76
CA GLY B 49 40.95 1.38 24.63
C GLY B 49 39.45 1.40 24.85
N GLU B 50 38.74 0.69 23.97
CA GLU B 50 37.29 0.64 24.02
C GLU B 50 36.80 -0.68 23.43
N ILE B 51 35.65 -1.13 23.92
CA ILE B 51 35.01 -2.34 23.43
C ILE B 51 33.50 -2.28 23.61
N LEU B 52 32.76 -2.50 22.53
CA LEU B 52 31.35 -2.82 22.64
C LEU B 52 31.27 -4.33 22.84
N PRO B 53 30.79 -4.81 23.98
CA PRO B 53 30.89 -6.25 24.28
C PRO B 53 29.99 -7.13 23.43
N GLY B 54 29.00 -6.57 22.74
CA GLY B 54 28.24 -7.35 21.79
C GLY B 54 29.03 -7.60 20.52
N SER B 55 29.84 -6.63 20.13
CA SER B 55 30.63 -6.74 18.90
C SER B 55 32.08 -7.10 19.19
N GLY B 56 32.69 -6.46 20.17
CA GLY B 56 34.12 -6.61 20.35
C GLY B 56 34.97 -5.76 19.43
N SER B 57 34.35 -4.82 18.73
CA SER B 57 35.09 -3.88 17.89
C SER B 57 35.81 -2.87 18.76
N THR B 58 37.11 -2.70 18.50
CA THR B 58 37.97 -1.92 19.37
C THR B 58 38.62 -0.77 18.59
N ASN B 59 39.17 0.18 19.35
CA ASN B 59 40.08 1.21 18.83
C ASN B 59 41.21 1.36 19.85
N TYR B 60 42.26 0.59 19.66
CA TYR B 60 43.40 0.66 20.56
C TYR B 60 44.23 1.91 20.28
N ASN B 61 44.98 2.34 21.29
CA ASN B 61 45.74 3.58 21.22
C ASN B 61 47.01 3.38 20.39
N GLU B 62 47.53 4.49 19.87
CA GLU B 62 48.75 4.44 19.07
C GLU B 62 49.96 4.05 19.92
N LYS B 63 50.07 4.60 21.13
CA LYS B 63 51.10 4.18 22.05
C LYS B 63 50.84 2.77 22.58
N PHE B 64 49.59 2.33 22.58
CA PHE B 64 49.19 1.03 23.10
C PHE B 64 48.84 0.04 21.99
N LYS B 65 49.54 0.11 20.87
CA LYS B 65 49.32 -0.83 19.77
C LYS B 65 49.82 -2.22 20.16
N GLY B 66 48.92 -3.20 20.12
CA GLY B 66 49.28 -4.54 20.53
C GLY B 66 49.50 -4.70 22.02
N LYS B 67 48.93 -3.82 22.83
CA LYS B 67 49.18 -3.83 24.26
C LYS B 67 48.12 -4.62 25.02
N ALA B 68 46.85 -4.40 24.71
CA ALA B 68 45.75 -5.02 25.43
C ALA B 68 44.94 -5.95 24.53
N THR B 69 44.18 -6.82 25.18
CA THR B 69 43.31 -7.77 24.49
C THR B 69 41.92 -7.67 25.13
N PHE B 70 40.90 -7.40 24.31
CA PHE B 70 39.56 -7.10 24.80
C PHE B 70 38.62 -8.23 24.44
N THR B 71 38.16 -8.97 25.45
CA THR B 71 37.11 -9.97 25.28
C THR B 71 35.99 -9.67 26.28
N ALA B 72 34.91 -10.43 26.18
CA ALA B 72 33.73 -10.19 27.00
C ALA B 72 33.10 -11.51 27.40
N GLU B 73 32.37 -11.48 28.52
CA GLU B 73 31.65 -12.64 29.06
C GLU B 73 30.18 -12.27 29.17
N LYS B 74 29.38 -12.70 28.19
CA LYS B 74 27.96 -12.37 28.21
C LYS B 74 27.17 -13.30 29.13
N SER B 75 27.78 -14.38 29.61
CA SER B 75 27.07 -15.30 30.49
C SER B 75 26.87 -14.73 31.88
N SER B 76 27.68 -13.75 32.29
CA SER B 76 27.52 -13.12 33.60
C SER B 76 27.73 -11.61 33.56
N ASN B 77 27.72 -11.00 32.37
CA ASN B 77 27.95 -9.56 32.15
C ASN B 77 29.29 -9.12 32.73
N THR B 78 30.37 -9.66 32.16
CA THR B 78 31.71 -9.36 32.64
C THR B 78 32.61 -9.03 31.47
N ALA B 79 33.33 -7.91 31.57
CA ALA B 79 34.27 -7.47 30.55
C ALA B 79 35.69 -7.84 30.95
N TYR B 80 36.51 -8.16 29.95
CA TYR B 80 37.85 -8.71 30.16
C TYR B 80 38.87 -7.85 29.42
N MET B 81 39.95 -7.49 30.10
CA MET B 81 41.12 -6.86 29.48
C MET B 81 42.34 -7.68 29.79
N GLN B 82 42.95 -8.27 28.77
CA GLN B 82 44.14 -9.09 28.91
C GLN B 82 45.34 -8.34 28.37
N LEU B 83 46.42 -8.32 29.14
CA LEU B 83 47.65 -7.64 28.77
C LEU B 83 48.69 -8.67 28.31
N SER B 84 49.89 -8.19 28.03
CA SER B 84 51.01 -9.01 27.60
C SER B 84 52.30 -8.20 27.75
N SER B 85 53.40 -8.92 28.03
CA SER B 85 54.77 -8.39 28.07
C SER B 85 54.91 -7.26 29.10
N LEU B 86 54.73 -7.66 30.36
CA LEU B 86 54.78 -6.71 31.45
C LEU B 86 56.21 -6.24 31.70
N THR B 87 56.38 -4.92 31.81
CA THR B 87 57.66 -4.30 32.11
C THR B 87 57.49 -3.36 33.29
N SER B 88 58.59 -2.69 33.66
CA SER B 88 58.57 -1.79 34.81
C SER B 88 57.79 -0.51 34.53
N GLU B 89 57.49 -0.22 33.26
CA GLU B 89 56.63 0.90 32.91
C GLU B 89 55.15 0.59 33.12
N ASP B 90 54.81 -0.64 33.50
CA ASP B 90 53.44 -1.12 33.48
C ASP B 90 52.81 -1.30 34.85
N SER B 91 53.55 -1.05 35.93
CA SER B 91 52.95 -1.08 37.27
C SER B 91 52.04 0.13 37.43
N ALA B 92 50.73 -0.12 37.53
CA ALA B 92 49.78 0.98 37.46
C ALA B 92 48.47 0.58 38.14
N VAL B 93 47.49 1.48 38.06
CA VAL B 93 46.14 1.26 38.57
C VAL B 93 45.19 1.33 37.39
N TYR B 94 44.29 0.35 37.30
CA TYR B 94 43.40 0.22 36.14
C TYR B 94 41.96 0.47 36.55
N TYR B 95 41.15 0.83 35.55
CA TYR B 95 39.75 1.19 35.76
C TYR B 95 38.93 0.74 34.57
N CYS B 96 37.79 0.11 34.83
CA CYS B 96 36.78 -0.10 33.80
C CYS B 96 35.68 0.95 33.98
N ALA B 97 35.66 1.91 33.07
CA ALA B 97 34.72 3.03 33.13
C ALA B 97 33.65 2.84 32.05
N MET B 98 32.63 3.70 32.11
CA MET B 98 31.54 3.64 31.15
C MET B 98 30.96 5.04 31.02
N GLY B 99 31.36 5.75 29.97
CA GLY B 99 30.91 7.12 29.76
C GLY B 99 29.82 7.23 28.71
N VAL B 100 28.62 7.59 29.14
CA VAL B 100 27.42 7.47 28.32
C VAL B 100 27.31 8.60 27.31
N ARG B 101 27.18 9.84 27.77
CA ARG B 101 26.85 10.92 26.85
C ARG B 101 28.09 11.56 26.24
N GLY B 102 28.99 10.74 25.70
CA GLY B 102 30.18 11.27 25.06
C GLY B 102 31.44 10.49 25.37
N ASN B 103 32.58 11.04 24.95
CA ASN B 103 33.87 10.38 25.14
C ASN B 103 34.41 10.55 26.55
N TYR B 104 33.77 11.34 27.41
CA TYR B 104 34.22 11.52 28.77
C TYR B 104 33.74 10.35 29.64
N PHE B 105 33.90 10.45 30.94
CA PHE B 105 33.67 9.31 31.82
C PHE B 105 32.84 9.73 33.03
N ASP B 106 31.76 8.98 33.29
CA ASP B 106 30.93 9.25 34.46
C ASP B 106 30.62 8.04 35.32
N TYR B 107 30.51 6.84 34.77
CA TYR B 107 30.31 5.64 35.58
C TYR B 107 31.62 4.87 35.68
N TRP B 108 31.82 4.20 36.80
CA TRP B 108 33.09 3.57 37.12
C TRP B 108 32.86 2.23 37.80
N GLY B 109 33.97 1.59 38.17
CA GLY B 109 33.94 0.43 39.04
C GLY B 109 34.45 0.80 40.42
N GLN B 110 35.59 0.24 40.83
CA GLN B 110 36.26 0.71 42.03
C GLN B 110 37.77 0.85 41.90
N GLY B 111 38.40 0.28 40.89
CA GLY B 111 39.83 0.42 40.73
C GLY B 111 40.58 -0.86 41.07
N THR B 112 41.63 -1.13 40.29
CA THR B 112 42.47 -2.31 40.52
C THR B 112 43.92 -1.90 40.29
N THR B 113 44.75 -2.10 41.31
CA THR B 113 46.16 -1.75 41.25
C THR B 113 46.97 -2.99 40.92
N LEU B 114 47.81 -2.89 39.89
CA LEU B 114 48.66 -3.99 39.46
C LEU B 114 50.11 -3.53 39.45
N THR B 115 50.99 -4.36 40.01
CA THR B 115 52.41 -4.02 40.11
C THR B 115 53.22 -5.08 39.41
N VAL B 116 54.12 -4.66 38.52
CA VAL B 116 54.98 -5.57 37.80
C VAL B 116 56.22 -5.87 38.61
N ILE C 2 3.29 4.68 -54.05
CA ILE C 2 4.32 3.71 -53.72
C ILE C 2 4.17 2.49 -54.63
N VAL C 3 5.02 2.41 -55.65
CA VAL C 3 4.91 1.34 -56.64
C VAL C 3 6.15 0.47 -56.57
N MET C 4 5.94 -0.84 -56.44
CA MET C 4 7.02 -1.82 -56.59
C MET C 4 7.22 -2.11 -58.07
N THR C 5 8.45 -1.96 -58.55
CA THR C 5 8.75 -2.02 -59.97
C THR C 5 9.74 -3.15 -60.25
N GLN C 6 9.28 -4.19 -60.92
CA GLN C 6 10.12 -5.32 -61.30
C GLN C 6 10.80 -5.05 -62.63
N SER C 7 11.38 -6.09 -63.22
CA SER C 7 12.09 -5.97 -64.49
C SER C 7 11.47 -6.81 -65.61
N HIS C 8 10.92 -7.98 -65.31
CA HIS C 8 10.42 -8.88 -66.33
C HIS C 8 9.08 -9.48 -65.92
N LYS C 9 8.38 -10.03 -66.90
CA LYS C 9 7.13 -10.74 -66.69
C LYS C 9 7.24 -12.26 -66.80
N PHE C 10 8.33 -12.76 -67.36
CA PHE C 10 8.56 -14.20 -67.46
C PHE C 10 10.05 -14.45 -67.30
N MET C 11 10.41 -15.42 -66.46
CA MET C 11 11.80 -15.81 -66.27
C MET C 11 11.87 -17.33 -66.31
N SER C 12 12.23 -17.87 -67.47
CA SER C 12 12.40 -19.30 -67.67
C SER C 12 13.82 -19.59 -68.09
N THR C 13 14.41 -20.63 -67.53
CA THR C 13 15.78 -21.01 -67.81
C THR C 13 15.91 -22.52 -67.69
N SER C 14 17.14 -23.01 -67.71
CA SER C 14 17.38 -24.43 -67.52
C SER C 14 17.24 -24.80 -66.05
N VAL C 15 17.28 -26.10 -65.78
CA VAL C 15 17.05 -26.61 -64.43
C VAL C 15 18.33 -26.47 -63.62
N GLY C 16 18.24 -25.80 -62.48
CA GLY C 16 19.37 -25.64 -61.58
C GLY C 16 20.25 -24.46 -61.94
N ASP C 17 19.65 -23.29 -62.10
CA ASP C 17 20.37 -22.08 -62.46
C ASP C 17 20.29 -21.05 -61.34
N ARG C 18 21.06 -19.99 -61.51
CA ARG C 18 21.05 -18.85 -60.59
C ARG C 18 20.15 -17.77 -61.16
N VAL C 19 19.00 -17.55 -60.53
CA VAL C 19 18.04 -16.54 -60.96
C VAL C 19 17.86 -15.51 -59.85
N SER C 20 17.85 -14.23 -60.24
CA SER C 20 17.76 -13.12 -59.29
C SER C 20 16.66 -12.18 -59.77
N ILE C 21 15.75 -11.83 -58.87
CA ILE C 21 14.57 -11.04 -59.21
C ILE C 21 14.74 -9.68 -58.54
N THR C 22 15.04 -8.66 -59.33
CA THR C 22 15.19 -7.31 -58.80
C THR C 22 13.85 -6.58 -58.85
N CYS C 23 13.49 -5.95 -57.73
CA CYS C 23 12.25 -5.18 -57.66
C CYS C 23 12.52 -3.91 -56.86
N LYS C 24 12.43 -2.76 -57.54
CA LYS C 24 12.68 -1.48 -56.89
C LYS C 24 11.38 -0.87 -56.37
N ALA C 25 11.45 -0.29 -55.17
CA ALA C 25 10.32 0.39 -54.57
C ALA C 25 10.25 1.83 -55.08
N SER C 26 9.30 2.61 -54.56
CA SER C 26 9.22 4.02 -54.90
C SER C 26 10.29 4.83 -54.16
N GLN C 27 10.22 4.84 -52.83
CA GLN C 27 11.22 5.47 -51.99
C GLN C 27 11.87 4.40 -51.11
N ASP C 28 12.82 4.85 -50.28
CA ASP C 28 13.47 3.96 -49.32
C ASP C 28 12.53 3.75 -48.13
N VAL C 29 11.65 2.76 -48.27
CA VAL C 29 10.65 2.52 -47.22
C VAL C 29 11.29 1.85 -46.02
N SER C 30 11.80 0.64 -46.19
CA SER C 30 12.55 -0.13 -45.19
C SER C 30 13.17 -1.32 -45.91
N THR C 31 13.68 -2.28 -45.15
CA THR C 31 13.92 -3.63 -45.64
C THR C 31 12.69 -4.52 -45.50
N ALA C 32 11.51 -3.92 -45.32
CA ALA C 32 10.25 -4.65 -45.28
C ALA C 32 9.89 -5.07 -46.70
N VAL C 33 10.48 -6.17 -47.14
CA VAL C 33 10.29 -6.68 -48.49
C VAL C 33 9.88 -8.15 -48.41
N ALA C 34 8.75 -8.47 -49.03
CA ALA C 34 8.23 -9.83 -49.03
C ALA C 34 8.18 -10.39 -50.46
N TRP C 35 8.05 -11.71 -50.54
CA TRP C 35 8.01 -12.40 -51.83
C TRP C 35 6.89 -13.43 -51.80
N TYR C 36 6.08 -13.43 -52.86
CA TYR C 36 4.88 -14.26 -52.95
C TYR C 36 4.95 -15.13 -54.19
N GLN C 37 4.75 -16.43 -54.01
CA GLN C 37 4.66 -17.38 -55.10
C GLN C 37 3.24 -17.92 -55.17
N GLN C 38 2.65 -17.89 -56.37
CA GLN C 38 1.29 -18.38 -56.59
C GLN C 38 1.31 -19.46 -57.64
N LYS C 39 0.96 -20.68 -57.24
CA LYS C 39 0.78 -21.74 -58.23
C LYS C 39 -0.57 -21.58 -58.91
N PRO C 40 -0.68 -21.94 -60.18
CA PRO C 40 -1.99 -21.88 -60.85
C PRO C 40 -2.94 -22.92 -60.31
N GLY C 41 -4.21 -22.52 -60.18
CA GLY C 41 -5.23 -23.37 -59.62
C GLY C 41 -5.39 -23.29 -58.11
N GLN C 42 -4.43 -22.72 -57.40
CA GLN C 42 -4.51 -22.57 -55.95
C GLN C 42 -4.07 -21.16 -55.57
N SER C 43 -3.89 -20.95 -54.27
CA SER C 43 -3.70 -19.63 -53.70
C SER C 43 -2.23 -19.22 -53.77
N PRO C 44 -1.93 -17.93 -53.59
CA PRO C 44 -0.54 -17.51 -53.39
C PRO C 44 0.04 -18.03 -52.08
N LYS C 45 1.35 -17.88 -51.94
CA LYS C 45 2.04 -18.38 -50.75
C LYS C 45 3.25 -17.50 -50.46
N LEU C 46 3.48 -17.26 -49.17
CA LEU C 46 4.65 -16.53 -48.71
C LEU C 46 5.94 -17.25 -49.03
N LEU C 47 6.97 -16.49 -49.43
CA LEU C 47 8.31 -17.02 -49.59
C LEU C 47 9.29 -16.42 -48.58
N ILE C 48 9.46 -15.10 -48.62
CA ILE C 48 10.40 -14.39 -47.78
C ILE C 48 9.60 -13.29 -47.06
N TYR C 49 9.93 -13.03 -45.80
CA TYR C 49 9.43 -11.83 -45.15
C TYR C 49 10.57 -11.14 -44.41
N TRP C 50 10.49 -9.79 -44.40
CA TRP C 50 11.56 -8.89 -43.95
C TRP C 50 12.86 -9.11 -44.73
N ALA C 51 12.74 -9.53 -45.99
CA ALA C 51 13.81 -9.65 -46.99
C ALA C 51 14.91 -10.66 -46.65
N SER C 52 14.79 -11.38 -45.53
CA SER C 52 15.79 -12.39 -45.20
C SER C 52 15.25 -13.70 -44.66
N THR C 53 14.05 -13.74 -44.10
CA THR C 53 13.58 -14.92 -43.38
C THR C 53 12.79 -15.84 -44.31
N ARG C 54 12.19 -16.87 -43.74
CA ARG C 54 11.44 -17.86 -44.51
C ARG C 54 10.15 -18.22 -43.79
N HIS C 55 9.18 -18.67 -44.58
CA HIS C 55 7.97 -19.24 -44.02
C HIS C 55 8.25 -20.66 -43.53
N THR C 56 7.46 -21.09 -42.54
CA THR C 56 7.63 -22.42 -41.96
C THR C 56 7.21 -23.48 -42.96
N GLY C 57 8.16 -24.32 -43.37
CA GLY C 57 7.89 -25.41 -44.28
C GLY C 57 8.49 -25.28 -45.67
N VAL C 58 9.46 -24.39 -45.87
CA VAL C 58 10.11 -24.18 -47.15
C VAL C 58 11.55 -24.69 -47.03
N PRO C 59 11.86 -25.88 -47.56
CA PRO C 59 13.20 -26.43 -47.37
C PRO C 59 14.23 -25.82 -48.33
N GLY C 60 15.06 -24.94 -47.78
CA GLY C 60 16.23 -24.40 -48.45
C GLY C 60 16.01 -23.63 -49.73
N ARG C 61 17.10 -23.37 -50.47
CA ARG C 61 17.21 -22.84 -51.83
C ARG C 61 16.34 -21.64 -52.17
N PHE C 62 15.95 -20.85 -51.18
CA PHE C 62 15.18 -19.62 -51.41
C PHE C 62 15.67 -18.58 -50.40
N THR C 63 16.52 -17.68 -50.85
CA THR C 63 17.13 -16.68 -49.99
C THR C 63 16.73 -15.28 -50.44
N GLY C 64 16.92 -14.31 -49.54
CA GLY C 64 16.70 -12.92 -49.85
C GLY C 64 17.89 -12.07 -49.44
N SER C 65 17.99 -10.91 -50.07
CA SER C 65 19.09 -9.99 -49.81
C SER C 65 18.66 -8.59 -50.23
N GLY C 66 19.62 -7.67 -50.32
CA GLY C 66 19.36 -6.33 -50.79
C GLY C 66 18.92 -5.36 -49.71
N SER C 67 19.26 -4.09 -49.89
CA SER C 67 18.87 -3.04 -48.96
C SER C 67 18.81 -1.73 -49.72
N GLY C 68 18.28 -0.70 -49.05
CA GLY C 68 18.17 0.61 -49.66
C GLY C 68 17.12 0.68 -50.75
N THR C 69 17.56 0.81 -52.00
CA THR C 69 16.67 0.89 -53.15
C THR C 69 16.69 -0.37 -54.00
N ASP C 70 17.45 -1.39 -53.61
CA ASP C 70 17.54 -2.63 -54.36
C ASP C 70 17.25 -3.80 -53.45
N TYR C 71 16.44 -4.74 -53.95
CA TYR C 71 16.06 -5.94 -53.20
C TYR C 71 15.94 -7.10 -54.17
N THR C 72 16.34 -8.29 -53.71
CA THR C 72 16.55 -9.40 -54.62
C THR C 72 16.07 -10.70 -53.99
N LEU C 73 15.27 -11.46 -54.74
CA LEU C 73 15.01 -12.86 -54.46
C LEU C 73 15.97 -13.72 -55.26
N THR C 74 16.78 -14.51 -54.56
CA THR C 74 17.84 -15.28 -55.18
C THR C 74 17.54 -16.77 -55.04
N ILE C 75 17.50 -17.46 -56.18
CA ILE C 75 17.29 -18.91 -56.21
C ILE C 75 18.44 -19.51 -57.00
N SER C 76 19.38 -20.16 -56.32
CA SER C 76 20.52 -20.76 -56.97
C SER C 76 20.28 -22.20 -57.39
N SER C 77 19.27 -22.86 -56.82
CA SER C 77 18.95 -24.26 -57.12
C SER C 77 17.49 -24.29 -57.60
N VAL C 78 17.32 -24.47 -58.90
CA VAL C 78 16.00 -24.52 -59.51
C VAL C 78 15.63 -25.98 -59.76
N GLN C 79 14.40 -26.35 -59.39
CA GLN C 79 13.87 -27.68 -59.61
C GLN C 79 12.65 -27.59 -60.54
N ALA C 80 11.94 -28.72 -60.68
CA ALA C 80 10.90 -28.83 -61.69
C ALA C 80 9.67 -27.99 -61.33
N GLU C 81 9.32 -27.92 -60.05
CA GLU C 81 8.14 -27.17 -59.63
C GLU C 81 8.40 -25.70 -59.40
N ASP C 82 9.61 -25.22 -59.67
CA ASP C 82 10.04 -23.90 -59.25
C ASP C 82 9.77 -22.81 -60.28
N LEU C 83 8.81 -23.00 -61.18
CA LEU C 83 8.44 -21.97 -62.15
C LEU C 83 6.96 -21.67 -62.01
N SER C 84 6.64 -20.50 -61.47
CA SER C 84 5.26 -20.08 -61.25
C SER C 84 5.24 -18.56 -61.13
N LEU C 85 4.15 -18.02 -60.60
CA LEU C 85 3.97 -16.58 -60.46
C LEU C 85 4.90 -16.03 -59.39
N TYR C 86 5.64 -14.98 -59.72
CA TYR C 86 6.59 -14.36 -58.81
C TYR C 86 6.21 -12.90 -58.57
N TYR C 87 6.32 -12.46 -57.31
CA TYR C 87 5.90 -11.12 -56.92
C TYR C 87 6.78 -10.60 -55.80
N CYS C 88 7.24 -9.35 -55.95
CA CYS C 88 7.87 -8.61 -54.86
C CYS C 88 6.78 -7.91 -54.04
N GLN C 89 7.17 -7.27 -52.94
CA GLN C 89 6.22 -6.68 -52.02
C GLN C 89 6.94 -5.67 -51.14
N GLN C 90 6.24 -4.60 -50.77
CA GLN C 90 6.69 -3.70 -49.72
C GLN C 90 5.62 -3.64 -48.64
N HIS C 91 6.05 -3.68 -47.38
CA HIS C 91 5.10 -3.60 -46.28
C HIS C 91 5.62 -2.69 -45.18
N TYR C 92 6.23 -1.57 -45.58
CA TYR C 92 6.65 -0.53 -44.65
C TYR C 92 5.80 0.73 -44.80
N SER C 93 4.54 0.57 -45.19
CA SER C 93 3.63 1.68 -45.36
C SER C 93 2.21 1.19 -45.21
N THR C 94 1.26 2.12 -45.33
CA THR C 94 -0.15 1.79 -45.25
C THR C 94 -0.69 1.17 -46.55
N PRO C 95 -0.44 1.71 -47.80
CA PRO C 95 -0.93 0.98 -48.97
C PRO C 95 -0.09 -0.24 -49.29
N ARG C 96 -0.69 -1.42 -49.13
CA ARG C 96 -0.02 -2.68 -49.45
C ARG C 96 -0.05 -2.86 -50.96
N THR C 97 0.97 -2.30 -51.62
CA THR C 97 1.06 -2.30 -53.07
C THR C 97 2.09 -3.32 -53.53
N PHE C 98 1.70 -4.17 -54.48
CA PHE C 98 2.56 -5.27 -54.91
C PHE C 98 3.39 -4.82 -56.11
N GLY C 99 4.02 -5.78 -56.78
CA GLY C 99 4.91 -5.48 -57.90
C GLY C 99 4.36 -5.80 -59.26
N GLY C 100 5.27 -5.92 -60.24
CA GLY C 100 4.83 -6.13 -61.61
C GLY C 100 4.34 -7.54 -61.87
N GLY C 101 5.08 -8.53 -61.38
CA GLY C 101 4.71 -9.92 -61.58
C GLY C 101 5.60 -10.68 -62.53
N THR C 102 5.85 -11.95 -62.22
CA THR C 102 6.64 -12.80 -63.11
C THR C 102 6.12 -14.23 -63.10
N VAL D 2 -4.78 -23.79 -38.67
CA VAL D 2 -5.94 -22.90 -38.69
C VAL D 2 -6.05 -22.19 -40.03
N GLN D 3 -7.14 -22.44 -40.74
CA GLN D 3 -7.34 -21.92 -42.08
C GLN D 3 -8.77 -21.40 -42.21
N LEU D 4 -8.92 -20.31 -42.96
CA LEU D 4 -10.23 -19.69 -43.17
C LEU D 4 -11.04 -20.48 -44.19
N GLN D 5 -12.26 -20.03 -44.45
CA GLN D 5 -13.17 -20.72 -45.35
C GLN D 5 -14.15 -19.71 -45.92
N GLN D 6 -14.53 -19.91 -47.18
CA GLN D 6 -15.43 -19.02 -47.88
C GLN D 6 -16.63 -19.80 -48.40
N SER D 7 -17.65 -19.08 -48.85
CA SER D 7 -18.84 -19.69 -49.42
C SER D 7 -18.67 -19.85 -50.93
N GLY D 8 -19.75 -20.19 -51.62
CA GLY D 8 -19.67 -20.42 -53.05
C GLY D 8 -19.56 -19.11 -53.84
N ALA D 9 -18.86 -19.19 -54.97
CA ALA D 9 -18.66 -18.01 -55.81
C ALA D 9 -19.95 -17.63 -56.54
N GLU D 10 -20.10 -16.34 -56.81
CA GLU D 10 -21.32 -15.80 -57.37
C GLU D 10 -21.06 -15.17 -58.73
N LEU D 11 -22.11 -14.57 -59.30
CA LEU D 11 -22.06 -13.99 -60.63
C LEU D 11 -23.07 -12.86 -60.71
N MET D 12 -22.61 -11.65 -61.05
CA MET D 12 -23.46 -10.49 -61.11
C MET D 12 -23.23 -9.73 -62.40
N LYS D 13 -24.12 -8.76 -62.67
CA LYS D 13 -24.34 -7.79 -63.74
C LYS D 13 -23.75 -6.44 -63.36
N PRO D 14 -23.36 -5.61 -64.33
CA PRO D 14 -22.69 -4.34 -64.00
C PRO D 14 -23.61 -3.34 -63.32
N GLY D 15 -23.05 -2.64 -62.34
CA GLY D 15 -23.78 -1.68 -61.53
C GLY D 15 -24.40 -2.24 -60.27
N ALA D 16 -24.20 -3.54 -59.99
CA ALA D 16 -24.84 -4.20 -58.86
C ALA D 16 -23.93 -4.12 -57.63
N ALA D 17 -24.28 -4.90 -56.61
CA ALA D 17 -23.55 -4.92 -55.35
C ALA D 17 -23.75 -6.28 -54.69
N VAL D 18 -22.67 -6.81 -54.09
CA VAL D 18 -22.72 -8.15 -53.52
C VAL D 18 -21.78 -8.20 -52.31
N LYS D 19 -22.10 -9.08 -51.38
CA LYS D 19 -21.31 -9.29 -50.16
C LYS D 19 -20.56 -10.62 -50.26
N ILE D 20 -19.33 -10.61 -49.77
CA ILE D 20 -18.46 -11.80 -49.77
C ILE D 20 -18.22 -12.21 -48.32
N SER D 21 -18.56 -13.47 -48.00
CA SER D 21 -18.43 -13.99 -46.64
C SER D 21 -17.11 -14.74 -46.47
N CYS D 22 -16.65 -14.81 -45.21
CA CYS D 22 -15.40 -15.50 -44.90
C CYS D 22 -15.57 -16.19 -43.54
N LYS D 23 -15.97 -17.47 -43.60
CA LYS D 23 -16.13 -18.27 -42.39
C LYS D 23 -14.77 -18.61 -41.78
N ALA D 24 -14.68 -18.50 -40.46
CA ALA D 24 -13.44 -18.76 -39.75
C ALA D 24 -13.56 -20.05 -38.95
N THR D 25 -12.58 -20.94 -39.14
CA THR D 25 -12.52 -22.22 -38.43
C THR D 25 -11.25 -22.24 -37.58
N GLY D 26 -11.42 -22.40 -36.28
CA GLY D 26 -10.29 -22.57 -35.40
C GLY D 26 -10.26 -21.67 -34.19
N HIS D 27 -10.72 -20.43 -34.33
CA HIS D 27 -10.60 -19.44 -33.28
C HIS D 27 -11.73 -18.42 -33.43
N THR D 28 -11.61 -17.33 -32.68
CA THR D 28 -12.53 -16.20 -32.78
C THR D 28 -11.89 -15.13 -33.67
N ILE D 29 -12.55 -14.81 -34.78
CA ILE D 29 -11.93 -14.01 -35.83
C ILE D 29 -11.77 -12.55 -35.41
N SER D 30 -12.46 -12.12 -34.35
CA SER D 30 -12.31 -10.75 -33.86
C SER D 30 -10.96 -10.52 -33.18
N ARG D 31 -10.19 -11.58 -32.91
CA ARG D 31 -8.87 -11.40 -32.32
C ARG D 31 -7.89 -10.82 -33.32
N TYR D 32 -7.86 -11.34 -34.53
CA TYR D 32 -6.85 -10.98 -35.52
C TYR D 32 -7.46 -10.09 -36.59
N TRP D 33 -6.60 -9.58 -37.46
CA TRP D 33 -7.05 -8.80 -38.60
C TRP D 33 -7.59 -9.71 -39.70
N ILE D 34 -8.33 -9.09 -40.63
CA ILE D 34 -8.77 -9.70 -41.87
C ILE D 34 -8.51 -8.72 -43.00
N ASP D 35 -7.77 -9.16 -44.02
CA ASP D 35 -7.45 -8.32 -45.16
C ASP D 35 -8.10 -8.88 -46.43
N TRP D 36 -8.14 -8.06 -47.46
CA TRP D 36 -8.79 -8.43 -48.72
C TRP D 36 -7.91 -8.05 -49.89
N LEU D 37 -7.79 -8.96 -50.85
CA LEU D 37 -6.91 -8.79 -52.00
C LEU D 37 -7.69 -9.03 -53.30
N LYS D 38 -7.42 -8.19 -54.29
CA LYS D 38 -8.12 -8.23 -55.58
C LYS D 38 -7.20 -8.80 -56.66
N GLN D 39 -7.53 -9.98 -57.17
CA GLN D 39 -6.77 -10.62 -58.25
C GLN D 39 -7.59 -10.57 -59.53
N ARG D 40 -7.38 -9.53 -60.32
CA ARG D 40 -7.94 -9.47 -61.66
C ARG D 40 -6.98 -10.14 -62.62
N PRO D 41 -7.44 -11.12 -63.41
CA PRO D 41 -6.51 -11.87 -64.28
C PRO D 41 -5.99 -11.02 -65.41
N GLY D 42 -4.76 -11.35 -65.83
CA GLY D 42 -4.00 -10.47 -66.69
C GLY D 42 -3.10 -9.58 -65.85
N HIS D 43 -3.70 -8.84 -64.93
CA HIS D 43 -2.96 -8.13 -63.90
C HIS D 43 -2.75 -9.08 -62.72
N GLY D 44 -2.34 -8.54 -61.58
CA GLY D 44 -2.06 -9.37 -60.43
C GLY D 44 -2.94 -9.13 -59.22
N LEU D 45 -2.37 -9.33 -58.04
CA LEU D 45 -3.10 -9.15 -56.80
C LEU D 45 -3.10 -7.67 -56.40
N GLU D 46 -4.07 -7.29 -55.56
CA GLU D 46 -4.23 -5.89 -55.17
C GLU D 46 -4.99 -5.84 -53.86
N TRP D 47 -4.31 -5.36 -52.80
CA TRP D 47 -4.91 -5.27 -51.48
C TRP D 47 -6.03 -4.25 -51.44
N ILE D 48 -7.09 -4.57 -50.69
CA ILE D 48 -8.25 -3.69 -50.59
C ILE D 48 -8.24 -2.94 -49.27
N GLY D 49 -8.34 -3.66 -48.17
CA GLY D 49 -8.53 -3.03 -46.89
C GLY D 49 -8.23 -3.93 -45.72
N GLU D 50 -8.73 -3.53 -44.55
CA GLU D 50 -8.47 -4.24 -43.32
C GLU D 50 -9.63 -4.03 -42.36
N ILE D 51 -9.86 -5.02 -41.51
CA ILE D 51 -10.90 -4.95 -40.48
C ILE D 51 -10.54 -5.78 -39.27
N LEU D 52 -10.53 -5.15 -38.10
CA LEU D 52 -10.58 -5.88 -36.85
C LEU D 52 -12.05 -6.14 -36.58
N PRO D 53 -12.51 -7.40 -36.57
CA PRO D 53 -13.95 -7.67 -36.49
C PRO D 53 -14.59 -7.33 -35.16
N GLY D 54 -13.81 -7.13 -34.10
CA GLY D 54 -14.37 -6.65 -32.86
C GLY D 54 -14.70 -5.17 -32.93
N SER D 55 -13.86 -4.42 -33.66
CA SER D 55 -14.06 -2.99 -33.79
C SER D 55 -14.74 -2.61 -35.10
N GLY D 56 -14.32 -3.22 -36.21
CA GLY D 56 -14.76 -2.74 -37.49
C GLY D 56 -14.00 -1.52 -37.99
N SER D 57 -12.91 -1.16 -37.32
CA SER D 57 -12.08 -0.05 -37.76
C SER D 57 -11.30 -0.45 -39.00
N THR D 58 -11.34 0.41 -40.01
CA THR D 58 -10.81 0.08 -41.33
C THR D 58 -9.77 1.10 -41.76
N ASN D 59 -9.00 0.73 -42.79
CA ASN D 59 -8.16 1.65 -43.56
C ASN D 59 -8.30 1.26 -45.02
N TYR D 60 -9.28 1.86 -45.69
CA TYR D 60 -9.50 1.59 -47.11
C TYR D 60 -8.43 2.27 -47.96
N ASN D 61 -8.22 1.73 -49.15
CA ASN D 61 -7.16 2.19 -50.03
C ASN D 61 -7.56 3.50 -50.69
N GLU D 62 -6.54 4.24 -51.15
CA GLU D 62 -6.79 5.52 -51.84
C GLU D 62 -7.48 5.30 -53.19
N LYS D 63 -7.04 4.28 -53.92
CA LYS D 63 -7.74 3.91 -55.15
C LYS D 63 -9.09 3.29 -54.86
N PHE D 64 -9.27 2.71 -53.67
CA PHE D 64 -10.50 2.02 -53.30
C PHE D 64 -11.30 2.81 -52.27
N LYS D 65 -11.31 4.14 -52.39
CA LYS D 65 -12.10 4.98 -51.49
C LYS D 65 -13.59 4.81 -51.79
N GLY D 66 -14.35 4.37 -50.80
CA GLY D 66 -15.76 4.11 -51.00
C GLY D 66 -16.06 2.91 -51.85
N LYS D 67 -15.13 1.96 -51.93
CA LYS D 67 -15.30 0.80 -52.80
C LYS D 67 -15.89 -0.39 -52.06
N ALA D 68 -15.39 -0.69 -50.88
CA ALA D 68 -15.81 -1.86 -50.12
C ALA D 68 -16.49 -1.46 -48.82
N THR D 69 -17.21 -2.42 -48.25
CA THR D 69 -17.92 -2.24 -46.99
C THR D 69 -17.61 -3.44 -46.11
N PHE D 70 -17.06 -3.18 -44.92
CA PHE D 70 -16.53 -4.23 -44.05
C PHE D 70 -17.43 -4.36 -42.82
N THR D 71 -18.13 -5.49 -42.73
CA THR D 71 -18.88 -5.85 -41.53
C THR D 71 -18.44 -7.23 -41.08
N ALA D 72 -18.97 -7.68 -39.93
CA ALA D 72 -18.56 -8.95 -39.34
C ALA D 72 -19.74 -9.63 -38.69
N GLU D 73 -19.64 -10.95 -38.57
CA GLU D 73 -20.67 -11.78 -37.94
C GLU D 73 -20.00 -12.53 -36.78
N LYS D 74 -20.18 -12.02 -35.56
CA LYS D 74 -19.58 -12.67 -34.40
C LYS D 74 -20.37 -13.88 -33.94
N SER D 75 -21.60 -14.07 -34.45
CA SER D 75 -22.40 -15.20 -34.03
C SER D 75 -21.89 -16.52 -34.61
N SER D 76 -21.13 -16.47 -35.70
CA SER D 76 -20.59 -17.69 -36.29
C SER D 76 -19.15 -17.51 -36.77
N ASN D 77 -18.46 -16.45 -36.35
CA ASN D 77 -17.09 -16.09 -36.77
C ASN D 77 -16.98 -15.97 -38.30
N THR D 78 -17.69 -14.99 -38.85
CA THR D 78 -17.71 -14.79 -40.28
C THR D 78 -17.48 -13.33 -40.59
N ALA D 79 -16.53 -13.06 -41.49
CA ALA D 79 -16.21 -11.70 -41.94
C ALA D 79 -16.88 -11.43 -43.28
N TYR D 80 -17.29 -10.18 -43.48
CA TYR D 80 -18.08 -9.78 -44.63
C TYR D 80 -17.39 -8.64 -45.37
N MET D 81 -17.33 -8.74 -46.70
CA MET D 81 -16.91 -7.65 -47.55
C MET D 81 -18.00 -7.40 -48.59
N GLN D 82 -18.64 -6.24 -48.51
CA GLN D 82 -19.70 -5.86 -49.43
C GLN D 82 -19.18 -4.80 -50.39
N LEU D 83 -19.44 -5.00 -51.68
CA LEU D 83 -19.02 -4.08 -52.73
C LEU D 83 -20.20 -3.23 -53.19
N SER D 84 -19.95 -2.42 -54.21
CA SER D 84 -20.95 -1.54 -54.82
C SER D 84 -20.42 -1.07 -56.16
N SER D 85 -21.35 -0.83 -57.09
CA SER D 85 -21.10 -0.22 -58.41
C SER D 85 -20.09 -1.04 -59.22
N LEU D 86 -20.52 -2.26 -59.55
CA LEU D 86 -19.68 -3.18 -60.29
C LEU D 86 -19.53 -2.74 -61.74
N THR D 87 -18.29 -2.71 -62.23
CA THR D 87 -17.97 -2.40 -63.61
C THR D 87 -17.08 -3.50 -64.18
N SER D 88 -16.70 -3.32 -65.44
CA SER D 88 -15.87 -4.32 -66.12
C SER D 88 -14.44 -4.36 -65.61
N GLU D 89 -14.03 -3.33 -64.85
CA GLU D 89 -12.73 -3.36 -64.18
C GLU D 89 -12.74 -4.20 -62.92
N ASP D 90 -13.89 -4.75 -62.52
CA ASP D 90 -14.05 -5.36 -61.21
C ASP D 90 -14.20 -6.87 -61.25
N SER D 91 -14.15 -7.49 -62.42
CA SER D 91 -14.16 -8.95 -62.50
C SER D 91 -12.80 -9.46 -62.03
N ALA D 92 -12.78 -10.15 -60.89
CA ALA D 92 -11.51 -10.49 -60.25
C ALA D 92 -11.70 -11.70 -59.34
N VAL D 93 -10.61 -12.06 -58.66
CA VAL D 93 -10.58 -13.13 -57.68
C VAL D 93 -10.23 -12.52 -56.33
N TYR D 94 -11.02 -12.85 -55.31
CA TYR D 94 -10.88 -12.23 -54.00
C TYR D 94 -10.37 -13.24 -52.97
N TYR D 95 -9.79 -12.70 -51.90
CA TYR D 95 -9.18 -13.52 -50.85
C TYR D 95 -9.40 -12.86 -49.51
N CYS D 96 -9.79 -13.63 -48.51
CA CYS D 96 -9.73 -13.19 -47.12
C CYS D 96 -8.50 -13.83 -46.48
N ALA D 97 -7.48 -13.01 -46.24
CA ALA D 97 -6.22 -13.46 -45.68
C ALA D 97 -6.10 -13.00 -44.22
N MET D 98 -5.05 -13.48 -43.57
CA MET D 98 -4.83 -13.14 -42.16
C MET D 98 -3.33 -13.22 -41.90
N GLY D 99 -2.66 -12.06 -41.92
CA GLY D 99 -1.23 -12.00 -41.72
C GLY D 99 -0.82 -11.58 -40.33
N VAL D 100 -0.24 -12.50 -39.57
CA VAL D 100 -0.08 -12.34 -38.13
C VAL D 100 1.12 -11.45 -37.80
N ARG D 101 2.32 -11.89 -38.15
CA ARG D 101 3.52 -11.19 -37.67
C ARG D 101 3.92 -10.04 -38.59
N GLY D 102 2.97 -9.18 -38.95
CA GLY D 102 3.28 -8.04 -39.78
C GLY D 102 2.26 -7.77 -40.85
N ASN D 103 2.58 -6.85 -41.76
CA ASN D 103 1.68 -6.46 -42.83
C ASN D 103 1.63 -7.46 -43.98
N TYR D 104 2.49 -8.47 -43.97
CA TYR D 104 2.50 -9.46 -45.04
C TYR D 104 1.40 -10.51 -44.80
N PHE D 105 1.40 -11.59 -45.56
CA PHE D 105 0.28 -12.50 -45.56
C PHE D 105 0.77 -13.94 -45.46
N ASP D 106 0.25 -14.69 -44.48
CA ASP D 106 0.60 -16.10 -44.33
C ASP D 106 -0.57 -17.06 -44.19
N TYR D 107 -1.68 -16.66 -43.58
CA TYR D 107 -2.87 -17.52 -43.52
C TYR D 107 -3.91 -17.04 -44.53
N TRP D 108 -4.68 -17.98 -45.05
CA TRP D 108 -5.57 -17.71 -46.18
C TRP D 108 -6.88 -18.46 -46.01
N GLY D 109 -7.76 -18.28 -46.99
CA GLY D 109 -8.95 -19.09 -47.15
C GLY D 109 -8.78 -20.06 -48.29
N GLN D 110 -9.59 -19.93 -49.34
CA GLN D 110 -9.35 -20.69 -50.56
C GLN D 110 -9.51 -19.89 -51.84
N GLY D 111 -10.14 -18.74 -51.82
CA GLY D 111 -10.28 -17.95 -53.04
C GLY D 111 -11.70 -17.98 -53.57
N THR D 112 -12.14 -16.85 -54.12
CA THR D 112 -13.46 -16.72 -54.71
C THR D 112 -13.36 -15.84 -55.95
N THR D 113 -13.80 -16.37 -57.08
CA THR D 113 -13.74 -15.67 -58.36
C THR D 113 -15.09 -15.03 -58.64
N LEU D 114 -15.09 -13.73 -58.93
CA LEU D 114 -16.29 -13.00 -59.25
C LEU D 114 -16.12 -12.32 -60.60
N THR D 115 -17.15 -12.40 -61.44
CA THR D 115 -17.11 -11.84 -62.78
C THR D 115 -18.28 -10.89 -62.97
N VAL D 116 -17.99 -9.69 -63.43
CA VAL D 116 -19.01 -8.69 -63.69
C VAL D 116 -19.56 -8.83 -65.10
N ILE E 2 7.67 49.05 20.10
CA ILE E 2 6.38 49.44 19.53
C ILE E 2 5.47 50.00 20.62
N VAL E 3 5.06 51.26 20.44
CA VAL E 3 4.13 51.94 21.32
C VAL E 3 3.13 52.69 20.43
N MET E 4 1.84 52.40 20.60
CA MET E 4 0.81 53.15 19.89
C MET E 4 0.69 54.55 20.46
N THR E 5 0.31 55.50 19.60
CA THR E 5 0.29 56.91 19.98
C THR E 5 -0.94 57.59 19.43
N GLN E 6 -1.78 58.12 20.32
CA GLN E 6 -2.92 58.93 19.96
C GLN E 6 -2.56 60.40 20.09
N SER E 7 -3.57 61.26 19.97
CA SER E 7 -3.37 62.70 20.10
C SER E 7 -4.41 63.39 20.96
N HIS E 8 -5.41 62.67 21.47
CA HIS E 8 -6.46 63.28 22.28
C HIS E 8 -6.91 62.31 23.36
N LYS E 9 -7.15 62.86 24.56
CA LYS E 9 -7.80 62.12 25.64
C LYS E 9 -9.29 62.44 25.76
N PHE E 10 -9.70 63.61 25.28
CA PHE E 10 -11.08 64.07 25.37
C PHE E 10 -11.46 64.77 24.07
N MET E 11 -12.70 64.59 23.66
CA MET E 11 -13.26 65.34 22.54
C MET E 11 -14.68 65.75 22.91
N SER E 12 -14.90 67.03 23.12
CA SER E 12 -16.22 67.53 23.46
C SER E 12 -17.13 67.51 22.23
N THR E 13 -18.33 66.96 22.39
CA THR E 13 -19.25 66.80 21.28
C THR E 13 -20.67 66.77 21.83
N SER E 14 -21.63 66.71 20.91
CA SER E 14 -23.05 66.60 21.23
C SER E 14 -23.61 65.31 20.61
N VAL E 15 -24.90 65.09 20.82
CA VAL E 15 -25.53 63.86 20.40
C VAL E 15 -25.81 63.91 18.90
N GLY E 16 -25.32 62.91 18.18
CA GLY E 16 -25.56 62.83 16.75
C GLY E 16 -24.52 63.47 15.87
N ASP E 17 -23.25 63.38 16.25
CA ASP E 17 -22.17 64.04 15.52
C ASP E 17 -21.29 63.00 14.81
N ARG E 18 -20.22 63.49 14.20
CA ARG E 18 -19.24 62.67 13.50
C ARG E 18 -17.90 62.82 14.21
N VAL E 19 -17.47 61.76 14.89
CA VAL E 19 -16.22 61.76 15.65
C VAL E 19 -15.22 60.84 14.95
N SER E 20 -13.94 61.23 15.00
CA SER E 20 -12.86 60.48 14.38
C SER E 20 -11.67 60.45 15.33
N ILE E 21 -11.08 59.26 15.48
CA ILE E 21 -9.98 59.04 16.42
C ILE E 21 -8.78 58.56 15.64
N THR E 22 -7.70 59.34 15.68
CA THR E 22 -6.46 58.99 14.99
C THR E 22 -5.50 58.37 15.98
N CYS E 23 -5.35 57.04 15.92
CA CYS E 23 -4.40 56.32 16.76
C CYS E 23 -3.21 55.94 15.87
N LYS E 24 -2.20 56.79 15.87
CA LYS E 24 -1.02 56.54 15.05
C LYS E 24 -0.17 55.42 15.64
N ALA E 25 0.26 54.51 14.79
CA ALA E 25 1.03 53.36 15.22
C ALA E 25 2.51 53.70 15.33
N SER E 26 3.28 52.77 15.89
CA SER E 26 4.71 52.96 16.02
C SER E 26 5.42 52.76 14.69
N GLN E 27 5.08 51.69 13.98
CA GLN E 27 5.67 51.41 12.68
C GLN E 27 4.63 50.70 11.82
N ASP E 28 5.08 50.08 10.72
CA ASP E 28 4.19 49.48 9.73
C ASP E 28 3.58 48.20 10.29
N VAL E 29 2.28 48.23 10.58
CA VAL E 29 1.55 47.00 10.92
C VAL E 29 0.48 46.78 9.85
N SER E 30 -0.01 47.86 9.27
CA SER E 30 -0.80 47.98 8.03
C SER E 30 -2.21 47.41 8.09
N THR E 31 -2.52 46.55 9.06
CA THR E 31 -3.89 46.09 9.24
C THR E 31 -4.30 45.91 10.70
N ALA E 32 -3.38 45.52 11.59
CA ALA E 32 -3.73 44.99 12.90
C ALA E 32 -4.06 46.15 13.83
N VAL E 33 -5.31 46.61 13.74
CA VAL E 33 -5.83 47.66 14.59
C VAL E 33 -7.15 47.20 15.18
N ALA E 34 -7.23 47.20 16.50
CA ALA E 34 -8.47 46.91 17.21
C ALA E 34 -8.92 48.13 17.99
N TRP E 35 -10.22 48.21 18.25
CA TRP E 35 -10.81 49.32 19.00
C TRP E 35 -11.59 48.77 20.18
N TYR E 36 -11.28 49.29 21.37
CA TYR E 36 -11.89 48.82 22.61
C TYR E 36 -12.63 49.95 23.31
N GLN E 37 -13.80 49.63 23.84
CA GLN E 37 -14.61 50.56 24.61
C GLN E 37 -14.84 49.98 25.99
N GLN E 38 -14.50 50.73 27.03
CA GLN E 38 -14.72 50.32 28.40
C GLN E 38 -15.69 51.29 29.05
N LYS E 39 -16.91 50.83 29.32
CA LYS E 39 -17.81 51.60 30.15
C LYS E 39 -17.38 51.46 31.62
N PRO E 40 -17.50 52.53 32.41
CA PRO E 40 -17.09 52.45 33.82
C PRO E 40 -17.97 51.50 34.63
N GLY E 41 -17.32 50.73 35.49
CA GLY E 41 -17.98 49.66 36.21
C GLY E 41 -18.06 48.35 35.47
N GLN E 42 -17.58 48.29 34.22
CA GLN E 42 -17.60 47.09 33.40
C GLN E 42 -16.26 46.95 32.69
N SER E 43 -16.14 45.87 31.89
CA SER E 43 -14.95 45.39 31.20
C SER E 43 -14.79 46.06 29.84
N PRO E 44 -13.54 46.21 29.36
CA PRO E 44 -13.33 46.71 28.00
C PRO E 44 -13.77 45.71 26.94
N LYS E 45 -14.71 46.10 26.09
CA LYS E 45 -15.25 45.21 25.08
C LYS E 45 -14.78 45.61 23.69
N LEU E 46 -15.02 44.71 22.73
CA LEU E 46 -14.53 44.89 21.37
C LEU E 46 -15.47 45.77 20.56
N LEU E 47 -14.89 46.61 19.71
CA LEU E 47 -15.64 47.36 18.71
C LEU E 47 -15.30 46.93 17.29
N ILE E 48 -14.04 47.07 16.90
CA ILE E 48 -13.55 46.74 15.56
C ILE E 48 -12.34 45.83 15.75
N TYR E 49 -12.22 44.81 14.91
CA TYR E 49 -10.99 44.03 14.87
C TYR E 49 -10.55 43.88 13.42
N TRP E 50 -9.22 43.81 13.24
CA TRP E 50 -8.52 43.91 11.95
C TRP E 50 -8.87 45.19 11.18
N ALA E 51 -9.21 46.24 11.92
CA ALA E 51 -9.47 47.61 11.45
C ALA E 51 -10.64 47.74 10.47
N SER E 52 -11.41 46.67 10.23
CA SER E 52 -12.58 46.77 9.37
C SER E 52 -13.80 45.98 9.83
N THR E 53 -13.67 45.03 10.74
CA THR E 53 -14.74 44.08 10.99
C THR E 53 -15.47 44.42 12.29
N ARG E 54 -16.41 43.57 12.68
CA ARG E 54 -17.28 43.86 13.81
C ARG E 54 -17.47 42.61 14.67
N HIS E 55 -17.69 42.84 15.96
CA HIS E 55 -18.04 41.78 16.89
C HIS E 55 -19.51 41.43 16.75
N THR E 56 -19.85 40.21 17.18
CA THR E 56 -21.24 39.75 17.14
C THR E 56 -22.07 40.50 18.18
N GLY E 57 -23.11 41.19 17.71
CA GLY E 57 -23.99 41.92 18.59
C GLY E 57 -23.69 43.39 18.75
N VAL E 58 -23.22 44.05 17.70
CA VAL E 58 -22.81 45.45 17.76
C VAL E 58 -23.70 46.22 16.79
N PRO E 59 -23.93 47.52 16.98
CA PRO E 59 -24.54 48.33 15.91
C PRO E 59 -23.53 48.61 14.78
N GLY E 60 -24.07 49.11 13.68
CA GLY E 60 -23.31 49.24 12.44
C GLY E 60 -22.74 50.61 12.17
N ARG E 61 -22.91 51.56 13.11
CA ARG E 61 -22.32 52.87 12.94
C ARG E 61 -20.81 52.88 13.16
N PHE E 62 -20.28 51.82 13.77
CA PHE E 62 -18.86 51.73 14.08
C PHE E 62 -18.15 51.08 12.90
N THR E 63 -17.37 51.89 12.17
CA THR E 63 -16.58 51.41 11.05
C THR E 63 -15.11 51.68 11.35
N GLY E 64 -14.25 51.09 10.52
CA GLY E 64 -12.83 51.34 10.60
C GLY E 64 -12.24 51.57 9.22
N SER E 65 -11.14 52.31 9.21
CA SER E 65 -10.47 52.65 7.96
C SER E 65 -9.00 52.89 8.27
N GLY E 66 -8.28 53.39 7.27
CA GLY E 66 -6.88 53.72 7.43
C GLY E 66 -5.94 52.54 7.35
N SER E 67 -4.74 52.78 6.85
CA SER E 67 -3.69 51.77 6.80
C SER E 67 -2.35 52.49 6.84
N GLY E 68 -1.27 51.71 6.88
CA GLY E 68 0.05 52.30 6.93
C GLY E 68 0.37 52.90 8.29
N THR E 69 0.38 54.23 8.36
CA THR E 69 0.70 54.94 9.59
C THR E 69 -0.48 55.64 10.24
N ASP E 70 -1.64 55.70 9.57
CA ASP E 70 -2.80 56.40 10.10
C ASP E 70 -4.01 55.48 10.10
N TYR E 71 -4.85 55.65 11.12
CA TYR E 71 -6.06 54.85 11.27
C TYR E 71 -7.17 55.74 11.81
N THR E 72 -8.41 55.24 11.75
CA THR E 72 -9.56 56.03 12.12
C THR E 72 -10.67 55.14 12.65
N LEU E 73 -11.20 55.48 13.81
CA LEU E 73 -12.49 54.97 14.27
C LEU E 73 -13.56 56.01 13.96
N THR E 74 -14.67 55.56 13.37
CA THR E 74 -15.67 56.46 12.84
C THR E 74 -17.03 56.14 13.44
N ILE E 75 -17.69 57.16 13.97
CA ILE E 75 -19.09 57.09 14.39
C ILE E 75 -19.84 58.16 13.61
N SER E 76 -20.79 57.73 12.77
CA SER E 76 -21.53 58.67 11.96
C SER E 76 -22.56 59.45 12.77
N SER E 77 -23.10 58.86 13.83
CA SER E 77 -24.08 59.54 14.68
C SER E 77 -23.99 58.95 16.07
N VAL E 78 -23.71 59.78 17.05
CA VAL E 78 -23.52 59.34 18.44
C VAL E 78 -24.89 59.23 19.11
N GLN E 79 -25.14 58.09 19.74
CA GLN E 79 -26.37 57.87 20.49
C GLN E 79 -26.20 58.29 21.94
N ALA E 80 -27.16 57.91 22.78
CA ALA E 80 -27.21 58.43 24.16
C ALA E 80 -26.19 57.75 25.06
N GLU E 81 -26.11 56.42 25.02
CA GLU E 81 -25.29 55.67 25.97
C GLU E 81 -23.83 55.53 25.55
N ASP E 82 -23.37 56.33 24.58
CA ASP E 82 -22.01 56.23 24.08
C ASP E 82 -21.01 57.00 24.92
N LEU E 83 -21.42 57.54 26.07
CA LEU E 83 -20.54 58.34 26.92
C LEU E 83 -19.60 57.42 27.66
N SER E 84 -18.48 57.07 27.01
CA SER E 84 -17.54 56.11 27.57
C SER E 84 -16.15 56.37 26.97
N LEU E 85 -15.18 55.56 27.38
CA LEU E 85 -13.80 55.71 26.94
C LEU E 85 -13.55 54.85 25.71
N TYR E 86 -12.74 55.37 24.79
CA TYR E 86 -12.44 54.70 23.54
C TYR E 86 -10.95 54.40 23.47
N TYR E 87 -10.61 53.12 23.33
CA TYR E 87 -9.23 52.66 23.28
C TYR E 87 -8.92 52.12 21.89
N CYS E 88 -7.74 52.45 21.38
CA CYS E 88 -7.22 51.77 20.20
C CYS E 88 -6.31 50.63 20.66
N GLN E 89 -5.90 49.78 19.71
CA GLN E 89 -5.17 48.56 20.05
C GLN E 89 -4.45 48.08 18.81
N GLN E 90 -3.26 47.52 18.98
CA GLN E 90 -2.60 46.80 17.89
C GLN E 90 -2.44 45.33 18.27
N HIS E 91 -2.86 44.45 17.38
CA HIS E 91 -2.77 43.01 17.58
C HIS E 91 -1.85 42.38 16.56
N TYR E 92 -0.71 43.03 16.35
CA TYR E 92 0.29 42.64 15.36
C TYR E 92 1.46 41.86 15.97
N SER E 93 2.16 42.44 16.93
CA SER E 93 3.44 41.93 17.41
C SER E 93 3.28 41.32 18.80
N THR E 94 4.42 40.91 19.37
CA THR E 94 4.41 40.39 20.73
C THR E 94 4.14 41.46 21.78
N PRO E 95 4.81 42.67 21.77
CA PRO E 95 4.36 43.70 22.74
C PRO E 95 2.99 44.27 22.40
N ARG E 96 2.01 43.97 23.24
CA ARG E 96 0.62 44.39 23.03
C ARG E 96 0.41 45.77 23.65
N THR E 97 1.04 46.76 23.03
CA THR E 97 0.80 48.15 23.39
C THR E 97 -0.58 48.59 22.89
N PHE E 98 -1.16 49.57 23.59
CA PHE E 98 -2.53 49.97 23.33
C PHE E 98 -2.62 51.40 22.79
N GLY E 99 -2.08 52.38 23.50
CA GLY E 99 -2.10 53.74 23.01
C GLY E 99 -2.89 54.71 23.86
N GLY E 100 -2.94 54.47 25.16
CA GLY E 100 -3.58 55.41 26.06
C GLY E 100 -5.09 55.31 26.09
N GLY E 101 -5.74 55.80 25.03
CA GLY E 101 -7.20 55.81 24.99
C GLY E 101 -7.76 57.20 24.96
N THR E 102 -9.06 57.33 24.68
CA THR E 102 -9.68 58.64 24.53
C THR E 102 -11.10 58.59 25.07
N LYS E 103 -11.44 59.57 25.91
CA LYS E 103 -12.81 59.69 26.39
C LYS E 103 -13.66 60.48 25.41
N VAL F 2 -20.10 31.23 26.76
CA VAL F 2 -18.96 30.77 27.54
C VAL F 2 -18.17 31.96 28.08
N GLN F 3 -18.13 32.09 29.40
CA GLN F 3 -17.48 33.21 30.05
C GLN F 3 -16.68 32.70 31.24
N LEU F 4 -15.53 33.33 31.48
CA LEU F 4 -14.65 32.94 32.56
C LEU F 4 -15.20 33.43 33.90
N GLN F 5 -14.49 33.10 34.98
CA GLN F 5 -14.92 33.43 36.33
C GLN F 5 -13.70 33.56 37.23
N GLN F 6 -13.75 34.49 38.17
CA GLN F 6 -12.66 34.74 39.09
C GLN F 6 -13.17 34.64 40.52
N SER F 7 -12.23 34.61 41.47
CA SER F 7 -12.57 34.58 42.89
C SER F 7 -12.64 36.01 43.42
N GLY F 8 -12.71 36.16 44.74
CA GLY F 8 -12.85 37.48 45.32
C GLY F 8 -11.55 38.27 45.28
N ALA F 9 -11.69 39.60 45.19
CA ALA F 9 -10.52 40.48 45.13
C ALA F 9 -9.85 40.57 46.50
N GLU F 10 -8.53 40.73 46.49
CA GLU F 10 -7.73 40.67 47.70
C GLU F 10 -7.08 42.03 47.97
N LEU F 11 -6.26 42.08 49.01
CA LEU F 11 -5.61 43.30 49.45
C LEU F 11 -4.31 42.93 50.15
N MET F 12 -3.20 43.49 49.66
CA MET F 12 -1.89 43.18 50.20
C MET F 12 -1.09 44.47 50.42
N LYS F 13 0.07 44.31 51.11
CA LYS F 13 1.13 45.18 51.59
C LYS F 13 2.31 45.17 50.62
N PRO F 14 3.11 46.24 50.55
CA PRO F 14 4.19 46.30 49.56
C PRO F 14 5.31 45.31 49.83
N GLY F 15 5.83 44.74 48.75
CA GLY F 15 6.87 43.74 48.82
C GLY F 15 6.38 42.31 48.89
N ALA F 16 5.07 42.09 48.87
CA ALA F 16 4.49 40.76 49.05
C ALA F 16 4.30 40.08 47.71
N ALA F 17 3.55 38.98 47.71
CA ALA F 17 3.31 38.19 46.51
C ALA F 17 1.97 37.47 46.68
N VAL F 18 1.19 37.41 45.60
CA VAL F 18 -0.15 36.83 45.66
C VAL F 18 -0.47 36.19 44.31
N LYS F 19 -1.34 35.19 44.35
CA LYS F 19 -1.80 34.47 43.17
C LYS F 19 -3.24 34.87 42.84
N ILE F 20 -3.53 34.98 41.55
CA ILE F 20 -4.86 35.32 41.06
C ILE F 20 -5.41 34.15 40.26
N SER F 21 -6.57 33.64 40.66
CA SER F 21 -7.19 32.48 40.05
C SER F 21 -8.19 32.91 38.97
N CYS F 22 -8.43 32.01 38.01
CA CYS F 22 -9.39 32.27 36.92
C CYS F 22 -10.11 30.95 36.60
N LYS F 23 -11.27 30.76 37.24
CA LYS F 23 -12.09 29.58 37.00
C LYS F 23 -12.73 29.65 35.62
N ALA F 24 -12.76 28.52 34.92
CA ALA F 24 -13.31 28.44 33.58
C ALA F 24 -14.63 27.67 33.61
N THR F 25 -15.65 28.26 33.02
CA THR F 25 -16.97 27.65 32.92
C THR F 25 -17.31 27.44 31.45
N GLY F 26 -17.50 26.18 31.06
CA GLY F 26 -17.97 25.89 29.72
C GLY F 26 -17.15 24.86 28.96
N HIS F 27 -15.83 24.86 29.14
CA HIS F 27 -14.97 24.02 28.33
C HIS F 27 -13.74 23.65 29.16
N THR F 28 -12.73 23.11 28.48
CA THR F 28 -11.44 22.80 29.09
C THR F 28 -10.45 23.90 28.72
N ILE F 29 -9.92 24.58 29.74
CA ILE F 29 -9.18 25.82 29.52
C ILE F 29 -7.81 25.57 28.90
N SER F 30 -7.34 24.32 28.91
CA SER F 30 -6.08 24.00 28.27
C SER F 30 -6.17 24.02 26.75
N ARG F 31 -7.37 24.10 26.18
CA ARG F 31 -7.52 24.17 24.74
C ARG F 31 -7.08 25.52 24.20
N TYR F 32 -7.49 26.60 24.84
CA TYR F 32 -7.27 27.95 24.33
C TYR F 32 -6.19 28.65 25.15
N TRP F 33 -5.85 29.86 24.71
CA TRP F 33 -4.93 30.70 25.47
C TRP F 33 -5.64 31.37 26.64
N ILE F 34 -4.83 31.90 27.55
CA ILE F 34 -5.27 32.78 28.63
C ILE F 34 -4.31 33.97 28.68
N ASP F 35 -4.84 35.18 28.60
CA ASP F 35 -4.05 36.39 28.64
C ASP F 35 -4.36 37.19 29.91
N TRP F 36 -3.49 38.13 30.21
CA TRP F 36 -3.63 38.94 31.42
C TRP F 36 -3.35 40.40 31.10
N LEU F 37 -4.22 41.28 31.62
CA LEU F 37 -4.12 42.72 31.37
C LEU F 37 -4.12 43.48 32.69
N LYS F 38 -3.29 44.52 32.75
CA LYS F 38 -3.12 45.34 33.95
C LYS F 38 -3.79 46.69 33.74
N GLN F 39 -4.82 46.98 34.54
CA GLN F 39 -5.52 48.27 34.49
C GLN F 39 -5.21 49.04 35.78
N ARG F 40 -4.18 49.87 35.72
CA ARG F 40 -3.91 50.81 36.80
C ARG F 40 -4.69 52.09 36.54
N PRO F 41 -5.55 52.52 37.47
CA PRO F 41 -6.41 53.67 37.20
C PRO F 41 -5.63 54.98 37.15
N GLY F 42 -6.15 55.90 36.36
CA GLY F 42 -5.37 57.05 35.94
C GLY F 42 -4.71 56.79 34.61
N HIS F 43 -3.93 55.71 34.55
CA HIS F 43 -3.45 55.17 33.30
C HIS F 43 -4.50 54.20 32.75
N GLY F 44 -4.12 53.41 31.74
CA GLY F 44 -5.08 52.51 31.14
C GLY F 44 -4.78 51.04 31.30
N LEU F 45 -5.12 50.25 30.28
CA LEU F 45 -4.91 48.82 30.29
C LEU F 45 -3.50 48.50 29.80
N GLU F 46 -3.01 47.31 30.18
CA GLU F 46 -1.62 46.94 29.88
C GLU F 46 -1.51 45.41 29.95
N TRP F 47 -1.23 44.80 28.80
CA TRP F 47 -1.12 43.34 28.70
C TRP F 47 0.09 42.82 29.47
N ILE F 48 -0.08 41.66 30.11
CA ILE F 48 0.98 41.08 30.93
C ILE F 48 1.64 39.92 30.20
N GLY F 49 0.88 38.87 29.93
CA GLY F 49 1.47 37.66 29.43
C GLY F 49 0.47 36.72 28.79
N GLU F 50 0.90 35.47 28.61
CA GLU F 50 0.07 34.46 27.97
C GLU F 50 0.50 33.08 28.45
N ILE F 51 -0.47 32.16 28.47
CA ILE F 51 -0.20 30.77 28.85
C ILE F 51 -1.19 29.84 28.17
N LEU F 52 -0.67 28.84 27.46
CA LEU F 52 -1.46 27.67 27.11
C LEU F 52 -1.41 26.75 28.31
N PRO F 53 -2.55 26.48 28.96
CA PRO F 53 -2.51 25.74 30.23
C PRO F 53 -2.12 24.28 30.11
N GLY F 54 -2.16 23.70 28.92
CA GLY F 54 -1.66 22.36 28.73
C GLY F 54 -0.15 22.33 28.73
N SER F 55 0.46 23.37 28.18
CA SER F 55 1.91 23.45 28.08
C SER F 55 2.53 24.29 29.20
N GLY F 56 1.93 25.43 29.51
CA GLY F 56 2.59 26.38 30.37
C GLY F 56 3.64 27.21 29.69
N SER F 57 3.73 27.14 28.37
CA SER F 57 4.67 27.96 27.61
C SER F 57 4.19 29.40 27.58
N THR F 58 5.07 30.32 27.93
CA THR F 58 4.71 31.71 28.14
C THR F 58 5.53 32.63 27.23
N ASN F 59 5.05 33.86 27.11
CA ASN F 59 5.81 34.97 26.52
C ASN F 59 5.55 36.20 27.39
N TYR F 60 6.40 36.40 28.39
CA TYR F 60 6.26 37.55 29.27
C TYR F 60 6.76 38.81 28.58
N ASN F 61 6.27 39.95 29.06
CA ASN F 61 6.55 41.23 28.43
C ASN F 61 7.97 41.70 28.79
N GLU F 62 8.50 42.60 27.96
CA GLU F 62 9.85 43.14 28.20
C GLU F 62 9.86 44.02 29.45
N LYS F 63 8.83 44.84 29.63
CA LYS F 63 8.71 45.61 30.87
C LYS F 63 8.35 44.70 32.04
N PHE F 64 7.72 43.56 31.78
CA PHE F 64 7.28 42.63 32.82
C PHE F 64 8.15 41.38 32.89
N LYS F 65 9.46 41.54 32.67
CA LYS F 65 10.37 40.40 32.77
C LYS F 65 10.53 39.99 34.23
N GLY F 66 10.20 38.75 34.53
CA GLY F 66 10.24 38.26 35.89
C GLY F 66 9.18 38.84 36.80
N LYS F 67 8.07 39.29 36.22
CA LYS F 67 7.02 39.94 37.00
C LYS F 67 5.95 38.96 37.46
N ALA F 68 5.46 38.14 36.55
CA ALA F 68 4.35 37.23 36.84
C ALA F 68 4.79 35.77 36.74
N THR F 69 3.98 34.90 37.33
CA THR F 69 4.23 33.47 37.34
C THR F 69 2.94 32.77 36.92
N PHE F 70 3.01 31.96 35.87
CA PHE F 70 1.83 31.36 35.26
C PHE F 70 1.82 29.87 35.52
N THR F 71 0.84 29.41 36.29
CA THR F 71 0.57 27.98 36.48
C THR F 71 -0.90 27.72 36.15
N ALA F 72 -1.28 26.45 36.17
CA ALA F 72 -2.62 26.04 35.77
C ALA F 72 -3.12 24.91 36.66
N GLU F 73 -4.44 24.82 36.78
CA GLU F 73 -5.10 23.76 37.56
C GLU F 73 -6.05 23.03 36.63
N LYS F 74 -5.60 21.87 36.11
CA LYS F 74 -6.45 21.10 35.21
C LYS F 74 -7.49 20.28 35.96
N SER F 75 -7.39 20.18 37.29
CA SER F 75 -8.36 19.41 38.05
C SER F 75 -9.70 20.11 38.16
N SER F 76 -9.74 21.43 37.97
CA SER F 76 -11.01 22.15 38.02
C SER F 76 -11.10 23.24 36.95
N ASN F 77 -10.23 23.22 35.94
CA ASN F 77 -10.13 24.23 34.88
C ASN F 77 -9.96 25.63 35.43
N THR F 78 -8.81 25.85 36.09
CA THR F 78 -8.53 27.14 36.70
C THR F 78 -7.12 27.58 36.35
N ALA F 79 -6.98 28.81 35.87
CA ALA F 79 -5.70 29.38 35.52
C ALA F 79 -5.21 30.30 36.65
N TYR F 80 -3.89 30.35 36.83
CA TYR F 80 -3.27 31.03 37.96
C TYR F 80 -2.26 32.04 37.46
N MET F 81 -2.29 33.25 38.02
CA MET F 81 -1.26 34.25 37.82
C MET F 81 -0.73 34.68 39.18
N GLN F 82 0.54 34.36 39.44
CA GLN F 82 1.19 34.70 40.69
C GLN F 82 2.19 35.83 40.46
N LEU F 83 2.12 36.85 41.30
CA LEU F 83 3.01 38.00 41.23
C LEU F 83 4.10 37.90 42.28
N SER F 84 4.93 38.94 42.37
CA SER F 84 6.02 39.04 43.34
C SER F 84 6.48 40.48 43.40
N SER F 85 6.95 40.89 44.60
CA SER F 85 7.58 42.18 44.87
C SER F 85 6.64 43.35 44.54
N LEU F 86 5.55 43.41 45.29
CA LEU F 86 4.53 44.42 45.06
C LEU F 86 5.01 45.79 45.49
N THR F 87 4.81 46.79 44.62
CA THR F 87 5.13 48.18 44.91
C THR F 87 3.90 49.04 44.64
N SER F 88 4.04 50.34 44.88
CA SER F 88 2.93 51.27 44.70
C SER F 88 2.58 51.49 43.24
N GLU F 89 3.46 51.09 42.31
CA GLU F 89 3.15 51.11 40.89
C GLU F 89 2.24 49.96 40.48
N ASP F 90 1.94 49.03 41.38
CA ASP F 90 1.28 47.78 41.03
C ASP F 90 -0.16 47.69 41.51
N SER F 91 -0.69 48.73 42.15
CA SER F 91 -2.11 48.76 42.49
C SER F 91 -2.91 48.96 41.21
N ALA F 92 -3.70 47.95 40.83
CA ALA F 92 -4.32 47.95 39.51
C ALA F 92 -5.54 47.04 39.50
N VAL F 93 -6.12 46.87 38.32
CA VAL F 93 -7.24 45.98 38.07
C VAL F 93 -6.79 44.95 37.04
N TYR F 94 -7.04 43.67 37.33
CA TYR F 94 -6.56 42.58 36.50
C TYR F 94 -7.71 41.88 35.80
N TYR F 95 -7.38 41.18 34.71
CA TYR F 95 -8.36 40.48 33.89
C TYR F 95 -7.74 39.22 33.32
N CYS F 96 -8.50 38.12 33.35
CA CYS F 96 -8.15 36.95 32.57
C CYS F 96 -9.05 36.91 31.34
N ALA F 97 -8.48 37.22 30.18
CA ALA F 97 -9.20 37.27 28.91
C ALA F 97 -8.85 36.05 28.06
N MET F 98 -9.57 35.92 26.96
CA MET F 98 -9.36 34.78 26.06
C MET F 98 -9.78 35.22 24.66
N GLY F 99 -8.79 35.60 23.84
CA GLY F 99 -9.06 36.06 22.49
C GLY F 99 -8.82 35.00 21.42
N VAL F 100 -9.89 34.57 20.77
CA VAL F 100 -9.87 33.38 19.93
C VAL F 100 -9.22 33.65 18.58
N ARG F 101 -9.82 34.52 17.78
CA ARG F 101 -9.36 34.66 16.39
C ARG F 101 -8.25 35.69 16.25
N GLY F 102 -7.22 35.60 17.08
CA GLY F 102 -6.10 36.50 16.97
C GLY F 102 -5.61 37.05 18.28
N ASN F 103 -4.73 38.05 18.20
CA ASN F 103 -4.10 38.63 19.38
C ASN F 103 -5.00 39.62 20.12
N TYR F 104 -6.20 39.92 19.60
CA TYR F 104 -7.11 40.82 20.27
C TYR F 104 -7.91 40.03 21.32
N PHE F 105 -8.95 40.64 21.89
CA PHE F 105 -9.63 40.07 23.05
C PHE F 105 -11.13 40.15 22.86
N ASP F 106 -11.82 39.02 23.03
CA ASP F 106 -13.28 39.00 22.94
C ASP F 106 -13.98 38.30 24.11
N TYR F 107 -13.40 37.28 24.73
CA TYR F 107 -13.98 36.67 25.91
C TYR F 107 -13.24 37.14 27.15
N TRP F 108 -13.96 37.21 28.27
CA TRP F 108 -13.43 37.81 29.49
C TRP F 108 -13.91 37.03 30.70
N GLY F 109 -13.50 37.51 31.87
CA GLY F 109 -14.04 37.06 33.15
C GLY F 109 -14.98 38.11 33.71
N GLN F 110 -14.63 38.68 34.87
CA GLN F 110 -15.37 39.84 35.35
C GLN F 110 -14.48 40.94 35.91
N GLY F 111 -13.22 40.70 36.20
CA GLY F 111 -12.35 41.75 36.71
C GLY F 111 -12.02 41.55 38.18
N THR F 112 -10.79 41.92 38.55
CA THR F 112 -10.34 41.84 39.92
C THR F 112 -9.43 43.02 40.20
N THR F 113 -9.79 43.82 41.20
CA THR F 113 -9.03 45.00 41.59
C THR F 113 -8.11 44.66 42.76
N LEU F 114 -6.83 44.94 42.62
CA LEU F 114 -5.85 44.66 43.65
C LEU F 114 -5.10 45.95 43.98
N THR F 115 -4.98 46.25 45.27
CA THR F 115 -4.34 47.48 45.72
C THR F 115 -3.17 47.14 46.62
N VAL F 116 -2.01 47.73 46.32
CA VAL F 116 -0.82 47.51 47.12
C VAL F 116 -0.77 48.51 48.27
N ILE G 2 46.18 -12.17 -26.48
CA ILE G 2 46.38 -12.39 -25.05
C ILE G 2 47.46 -13.45 -24.89
N VAL G 3 48.72 -13.01 -24.87
CA VAL G 3 49.88 -13.88 -24.91
C VAL G 3 50.61 -13.78 -23.58
N MET G 4 50.82 -14.92 -22.94
CA MET G 4 51.51 -14.99 -21.66
C MET G 4 52.97 -15.34 -21.88
N THR G 5 53.83 -14.87 -20.98
CA THR G 5 55.28 -15.06 -21.13
C THR G 5 55.91 -15.27 -19.77
N GLN G 6 56.42 -16.47 -19.55
CA GLN G 6 57.24 -16.75 -18.37
C GLN G 6 58.71 -16.66 -18.77
N SER G 7 59.60 -17.10 -17.87
CA SER G 7 61.04 -17.02 -18.11
C SER G 7 61.67 -18.38 -18.40
N HIS G 8 61.45 -19.38 -17.55
CA HIS G 8 62.17 -20.63 -17.64
C HIS G 8 61.24 -21.80 -17.35
N LYS G 9 61.52 -22.94 -17.98
CA LYS G 9 60.85 -24.20 -17.66
C LYS G 9 61.43 -24.86 -16.42
N PHE G 10 62.68 -24.58 -16.10
CA PHE G 10 63.38 -25.19 -14.97
C PHE G 10 64.29 -24.15 -14.33
N MET G 11 64.43 -24.22 -13.01
CA MET G 11 65.42 -23.44 -12.29
C MET G 11 66.07 -24.34 -11.24
N SER G 12 67.40 -24.42 -11.27
CA SER G 12 68.13 -25.29 -10.36
C SER G 12 68.36 -24.58 -9.04
N THR G 13 68.00 -25.25 -7.94
CA THR G 13 68.18 -24.70 -6.61
C THR G 13 68.31 -25.86 -5.63
N SER G 14 68.42 -25.54 -4.35
CA SER G 14 68.52 -26.52 -3.28
C SER G 14 67.36 -26.31 -2.29
N VAL G 15 67.28 -27.20 -1.32
CA VAL G 15 66.17 -27.20 -0.36
C VAL G 15 66.38 -26.06 0.64
N GLY G 16 65.36 -25.21 0.79
CA GLY G 16 65.42 -24.12 1.74
C GLY G 16 66.06 -22.87 1.17
N ASP G 17 65.62 -22.46 -0.01
CA ASP G 17 66.20 -21.31 -0.69
C ASP G 17 65.10 -20.34 -1.10
N ARG G 18 65.52 -19.23 -1.70
CA ARG G 18 64.60 -18.25 -2.26
C ARG G 18 64.46 -18.50 -3.75
N VAL G 19 63.21 -18.63 -4.21
CA VAL G 19 62.94 -18.88 -5.61
C VAL G 19 61.65 -18.16 -6.00
N SER G 20 61.67 -17.50 -7.15
CA SER G 20 60.54 -16.71 -7.63
C SER G 20 60.29 -17.01 -9.09
N ILE G 21 59.07 -16.73 -9.54
CA ILE G 21 58.64 -17.00 -10.90
C ILE G 21 58.23 -15.67 -11.53
N THR G 22 58.87 -15.31 -12.63
CA THR G 22 58.61 -14.03 -13.28
C THR G 22 57.66 -14.25 -14.46
N CYS G 23 56.37 -14.29 -14.16
CA CYS G 23 55.37 -14.35 -15.21
C CYS G 23 55.09 -12.95 -15.76
N LYS G 24 54.57 -12.91 -16.99
CA LYS G 24 54.23 -11.64 -17.62
C LYS G 24 53.07 -11.88 -18.58
N ALA G 25 52.09 -10.98 -18.52
CA ALA G 25 50.91 -11.06 -19.36
C ALA G 25 51.13 -10.24 -20.63
N SER G 26 50.10 -10.22 -21.49
CA SER G 26 50.16 -9.45 -22.73
C SER G 26 50.07 -7.96 -22.44
N GLN G 27 48.95 -7.52 -21.88
CA GLN G 27 48.74 -6.13 -21.48
C GLN G 27 48.31 -6.09 -20.02
N ASP G 28 48.00 -4.90 -19.54
CA ASP G 28 47.54 -4.72 -18.17
C ASP G 28 46.09 -5.20 -18.04
N VAL G 29 45.92 -6.50 -17.81
CA VAL G 29 44.58 -7.06 -17.69
C VAL G 29 43.98 -6.70 -16.33
N SER G 30 44.59 -7.17 -15.24
CA SER G 30 44.21 -6.86 -13.87
C SER G 30 45.29 -7.38 -12.94
N THR G 31 45.00 -7.40 -11.64
CA THR G 31 45.73 -8.20 -10.67
C THR G 31 45.15 -9.62 -10.58
N ALA G 32 44.28 -9.98 -11.53
CA ALA G 32 43.70 -11.32 -11.61
C ALA G 32 44.76 -12.30 -12.09
N VAL G 33 45.54 -12.81 -11.14
CA VAL G 33 46.66 -13.71 -11.43
C VAL G 33 46.48 -14.97 -10.59
N ALA G 34 46.50 -16.12 -11.26
CA ALA G 34 46.32 -17.42 -10.62
C ALA G 34 47.55 -18.29 -10.81
N TRP G 35 47.88 -19.08 -9.78
CA TRP G 35 49.06 -19.94 -9.77
C TRP G 35 48.63 -21.37 -9.53
N TYR G 36 48.97 -22.26 -10.45
CA TYR G 36 48.59 -23.67 -10.38
C TYR G 36 49.82 -24.55 -10.28
N GLN G 37 49.84 -25.41 -9.27
CA GLN G 37 50.89 -26.39 -9.06
C GLN G 37 50.34 -27.77 -9.39
N GLN G 38 50.97 -28.46 -10.34
CA GLN G 38 50.56 -29.81 -10.72
C GLN G 38 51.68 -30.78 -10.39
N LYS G 39 51.45 -31.62 -9.40
CA LYS G 39 52.35 -32.72 -9.15
C LYS G 39 52.13 -33.82 -10.20
N PRO G 40 53.16 -34.57 -10.55
CA PRO G 40 52.97 -35.69 -11.49
C PRO G 40 52.14 -36.80 -10.88
N GLY G 41 51.17 -37.27 -11.66
CA GLY G 41 50.25 -38.30 -11.22
C GLY G 41 48.93 -37.78 -10.70
N GLN G 42 48.82 -36.49 -10.38
CA GLN G 42 47.57 -35.93 -9.91
C GLN G 42 47.22 -34.63 -10.64
N SER G 43 46.19 -33.94 -10.16
CA SER G 43 45.60 -32.79 -10.84
C SER G 43 46.36 -31.50 -10.52
N PRO G 44 46.24 -30.49 -11.38
CA PRO G 44 46.75 -29.15 -11.03
C PRO G 44 45.94 -28.55 -9.88
N LYS G 45 46.64 -28.01 -8.90
CA LYS G 45 46.01 -27.46 -7.70
C LYS G 45 46.31 -25.97 -7.59
N LEU G 46 45.30 -25.20 -7.16
CA LEU G 46 45.44 -23.77 -6.94
C LEU G 46 46.43 -23.45 -5.83
N LEU G 47 47.25 -22.42 -6.05
CA LEU G 47 48.10 -21.87 -5.00
C LEU G 47 47.65 -20.48 -4.58
N ILE G 48 47.63 -19.54 -5.52
CA ILE G 48 47.33 -18.13 -5.24
C ILE G 48 46.28 -17.68 -6.24
N TYR G 49 45.25 -16.99 -5.76
CA TYR G 49 44.30 -16.33 -6.66
C TYR G 49 44.20 -14.86 -6.30
N TRP G 50 43.96 -14.03 -7.33
CA TRP G 50 44.01 -12.56 -7.30
C TRP G 50 45.39 -12.05 -6.84
N ALA G 51 46.44 -12.83 -7.11
CA ALA G 51 47.85 -12.51 -6.92
C ALA G 51 48.28 -12.30 -5.47
N SER G 52 47.37 -12.40 -4.50
CA SER G 52 47.76 -12.27 -3.10
C SER G 52 47.09 -13.26 -2.16
N THR G 53 45.94 -13.83 -2.48
CA THR G 53 45.16 -14.62 -1.54
C THR G 53 45.51 -16.09 -1.66
N ARG G 54 44.98 -16.88 -0.73
CA ARG G 54 45.33 -18.29 -0.62
C ARG G 54 44.09 -19.16 -0.49
N HIS G 55 44.30 -20.46 -0.59
CA HIS G 55 43.25 -21.45 -0.56
C HIS G 55 42.93 -21.86 0.88
N THR G 56 41.83 -22.57 1.06
CA THR G 56 41.54 -23.25 2.32
C THR G 56 42.39 -24.51 2.39
N GLY G 57 43.14 -24.67 3.47
CA GLY G 57 44.06 -25.79 3.58
C GLY G 57 45.29 -25.64 2.73
N VAL G 58 45.81 -24.44 2.61
CA VAL G 58 46.86 -24.07 1.65
C VAL G 58 48.21 -24.32 2.29
N PRO G 59 49.27 -24.54 1.51
CA PRO G 59 50.61 -24.32 2.05
C PRO G 59 50.82 -22.85 2.36
N GLY G 60 51.11 -22.56 3.62
CA GLY G 60 51.16 -21.19 4.10
C GLY G 60 52.48 -20.50 3.83
N ARG G 61 53.50 -21.26 3.46
CA ARG G 61 54.83 -20.71 3.26
C ARG G 61 55.03 -20.09 1.87
N PHE G 62 53.99 -20.02 1.05
CA PHE G 62 54.08 -19.48 -0.29
C PHE G 62 53.35 -18.16 -0.36
N THR G 63 53.99 -17.16 -0.96
CA THR G 63 53.44 -15.80 -1.01
C THR G 63 53.27 -15.37 -2.45
N GLY G 64 52.37 -14.39 -2.65
CA GLY G 64 52.18 -13.80 -3.96
C GLY G 64 52.34 -12.29 -3.94
N SER G 65 52.76 -11.71 -5.05
CA SER G 65 52.99 -10.27 -5.16
C SER G 65 52.92 -9.87 -6.63
N GLY G 66 53.37 -8.67 -6.92
CA GLY G 66 53.41 -8.17 -8.29
C GLY G 66 52.18 -7.37 -8.66
N SER G 67 52.41 -6.35 -9.50
CA SER G 67 51.33 -5.51 -10.00
C SER G 67 51.73 -4.96 -11.37
N GLY G 68 50.74 -4.42 -12.06
CA GLY G 68 50.96 -3.84 -13.38
C GLY G 68 51.25 -4.86 -14.46
N THR G 69 52.46 -4.83 -15.01
CA THR G 69 52.87 -5.76 -16.05
C THR G 69 53.76 -6.88 -15.54
N ASP G 70 54.04 -6.92 -14.24
CA ASP G 70 54.89 -7.95 -13.64
C ASP G 70 54.15 -8.59 -12.48
N TYR G 71 54.24 -9.91 -12.38
CA TYR G 71 53.61 -10.66 -11.31
C TYR G 71 54.51 -11.81 -10.92
N THR G 72 54.52 -12.12 -9.62
CA THR G 72 55.56 -12.98 -9.06
C THR G 72 54.96 -13.92 -8.02
N LEU G 73 55.27 -15.21 -8.15
CA LEU G 73 55.04 -16.20 -7.09
C LEU G 73 56.33 -16.36 -6.32
N THR G 74 56.41 -15.74 -5.15
CA THR G 74 57.62 -15.71 -4.35
C THR G 74 57.62 -16.90 -3.39
N ILE G 75 58.68 -17.69 -3.43
CA ILE G 75 58.87 -18.81 -2.52
C ILE G 75 60.21 -18.61 -1.83
N SER G 76 60.17 -18.29 -0.53
CA SER G 76 61.38 -18.12 0.26
C SER G 76 61.73 -19.35 1.07
N SER G 77 60.82 -20.32 1.17
CA SER G 77 61.03 -21.54 1.95
C SER G 77 60.71 -22.73 1.06
N VAL G 78 61.73 -23.52 0.74
CA VAL G 78 61.59 -24.69 -0.12
C VAL G 78 61.74 -25.94 0.72
N GLN G 79 60.80 -26.87 0.59
CA GLN G 79 60.83 -28.15 1.29
C GLN G 79 60.92 -29.29 0.29
N ALA G 80 60.84 -30.52 0.80
CA ALA G 80 61.06 -31.69 -0.03
C ALA G 80 59.87 -31.99 -0.94
N GLU G 81 58.65 -31.66 -0.51
CA GLU G 81 57.47 -31.92 -1.31
C GLU G 81 57.25 -30.89 -2.42
N ASP G 82 58.10 -29.87 -2.50
CA ASP G 82 57.89 -28.78 -3.43
C ASP G 82 58.33 -29.10 -4.86
N LEU G 83 58.92 -30.27 -5.08
CA LEU G 83 59.38 -30.67 -6.41
C LEU G 83 58.18 -30.97 -7.28
N SER G 84 57.77 -30.01 -8.10
CA SER G 84 56.54 -30.10 -8.87
C SER G 84 56.59 -29.06 -9.99
N LEU G 85 55.44 -28.82 -10.62
CA LEU G 85 55.31 -27.91 -11.74
C LEU G 85 54.65 -26.62 -11.30
N TYR G 86 54.76 -25.60 -12.15
CA TYR G 86 54.16 -24.30 -11.85
C TYR G 86 53.60 -23.68 -13.11
N TYR G 87 52.56 -22.87 -12.95
CA TYR G 87 51.89 -22.19 -14.05
C TYR G 87 51.34 -20.86 -13.55
N CYS G 88 51.34 -19.85 -14.42
CA CYS G 88 50.68 -18.59 -14.14
C CYS G 88 49.49 -18.42 -15.06
N GLN G 89 48.63 -17.45 -14.74
CA GLN G 89 47.34 -17.31 -15.39
C GLN G 89 46.88 -15.87 -15.30
N GLN G 90 46.27 -15.37 -16.37
CA GLN G 90 45.39 -14.22 -16.28
C GLN G 90 43.94 -14.71 -16.33
N HIS G 91 43.10 -14.09 -15.52
CA HIS G 91 41.67 -14.38 -15.58
C HIS G 91 40.87 -13.09 -15.51
N TYR G 92 41.31 -12.11 -16.30
CA TYR G 92 40.61 -10.84 -16.48
C TYR G 92 40.13 -10.68 -17.92
N SER G 93 39.90 -11.79 -18.60
CA SER G 93 39.43 -11.78 -19.99
C SER G 93 38.59 -13.03 -20.21
N THR G 94 38.02 -13.13 -21.41
CA THR G 94 37.23 -14.31 -21.75
C THR G 94 38.11 -15.51 -22.13
N PRO G 95 39.19 -15.40 -22.93
CA PRO G 95 40.09 -16.56 -23.02
C PRO G 95 40.92 -16.71 -21.75
N ARG G 96 41.06 -17.96 -21.29
CA ARG G 96 41.83 -18.27 -20.09
C ARG G 96 43.22 -18.73 -20.54
N THR G 97 44.05 -17.75 -20.90
CA THR G 97 45.38 -18.02 -21.45
C THR G 97 46.37 -18.28 -20.32
N PHE G 98 46.95 -19.47 -20.30
CA PHE G 98 47.88 -19.84 -19.26
C PHE G 98 49.30 -19.43 -19.63
N GLY G 99 50.20 -19.51 -18.66
CA GLY G 99 51.59 -19.13 -18.84
C GLY G 99 52.39 -20.22 -19.53
N GLY G 100 53.71 -20.04 -19.50
CA GLY G 100 54.59 -20.95 -20.21
C GLY G 100 54.75 -22.29 -19.52
N GLY G 101 54.74 -22.28 -18.19
CA GLY G 101 54.96 -23.50 -17.42
C GLY G 101 56.35 -23.59 -16.86
N THR G 102 56.47 -24.07 -15.62
CA THR G 102 57.79 -24.19 -14.99
C THR G 102 57.77 -25.37 -14.03
N LYS G 103 58.54 -26.41 -14.32
CA LYS G 103 58.75 -27.47 -13.35
C LYS G 103 59.99 -27.17 -12.53
N LEU G 104 59.91 -27.41 -11.22
CA LEU G 104 61.00 -27.09 -10.32
C LEU G 104 62.16 -28.05 -10.48
N VAL H 2 32.95 -31.41 -1.55
CA VAL H 2 32.21 -31.71 -2.77
C VAL H 2 33.18 -31.81 -3.95
N GLN H 3 33.21 -32.98 -4.59
CA GLN H 3 34.14 -33.25 -5.67
C GLN H 3 33.41 -33.96 -6.79
N LEU H 4 33.79 -33.63 -8.03
CA LEU H 4 33.18 -34.21 -9.21
C LEU H 4 33.70 -35.63 -9.44
N GLN H 5 33.19 -36.28 -10.50
CA GLN H 5 33.55 -37.66 -10.80
C GLN H 5 33.36 -37.89 -12.30
N GLN H 6 34.23 -38.70 -12.88
CA GLN H 6 34.19 -38.99 -14.30
C GLN H 6 34.10 -40.50 -14.51
N SER H 7 33.82 -40.90 -15.74
CA SER H 7 33.73 -42.31 -16.10
C SER H 7 35.10 -42.79 -16.58
N GLY H 8 35.14 -43.99 -17.15
CA GLY H 8 36.41 -44.56 -17.58
C GLY H 8 36.92 -43.91 -18.86
N ALA H 9 38.24 -43.86 -18.99
CA ALA H 9 38.87 -43.24 -20.15
C ALA H 9 38.73 -44.13 -21.38
N GLU H 10 38.67 -43.49 -22.55
CA GLU H 10 38.40 -44.18 -23.80
C GLU H 10 39.60 -44.07 -24.75
N LEU H 11 39.41 -44.60 -25.96
CA LEU H 11 40.47 -44.64 -26.96
C LEU H 11 39.82 -44.64 -28.33
N MET H 12 40.18 -43.68 -29.17
CA MET H 12 39.60 -43.54 -30.50
C MET H 12 40.69 -43.33 -31.54
N LYS H 13 40.28 -43.40 -32.82
CA LYS H 13 40.91 -43.29 -34.12
C LYS H 13 40.76 -41.89 -34.68
N PRO H 14 41.67 -41.42 -35.54
CA PRO H 14 41.58 -40.03 -36.03
C PRO H 14 40.39 -39.79 -36.93
N GLY H 15 39.79 -38.61 -36.76
CA GLY H 15 38.60 -38.22 -37.49
C GLY H 15 37.29 -38.58 -36.81
N ALA H 16 37.34 -39.18 -35.62
CA ALA H 16 36.14 -39.66 -34.94
C ALA H 16 35.61 -38.58 -34.00
N ALA H 17 34.67 -38.96 -33.13
CA ALA H 17 34.02 -38.04 -32.21
C ALA H 17 33.56 -38.83 -30.99
N VAL H 18 33.72 -38.24 -29.81
CA VAL H 18 33.41 -38.93 -28.56
C VAL H 18 32.91 -37.91 -27.54
N LYS H 19 32.09 -38.39 -26.61
CA LYS H 19 31.54 -37.58 -25.53
C LYS H 19 32.23 -37.94 -24.21
N ILE H 20 32.47 -36.93 -23.39
CA ILE H 20 33.11 -37.09 -22.08
C ILE H 20 32.11 -36.71 -21.00
N SER H 21 31.84 -37.65 -20.09
CA SER H 21 30.87 -37.45 -19.02
C SER H 21 31.53 -36.97 -17.73
N CYS H 22 30.75 -36.26 -16.91
CA CYS H 22 31.25 -35.73 -15.64
C CYS H 22 30.12 -35.82 -14.61
N LYS H 23 30.12 -36.93 -13.86
CA LYS H 23 29.14 -37.14 -12.81
C LYS H 23 29.41 -36.21 -11.62
N ALA H 24 28.34 -35.62 -11.10
CA ALA H 24 28.44 -34.69 -9.98
C ALA H 24 27.88 -35.32 -8.72
N THR H 25 28.65 -35.28 -7.65
CA THR H 25 28.26 -35.80 -6.34
C THR H 25 28.28 -34.66 -5.34
N GLY H 26 27.13 -34.39 -4.73
CA GLY H 26 27.06 -33.42 -3.66
C GLY H 26 25.96 -32.39 -3.78
N HIS H 27 25.67 -31.95 -5.00
CA HIS H 27 24.71 -30.87 -5.22
C HIS H 27 24.08 -31.04 -6.59
N THR H 28 23.38 -30.00 -7.03
CA THR H 28 22.79 -29.94 -8.36
C THR H 28 23.73 -29.15 -9.27
N ILE H 29 24.20 -29.80 -10.33
CA ILE H 29 25.29 -29.26 -11.14
C ILE H 29 24.83 -28.05 -11.97
N SER H 30 23.52 -27.88 -12.16
CA SER H 30 23.02 -26.74 -12.90
C SER H 30 23.15 -25.42 -12.12
N ARG H 31 23.48 -25.49 -10.83
CA ARG H 31 23.66 -24.27 -10.05
C ARG H 31 24.94 -23.54 -10.44
N TYR H 32 26.04 -24.27 -10.58
CA TYR H 32 27.36 -23.68 -10.78
C TYR H 32 27.82 -23.88 -12.23
N TRP H 33 28.92 -23.22 -12.57
CA TRP H 33 29.54 -23.43 -13.87
C TRP H 33 30.31 -24.74 -13.90
N ILE H 34 30.58 -25.22 -15.12
CA ILE H 34 31.49 -26.32 -15.39
C ILE H 34 32.38 -25.91 -16.56
N ASP H 35 33.69 -25.97 -16.38
CA ASP H 35 34.63 -25.63 -17.43
C ASP H 35 35.44 -26.86 -17.83
N TRP H 36 36.22 -26.70 -18.89
CA TRP H 36 36.99 -27.81 -19.44
C TRP H 36 38.39 -27.34 -19.80
N LEU H 37 39.38 -28.18 -19.51
CA LEU H 37 40.78 -27.88 -19.74
C LEU H 37 41.45 -29.01 -20.50
N LYS H 38 42.29 -28.65 -21.48
CA LYS H 38 42.97 -29.60 -22.34
C LYS H 38 44.44 -29.69 -21.94
N GLN H 39 44.85 -30.85 -21.46
CA GLN H 39 46.26 -31.09 -21.08
C GLN H 39 46.86 -32.08 -22.08
N ARG H 40 47.49 -31.54 -23.11
CA ARG H 40 48.29 -32.35 -24.03
C ARG H 40 49.70 -32.45 -23.48
N PRO H 41 50.24 -33.66 -23.32
CA PRO H 41 51.56 -33.81 -22.70
C PRO H 41 52.68 -33.29 -23.59
N GLY H 42 53.73 -32.80 -22.94
CA GLY H 42 54.74 -32.01 -23.61
C GLY H 42 54.42 -30.54 -23.49
N HIS H 43 53.22 -30.17 -23.94
CA HIS H 43 52.67 -28.85 -23.66
C HIS H 43 51.95 -28.89 -22.31
N GLY H 44 51.16 -27.87 -22.02
CA GLY H 44 50.48 -27.81 -20.74
C GLY H 44 48.96 -27.84 -20.81
N LEU H 45 48.33 -27.15 -19.87
CA LEU H 45 46.88 -27.09 -19.80
C LEU H 45 46.34 -26.03 -20.75
N GLU H 46 45.07 -26.21 -21.16
CA GLU H 46 44.47 -25.32 -22.15
C GLU H 46 42.96 -25.34 -21.95
N TRP H 47 42.40 -24.19 -21.55
CA TRP H 47 40.98 -24.07 -21.29
C TRP H 47 40.16 -24.21 -22.57
N ILE H 48 38.98 -24.82 -22.46
CA ILE H 48 38.13 -25.03 -23.62
C ILE H 48 36.95 -24.08 -23.59
N GLY H 49 36.09 -24.22 -22.60
CA GLY H 49 34.85 -23.49 -22.60
C GLY H 49 34.16 -23.44 -21.25
N GLU H 50 32.86 -23.19 -21.29
CA GLU H 50 32.06 -23.04 -20.10
C GLU H 50 30.61 -23.43 -20.39
N ILE H 51 29.94 -23.96 -19.38
CA ILE H 51 28.52 -24.31 -19.48
C ILE H 51 27.82 -24.18 -18.13
N LEU H 52 26.76 -23.37 -18.11
CA LEU H 52 25.80 -23.43 -17.02
C LEU H 52 24.80 -24.50 -17.42
N PRO H 53 24.72 -25.63 -16.69
CA PRO H 53 23.90 -26.76 -17.14
C PRO H 53 22.41 -26.52 -17.11
N GLY H 54 21.93 -25.50 -16.41
CA GLY H 54 20.54 -25.13 -16.48
C GLY H 54 20.21 -24.45 -17.79
N SER H 55 21.15 -23.65 -18.29
CA SER H 55 20.96 -22.90 -19.51
C SER H 55 21.62 -23.57 -20.71
N GLY H 56 22.84 -24.06 -20.54
CA GLY H 56 23.61 -24.51 -21.69
C GLY H 56 24.27 -23.40 -22.47
N SER H 57 24.23 -22.18 -21.95
CA SER H 57 24.90 -21.06 -22.60
C SER H 57 26.40 -21.19 -22.46
N THR H 58 27.12 -21.02 -23.56
CA THR H 58 28.54 -21.31 -23.63
C THR H 58 29.32 -20.08 -24.10
N ASN H 59 30.63 -20.14 -23.91
CA ASN H 59 31.59 -19.24 -24.56
C ASN H 59 32.78 -20.10 -24.98
N TYR H 60 32.73 -20.62 -26.20
CA TYR H 60 33.83 -21.43 -26.70
C TYR H 60 35.02 -20.55 -27.08
N ASN H 61 36.20 -21.15 -27.10
CA ASN H 61 37.43 -20.42 -27.31
C ASN H 61 37.60 -20.07 -28.79
N GLU H 62 38.43 -19.06 -29.05
CA GLU H 62 38.70 -18.64 -30.43
C GLU H 62 39.47 -19.71 -31.20
N LYS H 63 40.45 -20.34 -30.57
CA LYS H 63 41.14 -21.46 -31.18
C LYS H 63 40.24 -22.70 -31.22
N PHE H 64 39.24 -22.78 -30.34
CA PHE H 64 38.35 -23.92 -30.25
C PHE H 64 36.96 -23.61 -30.79
N LYS H 65 36.88 -22.81 -31.86
CA LYS H 65 35.59 -22.50 -32.47
C LYS H 65 35.06 -23.72 -33.21
N GLY H 66 33.89 -24.19 -32.81
CA GLY H 66 33.32 -25.38 -33.39
C GLY H 66 34.02 -26.66 -33.00
N LYS H 67 34.72 -26.65 -31.86
CA LYS H 67 35.50 -27.81 -31.44
C LYS H 67 34.73 -28.73 -30.51
N ALA H 68 34.08 -28.18 -29.50
CA ALA H 68 33.41 -28.97 -28.48
C ALA H 68 31.90 -28.73 -28.51
N THR H 69 31.17 -29.67 -27.91
CA THR H 69 29.72 -29.61 -27.82
C THR H 69 29.33 -29.85 -26.36
N PHE H 70 28.67 -28.88 -25.75
CA PHE H 70 28.39 -28.90 -24.32
C PHE H 70 26.91 -29.19 -24.10
N THR H 71 26.61 -30.37 -23.56
CA THR H 71 25.26 -30.72 -23.14
C THR H 71 25.31 -31.18 -21.68
N ALA H 72 24.14 -31.39 -21.10
CA ALA H 72 24.04 -31.73 -19.68
C ALA H 72 22.92 -32.73 -19.45
N GLU H 73 23.05 -33.48 -18.36
CA GLU H 73 22.06 -34.49 -17.96
C GLU H 73 21.57 -34.14 -16.57
N LYS H 74 20.38 -33.52 -16.50
CA LYS H 74 19.83 -33.14 -15.20
C LYS H 74 19.21 -34.31 -14.47
N SER H 75 18.97 -35.43 -15.16
CA SER H 75 18.34 -36.59 -14.51
C SER H 75 19.29 -37.31 -13.57
N SER H 76 20.60 -37.11 -13.71
CA SER H 76 21.55 -37.74 -12.79
C SER H 76 22.70 -36.82 -12.43
N ASN H 77 22.59 -35.51 -12.70
CA ASN H 77 23.63 -34.51 -12.47
C ASN H 77 24.94 -34.87 -13.16
N THR H 78 24.90 -34.91 -14.49
CA THR H 78 26.07 -35.29 -15.26
C THR H 78 26.25 -34.30 -16.40
N ALA H 79 27.47 -33.78 -16.53
CA ALA H 79 27.83 -32.85 -17.60
C ALA H 79 28.53 -33.58 -18.73
N TYR H 80 28.28 -33.14 -19.96
CA TYR H 80 28.76 -33.82 -21.17
C TYR H 80 29.56 -32.86 -22.01
N MET H 81 30.71 -33.32 -22.50
CA MET H 81 31.50 -32.60 -23.50
C MET H 81 31.75 -33.54 -24.68
N GLN H 82 31.19 -33.19 -25.83
CA GLN H 82 31.32 -33.97 -27.04
C GLN H 82 32.24 -33.25 -28.02
N LEU H 83 33.19 -34.00 -28.58
CA LEU H 83 34.15 -33.47 -29.53
C LEU H 83 33.78 -33.91 -30.94
N SER H 84 34.65 -33.57 -31.89
CA SER H 84 34.49 -33.93 -33.30
C SER H 84 35.82 -33.73 -34.01
N SER H 85 36.06 -34.56 -35.03
CA SER H 85 37.19 -34.48 -35.96
C SER H 85 38.53 -34.56 -35.21
N LEU H 86 38.75 -35.74 -34.62
CA LEU H 86 39.94 -35.98 -33.84
C LEU H 86 41.17 -36.08 -34.75
N THR H 87 42.23 -35.37 -34.37
CA THR H 87 43.51 -35.39 -35.06
C THR H 87 44.62 -35.69 -34.06
N SER H 88 45.85 -35.77 -34.56
CA SER H 88 46.99 -36.07 -33.70
C SER H 88 47.35 -34.93 -32.76
N GLU H 89 46.81 -33.73 -33.00
CA GLU H 89 46.96 -32.62 -32.07
C GLU H 89 46.03 -32.72 -30.87
N ASP H 90 45.16 -33.73 -30.83
CA ASP H 90 44.07 -33.79 -29.86
C ASP H 90 44.22 -34.88 -28.81
N SER H 91 45.30 -35.66 -28.84
CA SER H 91 45.57 -36.61 -27.77
C SER H 91 45.98 -35.85 -26.53
N ALA H 92 45.15 -35.88 -25.49
CA ALA H 92 45.35 -34.99 -24.35
C ALA H 92 44.67 -35.57 -23.12
N VAL H 93 44.72 -34.81 -22.03
CA VAL H 93 44.07 -35.13 -20.77
C VAL H 93 43.05 -34.03 -20.47
N TYR H 94 41.82 -34.44 -20.16
CA TYR H 94 40.72 -33.50 -19.99
C TYR H 94 40.29 -33.45 -18.53
N TYR H 95 39.64 -32.34 -18.16
CA TYR H 95 39.25 -32.09 -16.78
C TYR H 95 37.93 -31.34 -16.77
N CYS H 96 36.99 -31.82 -15.95
CA CYS H 96 35.80 -31.03 -15.61
C CYS H 96 36.03 -30.40 -14.24
N ALA H 97 36.26 -29.09 -14.24
CA ALA H 97 36.53 -28.34 -13.03
C ALA H 97 35.35 -27.45 -12.69
N MET H 98 35.43 -26.80 -11.53
CA MET H 98 34.36 -25.94 -11.07
C MET H 98 34.95 -24.87 -10.16
N GLY H 99 35.18 -23.68 -10.70
CA GLY H 99 35.77 -22.59 -9.94
C GLY H 99 34.76 -21.57 -9.48
N VAL H 100 34.55 -21.48 -8.16
CA VAL H 100 33.42 -20.77 -7.60
C VAL H 100 33.65 -19.27 -7.57
N ARG H 101 34.66 -18.81 -6.84
CA ARG H 101 34.79 -17.37 -6.63
C ARG H 101 35.64 -16.71 -7.71
N GLY H 102 35.33 -16.98 -8.97
CA GLY H 102 36.05 -16.35 -10.05
C GLY H 102 36.32 -17.26 -11.23
N ASN H 103 37.10 -16.77 -12.18
CA ASN H 103 37.42 -17.51 -13.40
C ASN H 103 38.51 -18.56 -13.19
N TYR H 104 39.10 -18.63 -12.00
CA TYR H 104 40.12 -19.64 -11.71
C TYR H 104 39.44 -20.96 -11.34
N PHE H 105 40.21 -21.92 -10.83
CA PHE H 105 39.69 -23.26 -10.64
C PHE H 105 40.13 -23.80 -9.28
N ASP H 106 39.18 -24.29 -8.49
CA ASP H 106 39.50 -24.91 -7.21
C ASP H 106 38.87 -26.28 -6.99
N TYR H 107 37.69 -26.58 -7.51
CA TYR H 107 37.12 -27.91 -7.42
C TYR H 107 37.34 -28.65 -8.74
N TRP H 108 37.48 -29.97 -8.64
CA TRP H 108 37.89 -30.79 -9.78
C TRP H 108 37.14 -32.11 -9.78
N GLY H 109 37.46 -32.93 -10.77
CA GLY H 109 37.06 -34.32 -10.79
C GLY H 109 38.24 -35.22 -10.48
N GLN H 110 38.67 -36.05 -11.43
CA GLN H 110 39.92 -36.77 -11.28
C GLN H 110 40.79 -36.79 -12.53
N GLY H 111 40.25 -36.46 -13.70
CA GLY H 111 41.06 -36.44 -14.91
C GLY H 111 40.76 -37.62 -15.81
N THR H 112 40.78 -37.38 -17.11
CA THR H 112 40.56 -38.42 -18.12
C THR H 112 41.52 -38.20 -19.27
N THR H 113 42.32 -39.23 -19.57
CA THR H 113 43.31 -39.16 -20.63
C THR H 113 42.74 -39.80 -21.88
N LEU H 114 42.80 -39.07 -23.00
CA LEU H 114 42.31 -39.55 -24.27
C LEU H 114 43.42 -39.47 -25.31
N THR H 115 43.56 -40.52 -26.10
CA THR H 115 44.61 -40.60 -27.12
C THR H 115 43.98 -40.84 -28.48
N VAL H 116 44.34 -40.02 -29.45
CA VAL H 116 43.83 -40.16 -30.80
C VAL H 116 44.70 -41.14 -31.59
N ILE I 2 -20.05 42.78 -25.03
CA ILE I 2 -20.12 41.87 -26.16
C ILE I 2 -21.57 41.57 -26.50
N VAL I 3 -22.04 42.18 -27.58
CA VAL I 3 -23.43 42.09 -28.03
C VAL I 3 -23.43 41.73 -29.51
N MET I 4 -24.19 40.69 -29.87
CA MET I 4 -24.35 40.33 -31.27
C MET I 4 -25.12 41.41 -32.03
N THR I 5 -24.81 41.57 -33.30
CA THR I 5 -25.36 42.66 -34.11
C THR I 5 -25.73 42.13 -35.49
N GLN I 6 -27.02 42.12 -35.79
CA GLN I 6 -27.49 41.79 -37.13
C GLN I 6 -27.50 43.03 -38.01
N SER I 7 -28.09 42.90 -39.19
CA SER I 7 -28.31 44.05 -40.05
C SER I 7 -29.66 44.02 -40.76
N HIS I 8 -30.51 43.03 -40.52
CA HIS I 8 -31.80 42.91 -41.20
C HIS I 8 -32.81 42.29 -40.25
N LYS I 9 -33.85 43.06 -39.90
CA LYS I 9 -34.99 42.50 -39.21
C LYS I 9 -35.87 41.66 -40.14
N PHE I 10 -35.80 41.93 -41.43
CA PHE I 10 -36.58 41.23 -42.44
C PHE I 10 -35.74 41.06 -43.70
N MET I 11 -36.01 39.99 -44.43
CA MET I 11 -35.48 39.81 -45.78
C MET I 11 -36.59 39.26 -46.66
N SER I 12 -37.00 40.04 -47.66
CA SER I 12 -38.07 39.61 -48.55
C SER I 12 -37.56 38.52 -49.49
N THR I 13 -38.33 37.44 -49.59
CA THR I 13 -37.92 36.28 -50.36
C THR I 13 -39.16 35.52 -50.83
N SER I 14 -38.92 34.48 -51.61
CA SER I 14 -39.97 33.61 -52.11
C SER I 14 -39.63 32.17 -51.75
N VAL I 15 -40.58 31.27 -52.03
CA VAL I 15 -40.43 29.87 -51.66
C VAL I 15 -39.45 29.18 -52.59
N GLY I 16 -38.39 28.60 -52.03
CA GLY I 16 -37.39 27.89 -52.80
C GLY I 16 -36.08 28.61 -52.98
N ASP I 17 -35.85 29.69 -52.24
CA ASP I 17 -34.65 30.50 -52.41
C ASP I 17 -33.52 29.94 -51.55
N ARG I 18 -32.45 30.73 -51.42
CA ARG I 18 -31.31 30.38 -50.57
C ARG I 18 -30.91 31.65 -49.81
N VAL I 19 -31.40 31.78 -48.58
CA VAL I 19 -31.24 33.00 -47.80
C VAL I 19 -30.18 32.74 -46.72
N SER I 20 -29.39 33.77 -46.42
CA SER I 20 -28.33 33.69 -45.43
C SER I 20 -28.46 34.85 -44.45
N ILE I 21 -28.05 34.60 -43.21
CA ILE I 21 -28.23 35.55 -42.11
C ILE I 21 -26.86 35.90 -41.55
N THR I 22 -26.45 37.16 -41.71
CA THR I 22 -25.19 37.62 -41.15
C THR I 22 -25.43 38.35 -39.84
N CYS I 23 -24.69 37.96 -38.80
CA CYS I 23 -24.79 38.60 -37.49
C CYS I 23 -23.38 38.75 -36.93
N LYS I 24 -22.85 39.97 -36.98
CA LYS I 24 -21.50 40.21 -36.50
C LYS I 24 -21.49 40.39 -34.99
N ALA I 25 -20.47 39.83 -34.35
CA ALA I 25 -20.25 39.98 -32.91
C ALA I 25 -19.51 41.29 -32.65
N SER I 26 -19.12 41.51 -31.39
CA SER I 26 -18.33 42.69 -31.04
C SER I 26 -16.85 42.45 -31.29
N GLN I 27 -16.27 41.46 -30.63
CA GLN I 27 -14.88 41.06 -30.82
C GLN I 27 -14.84 39.61 -31.30
N ASP I 28 -13.63 39.13 -31.57
CA ASP I 28 -13.43 37.73 -31.91
C ASP I 28 -13.54 36.84 -30.68
N VAL I 29 -14.78 36.49 -30.30
CA VAL I 29 -14.99 35.73 -29.07
C VAL I 29 -14.58 34.27 -29.27
N SER I 30 -15.27 33.56 -30.15
CA SER I 30 -14.97 32.18 -30.57
C SER I 30 -15.85 31.89 -31.77
N THR I 31 -15.89 30.62 -32.17
CA THR I 31 -16.94 30.12 -33.05
C THR I 31 -18.15 29.62 -32.28
N ALA I 32 -18.26 30.00 -31.01
CA ALA I 32 -19.42 29.67 -30.17
C ALA I 32 -20.58 30.56 -30.59
N VAL I 33 -21.32 30.10 -31.60
CA VAL I 33 -22.44 30.84 -32.16
C VAL I 33 -23.64 29.89 -32.25
N ALA I 34 -24.75 30.30 -31.64
CA ALA I 34 -26.01 29.56 -31.69
C ALA I 34 -27.02 30.28 -32.58
N TRP I 35 -28.01 29.52 -33.04
CA TRP I 35 -29.07 30.07 -33.88
C TRP I 35 -30.41 29.61 -33.31
N TYR I 36 -31.29 30.56 -33.06
CA TYR I 36 -32.54 30.31 -32.36
C TYR I 36 -33.73 30.66 -33.25
N GLN I 37 -34.65 29.71 -33.39
CA GLN I 37 -35.89 29.93 -34.13
C GLN I 37 -37.07 29.89 -33.16
N GLN I 38 -37.85 30.95 -33.14
CA GLN I 38 -39.04 31.04 -32.30
C GLN I 38 -40.27 31.16 -33.18
N LYS I 39 -41.16 30.19 -33.10
CA LYS I 39 -42.43 30.28 -33.80
C LYS I 39 -43.41 31.11 -32.98
N PRO I 40 -44.29 31.88 -33.61
CA PRO I 40 -45.29 32.65 -32.85
C PRO I 40 -46.29 31.74 -32.17
N GLY I 41 -46.55 32.04 -30.89
CA GLY I 41 -47.36 31.16 -30.06
C GLY I 41 -46.61 30.00 -29.45
N GLN I 42 -45.32 29.87 -29.72
CA GLN I 42 -44.49 28.78 -29.21
C GLN I 42 -43.19 29.35 -28.67
N SER I 43 -42.31 28.46 -28.22
CA SER I 43 -41.04 28.77 -27.58
C SER I 43 -39.92 28.87 -28.60
N PRO I 44 -38.82 29.55 -28.26
CA PRO I 44 -37.63 29.51 -29.13
C PRO I 44 -37.01 28.13 -29.18
N LYS I 45 -36.41 27.82 -30.33
CA LYS I 45 -35.80 26.51 -30.57
C LYS I 45 -34.43 26.69 -31.20
N LEU I 46 -33.47 25.91 -30.73
CA LEU I 46 -32.11 25.93 -31.29
C LEU I 46 -32.10 25.44 -32.73
N LEU I 47 -31.24 26.04 -33.55
CA LEU I 47 -31.00 25.58 -34.91
C LEU I 47 -29.61 25.02 -35.11
N ILE I 48 -28.57 25.83 -34.90
CA ILE I 48 -27.18 25.43 -35.17
C ILE I 48 -26.37 25.86 -33.96
N TYR I 49 -25.93 24.89 -33.16
CA TYR I 49 -25.10 25.21 -32.00
C TYR I 49 -23.63 24.93 -32.31
N TRP I 50 -22.76 25.75 -31.70
CA TRP I 50 -21.32 25.86 -32.00
C TRP I 50 -21.03 26.15 -33.47
N ALA I 51 -21.97 26.84 -34.13
CA ALA I 51 -21.92 27.35 -35.49
C ALA I 51 -21.73 26.28 -36.56
N SER I 52 -21.82 24.99 -36.23
CA SER I 52 -21.76 23.95 -37.25
C SER I 52 -22.70 22.77 -37.02
N THR I 53 -23.25 22.58 -35.83
CA THR I 53 -23.88 21.32 -35.46
C THR I 53 -25.37 21.50 -35.21
N ARG I 54 -26.15 20.48 -35.56
CA ARG I 54 -27.60 20.57 -35.51
C ARG I 54 -28.15 19.94 -34.24
N HIS I 55 -29.29 20.46 -33.80
CA HIS I 55 -30.03 19.86 -32.70
C HIS I 55 -30.68 18.55 -33.17
N THR I 56 -30.91 17.66 -32.23
CA THR I 56 -31.52 16.37 -32.53
C THR I 56 -32.97 16.53 -32.95
N GLY I 57 -33.30 16.05 -34.14
CA GLY I 57 -34.64 16.14 -34.69
C GLY I 57 -34.85 17.24 -35.70
N VAL I 58 -33.79 17.87 -36.18
CA VAL I 58 -33.89 19.01 -37.09
C VAL I 58 -33.52 18.53 -38.49
N PRO I 59 -34.29 18.89 -39.53
CA PRO I 59 -33.89 18.56 -40.90
C PRO I 59 -32.61 19.28 -41.30
N GLY I 60 -31.91 18.70 -42.27
CA GLY I 60 -30.55 19.06 -42.58
C GLY I 60 -30.33 20.16 -43.60
N ARG I 61 -31.37 20.93 -43.97
CA ARG I 61 -31.13 22.04 -44.87
C ARG I 61 -30.49 23.23 -44.16
N PHE I 62 -30.53 23.26 -42.83
CA PHE I 62 -29.98 24.36 -42.06
C PHE I 62 -28.51 24.07 -41.78
N THR I 63 -27.63 24.90 -42.33
CA THR I 63 -26.20 24.74 -42.15
C THR I 63 -25.63 25.98 -41.46
N GLY I 64 -24.51 25.79 -40.77
CA GLY I 64 -23.78 26.87 -40.15
C GLY I 64 -22.38 26.96 -40.73
N SER I 65 -21.86 28.19 -40.82
CA SER I 65 -20.55 28.43 -41.37
C SER I 65 -20.02 29.74 -40.82
N GLY I 66 -18.90 30.21 -41.36
CA GLY I 66 -18.32 31.47 -40.96
C GLY I 66 -17.45 31.38 -39.72
N SER I 67 -16.40 32.19 -39.67
CA SER I 67 -15.53 32.26 -38.51
C SER I 67 -15.00 33.69 -38.39
N GLY I 68 -14.25 33.94 -37.33
CA GLY I 68 -13.69 35.26 -37.09
C GLY I 68 -14.74 36.28 -36.67
N THR I 69 -15.05 37.22 -37.57
CA THR I 69 -16.05 38.25 -37.30
C THR I 69 -17.36 38.01 -38.02
N ASP I 70 -17.44 37.00 -38.89
CA ASP I 70 -18.65 36.71 -39.64
C ASP I 70 -19.13 35.31 -39.28
N TYR I 71 -20.44 35.19 -39.05
CA TYR I 71 -21.06 33.90 -38.73
C TYR I 71 -22.42 33.86 -39.40
N THR I 72 -22.68 32.80 -40.16
CA THR I 72 -23.77 32.78 -41.11
C THR I 72 -24.63 31.55 -40.92
N LEU I 73 -25.94 31.75 -40.82
CA LEU I 73 -26.93 30.68 -40.93
C LEU I 73 -27.38 30.58 -42.38
N THR I 74 -27.15 29.43 -43.00
CA THR I 74 -27.42 29.25 -44.42
C THR I 74 -28.42 28.12 -44.60
N ILE I 75 -29.42 28.36 -45.44
CA ILE I 75 -30.41 27.34 -45.78
C ILE I 75 -30.17 26.91 -47.22
N SER I 76 -30.87 25.89 -47.67
CA SER I 76 -30.85 25.47 -49.07
C SER I 76 -32.15 25.79 -49.80
N SER I 77 -33.28 25.48 -49.18
CA SER I 77 -34.59 25.75 -49.76
C SER I 77 -35.51 26.27 -48.66
N VAL I 78 -36.68 26.73 -49.07
CA VAL I 78 -37.67 27.30 -48.17
C VAL I 78 -38.95 26.47 -48.28
N GLN I 79 -39.47 26.04 -47.14
CA GLN I 79 -40.74 25.33 -47.06
C GLN I 79 -41.77 26.20 -46.37
N ALA I 80 -42.96 25.62 -46.13
CA ALA I 80 -44.10 26.43 -45.69
C ALA I 80 -43.99 26.82 -44.22
N GLU I 81 -43.39 25.99 -43.39
CA GLU I 81 -43.29 26.26 -41.95
C GLU I 81 -42.12 27.15 -41.59
N ASP I 82 -41.42 27.71 -42.58
CA ASP I 82 -40.20 28.46 -42.33
C ASP I 82 -40.46 29.92 -41.97
N LEU I 83 -41.71 30.39 -42.09
CA LEU I 83 -42.02 31.78 -41.79
C LEU I 83 -42.02 32.01 -40.29
N SER I 84 -40.86 32.37 -39.73
CA SER I 84 -40.74 32.48 -38.28
C SER I 84 -39.62 33.47 -37.96
N LEU I 85 -39.24 33.51 -36.67
CA LEU I 85 -38.29 34.48 -36.16
C LEU I 85 -36.92 33.82 -36.05
N TYR I 86 -35.87 34.53 -36.49
CA TYR I 86 -34.51 33.99 -36.54
C TYR I 86 -33.57 34.84 -35.70
N TYR I 87 -32.79 34.18 -34.84
CA TYR I 87 -31.90 34.84 -33.89
C TYR I 87 -30.47 34.34 -34.03
N CYS I 88 -29.51 35.26 -33.88
CA CYS I 88 -28.10 34.92 -33.72
C CYS I 88 -27.74 34.95 -32.23
N GLN I 89 -26.54 34.48 -31.91
CA GLN I 89 -26.16 34.30 -30.51
C GLN I 89 -24.65 34.17 -30.41
N GLN I 90 -24.10 34.66 -29.30
CA GLN I 90 -22.73 34.35 -28.91
C GLN I 90 -22.74 33.76 -27.51
N HIS I 91 -21.94 32.72 -27.29
CA HIS I 91 -21.85 32.11 -25.97
C HIS I 91 -20.40 31.78 -25.64
N TYR I 92 -19.49 32.69 -25.97
CA TYR I 92 -18.10 32.61 -25.56
C TYR I 92 -17.76 33.70 -24.55
N SER I 93 -18.73 34.10 -23.73
CA SER I 93 -18.54 35.10 -22.71
C SER I 93 -19.56 34.88 -21.60
N THR I 94 -19.44 35.68 -20.54
CA THR I 94 -20.37 35.61 -19.42
C THR I 94 -21.70 36.31 -19.70
N PRO I 95 -21.77 37.57 -20.27
CA PRO I 95 -23.11 38.07 -20.64
C PRO I 95 -23.66 37.38 -21.88
N ARG I 96 -24.71 36.58 -21.70
CA ARG I 96 -25.35 35.87 -22.80
C ARG I 96 -26.25 36.85 -23.53
N THR I 97 -25.63 37.62 -24.44
CA THR I 97 -26.29 38.68 -25.18
C THR I 97 -26.64 38.20 -26.57
N PHE I 98 -27.89 38.42 -26.97
CA PHE I 98 -28.37 37.95 -28.27
C PHE I 98 -28.14 39.04 -29.30
N GLY I 99 -28.78 38.92 -30.46
CA GLY I 99 -28.61 39.91 -31.52
C GLY I 99 -29.87 40.63 -31.92
N GLY I 100 -30.05 40.81 -33.23
CA GLY I 100 -31.16 41.64 -33.70
C GLY I 100 -32.49 40.92 -33.64
N GLY I 101 -32.53 39.67 -34.10
CA GLY I 101 -33.79 38.97 -34.28
C GLY I 101 -34.36 39.24 -35.65
N THR I 102 -34.73 38.19 -36.39
CA THR I 102 -35.13 38.35 -37.78
C THR I 102 -36.38 37.50 -38.04
N LYS I 103 -37.52 38.16 -38.14
CA LYS I 103 -38.70 37.51 -38.70
C LYS I 103 -38.52 37.36 -40.20
N LEU I 104 -38.78 36.17 -40.72
CA LEU I 104 -38.54 35.89 -42.12
C LEU I 104 -39.60 36.52 -43.01
N VAL J 2 -37.54 14.86 -21.20
CA VAL J 2 -37.56 15.62 -19.95
C VAL J 2 -37.79 17.10 -20.23
N GLN J 3 -38.88 17.63 -19.69
CA GLN J 3 -39.27 19.01 -19.96
C GLN J 3 -39.73 19.65 -18.65
N LEU J 4 -39.42 20.93 -18.49
CA LEU J 4 -39.80 21.68 -17.31
C LEU J 4 -41.28 22.07 -17.36
N GLN J 5 -41.74 22.73 -16.30
CA GLN J 5 -43.15 23.10 -16.18
C GLN J 5 -43.26 24.32 -15.28
N GLN J 6 -44.20 25.20 -15.60
CA GLN J 6 -44.41 26.43 -14.84
C GLN J 6 -45.86 26.49 -14.35
N SER J 7 -46.12 27.44 -13.46
CA SER J 7 -47.46 27.64 -12.93
C SER J 7 -48.21 28.65 -13.80
N GLY J 8 -49.36 29.11 -13.32
CA GLY J 8 -50.17 30.03 -14.09
C GLY J 8 -49.59 31.44 -14.09
N ALA J 9 -49.78 32.14 -15.21
CA ALA J 9 -49.25 33.49 -15.36
C ALA J 9 -50.04 34.49 -14.51
N GLU J 10 -49.36 35.53 -14.06
CA GLU J 10 -49.92 36.48 -13.11
C GLU J 10 -49.99 37.87 -13.72
N LEU J 11 -50.36 38.84 -12.88
CA LEU J 11 -50.57 40.23 -13.31
C LEU J 11 -50.34 41.13 -12.12
N MET J 12 -49.43 42.09 -12.26
CA MET J 12 -49.09 43.01 -11.18
C MET J 12 -49.04 44.44 -11.70
N LYS J 13 -49.04 45.39 -10.74
CA LYS J 13 -49.03 46.84 -10.70
C LYS J 13 -47.59 47.36 -10.56
N PRO J 14 -47.29 48.57 -11.04
CA PRO J 14 -45.89 49.04 -11.05
C PRO J 14 -45.33 49.29 -9.66
N GLY J 15 -44.07 48.93 -9.49
CA GLY J 15 -43.39 49.04 -8.21
C GLY J 15 -43.49 47.82 -7.32
N ALA J 16 -44.16 46.77 -7.77
CA ALA J 16 -44.40 45.59 -6.95
C ALA J 16 -43.29 44.56 -7.15
N ALA J 17 -43.53 43.34 -6.66
CA ALA J 17 -42.55 42.27 -6.72
C ALA J 17 -43.29 40.93 -6.72
N VAL J 18 -42.78 39.97 -7.50
CA VAL J 18 -43.46 38.69 -7.66
C VAL J 18 -42.42 37.61 -7.90
N LYS J 19 -42.76 36.38 -7.53
CA LYS J 19 -41.91 35.21 -7.72
C LYS J 19 -42.48 34.34 -8.84
N ILE J 20 -41.57 33.78 -9.64
CA ILE J 20 -41.93 32.90 -10.76
C ILE J 20 -41.40 31.51 -10.46
N SER J 21 -42.29 30.52 -10.45
CA SER J 21 -41.94 29.14 -10.13
C SER J 21 -41.67 28.34 -11.40
N CYS J 22 -40.86 27.28 -11.25
CA CYS J 22 -40.51 26.41 -12.38
C CYS J 22 -40.45 24.97 -11.87
N LYS J 23 -41.56 24.25 -11.98
CA LYS J 23 -41.63 22.85 -11.57
C LYS J 23 -40.84 21.98 -12.55
N ALA J 24 -40.08 21.04 -12.00
CA ALA J 24 -39.25 20.15 -12.80
C ALA J 24 -39.83 18.74 -12.78
N THR J 25 -40.00 18.17 -13.96
CA THR J 25 -40.51 16.80 -14.12
C THR J 25 -39.44 15.96 -14.80
N GLY J 26 -39.00 14.90 -14.14
CA GLY J 26 -38.08 13.97 -14.76
C GLY J 26 -36.85 13.64 -13.94
N HIS J 27 -36.30 14.62 -13.22
CA HIS J 27 -35.04 14.43 -12.52
C HIS J 27 -35.01 15.37 -11.32
N THR J 28 -33.83 15.48 -10.72
CA THR J 28 -33.60 16.40 -9.61
C THR J 28 -32.94 17.66 -10.17
N ILE J 29 -33.60 18.81 -9.99
CA ILE J 29 -33.21 20.02 -10.70
C ILE J 29 -31.92 20.61 -10.15
N SER J 30 -31.46 20.18 -8.97
CA SER J 30 -30.20 20.65 -8.42
C SER J 30 -29.00 20.09 -9.17
N ARG J 31 -29.19 19.09 -10.03
CA ARG J 31 -28.08 18.55 -10.80
C ARG J 31 -27.61 19.53 -11.88
N TYR J 32 -28.55 20.13 -12.60
CA TYR J 32 -28.24 20.94 -13.77
C TYR J 32 -28.47 22.42 -13.45
N TRP J 33 -28.04 23.27 -14.38
CA TRP J 33 -28.30 24.69 -14.27
C TRP J 33 -29.74 25.02 -14.64
N ILE J 34 -30.17 26.21 -14.24
CA ILE J 34 -31.44 26.81 -14.65
C ILE J 34 -31.16 28.26 -15.02
N ASP J 35 -31.55 28.66 -16.22
CA ASP J 35 -31.36 30.03 -16.70
C ASP J 35 -32.71 30.70 -16.90
N TRP J 36 -32.66 32.03 -17.06
CA TRP J 36 -33.87 32.82 -17.21
C TRP J 36 -33.68 33.82 -18.35
N LEU J 37 -34.71 33.96 -19.18
CA LEU J 37 -34.68 34.83 -20.34
C LEU J 37 -35.89 35.76 -20.36
N LYS J 38 -35.66 37.01 -20.70
CA LYS J 38 -36.68 38.05 -20.72
C LYS J 38 -37.09 38.36 -22.14
N GLN J 39 -38.33 38.03 -22.50
CA GLN J 39 -38.88 38.33 -23.82
C GLN J 39 -39.90 39.45 -23.69
N ARG J 40 -39.45 40.68 -23.88
CA ARG J 40 -40.36 41.82 -23.98
C ARG J 40 -40.77 41.97 -25.44
N PRO J 41 -42.07 41.98 -25.74
CA PRO J 41 -42.51 42.01 -27.13
C PRO J 41 -42.22 43.34 -27.80
N GLY J 42 -41.99 43.27 -29.10
CA GLY J 42 -41.41 44.38 -29.82
C GLY J 42 -39.90 44.22 -29.90
N HIS J 43 -39.27 44.08 -28.75
CA HIS J 43 -37.88 43.65 -28.67
C HIS J 43 -37.84 42.12 -28.65
N GLY J 44 -36.68 41.56 -28.31
CA GLY J 44 -36.54 40.12 -28.32
C GLY J 44 -36.26 39.49 -26.97
N LEU J 45 -35.48 38.42 -26.97
CA LEU J 45 -35.14 37.71 -25.76
C LEU J 45 -33.94 38.35 -25.07
N GLU J 46 -33.82 38.10 -23.77
CA GLU J 46 -32.77 38.74 -22.97
C GLU J 46 -32.50 37.87 -21.75
N TRP J 47 -31.30 37.29 -21.69
CA TRP J 47 -30.92 36.42 -20.58
C TRP J 47 -30.81 37.19 -19.28
N ILE J 48 -31.25 36.55 -18.18
CA ILE J 48 -31.24 37.20 -16.88
C ILE J 48 -30.07 36.68 -16.05
N GLY J 49 -30.07 35.39 -15.74
CA GLY J 49 -29.10 34.86 -14.81
C GLY J 49 -29.01 33.35 -14.85
N GLU J 50 -28.44 32.80 -13.79
CA GLU J 50 -28.21 31.36 -13.68
C GLU J 50 -28.22 30.95 -12.23
N ILE J 51 -28.63 29.71 -11.99
CA ILE J 51 -28.62 29.13 -10.64
C ILE J 51 -28.43 27.63 -10.69
N LEU J 52 -27.42 27.14 -9.97
CA LEU J 52 -27.35 25.74 -9.62
C LEU J 52 -28.17 25.58 -8.36
N PRO J 53 -29.29 24.84 -8.38
CA PRO J 53 -30.19 24.84 -7.22
C PRO J 53 -29.65 24.12 -6.00
N GLY J 54 -28.60 23.31 -6.13
CA GLY J 54 -27.95 22.75 -4.97
C GLY J 54 -27.12 23.77 -4.24
N SER J 55 -26.54 24.70 -5.00
CA SER J 55 -25.67 25.72 -4.43
C SER J 55 -26.38 27.06 -4.29
N GLY J 56 -27.13 27.47 -5.31
CA GLY J 56 -27.64 28.83 -5.34
C GLY J 56 -26.64 29.85 -5.78
N SER J 57 -25.48 29.43 -6.28
CA SER J 57 -24.49 30.35 -6.79
C SER J 57 -24.95 30.93 -8.13
N THR J 58 -24.89 32.25 -8.26
CA THR J 58 -25.48 32.94 -9.39
C THR J 58 -24.42 33.78 -10.10
N ASN J 59 -24.76 34.20 -11.32
CA ASN J 59 -24.04 35.25 -12.05
C ASN J 59 -25.10 36.13 -12.70
N TYR J 60 -25.50 37.18 -11.99
CA TYR J 60 -26.50 38.10 -12.53
C TYR J 60 -25.86 39.03 -13.57
N ASN J 61 -26.71 39.56 -14.45
CA ASN J 61 -26.24 40.36 -15.57
C ASN J 61 -25.87 41.76 -15.09
N GLU J 62 -25.04 42.44 -15.90
CA GLU J 62 -24.63 43.81 -15.58
C GLU J 62 -25.79 44.78 -15.67
N LYS J 63 -26.63 44.63 -16.70
CA LYS J 63 -27.85 45.42 -16.79
C LYS J 63 -28.88 45.00 -15.74
N PHE J 64 -28.78 43.76 -15.26
CA PHE J 64 -29.72 43.20 -14.29
C PHE J 64 -29.11 43.06 -12.91
N LYS J 65 -28.24 43.98 -12.51
CA LYS J 65 -27.66 43.96 -11.18
C LYS J 65 -28.72 44.31 -10.14
N GLY J 66 -28.96 43.38 -9.21
CA GLY J 66 -29.99 43.57 -8.21
C GLY J 66 -31.40 43.49 -8.75
N LYS J 67 -31.58 42.84 -9.89
CA LYS J 67 -32.90 42.78 -10.52
C LYS J 67 -33.68 41.54 -10.08
N ALA J 68 -33.04 40.38 -10.09
CA ALA J 68 -33.71 39.13 -9.81
C ALA J 68 -33.17 38.49 -8.53
N THR J 69 -33.97 37.58 -7.98
CA THR J 69 -33.62 36.84 -6.78
C THR J 69 -33.86 35.37 -7.03
N PHE J 70 -32.82 34.55 -6.89
CA PHE J 70 -32.87 33.15 -7.27
C PHE J 70 -32.86 32.27 -6.04
N THR J 71 -33.97 31.58 -5.79
CA THR J 71 -34.07 30.56 -4.76
C THR J 71 -34.57 29.27 -5.40
N ALA J 72 -34.61 28.20 -4.61
CA ALA J 72 -34.96 26.88 -5.11
C ALA J 72 -35.75 26.11 -4.06
N GLU J 73 -36.55 25.16 -4.53
CA GLU J 73 -37.36 24.30 -3.68
C GLU J 73 -36.98 22.85 -3.97
N LYS J 74 -36.13 22.28 -3.12
CA LYS J 74 -35.70 20.91 -3.31
C LYS J 74 -36.75 19.90 -2.86
N SER J 75 -37.77 20.34 -2.12
CA SER J 75 -38.79 19.42 -1.63
C SER J 75 -39.73 18.96 -2.74
N SER J 76 -39.81 19.71 -3.84
CA SER J 76 -40.66 19.30 -4.95
C SER J 76 -40.02 19.57 -6.31
N ASN J 77 -38.70 19.82 -6.36
CA ASN J 77 -37.93 20.14 -7.56
C ASN J 77 -38.53 21.36 -8.28
N THR J 78 -38.47 22.50 -7.62
CA THR J 78 -39.05 23.72 -8.18
C THR J 78 -38.05 24.86 -8.02
N ALA J 79 -37.80 25.58 -9.12
CA ALA J 79 -36.90 26.72 -9.13
C ALA J 79 -37.70 28.01 -9.08
N TYR J 80 -37.16 29.02 -8.39
CA TYR J 80 -37.87 30.27 -8.11
C TYR J 80 -37.04 31.44 -8.62
N MET J 81 -37.70 32.37 -9.30
CA MET J 81 -37.13 33.66 -9.67
C MET J 81 -38.03 34.77 -9.14
N GLN J 82 -37.50 35.57 -8.21
CA GLN J 82 -38.23 36.66 -7.60
C GLN J 82 -37.69 37.99 -8.10
N LEU J 83 -38.59 38.88 -8.50
CA LEU J 83 -38.24 40.19 -9.02
C LEU J 83 -38.52 41.26 -7.96
N SER J 84 -38.34 42.52 -8.35
CA SER J 84 -38.58 43.68 -7.50
C SER J 84 -38.63 44.92 -8.37
N SER J 85 -39.44 45.89 -7.92
CA SER J 85 -39.54 47.24 -8.49
C SER J 85 -39.94 47.21 -9.97
N LEU J 86 -41.16 46.74 -10.19
CA LEU J 86 -41.68 46.59 -11.54
C LEU J 86 -41.99 47.94 -12.16
N THR J 87 -41.51 48.15 -13.38
CA THR J 87 -41.78 49.36 -14.15
C THR J 87 -42.34 48.97 -15.51
N SER J 88 -42.60 49.98 -16.34
CA SER J 88 -43.18 49.73 -17.67
C SER J 88 -42.19 49.09 -18.63
N GLU J 89 -40.90 49.08 -18.28
CA GLU J 89 -39.90 48.36 -19.06
C GLU J 89 -39.91 46.86 -18.78
N ASP J 90 -40.74 46.40 -17.84
CA ASP J 90 -40.63 45.05 -17.30
C ASP J 90 -41.77 44.13 -17.71
N SER J 91 -42.73 44.61 -18.51
CA SER J 91 -43.77 43.73 -19.03
C SER J 91 -43.16 42.85 -20.12
N ALA J 92 -43.11 41.54 -19.88
CA ALA J 92 -42.35 40.66 -20.76
C ALA J 92 -42.86 39.22 -20.63
N VAL J 93 -42.17 38.32 -21.32
CA VAL J 93 -42.43 36.89 -21.26
C VAL J 93 -41.17 36.20 -20.75
N TYR J 94 -41.33 35.32 -19.77
CA TYR J 94 -40.19 34.71 -19.09
C TYR J 94 -40.12 33.22 -19.39
N TYR J 95 -38.93 32.66 -19.21
CA TYR J 95 -38.67 31.26 -19.52
C TYR J 95 -37.66 30.70 -18.53
N CYS J 96 -37.94 29.51 -18.00
CA CYS J 96 -36.93 28.74 -17.29
C CYS J 96 -36.40 27.67 -18.24
N ALA J 97 -35.16 27.85 -18.70
CA ALA J 97 -34.53 26.96 -19.65
C ALA J 97 -33.47 26.13 -18.94
N MET J 98 -32.92 25.17 -19.68
CA MET J 98 -31.88 24.29 -19.12
C MET J 98 -31.01 23.82 -20.29
N GLY J 99 -29.86 24.46 -20.47
CA GLY J 99 -28.97 24.12 -21.57
C GLY J 99 -27.80 23.26 -21.14
N VAL J 100 -27.78 22.01 -21.59
CA VAL J 100 -26.90 20.99 -21.03
C VAL J 100 -25.49 21.11 -21.57
N ARG J 101 -25.31 20.90 -22.87
CA ARG J 101 -23.94 20.81 -23.39
C ARG J 101 -23.35 22.16 -23.75
N GLY J 102 -23.42 23.11 -22.83
CA GLY J 102 -22.84 24.42 -23.08
C GLY J 102 -23.72 25.57 -22.61
N ASN J 103 -23.33 26.78 -22.99
CA ASN J 103 -24.04 27.97 -22.57
C ASN J 103 -25.32 28.23 -23.36
N TYR J 104 -25.58 27.46 -24.41
CA TYR J 104 -26.76 27.66 -25.24
C TYR J 104 -27.98 27.02 -24.57
N PHE J 105 -29.09 26.93 -25.30
CA PHE J 105 -30.35 26.54 -24.70
C PHE J 105 -31.05 25.48 -25.54
N ASP J 106 -31.38 24.33 -24.92
CA ASP J 106 -32.10 23.28 -25.63
C ASP J 106 -33.34 22.74 -24.91
N TYR J 107 -33.37 22.68 -23.58
CA TYR J 107 -34.56 22.27 -22.86
C TYR J 107 -35.27 23.49 -22.28
N TRP J 108 -36.59 23.40 -22.18
CA TRP J 108 -37.40 24.56 -21.83
C TRP J 108 -38.54 24.13 -20.92
N GLY J 109 -39.36 25.12 -20.55
CA GLY J 109 -40.64 24.88 -19.91
C GLY J 109 -41.77 25.09 -20.90
N GLN J 110 -42.63 26.09 -20.65
CA GLN J 110 -43.61 26.48 -21.66
C GLN J 110 -43.75 27.98 -21.83
N GLY J 111 -43.27 28.80 -20.91
CA GLY J 111 -43.38 30.24 -21.06
C GLY J 111 -44.41 30.84 -20.12
N THR J 112 -44.12 32.04 -19.64
CA THR J 112 -45.02 32.77 -18.75
C THR J 112 -44.96 34.25 -19.10
N THR J 113 -46.10 34.83 -19.44
CA THR J 113 -46.19 36.24 -19.82
C THR J 113 -46.62 37.05 -18.61
N LEU J 114 -45.87 38.11 -18.32
CA LEU J 114 -46.16 38.99 -17.20
C LEU J 114 -46.24 40.42 -17.69
N THR J 115 -47.24 41.17 -17.23
CA THR J 115 -47.47 42.53 -17.67
C THR J 115 -47.52 43.45 -16.46
N VAL J 116 -46.77 44.53 -16.51
CA VAL J 116 -46.73 45.50 -15.43
C VAL J 116 -47.83 46.54 -15.63
N SER K 37 38.28 26.15 3.84
CA SER K 37 36.86 26.29 4.13
C SER K 37 36.15 24.93 4.09
N PRO K 38 35.18 24.74 4.99
CA PRO K 38 34.36 23.51 4.91
C PRO K 38 33.52 23.43 3.64
N SER K 39 33.12 24.57 3.08
CA SER K 39 32.50 24.55 1.76
C SER K 39 33.52 24.19 0.70
N ASP K 40 34.73 24.72 0.82
CA ASP K 40 35.79 24.39 -0.12
C ASP K 40 36.35 22.98 0.09
N PHE K 41 36.06 22.37 1.24
CA PHE K 41 36.46 20.98 1.48
C PHE K 41 35.71 20.04 0.54
N LEU K 42 34.39 20.20 0.47
CA LEU K 42 33.60 19.38 -0.45
C LEU K 42 33.80 19.79 -1.90
N ASP K 43 34.29 21.02 -2.15
CA ASP K 43 34.59 21.44 -3.51
C ASP K 43 35.76 20.66 -4.09
N LYS K 44 36.72 20.27 -3.28
CA LYS K 44 37.79 19.39 -3.72
C LYS K 44 37.38 17.93 -3.67
N LEU K 45 36.43 17.57 -2.80
CA LEU K 45 35.95 16.20 -2.74
C LEU K 45 35.05 15.87 -3.92
N MET K 46 33.95 16.58 -4.07
CA MET K 46 32.94 16.33 -5.08
C MET K 46 32.68 17.60 -5.89
N GLY K 47 31.72 17.52 -6.79
CA GLY K 47 31.30 18.69 -7.54
C GLY K 47 32.06 18.93 -8.83
N ARG K 48 32.20 20.21 -9.19
CA ARG K 48 32.72 20.58 -10.51
C ARG K 48 34.25 20.50 -10.57
N THR K 49 34.93 21.19 -9.65
CA THR K 49 36.38 21.29 -9.66
C THR K 49 37.06 19.98 -9.29
N SER K 50 36.34 19.09 -8.60
CA SER K 50 36.92 17.82 -8.17
C SER K 50 37.19 16.89 -9.34
N GLY K 51 36.23 16.75 -10.25
CA GLY K 51 36.35 15.77 -11.30
C GLY K 51 36.01 14.37 -10.87
N TYR K 52 35.39 14.20 -9.72
CA TYR K 52 34.97 12.90 -9.25
C TYR K 52 33.85 12.36 -10.12
N ASP K 53 33.83 11.04 -10.30
CA ASP K 53 32.74 10.33 -10.96
C ASP K 53 32.20 9.28 -10.00
N ALA K 54 30.88 9.24 -9.83
CA ALA K 54 30.25 8.25 -8.99
C ALA K 54 29.84 6.99 -9.73
N ARG K 55 29.99 6.99 -11.06
CA ARG K 55 29.55 5.88 -11.89
C ARG K 55 30.62 4.81 -12.06
N ILE K 56 31.77 4.97 -11.42
CA ILE K 56 32.91 4.09 -11.59
C ILE K 56 33.22 3.45 -10.24
N ARG K 57 33.43 2.15 -10.24
CA ARG K 57 33.85 1.45 -9.02
C ARG K 57 35.25 1.90 -8.59
N PRO K 58 35.55 1.83 -7.30
CA PRO K 58 36.93 2.08 -6.85
C PRO K 58 37.87 0.98 -7.30
N ASN K 59 39.15 1.35 -7.42
CA ASN K 59 40.21 0.50 -7.98
C ASN K 59 39.84 0.01 -9.38
N PHE K 60 39.54 0.96 -10.26
CA PHE K 60 39.16 0.63 -11.62
C PHE K 60 40.39 0.27 -12.44
N LYS K 61 40.17 -0.57 -13.47
CA LYS K 61 41.22 -1.22 -14.25
C LYS K 61 42.20 -1.96 -13.37
N GLY K 62 41.68 -2.82 -12.49
CA GLY K 62 42.51 -3.52 -11.55
C GLY K 62 41.75 -4.40 -10.59
N PRO K 63 42.08 -4.30 -9.29
CA PRO K 63 41.54 -5.23 -8.32
C PRO K 63 40.07 -5.00 -8.07
N PRO K 64 39.35 -6.00 -7.57
CA PRO K 64 37.95 -5.79 -7.17
C PRO K 64 37.89 -5.13 -5.80
N VAL K 65 36.67 -4.98 -5.32
CA VAL K 65 36.39 -4.35 -4.04
C VAL K 65 35.83 -5.40 -3.09
N ASN K 66 36.59 -5.72 -2.04
CA ASN K 66 36.03 -6.54 -0.98
C ASN K 66 35.30 -5.64 0.01
N VAL K 67 34.17 -6.14 0.53
CA VAL K 67 33.31 -5.35 1.39
C VAL K 67 33.18 -6.07 2.72
N SER K 68 33.82 -5.54 3.75
CA SER K 68 33.55 -5.99 5.11
C SER K 68 32.26 -5.33 5.58
N CYS K 69 31.31 -6.14 6.05
CA CYS K 69 29.98 -5.61 6.32
C CYS K 69 29.29 -6.49 7.35
N ASN K 70 28.37 -5.88 8.09
CA ASN K 70 27.51 -6.62 9.01
C ASN K 70 26.19 -5.87 9.17
N ILE K 71 25.23 -6.53 9.80
CA ILE K 71 23.89 -5.99 9.98
C ILE K 71 23.70 -5.62 11.44
N PHE K 72 22.90 -4.58 11.66
CA PHE K 72 22.55 -4.10 13.01
C PHE K 72 21.04 -4.26 13.10
N ILE K 73 20.58 -5.40 13.62
CA ILE K 73 19.14 -5.66 13.63
C ILE K 73 18.46 -4.81 14.70
N ASN K 74 17.23 -4.40 14.41
CA ASN K 74 16.45 -3.57 15.33
C ASN K 74 15.21 -4.30 15.83
N SER K 75 14.31 -4.71 14.95
CA SER K 75 13.10 -5.45 15.32
C SER K 75 13.04 -6.67 14.43
N PHE K 76 13.77 -7.71 14.83
CA PHE K 76 13.63 -9.00 14.21
C PHE K 76 12.36 -9.68 14.72
N GLY K 77 11.72 -10.45 13.86
CA GLY K 77 10.56 -11.20 14.28
C GLY K 77 9.37 -11.10 13.35
N SER K 78 8.17 -11.27 13.94
CA SER K 78 6.89 -11.37 13.22
C SER K 78 6.94 -12.47 12.15
N ILE K 79 7.34 -13.66 12.59
CA ILE K 79 7.38 -14.81 11.70
C ILE K 79 5.96 -15.26 11.37
N ALA K 80 5.63 -15.27 10.08
CA ALA K 80 4.31 -15.65 9.63
C ALA K 80 4.27 -17.12 9.25
N GLU K 81 3.13 -17.76 9.50
CA GLU K 81 2.98 -19.17 9.17
C GLU K 81 2.49 -19.37 7.74
N THR K 82 1.38 -18.72 7.39
CA THR K 82 0.82 -18.89 6.05
C THR K 82 1.65 -18.14 5.01
N THR K 83 1.99 -16.88 5.28
CA THR K 83 2.74 -16.06 4.34
C THR K 83 4.19 -16.52 4.23
N MET K 84 4.70 -17.21 5.27
CA MET K 84 6.03 -17.82 5.31
C MET K 84 7.14 -16.76 5.14
N ASP K 85 7.09 -15.76 6.00
CA ASP K 85 8.09 -14.71 6.00
C ASP K 85 8.19 -14.10 7.40
N TYR K 86 8.99 -13.05 7.52
CA TYR K 86 9.19 -12.36 8.79
C TYR K 86 9.64 -10.95 8.49
N ARG K 87 9.07 -9.97 9.19
CA ARG K 87 9.41 -8.57 8.96
C ARG K 87 10.53 -8.17 9.91
N VAL K 88 11.69 -7.83 9.35
CA VAL K 88 12.87 -7.47 10.13
C VAL K 88 13.26 -6.04 9.79
N ASN K 89 13.73 -5.31 10.79
CA ASN K 89 14.26 -3.97 10.65
C ASN K 89 15.74 -4.00 11.00
N ILE K 90 16.59 -3.61 10.05
CA ILE K 90 18.04 -3.67 10.23
C ILE K 90 18.66 -2.33 9.86
N PHE K 91 19.84 -2.08 10.42
CA PHE K 91 20.81 -1.19 9.82
C PHE K 91 21.82 -2.06 9.09
N LEU K 92 22.43 -1.51 8.04
CA LEU K 92 23.40 -2.26 7.25
C LEU K 92 24.71 -1.48 7.21
N ARG K 93 25.64 -1.87 8.07
CA ARG K 93 27.00 -1.35 7.97
C ARG K 93 27.71 -2.04 6.82
N GLN K 94 28.48 -1.28 6.06
CA GLN K 94 29.45 -1.85 5.13
C GLN K 94 30.64 -0.92 5.02
N GLN K 95 31.80 -1.50 4.72
CA GLN K 95 33.04 -0.75 4.58
C GLN K 95 33.77 -1.23 3.33
N TRP K 96 34.46 -0.30 2.69
CA TRP K 96 35.32 -0.62 1.56
C TRP K 96 36.40 0.45 1.49
N ASN K 97 37.15 0.46 0.40
CA ASN K 97 38.16 1.46 0.14
C ASN K 97 37.86 2.15 -1.16
N ASP K 98 37.83 3.49 -1.14
CA ASP K 98 37.76 4.31 -2.34
C ASP K 98 39.04 5.13 -2.36
N PRO K 99 40.13 4.62 -2.94
CA PRO K 99 41.45 5.24 -2.77
C PRO K 99 41.68 6.50 -3.59
N ARG K 100 40.69 6.98 -4.35
CA ARG K 100 40.84 8.24 -5.07
C ARG K 100 40.32 9.43 -4.26
N LEU K 101 40.19 9.26 -2.94
CA LEU K 101 39.67 10.32 -2.07
C LEU K 101 40.69 10.69 -1.00
N ALA K 102 41.95 10.82 -1.40
CA ALA K 102 42.99 11.21 -0.45
C ALA K 102 42.95 12.71 -0.23
N TYR K 103 43.28 13.12 1.00
CA TYR K 103 43.29 14.54 1.34
C TYR K 103 44.29 14.80 2.45
N ASN K 104 44.92 15.96 2.39
CA ASN K 104 45.84 16.42 3.42
C ASN K 104 45.44 17.79 3.95
N GLU K 105 44.21 18.25 3.67
CA GLU K 105 43.81 19.59 4.08
C GLU K 105 43.46 19.64 5.56
N TYR K 106 42.48 18.83 5.97
CA TYR K 106 42.03 18.82 7.36
C TYR K 106 42.56 17.57 8.05
N PRO K 107 43.23 17.69 9.19
CA PRO K 107 43.92 16.54 9.79
C PRO K 107 43.02 15.59 10.58
N ASP K 108 41.70 15.71 10.47
CA ASP K 108 40.82 14.78 11.17
C ASP K 108 40.83 13.42 10.50
N ASP K 109 40.92 12.37 11.31
CA ASP K 109 40.96 11.00 10.80
C ASP K 109 39.55 10.52 10.46
N SER K 110 38.70 10.41 11.48
CA SER K 110 37.30 10.10 11.25
C SER K 110 36.51 11.38 11.01
N LEU K 111 35.65 11.37 10.00
CA LEU K 111 34.98 12.59 9.58
C LEU K 111 33.64 12.24 8.98
N ASP K 112 32.56 12.58 9.68
CA ASP K 112 31.22 12.38 9.15
C ASP K 112 30.92 13.42 8.08
N LEU K 113 29.93 13.11 7.24
CA LEU K 113 29.56 14.02 6.15
C LEU K 113 28.05 14.18 6.13
N ASP K 114 27.58 14.87 5.09
CA ASP K 114 26.16 15.08 4.85
C ASP K 114 25.47 13.78 4.49
N PRO K 115 24.38 13.41 5.17
CA PRO K 115 23.71 12.13 4.89
C PRO K 115 22.88 12.11 3.62
N SER K 116 22.93 13.18 2.83
CA SER K 116 22.24 13.22 1.55
C SER K 116 23.18 13.34 0.36
N MET K 117 24.49 13.48 0.58
CA MET K 117 25.45 13.51 -0.52
C MET K 117 25.91 12.13 -0.95
N LEU K 118 25.31 11.08 -0.41
CA LEU K 118 25.73 9.72 -0.73
C LEU K 118 25.38 9.31 -2.15
N ASP K 119 24.41 9.97 -2.78
CA ASP K 119 24.12 9.70 -4.17
C ASP K 119 25.14 10.32 -5.11
N SER K 120 26.00 11.21 -4.61
CA SER K 120 27.06 11.81 -5.39
C SER K 120 28.36 11.02 -5.32
N ILE K 121 28.36 9.84 -4.70
CA ILE K 121 29.54 8.98 -4.61
C ILE K 121 29.15 7.54 -4.96
N TRP K 122 30.17 6.71 -5.13
CA TRP K 122 29.97 5.32 -5.51
C TRP K 122 29.31 4.55 -4.38
N LYS K 123 28.48 3.58 -4.74
CA LYS K 123 27.77 2.78 -3.76
C LYS K 123 27.71 1.34 -4.25
N PRO K 124 27.80 0.37 -3.36
CA PRO K 124 27.56 -1.02 -3.75
C PRO K 124 26.10 -1.25 -4.12
N ASP K 125 25.89 -2.33 -4.85
CA ASP K 125 24.60 -2.64 -5.47
C ASP K 125 23.93 -3.85 -4.82
N LEU K 126 24.04 -3.96 -3.50
CA LEU K 126 23.53 -5.12 -2.79
C LEU K 126 22.01 -5.11 -2.76
N PHE K 127 21.43 -6.32 -2.81
CA PHE K 127 20.02 -6.50 -2.57
C PHE K 127 19.86 -7.78 -1.78
N PHE K 128 18.62 -8.18 -1.53
CA PHE K 128 18.34 -9.41 -0.81
C PHE K 128 17.55 -10.34 -1.72
N ALA K 129 17.88 -11.63 -1.64
CA ALA K 129 17.34 -12.60 -2.59
C ALA K 129 15.84 -12.83 -2.36
N ASN K 130 15.45 -13.08 -1.11
CA ASN K 130 14.06 -13.32 -0.76
C ASN K 130 13.41 -12.14 -0.06
N GLU K 131 13.73 -10.91 -0.50
CA GLU K 131 13.35 -9.71 0.24
C GLU K 131 11.84 -9.47 0.27
N LYS K 132 11.12 -9.84 -0.80
CA LYS K 132 9.67 -9.89 -0.88
C LYS K 132 9.01 -8.51 -0.69
N GLY K 133 9.77 -7.42 -0.84
CA GLY K 133 9.27 -6.10 -0.55
C GLY K 133 10.16 -5.36 0.42
N ALA K 134 10.66 -4.20 0.00
CA ALA K 134 11.60 -3.45 0.83
C ALA K 134 11.61 -2.00 0.37
N HIS K 135 12.10 -1.12 1.24
CA HIS K 135 12.12 0.30 0.96
C HIS K 135 13.13 0.99 1.88
N PHE K 136 13.41 2.25 1.55
CA PHE K 136 14.29 3.10 2.33
C PHE K 136 13.54 3.68 3.52
N HIS K 137 14.16 4.65 4.18
CA HIS K 137 13.51 5.40 5.27
C HIS K 137 13.99 6.85 5.17
N GLU K 138 13.17 7.69 4.54
CA GLU K 138 13.47 9.10 4.39
C GLU K 138 12.80 9.94 5.46
N ILE K 139 12.63 9.39 6.65
CA ILE K 139 11.91 10.08 7.72
C ILE K 139 12.81 11.17 8.27
N THR K 140 12.47 12.42 7.92
CA THR K 140 13.06 13.72 8.31
C THR K 140 14.44 13.97 7.73
N THR K 141 15.06 12.94 7.13
CA THR K 141 16.39 12.94 6.54
C THR K 141 16.49 11.56 5.89
N ASP K 142 17.24 11.45 4.79
CA ASP K 142 17.67 10.15 4.31
C ASP K 142 18.47 9.45 5.41
N ASN K 143 17.92 8.39 6.00
CA ASN K 143 18.56 7.70 7.12
C ASN K 143 19.75 6.89 6.65
N LYS K 144 20.81 7.59 6.21
CA LYS K 144 21.84 7.03 5.33
C LYS K 144 23.17 7.62 5.78
N LEU K 145 23.87 6.87 6.63
CA LEU K 145 25.12 7.36 7.19
C LEU K 145 26.24 7.26 6.17
N LEU K 146 27.15 8.23 6.21
CA LEU K 146 28.28 8.28 5.29
C LEU K 146 29.47 8.86 6.06
N ARG K 147 30.44 8.00 6.37
CA ARG K 147 31.64 8.40 7.11
C ARG K 147 32.86 8.06 6.28
N ILE K 148 33.71 9.05 6.04
CA ILE K 148 34.91 8.90 5.21
C ILE K 148 36.14 9.06 6.09
N SER K 149 37.05 8.10 6.02
CA SER K 149 38.28 8.16 6.78
C SER K 149 39.28 9.10 6.11
N ARG K 150 40.51 9.10 6.65
CA ARG K 150 41.54 9.98 6.14
C ARG K 150 42.10 9.47 4.81
N ASN K 151 42.33 8.16 4.71
CA ASN K 151 42.99 7.61 3.54
C ASN K 151 42.03 7.42 2.37
N GLY K 152 40.78 7.07 2.65
CA GLY K 152 39.84 6.79 1.59
C GLY K 152 38.91 5.64 1.91
N ASN K 153 39.10 5.02 3.08
CA ASN K 153 38.16 4.00 3.53
C ASN K 153 36.85 4.68 3.93
N VAL K 154 35.73 4.04 3.62
CA VAL K 154 34.41 4.64 3.78
C VAL K 154 33.58 3.76 4.71
N LEU K 155 33.14 4.35 5.81
CA LEU K 155 32.12 3.74 6.65
C LEU K 155 30.75 4.19 6.18
N TYR K 156 29.83 3.24 6.08
CA TYR K 156 28.54 3.46 5.45
C TYR K 156 27.48 2.69 6.22
N SER K 157 26.31 3.28 6.38
CA SER K 157 25.24 2.62 7.13
C SER K 157 23.89 3.17 6.70
N ILE K 158 22.96 2.26 6.38
CA ILE K 158 21.60 2.62 5.99
C ILE K 158 20.62 1.69 6.71
N ARG K 159 19.37 2.14 6.78
CA ARG K 159 18.31 1.46 7.50
C ARG K 159 17.31 0.88 6.51
N ILE K 160 17.10 -0.44 6.57
CA ILE K 160 16.25 -1.15 5.62
C ILE K 160 15.28 -2.02 6.40
N THR K 161 13.99 -1.91 6.08
CA THR K 161 12.97 -2.84 6.57
C THR K 161 12.72 -3.89 5.51
N LEU K 162 12.78 -5.16 5.91
CA LEU K 162 12.59 -6.28 5.01
C LEU K 162 11.38 -7.11 5.44
N THR K 163 10.95 -7.99 4.54
CA THR K 163 9.94 -9.01 4.83
C THR K 163 10.39 -10.36 4.26
N LEU K 164 11.61 -10.74 4.65
CA LEU K 164 12.33 -11.91 4.12
C LEU K 164 11.55 -13.20 4.26
N ALA K 165 11.45 -13.94 3.16
CA ALA K 165 10.69 -15.19 3.09
C ALA K 165 11.65 -16.36 3.17
N CYS K 166 11.48 -17.21 4.18
CA CYS K 166 12.33 -18.37 4.33
C CYS K 166 11.56 -19.63 4.01
N PRO K 167 12.08 -20.51 3.14
CA PRO K 167 11.46 -21.82 2.96
C PRO K 167 11.64 -22.68 4.19
N MET K 168 10.56 -22.90 4.93
CA MET K 168 10.63 -23.50 6.25
C MET K 168 10.19 -24.96 6.20
N ASP K 169 11.06 -25.85 6.68
CA ASP K 169 10.72 -27.26 6.81
C ASP K 169 9.95 -27.45 8.12
N LEU K 170 8.70 -27.88 8.02
CA LEU K 170 7.79 -27.92 9.15
C LEU K 170 7.29 -29.33 9.40
N LYS K 171 8.21 -30.30 9.40
CA LYS K 171 7.84 -31.67 9.75
C LYS K 171 7.47 -31.80 11.21
N ASN K 172 8.16 -31.07 12.08
CA ASN K 172 7.83 -30.99 13.50
C ASN K 172 7.68 -29.52 13.87
N PHE K 173 6.48 -28.98 13.61
CA PHE K 173 6.26 -27.54 13.73
C PHE K 173 6.32 -26.99 15.15
N PRO K 174 5.76 -27.62 16.21
CA PRO K 174 5.93 -27.04 17.55
C PRO K 174 7.32 -27.23 18.13
N MET K 175 8.20 -28.01 17.49
CA MET K 175 9.57 -28.20 17.96
C MET K 175 10.56 -28.07 16.82
N ASP K 176 10.43 -27.02 16.02
CA ASP K 176 11.31 -26.82 14.88
C ASP K 176 12.41 -25.82 15.19
N VAL K 177 13.53 -25.98 14.51
CA VAL K 177 14.66 -25.03 14.57
C VAL K 177 14.84 -24.55 13.14
N GLN K 178 14.28 -23.37 12.84
CA GLN K 178 14.15 -22.92 11.46
C GLN K 178 15.26 -21.93 11.15
N THR K 179 16.18 -22.34 10.27
CA THR K 179 17.29 -21.50 9.83
C THR K 179 16.77 -20.60 8.73
N CYS K 180 16.11 -19.52 9.14
CA CYS K 180 15.60 -18.54 8.18
C CYS K 180 16.68 -17.52 7.88
N ILE K 181 16.89 -17.24 6.60
CA ILE K 181 18.12 -16.63 6.12
C ILE K 181 17.80 -15.35 5.37
N MET K 182 18.84 -14.54 5.17
CA MET K 182 18.89 -13.51 4.16
C MET K 182 20.10 -13.79 3.28
N GLN K 183 20.08 -13.24 2.07
CA GLN K 183 21.18 -13.45 1.12
C GLN K 183 21.51 -12.11 0.47
N LEU K 184 22.61 -11.51 0.91
CA LEU K 184 23.13 -10.36 0.19
C LEU K 184 23.72 -10.82 -1.14
N GLU K 185 23.61 -9.95 -2.14
CA GLU K 185 23.94 -10.33 -3.51
C GLU K 185 24.19 -9.07 -4.33
N SER K 186 25.27 -9.06 -5.09
CA SER K 186 25.52 -7.99 -6.04
C SER K 186 24.87 -8.34 -7.36
N PHE K 187 24.35 -7.31 -8.04
CA PHE K 187 23.65 -7.52 -9.30
C PHE K 187 24.32 -6.83 -10.48
N GLY K 188 24.59 -5.53 -10.40
CA GLY K 188 25.16 -4.83 -11.52
C GLY K 188 26.66 -4.95 -11.68
N TYR K 189 27.31 -5.84 -10.93
CA TYR K 189 28.74 -6.05 -11.05
C TYR K 189 29.05 -7.53 -10.82
N THR K 190 30.00 -8.06 -11.58
CA THR K 190 30.41 -9.44 -11.45
C THR K 190 31.48 -9.58 -10.37
N MET K 191 32.08 -10.76 -10.24
CA MET K 191 33.05 -11.00 -9.19
C MET K 191 34.44 -10.49 -9.52
N ASN K 192 34.67 -9.98 -10.73
CA ASN K 192 35.88 -9.25 -11.01
C ASN K 192 35.76 -7.76 -10.69
N ASP K 193 34.65 -7.35 -10.08
CA ASP K 193 34.43 -5.95 -9.74
C ASP K 193 34.08 -5.71 -8.28
N LEU K 194 33.47 -6.68 -7.60
CA LEU K 194 32.94 -6.44 -6.26
C LEU K 194 32.85 -7.75 -5.50
N ILE K 195 33.34 -7.76 -4.27
CA ILE K 195 33.31 -8.93 -3.40
C ILE K 195 32.64 -8.54 -2.10
N PHE K 196 31.68 -9.33 -1.66
CA PHE K 196 31.09 -9.19 -0.33
C PHE K 196 31.79 -10.13 0.63
N GLU K 197 32.07 -9.64 1.83
CA GLU K 197 32.68 -10.42 2.90
C GLU K 197 31.94 -10.12 4.20
N TRP K 198 32.34 -10.78 5.27
CA TRP K 198 31.85 -10.42 6.59
C TRP K 198 32.96 -9.71 7.35
N GLN K 199 32.71 -9.38 8.61
CA GLN K 199 33.73 -8.76 9.44
C GLN K 199 34.57 -9.85 10.11
N GLU K 200 35.86 -9.56 10.29
CA GLU K 200 36.77 -10.54 10.88
C GLU K 200 36.45 -10.81 12.34
N GLN K 201 36.03 -9.78 13.08
CA GLN K 201 35.64 -9.92 14.47
C GLN K 201 34.30 -9.24 14.67
N GLY K 202 33.30 -10.00 15.12
CA GLY K 202 31.98 -9.45 15.32
C GLY K 202 31.28 -9.13 14.02
N ALA K 203 30.90 -10.17 13.27
CA ALA K 203 30.34 -10.02 11.94
C ALA K 203 28.81 -10.00 11.94
N VAL K 204 28.19 -9.90 13.12
CA VAL K 204 26.75 -9.72 13.24
C VAL K 204 26.49 -9.09 14.61
N GLN K 205 25.53 -8.18 14.66
CA GLN K 205 25.18 -7.51 15.91
C GLN K 205 23.69 -7.66 16.17
N VAL K 206 23.35 -7.95 17.42
CA VAL K 206 21.96 -8.06 17.87
C VAL K 206 21.72 -6.96 18.90
N ALA K 207 20.77 -6.08 18.61
CA ALA K 207 20.37 -5.09 19.60
C ALA K 207 19.63 -5.76 20.75
N ASP K 208 19.92 -5.32 21.97
CA ASP K 208 19.43 -6.00 23.16
C ASP K 208 17.93 -5.80 23.34
N GLY K 209 17.36 -6.65 24.19
CA GLY K 209 15.95 -6.61 24.51
C GLY K 209 15.03 -7.16 23.44
N LEU K 210 15.57 -7.70 22.35
CA LEU K 210 14.73 -8.24 21.29
C LEU K 210 14.22 -9.60 21.72
N THR K 211 13.08 -9.63 22.41
CA THR K 211 12.42 -10.86 22.79
C THR K 211 11.17 -11.05 21.94
N LEU K 212 10.88 -12.29 21.60
CA LEU K 212 9.85 -12.56 20.62
C LEU K 212 8.82 -13.56 21.14
N PRO K 213 7.56 -13.42 20.74
CA PRO K 213 6.59 -14.48 21.02
C PRO K 213 6.90 -15.70 20.17
N GLN K 214 6.79 -16.87 20.82
CA GLN K 214 7.04 -18.21 20.27
C GLN K 214 8.48 -18.42 19.79
N PHE K 215 9.41 -17.52 20.11
CA PHE K 215 10.74 -17.64 19.53
C PHE K 215 11.79 -17.12 20.51
N ILE K 216 12.99 -17.65 20.35
CA ILE K 216 14.21 -17.04 20.86
C ILE K 216 15.22 -17.00 19.73
N LEU K 217 15.99 -15.93 19.69
CA LEU K 217 17.09 -15.82 18.72
C LEU K 217 18.32 -16.48 19.29
N LYS K 218 18.79 -17.53 18.62
CA LYS K 218 19.97 -18.23 19.09
C LYS K 218 21.22 -17.39 18.82
N GLU K 219 22.16 -17.47 19.75
CA GLU K 219 23.27 -16.51 19.77
C GLU K 219 24.32 -16.85 18.73
N GLU K 220 24.67 -18.12 18.60
CA GLU K 220 25.60 -18.53 17.57
C GLU K 220 24.92 -18.48 16.21
N LYS K 221 25.65 -17.95 15.22
CA LYS K 221 25.10 -17.71 13.89
C LYS K 221 26.13 -18.14 12.86
N ASP K 222 25.71 -18.99 11.93
CA ASP K 222 26.59 -19.42 10.85
C ASP K 222 26.63 -18.34 9.77
N LEU K 223 27.83 -18.00 9.31
CA LEU K 223 28.01 -16.98 8.28
C LEU K 223 28.92 -17.58 7.21
N ARG K 224 28.31 -18.16 6.18
CA ARG K 224 29.00 -18.92 5.15
C ARG K 224 28.98 -18.16 3.82
N TYR K 225 29.48 -18.82 2.77
CA TYR K 225 29.56 -18.24 1.44
C TYR K 225 28.60 -18.94 0.50
N CYS K 226 27.44 -18.34 0.27
CA CYS K 226 26.70 -18.61 -0.96
C CYS K 226 27.43 -17.99 -2.14
N THR K 227 27.08 -18.42 -3.35
CA THR K 227 27.62 -17.80 -4.55
C THR K 227 26.63 -18.03 -5.67
N LYS K 228 26.31 -16.97 -6.41
CA LYS K 228 25.40 -17.06 -7.53
C LYS K 228 26.18 -17.03 -8.83
N HIS K 229 25.88 -17.96 -9.72
CA HIS K 229 26.36 -17.95 -11.09
C HIS K 229 25.16 -17.78 -12.00
N TYR K 230 25.08 -16.66 -12.70
CA TYR K 230 23.98 -16.43 -13.61
C TYR K 230 24.47 -16.52 -15.05
N ASN K 231 23.55 -16.28 -15.98
CA ASN K 231 23.90 -16.27 -17.39
C ASN K 231 24.77 -15.07 -17.73
N THR K 232 24.68 -14.01 -16.94
CA THR K 232 25.61 -12.89 -17.09
C THR K 232 27.00 -13.27 -16.57
N GLY K 233 27.06 -14.13 -15.56
CA GLY K 233 28.34 -14.59 -15.05
C GLY K 233 28.44 -14.87 -13.56
N LYS K 234 29.63 -14.65 -13.01
CA LYS K 234 29.89 -14.90 -11.59
C LYS K 234 29.42 -13.74 -10.72
N PHE K 235 28.58 -14.04 -9.72
CA PHE K 235 28.10 -13.04 -8.77
C PHE K 235 28.47 -13.42 -7.34
N THR K 236 28.93 -12.44 -6.57
CA THR K 236 29.31 -12.66 -5.18
C THR K 236 28.07 -12.69 -4.31
N CYS K 237 28.08 -13.57 -3.31
CA CYS K 237 26.98 -13.71 -2.39
C CYS K 237 27.55 -13.94 -0.99
N ILE K 238 26.86 -13.39 0.02
CA ILE K 238 27.11 -13.73 1.41
C ILE K 238 25.75 -13.84 2.10
N GLU K 239 25.70 -14.62 3.17
CA GLU K 239 24.42 -14.93 3.78
C GLU K 239 24.60 -15.18 5.27
N ALA K 240 23.52 -14.97 6.01
CA ALA K 240 23.46 -15.25 7.43
C ALA K 240 22.52 -16.42 7.69
N ARG K 241 22.68 -17.04 8.86
CA ARG K 241 21.89 -18.21 9.25
C ARG K 241 21.29 -17.93 10.62
N PHE K 242 20.01 -17.61 10.66
CA PHE K 242 19.31 -17.33 11.91
C PHE K 242 18.52 -18.57 12.33
N HIS K 243 19.08 -19.33 13.25
CA HIS K 243 18.40 -20.51 13.78
C HIS K 243 17.29 -20.06 14.73
N LEU K 244 16.05 -20.38 14.39
CA LEU K 244 14.90 -20.00 15.21
C LEU K 244 14.48 -21.17 16.07
N GLU K 245 14.95 -21.19 17.31
CA GLU K 245 14.49 -22.17 18.28
C GLU K 245 13.10 -21.73 18.76
N ARG K 246 12.07 -22.46 18.34
CA ARG K 246 10.71 -22.05 18.63
C ARG K 246 10.36 -22.32 20.09
N GLN K 247 9.74 -21.33 20.72
CA GLN K 247 9.20 -21.50 22.07
C GLN K 247 7.80 -22.07 21.95
N MET K 248 7.60 -23.27 22.51
CA MET K 248 6.35 -24.01 22.42
C MET K 248 5.32 -23.60 23.45
N GLY K 249 5.50 -22.44 24.11
CA GLY K 249 4.62 -22.04 25.18
C GLY K 249 3.20 -21.70 24.74
N TYR K 250 3.02 -21.35 23.47
CA TYR K 250 1.67 -21.08 22.99
C TYR K 250 0.88 -22.36 22.81
N TYR K 251 1.42 -23.29 22.02
CA TYR K 251 0.67 -24.46 21.58
C TYR K 251 0.48 -25.51 22.66
N LEU K 252 1.08 -25.34 23.84
CA LEU K 252 0.83 -26.27 24.94
C LEU K 252 -0.54 -26.00 25.56
N ILE K 253 -0.75 -24.78 26.06
CA ILE K 253 -2.00 -24.47 26.74
C ILE K 253 -3.12 -24.30 25.71
N GLN K 254 -2.81 -23.70 24.57
CA GLN K 254 -3.84 -23.36 23.58
C GLN K 254 -4.28 -24.59 22.80
N MET K 255 -3.33 -25.44 22.39
CA MET K 255 -3.64 -26.56 21.52
C MET K 255 -3.55 -27.91 22.21
N TYR K 256 -2.48 -28.14 22.98
CA TYR K 256 -2.24 -29.48 23.53
C TYR K 256 -3.21 -29.79 24.68
N ILE K 257 -3.46 -28.81 25.56
CA ILE K 257 -4.39 -29.02 26.67
C ILE K 257 -5.82 -29.29 26.21
N PRO K 258 -6.39 -28.58 25.21
CA PRO K 258 -7.70 -29.05 24.72
C PRO K 258 -7.64 -30.36 23.96
N SER K 259 -6.48 -30.73 23.41
CA SER K 259 -6.37 -32.08 22.87
C SER K 259 -6.23 -33.11 23.99
N LEU K 260 -5.66 -32.72 25.12
CA LEU K 260 -5.46 -33.64 26.22
C LEU K 260 -6.75 -33.85 27.02
N LEU K 261 -7.56 -32.80 27.13
CA LEU K 261 -8.71 -32.84 28.04
C LEU K 261 -9.85 -33.70 27.49
N ILE K 262 -10.03 -33.71 26.17
CA ILE K 262 -11.18 -34.38 25.59
C ILE K 262 -10.93 -35.88 25.43
N VAL K 263 -9.66 -36.30 25.34
CA VAL K 263 -9.35 -37.73 25.23
C VAL K 263 -9.67 -38.44 26.53
N ILE K 264 -9.25 -37.88 27.66
CA ILE K 264 -9.58 -38.46 28.95
C ILE K 264 -11.05 -38.24 29.31
N LEU K 265 -11.71 -37.29 28.66
CA LEU K 265 -13.15 -37.15 28.75
C LEU K 265 -13.89 -38.33 28.12
N SER K 266 -13.26 -39.03 27.17
CA SER K 266 -13.88 -40.19 26.58
C SER K 266 -13.87 -41.41 27.50
N TRP K 267 -13.10 -41.38 28.58
CA TRP K 267 -12.98 -42.55 29.45
C TRP K 267 -14.21 -42.75 30.33
N ILE K 268 -14.96 -41.69 30.64
CA ILE K 268 -16.14 -41.82 31.48
C ILE K 268 -17.31 -42.43 30.73
N SER K 269 -17.18 -42.65 29.42
CA SER K 269 -18.13 -43.47 28.69
C SER K 269 -18.10 -44.91 29.18
N PHE K 270 -16.95 -45.38 29.65
CA PHE K 270 -16.76 -46.79 29.98
C PHE K 270 -16.96 -47.07 31.46
N TRP K 271 -17.74 -46.24 32.17
CA TRP K 271 -18.00 -46.44 33.59
C TRP K 271 -19.46 -46.31 33.98
N ILE K 272 -20.32 -45.77 33.11
CA ILE K 272 -21.72 -45.51 33.44
C ILE K 272 -22.53 -46.78 33.31
N ASN K 273 -23.79 -46.72 33.75
CA ASN K 273 -24.69 -47.88 33.74
C ASN K 273 -24.94 -48.39 32.33
N MET K 274 -25.20 -49.69 32.21
CA MET K 274 -25.44 -50.30 30.92
C MET K 274 -26.83 -50.00 30.38
N ASP K 275 -27.74 -49.52 31.23
CA ASP K 275 -29.06 -49.06 30.80
C ASP K 275 -29.06 -47.60 30.37
N ALA K 276 -27.87 -46.99 30.24
CA ALA K 276 -27.74 -45.62 29.77
C ALA K 276 -27.50 -45.60 28.26
N ALA K 277 -28.43 -46.20 27.53
CA ALA K 277 -28.35 -46.30 26.08
C ALA K 277 -28.66 -45.00 25.33
N PRO K 278 -29.60 -44.14 25.75
CA PRO K 278 -29.63 -42.79 25.17
C PRO K 278 -28.67 -41.80 25.81
N ALA K 279 -27.92 -42.20 26.84
CA ALA K 279 -27.03 -41.28 27.53
C ALA K 279 -25.59 -41.39 27.04
N ARG K 280 -25.10 -42.62 26.85
CA ARG K 280 -23.72 -42.82 26.39
C ARG K 280 -23.56 -42.35 24.95
N VAL K 281 -24.64 -42.35 24.17
CA VAL K 281 -24.60 -41.90 22.79
C VAL K 281 -24.45 -40.38 22.72
N GLY K 282 -24.78 -39.65 23.78
CA GLY K 282 -24.63 -38.21 23.79
C GLY K 282 -23.26 -37.70 24.19
N LEU K 283 -22.32 -38.60 24.48
CA LEU K 283 -20.99 -38.23 24.93
C LEU K 283 -19.95 -38.28 23.80
N GLY K 284 -19.84 -39.42 23.12
CA GLY K 284 -18.77 -39.60 22.16
C GLY K 284 -18.97 -38.80 20.89
N ILE K 285 -20.22 -38.64 20.45
CA ILE K 285 -20.50 -37.99 19.18
C ILE K 285 -20.31 -36.48 19.29
N THR K 286 -20.67 -35.91 20.44
CA THR K 286 -20.46 -34.48 20.65
C THR K 286 -18.98 -34.18 20.83
N THR K 287 -18.26 -35.04 21.54
CA THR K 287 -16.84 -34.81 21.78
C THR K 287 -15.99 -35.08 20.54
N VAL K 288 -16.42 -35.97 19.64
CA VAL K 288 -15.68 -36.10 18.39
C VAL K 288 -16.02 -34.94 17.47
N LEU K 289 -17.21 -34.36 17.62
CA LEU K 289 -17.49 -33.08 16.98
C LEU K 289 -16.69 -31.96 17.63
N THR K 290 -16.45 -32.08 18.94
CA THR K 290 -15.64 -31.09 19.64
C THR K 290 -14.18 -31.18 19.20
N MET K 291 -13.67 -32.39 19.02
CA MET K 291 -12.34 -32.55 18.45
C MET K 291 -12.29 -32.15 16.99
N THR K 292 -13.42 -32.31 16.27
CA THR K 292 -13.52 -31.73 14.94
C THR K 292 -13.58 -30.20 15.04
N THR K 293 -14.27 -29.70 16.06
CA THR K 293 -14.21 -28.27 16.34
C THR K 293 -12.81 -27.87 16.81
N GLN K 294 -12.12 -28.76 17.53
CA GLN K 294 -10.71 -28.54 17.84
C GLN K 294 -9.84 -28.58 16.59
N SER K 295 -10.12 -29.50 15.66
CA SER K 295 -9.32 -29.58 14.44
C SER K 295 -9.59 -28.40 13.53
N SER K 296 -10.85 -28.02 13.38
CA SER K 296 -11.18 -26.82 12.63
C SER K 296 -10.73 -25.57 13.36
N GLY K 297 -10.59 -25.63 14.68
CA GLY K 297 -10.01 -24.54 15.44
C GLY K 297 -8.53 -24.75 15.70
N SER K 298 -7.82 -25.28 14.70
CA SER K 298 -6.38 -25.50 14.83
C SER K 298 -5.59 -25.11 13.58
N ARG K 299 -6.24 -24.67 12.51
CA ARG K 299 -5.56 -24.47 11.23
C ARG K 299 -5.82 -23.08 10.66
N ALA K 300 -6.02 -22.07 11.51
CA ALA K 300 -6.44 -20.76 11.04
C ALA K 300 -5.31 -20.03 10.35
N SER K 301 -4.24 -19.74 11.09
CA SER K 301 -3.07 -19.11 10.50
C SER K 301 -2.13 -20.10 9.81
N LEU K 302 -2.47 -21.38 9.82
CA LEU K 302 -1.59 -22.41 9.29
C LEU K 302 -1.56 -22.37 7.77
N PRO K 303 -0.39 -22.55 7.16
CA PRO K 303 -0.32 -22.58 5.69
C PRO K 303 -0.91 -23.87 5.13
N LYS K 304 -1.00 -23.91 3.80
CA LYS K 304 -1.52 -25.06 3.07
C LYS K 304 -0.36 -25.77 2.39
N VAL K 305 0.26 -26.70 3.10
CA VAL K 305 1.49 -27.36 2.67
C VAL K 305 1.20 -28.85 2.47
N SER K 306 1.93 -29.47 1.53
CA SER K 306 1.64 -30.84 1.12
C SER K 306 2.00 -31.84 2.21
N TYR K 307 3.23 -31.78 2.74
CA TYR K 307 3.68 -32.84 3.63
C TYR K 307 3.05 -32.70 5.01
N VAL K 308 3.11 -33.80 5.77
CA VAL K 308 2.44 -33.89 7.06
C VAL K 308 3.34 -33.26 8.12
N LYS K 309 2.72 -32.79 9.20
CA LYS K 309 3.42 -32.16 10.31
C LYS K 309 3.45 -33.10 11.51
N ALA K 310 3.95 -32.60 12.63
CA ALA K 310 3.79 -33.29 13.91
C ALA K 310 2.65 -32.72 14.73
N ILE K 311 2.22 -31.49 14.42
CA ILE K 311 1.14 -30.87 15.19
C ILE K 311 -0.21 -31.45 14.78
N ASP K 312 -0.36 -31.86 13.53
CA ASP K 312 -1.64 -32.32 13.04
C ASP K 312 -1.89 -33.79 13.32
N ILE K 313 -0.84 -34.61 13.35
CA ILE K 313 -1.03 -36.03 13.64
C ILE K 313 -1.36 -36.25 15.11
N TRP K 314 -0.94 -35.35 16.00
CA TRP K 314 -1.44 -35.40 17.37
C TRP K 314 -2.92 -35.08 17.41
N MET K 315 -3.39 -34.18 16.55
CA MET K 315 -4.81 -33.88 16.48
C MET K 315 -5.59 -35.07 15.91
N ALA K 316 -5.00 -35.76 14.94
CA ALA K 316 -5.68 -36.88 14.30
C ALA K 316 -5.75 -38.10 15.22
N VAL K 317 -4.68 -38.36 15.98
CA VAL K 317 -4.71 -39.50 16.87
C VAL K 317 -5.58 -39.19 18.09
N CYS K 318 -5.69 -37.92 18.47
CA CYS K 318 -6.67 -37.55 19.48
C CYS K 318 -8.08 -37.56 18.90
N LEU K 319 -8.20 -37.34 17.59
CA LEU K 319 -9.50 -37.49 16.95
C LEU K 319 -9.89 -38.96 16.85
N LEU K 320 -8.90 -39.84 16.67
CA LEU K 320 -9.21 -41.27 16.52
C LEU K 320 -9.57 -41.92 17.85
N PHE K 321 -8.97 -41.44 18.96
CA PHE K 321 -9.27 -42.02 20.26
C PHE K 321 -10.69 -41.67 20.71
N VAL K 322 -11.12 -40.45 20.46
CA VAL K 322 -12.51 -40.10 20.73
C VAL K 322 -13.43 -40.71 19.69
N PHE K 323 -12.91 -41.02 18.50
CA PHE K 323 -13.67 -41.82 17.55
C PHE K 323 -13.78 -43.26 18.01
N SER K 324 -12.83 -43.72 18.82
CA SER K 324 -12.79 -45.12 19.23
C SER K 324 -13.77 -45.46 20.33
N ALA K 325 -14.50 -44.48 20.87
CA ALA K 325 -15.26 -44.71 22.09
C ALA K 325 -16.58 -45.43 21.84
N LEU K 326 -17.33 -45.03 20.81
CA LEU K 326 -18.70 -45.49 20.69
C LEU K 326 -18.82 -46.80 19.92
N LEU K 327 -17.90 -47.10 19.00
CA LEU K 327 -17.98 -48.39 18.32
C LEU K 327 -17.53 -49.53 19.20
N GLU K 328 -16.84 -49.23 20.30
CA GLU K 328 -16.77 -50.18 21.41
C GLU K 328 -18.17 -50.49 21.90
N TYR K 329 -18.94 -49.44 22.20
CA TYR K 329 -20.30 -49.63 22.68
C TYR K 329 -21.24 -50.08 21.58
N ALA K 330 -20.92 -49.76 20.32
CA ALA K 330 -21.69 -50.34 19.23
C ALA K 330 -21.39 -51.82 19.06
N ALA K 331 -20.16 -52.24 19.42
CA ALA K 331 -19.89 -53.67 19.51
C ALA K 331 -20.55 -54.28 20.74
N VAL K 332 -20.76 -53.48 21.78
CA VAL K 332 -21.55 -53.93 22.92
C VAL K 332 -23.01 -54.07 22.53
N ASN K 333 -23.52 -53.15 21.72
CA ASN K 333 -24.94 -53.15 21.35
C ASN K 333 -25.34 -54.34 20.48
N PHE K 334 -24.39 -54.98 19.80
CA PHE K 334 -24.72 -56.26 19.17
C PHE K 334 -24.66 -57.40 20.16
N VAL K 335 -23.76 -57.31 21.15
CA VAL K 335 -23.74 -58.30 22.22
C VAL K 335 -24.91 -58.07 23.16
N SER K 336 -25.11 -56.83 23.59
CA SER K 336 -26.23 -56.49 24.47
C SER K 336 -27.48 -56.12 23.64
N ILE K 416 -24.71 -61.12 29.14
CA ILE K 416 -24.65 -59.90 29.91
C ILE K 416 -23.25 -59.73 30.49
N GLN K 417 -22.77 -60.78 31.16
CA GLN K 417 -21.37 -60.80 31.62
C GLN K 417 -20.41 -60.98 30.47
N ARG K 418 -20.88 -61.49 29.33
CA ARG K 418 -20.05 -61.52 28.12
C ARG K 418 -19.76 -60.11 27.63
N ALA K 419 -20.75 -59.21 27.73
CA ALA K 419 -20.51 -57.81 27.43
C ALA K 419 -19.66 -57.13 28.49
N LYS K 420 -19.65 -57.68 29.72
CA LYS K 420 -18.74 -57.17 30.74
C LYS K 420 -17.30 -57.55 30.44
N LYS K 421 -17.08 -58.64 29.70
CA LYS K 421 -15.73 -59.05 29.36
C LYS K 421 -15.11 -58.10 28.34
N ILE K 422 -15.88 -57.68 27.34
CA ILE K 422 -15.36 -56.76 26.33
C ILE K 422 -15.24 -55.34 26.88
N ASP K 423 -15.98 -55.03 27.94
CA ASP K 423 -15.80 -53.77 28.67
C ASP K 423 -14.64 -53.87 29.66
N LYS K 424 -14.32 -55.08 30.12
CA LYS K 424 -13.18 -55.26 31.02
C LYS K 424 -11.86 -54.91 30.34
N ILE K 425 -11.79 -55.11 29.02
CA ILE K 425 -10.66 -54.61 28.24
C ILE K 425 -10.69 -53.08 28.19
N SER K 426 -11.88 -52.49 28.22
CA SER K 426 -12.03 -51.05 28.00
C SER K 426 -12.20 -50.25 29.28
N ARG K 427 -12.67 -50.85 30.37
CA ARG K 427 -12.88 -50.07 31.59
C ARG K 427 -11.58 -49.79 32.32
N ILE K 428 -10.61 -50.71 32.24
CA ILE K 428 -9.32 -50.55 32.90
C ILE K 428 -8.18 -50.48 31.89
N GLY K 429 -8.18 -51.36 30.89
CA GLY K 429 -7.07 -51.41 29.95
C GLY K 429 -7.02 -50.24 28.99
N PHE K 430 -8.17 -49.72 28.60
CA PHE K 430 -8.20 -48.57 27.70
C PHE K 430 -7.82 -47.23 28.35
N PRO K 431 -8.18 -46.91 29.60
CA PRO K 431 -7.53 -45.74 30.23
C PRO K 431 -6.05 -45.95 30.56
N MET K 432 -5.55 -47.19 30.53
CA MET K 432 -4.11 -47.41 30.52
C MET K 432 -3.53 -47.37 29.12
N ALA K 433 -4.37 -47.18 28.10
CA ALA K 433 -3.95 -47.22 26.70
C ALA K 433 -3.87 -45.83 26.08
N PHE K 434 -3.38 -44.85 26.82
CA PHE K 434 -3.14 -43.55 26.22
C PHE K 434 -1.71 -43.05 26.43
N LEU K 435 -1.10 -43.36 27.56
CA LEU K 435 0.27 -42.93 27.84
C LEU K 435 1.30 -43.67 26.99
N ILE K 436 0.90 -44.76 26.31
CA ILE K 436 1.80 -45.49 25.43
C ILE K 436 2.20 -44.65 24.22
N PHE K 437 1.34 -43.71 23.79
CA PHE K 437 1.68 -42.86 22.66
C PHE K 437 2.25 -41.52 23.09
N ASN K 438 1.85 -41.02 24.27
CA ASN K 438 2.32 -39.71 24.72
C ASN K 438 3.81 -39.74 25.00
N MET K 439 4.30 -40.82 25.61
CA MET K 439 5.75 -40.99 25.74
C MET K 439 6.38 -41.22 24.37
N PHE K 440 5.67 -41.91 23.48
CA PHE K 440 6.16 -42.17 22.13
C PHE K 440 6.25 -40.91 21.30
N TYR K 441 5.47 -39.88 21.63
CA TYR K 441 5.43 -38.67 20.81
C TYR K 441 6.69 -37.84 21.01
N TRP K 442 7.05 -37.57 22.26
CA TRP K 442 8.09 -36.58 22.57
C TRP K 442 9.51 -37.11 22.37
N ILE K 443 9.67 -38.40 22.07
CA ILE K 443 11.01 -38.94 21.88
C ILE K 443 11.53 -38.62 20.50
N ILE K 444 10.71 -38.85 19.47
CA ILE K 444 11.20 -38.83 18.09
C ILE K 444 11.44 -37.41 17.62
N TYR K 445 10.39 -36.58 17.61
CA TYR K 445 10.44 -35.28 16.95
C TYR K 445 10.86 -34.15 17.90
N LYS K 446 11.67 -34.45 18.91
CA LYS K 446 12.20 -33.43 19.79
C LYS K 446 13.45 -32.78 19.25
N ILE K 447 14.07 -33.34 18.21
CA ILE K 447 15.30 -32.80 17.66
C ILE K 447 14.99 -31.85 16.51
N SER L 37 13.57 44.54 0.27
CA SER L 37 12.53 43.75 -0.39
C SER L 37 12.38 42.38 0.28
N PRO L 38 11.15 41.88 0.36
CA PRO L 38 10.95 40.51 0.86
C PRO L 38 11.56 39.45 -0.04
N SER L 39 11.65 39.71 -1.34
CA SER L 39 12.40 38.83 -2.22
C SER L 39 13.90 38.94 -1.94
N ASP L 40 14.37 40.17 -1.69
CA ASP L 40 15.77 40.37 -1.36
C ASP L 40 16.10 39.92 0.06
N PHE L 41 15.08 39.73 0.91
CA PHE L 41 15.31 39.20 2.25
C PHE L 41 15.81 37.77 2.19
N LEU L 42 15.14 36.93 1.40
CA LEU L 42 15.60 35.55 1.23
C LEU L 42 16.84 35.46 0.36
N ASP L 43 17.13 36.50 -0.43
CA ASP L 43 18.37 36.51 -1.22
C ASP L 43 19.60 36.64 -0.33
N LYS L 44 19.49 37.33 0.80
CA LYS L 44 20.57 37.36 1.77
C LYS L 44 20.52 36.15 2.70
N LEU L 45 19.35 35.57 2.91
CA LEU L 45 19.24 34.37 3.74
C LEU L 45 19.79 33.14 3.03
N MET L 46 19.20 32.79 1.90
CA MET L 46 19.54 31.58 1.16
C MET L 46 19.87 31.95 -0.28
N GLY L 47 20.13 30.92 -1.09
CA GLY L 47 20.34 31.12 -2.50
C GLY L 47 21.78 31.38 -2.91
N ARG L 48 21.97 32.16 -3.97
CA ARG L 48 23.29 32.31 -4.58
C ARG L 48 24.17 33.30 -3.81
N THR L 49 23.68 34.53 -3.61
CA THR L 49 24.45 35.59 -2.99
C THR L 49 24.71 35.34 -1.50
N SER L 50 23.87 34.52 -0.86
CA SER L 50 24.02 34.25 0.56
C SER L 50 25.28 33.45 0.87
N GLY L 51 25.53 32.39 0.10
CA GLY L 51 26.61 31.49 0.44
C GLY L 51 26.29 30.52 1.54
N TYR L 52 25.01 30.37 1.88
CA TYR L 52 24.59 29.39 2.87
C TYR L 52 24.79 27.98 2.35
N ASP L 53 25.11 27.07 3.26
CA ASP L 53 25.18 25.64 2.98
C ASP L 53 24.26 24.92 3.95
N ALA L 54 23.42 24.04 3.42
CA ALA L 54 22.51 23.25 4.24
C ALA L 54 23.11 21.92 4.66
N ARG L 55 24.28 21.57 4.15
CA ARG L 55 24.90 20.27 4.40
C ARG L 55 25.76 20.28 5.65
N ILE L 56 25.84 21.40 6.36
CA ILE L 56 26.73 21.57 7.50
C ILE L 56 25.86 21.84 8.73
N ARG L 57 26.17 21.14 9.83
CA ARG L 57 25.50 21.40 11.09
C ARG L 57 25.82 22.80 11.61
N PRO L 58 24.92 23.40 12.38
CA PRO L 58 25.26 24.66 13.05
C PRO L 58 26.30 24.47 14.14
N ASN L 59 27.04 25.54 14.43
CA ASN L 59 28.20 25.55 15.32
C ASN L 59 29.23 24.51 14.89
N PHE L 60 29.66 24.61 13.64
CA PHE L 60 30.62 23.69 13.09
C PHE L 60 32.02 24.03 13.59
N LYS L 61 32.88 23.00 13.66
CA LYS L 61 34.20 23.05 14.29
C LYS L 61 34.11 23.55 15.73
N GLY L 62 33.22 22.93 16.51
CA GLY L 62 32.99 23.38 17.87
C GLY L 62 31.91 22.61 18.60
N PRO L 63 31.00 23.35 19.25
CA PRO L 63 30.04 22.71 20.15
C PRO L 63 29.01 21.92 19.37
N PRO L 64 28.35 20.95 20.00
CA PRO L 64 27.23 20.26 19.35
C PRO L 64 25.97 21.09 19.43
N VAL L 65 24.89 20.51 18.95
CA VAL L 65 23.59 21.15 18.91
C VAL L 65 22.66 20.41 19.85
N ASN L 66 22.24 21.08 20.93
CA ASN L 66 21.18 20.53 21.76
C ASN L 66 19.82 20.93 21.17
N VAL L 67 18.87 20.01 21.24
CA VAL L 67 17.57 20.19 20.62
C VAL L 67 16.50 20.09 21.70
N SER L 68 15.92 21.22 22.06
CA SER L 68 14.71 21.21 22.87
C SER L 68 13.53 20.89 21.97
N CYS L 69 12.75 19.87 22.33
CA CYS L 69 11.73 19.39 21.42
C CYS L 69 10.63 18.69 22.20
N ASN L 70 9.42 18.70 21.64
CA ASN L 70 8.31 17.94 22.19
C ASN L 70 7.36 17.56 21.07
N ILE L 71 6.42 16.67 21.38
CA ILE L 71 5.47 16.15 20.42
C ILE L 71 4.10 16.75 20.70
N PHE L 72 3.33 16.93 19.62
CA PHE L 72 1.96 17.46 19.70
C PHE L 72 1.08 16.34 19.14
N ILE L 73 0.57 15.47 20.01
CA ILE L 73 -0.16 14.31 19.52
C ILE L 73 -1.54 14.74 19.02
N ASN L 74 -2.03 14.05 17.99
CA ASN L 74 -3.34 14.35 17.42
C ASN L 74 -4.32 13.19 17.60
N SER L 75 -4.00 12.01 17.07
CA SER L 75 -4.86 10.83 17.23
C SER L 75 -3.96 9.71 17.73
N PHE L 76 -3.76 9.68 19.03
CA PHE L 76 -3.13 8.54 19.67
C PHE L 76 -4.13 7.42 19.81
N GLY L 77 -3.65 6.19 19.69
CA GLY L 77 -4.52 5.05 19.89
C GLY L 77 -4.41 3.97 18.83
N SER L 78 -5.50 3.23 18.64
CA SER L 78 -5.59 2.04 17.80
C SER L 78 -4.51 1.01 18.17
N ILE L 79 -4.48 0.67 19.46
CA ILE L 79 -3.55 -0.33 19.94
C ILE L 79 -3.98 -1.70 19.46
N ALA L 80 -3.09 -2.38 18.73
CA ALA L 80 -3.37 -3.69 18.19
C ALA L 80 -2.86 -4.78 19.12
N GLU L 81 -3.58 -5.89 19.16
CA GLU L 81 -3.19 -7.01 20.01
C GLU L 81 -2.23 -7.95 19.30
N THR L 82 -2.63 -8.42 18.11
CA THR L 82 -1.79 -9.37 17.37
C THR L 82 -0.60 -8.67 16.74
N THR L 83 -0.84 -7.54 16.07
CA THR L 83 0.23 -6.82 15.39
C THR L 83 1.17 -6.15 16.38
N MET L 84 0.70 -5.89 17.61
CA MET L 84 1.47 -5.32 18.73
C MET L 84 2.04 -3.96 18.38
N ASP L 85 1.15 -3.05 17.99
CA ASP L 85 1.54 -1.69 17.66
C ASP L 85 0.34 -0.77 17.88
N TYR L 86 0.52 0.51 17.53
CA TYR L 86 -0.52 1.51 17.67
C TYR L 86 -0.24 2.63 16.67
N ARG L 87 -1.27 3.09 15.98
CA ARG L 87 -1.11 4.14 14.98
C ARG L 87 -1.36 5.49 15.65
N VAL L 88 -0.31 6.32 15.69
CA VAL L 88 -0.37 7.63 16.32
C VAL L 88 -0.10 8.69 15.27
N ASN L 89 -0.78 9.83 15.41
CA ASN L 89 -0.58 10.99 14.57
C ASN L 89 -0.06 12.13 15.47
N ILE L 90 1.12 12.63 15.15
CA ILE L 90 1.76 13.66 15.97
C ILE L 90 2.21 14.83 15.09
N PHE L 91 2.34 15.99 15.71
CA PHE L 91 3.24 17.03 15.24
C PHE L 91 4.51 16.94 16.06
N LEU L 92 5.62 17.35 15.47
CA LEU L 92 6.92 17.27 16.14
C LEU L 92 7.53 18.67 16.17
N ARG L 93 7.38 19.36 17.29
CA ARG L 93 8.13 20.59 17.51
C ARG L 93 9.57 20.25 17.86
N GLN L 94 10.50 21.03 17.31
CA GLN L 94 11.88 21.02 17.79
C GLN L 94 12.47 22.41 17.61
N GLN L 95 13.43 22.73 18.47
CA GLN L 95 14.11 24.01 18.43
C GLN L 95 15.60 23.79 18.59
N TRP L 96 16.37 24.64 17.92
CA TRP L 96 17.81 24.67 18.09
C TRP L 96 18.29 26.07 17.75
N ASN L 97 19.61 26.23 17.63
CA ASN L 97 20.22 27.49 17.23
C ASN L 97 21.03 27.28 15.97
N ASP L 98 20.80 28.11 14.97
CA ASP L 98 21.64 28.18 13.78
C ASP L 98 22.21 29.59 13.76
N PRO L 99 23.37 29.82 14.41
CA PRO L 99 23.84 31.19 14.65
C PRO L 99 24.46 31.87 13.43
N ARG L 100 24.49 31.24 12.27
CA ARG L 100 24.97 31.91 11.06
C ARG L 100 23.86 32.57 10.27
N LEU L 101 22.72 32.83 10.92
CA LEU L 101 21.55 33.43 10.27
C LEU L 101 21.16 34.73 10.95
N ALA L 102 22.15 35.55 11.28
CA ALA L 102 21.87 36.84 11.90
C ALA L 102 21.44 37.85 10.85
N TYR L 103 20.55 38.75 11.25
CA TYR L 103 20.06 39.78 10.33
C TYR L 103 19.63 41.00 11.11
N ASN L 104 19.86 42.17 10.50
CA ASN L 104 19.42 43.44 11.06
C ASN L 104 18.57 44.22 10.06
N GLU L 105 18.07 43.57 9.01
CA GLU L 105 17.32 44.27 7.97
C GLU L 105 15.90 44.56 8.44
N TYR L 106 15.14 43.51 8.76
CA TYR L 106 13.75 43.67 9.19
C TYR L 106 13.66 43.46 10.69
N PRO L 107 13.04 44.39 11.42
CA PRO L 107 13.08 44.34 12.88
C PRO L 107 12.10 43.37 13.53
N ASP L 108 11.45 42.50 12.76
CA ASP L 108 10.54 41.53 13.35
C ASP L 108 11.29 40.44 14.09
N ASP L 109 10.82 40.11 15.28
CA ASP L 109 11.48 39.09 16.12
C ASP L 109 11.07 37.70 15.65
N SER L 110 9.78 37.37 15.78
CA SER L 110 9.26 36.13 15.24
C SER L 110 8.85 36.33 13.79
N LEU L 111 9.22 35.38 12.94
CA LEU L 111 9.03 35.56 11.49
C LEU L 111 8.85 34.19 10.86
N ASP L 112 7.65 33.90 10.39
CA ASP L 112 7.38 32.68 9.66
C ASP L 112 7.96 32.76 8.26
N LEU L 113 8.18 31.61 7.64
CA LEU L 113 8.73 31.56 6.30
C LEU L 113 7.92 30.61 5.44
N ASP L 114 8.42 30.36 4.23
CA ASP L 114 7.83 29.45 3.28
C ASP L 114 7.95 28.01 3.79
N PRO L 115 6.84 27.24 3.83
CA PRO L 115 6.92 25.87 4.37
C PRO L 115 7.52 24.85 3.40
N SER L 116 8.05 25.30 2.26
CA SER L 116 8.73 24.43 1.34
C SER L 116 10.21 24.75 1.17
N MET L 117 10.70 25.82 1.79
CA MET L 117 12.13 26.14 1.73
C MET L 117 12.93 25.44 2.82
N LEU L 118 12.33 24.52 3.55
CA LEU L 118 13.02 23.84 4.65
C LEU L 118 14.07 22.85 4.15
N ASP L 119 13.97 22.40 2.91
CA ASP L 119 15.01 21.55 2.34
C ASP L 119 16.24 22.34 1.95
N SER L 120 16.16 23.66 1.93
CA SER L 120 17.29 24.53 1.62
C SER L 120 18.05 24.95 2.87
N ILE L 121 17.72 24.40 4.04
CA ILE L 121 18.40 24.70 5.30
C ILE L 121 18.69 23.40 6.04
N TRP L 122 19.50 23.52 7.08
CA TRP L 122 19.91 22.37 7.87
C TRP L 122 18.73 21.80 8.64
N LYS L 123 18.73 20.48 8.82
CA LYS L 123 17.66 19.81 9.52
C LYS L 123 18.25 18.68 10.35
N PRO L 124 17.70 18.43 11.54
CA PRO L 124 18.09 17.24 12.30
C PRO L 124 17.65 15.97 11.60
N ASP L 125 18.30 14.88 12.00
CA ASP L 125 18.17 13.58 11.34
C ASP L 125 17.45 12.56 12.22
N LEU L 126 16.43 13.02 12.93
CA LEU L 126 15.74 12.16 13.89
C LEU L 126 14.89 11.12 13.17
N PHE L 127 14.80 9.95 13.79
CA PHE L 127 13.86 8.92 13.35
C PHE L 127 13.31 8.26 14.60
N PHE L 128 12.50 7.23 14.42
CA PHE L 128 11.93 6.50 15.53
C PHE L 128 12.40 5.05 15.46
N ALA L 129 12.70 4.48 16.62
CA ALA L 129 13.34 3.16 16.67
C ALA L 129 12.37 2.06 16.24
N ASN L 130 11.16 2.06 16.79
CA ASN L 130 10.16 1.05 16.46
C ASN L 130 9.05 1.59 15.57
N GLU L 131 9.41 2.44 14.59
CA GLU L 131 8.41 3.21 13.83
C GLU L 131 7.54 2.33 12.95
N LYS L 132 8.09 1.23 12.41
CA LYS L 132 7.38 0.16 11.71
C LYS L 132 6.66 0.65 10.45
N GLY L 133 7.04 1.81 9.92
CA GLY L 133 6.34 2.41 8.80
C GLY L 133 5.90 3.83 9.10
N ALA L 134 6.34 4.78 8.29
CA ALA L 134 6.05 6.18 8.52
C ALA L 134 6.22 6.95 7.24
N HIS L 135 5.63 8.14 7.19
CA HIS L 135 5.67 8.98 6.00
C HIS L 135 5.36 10.42 6.37
N PHE L 136 5.60 11.31 5.41
CA PHE L 136 5.30 12.73 5.54
C PHE L 136 3.82 12.98 5.27
N HIS L 137 3.45 14.25 5.13
CA HIS L 137 2.09 14.63 4.73
C HIS L 137 2.22 15.85 3.82
N GLU L 138 2.18 15.62 2.51
CA GLU L 138 2.26 16.68 1.52
C GLU L 138 0.89 17.11 1.04
N ILE L 139 -0.13 17.03 1.91
CA ILE L 139 -1.50 17.34 1.53
C ILE L 139 -1.63 18.85 1.37
N THR L 140 -1.70 19.30 0.10
CA THR L 140 -1.91 20.65 -0.42
C THR L 140 -0.70 21.57 -0.20
N THR L 141 0.26 21.14 0.60
CA THR L 141 1.48 21.86 0.98
C THR L 141 2.28 20.85 1.77
N ASP L 142 3.61 20.92 1.73
CA ASP L 142 4.43 20.23 2.71
C ASP L 142 4.05 20.71 4.10
N ASN L 143 3.43 19.84 4.91
CA ASN L 143 2.94 20.23 6.24
C ASN L 143 4.10 20.38 7.22
N LYS L 144 4.92 21.41 6.99
CA LYS L 144 6.29 21.47 7.51
C LYS L 144 6.55 22.92 7.91
N LEU L 145 6.34 23.22 9.19
CA LEU L 145 6.47 24.59 9.67
C LEU L 145 7.94 24.95 9.83
N LEU L 146 8.24 26.21 9.54
CA LEU L 146 9.62 26.72 9.63
C LEU L 146 9.54 28.17 10.11
N ARG L 147 9.92 28.40 11.36
CA ARG L 147 9.90 29.73 11.96
C ARG L 147 11.30 30.08 12.45
N ILE L 148 11.80 31.23 12.00
CA ILE L 148 13.16 31.68 12.31
C ILE L 148 13.07 32.93 13.17
N SER L 149 13.77 32.92 14.30
CA SER L 149 13.79 34.07 15.18
C SER L 149 14.73 35.14 14.66
N ARG L 150 14.96 36.17 15.48
CA ARG L 150 15.80 37.27 15.07
C ARG L 150 17.28 36.89 15.14
N ASN L 151 17.68 36.19 16.19
CA ASN L 151 19.09 35.90 16.40
C ASN L 151 19.57 34.71 15.57
N GLY L 152 18.72 33.71 15.37
CA GLY L 152 19.12 32.52 14.65
C GLY L 152 18.53 31.26 15.22
N ASN L 153 17.76 31.38 16.30
CA ASN L 153 17.02 30.25 16.81
C ASN L 153 15.89 29.90 15.86
N VAL L 154 15.64 28.61 15.67
CA VAL L 154 14.71 28.13 14.65
C VAL L 154 13.62 27.32 15.34
N LEU L 155 12.37 27.76 15.17
CA LEU L 155 11.22 26.94 15.52
C LEU L 155 10.81 26.11 14.31
N TYR L 156 10.54 24.84 14.55
CA TYR L 156 10.33 23.87 13.48
C TYR L 156 9.24 22.91 13.91
N SER L 157 8.37 22.53 12.96
CA SER L 157 7.29 21.63 13.28
C SER L 157 6.84 20.89 12.03
N ILE L 158 6.73 19.56 12.13
CA ILE L 158 6.27 18.71 11.04
C ILE L 158 5.29 17.68 11.58
N ARG L 159 4.48 17.14 10.67
CA ARG L 159 3.42 16.20 11.01
C ARG L 159 3.78 14.81 10.53
N ILE L 160 3.81 13.85 11.45
CA ILE L 160 4.25 12.48 11.16
C ILE L 160 3.21 11.52 11.70
N THR L 161 2.76 10.58 10.86
CA THR L 161 1.95 9.46 11.29
C THR L 161 2.84 8.24 11.50
N LEU L 162 2.73 7.61 12.65
CA LEU L 162 3.54 6.47 13.01
C LEU L 162 2.66 5.25 13.25
N THR L 163 3.31 4.08 13.31
CA THR L 163 2.66 2.83 13.72
C THR L 163 3.57 2.09 14.70
N LEU L 164 3.98 2.82 15.75
CA LEU L 164 4.97 2.40 16.74
C LEU L 164 4.63 1.08 17.41
N ALA L 165 5.60 0.17 17.42
CA ALA L 165 5.41 -1.17 17.97
C ALA L 165 6.05 -1.23 19.36
N CYS L 166 5.24 -1.55 20.37
CA CYS L 166 5.75 -1.65 21.73
C CYS L 166 5.79 -3.10 22.16
N PRO L 167 6.91 -3.59 22.70
CA PRO L 167 6.92 -4.93 23.30
C PRO L 167 6.13 -4.92 24.60
N MET L 168 4.97 -5.56 24.57
CA MET L 168 4.00 -5.45 25.64
C MET L 168 4.02 -6.71 26.52
N ASP L 169 4.22 -6.50 27.82
CA ASP L 169 4.13 -7.60 28.78
C ASP L 169 2.67 -7.81 29.14
N LEU L 170 2.15 -8.98 28.82
CA LEU L 170 0.72 -9.27 28.91
C LEU L 170 0.44 -10.42 29.86
N LYS L 171 1.08 -10.40 31.04
CA LYS L 171 0.80 -11.41 32.04
C LYS L 171 -0.59 -11.26 32.62
N ASN L 172 -1.04 -10.03 32.79
CA ASN L 172 -2.42 -9.73 33.21
C ASN L 172 -3.02 -8.76 32.18
N PHE L 173 -3.53 -9.34 31.08
CA PHE L 173 -3.96 -8.54 29.94
C PHE L 173 -5.19 -7.66 30.19
N PRO L 174 -6.27 -8.11 30.86
CA PRO L 174 -7.38 -7.15 31.12
C PRO L 174 -7.09 -6.12 32.19
N MET L 175 -5.97 -6.22 32.91
CA MET L 175 -5.59 -5.24 33.91
C MET L 175 -4.12 -4.85 33.78
N ASP L 176 -3.69 -4.54 32.56
CA ASP L 176 -2.30 -4.19 32.34
C ASP L 176 -2.11 -2.68 32.24
N VAL L 177 -0.92 -2.23 32.60
CA VAL L 177 -0.50 -0.84 32.45
C VAL L 177 0.71 -0.88 31.52
N GLN L 178 0.49 -0.63 30.24
CA GLN L 178 1.50 -0.88 29.22
C GLN L 178 2.21 0.41 28.86
N THR L 179 3.49 0.49 29.21
CA THR L 179 4.32 1.65 28.92
C THR L 179 4.82 1.49 27.49
N CYS L 180 3.97 1.85 26.54
CA CYS L 180 4.35 1.80 25.13
C CYS L 180 5.02 3.10 24.74
N ILE L 181 6.16 2.99 24.06
CA ILE L 181 7.13 4.07 23.97
C ILE L 181 7.40 4.41 22.52
N MET L 182 8.00 5.59 22.33
CA MET L 182 8.71 5.94 21.12
C MET L 182 10.14 6.31 21.51
N GLN L 183 11.05 6.23 20.55
CA GLN L 183 12.46 6.53 20.81
C GLN L 183 12.97 7.41 19.67
N LEU L 184 13.12 8.70 19.93
CA LEU L 184 13.83 9.54 19.00
C LEU L 184 15.32 9.22 19.03
N GLU L 185 15.95 9.36 17.88
CA GLU L 185 17.32 8.89 17.71
C GLU L 185 17.94 9.58 16.52
N SER L 186 19.16 10.09 16.68
CA SER L 186 19.92 10.61 15.57
C SER L 186 20.72 9.50 14.92
N PHE L 187 20.86 9.56 13.60
CA PHE L 187 21.55 8.52 12.86
C PHE L 187 22.80 9.04 12.14
N GLY L 188 22.67 10.08 11.32
CA GLY L 188 23.81 10.53 10.56
C GLY L 188 24.77 11.44 11.29
N TYR L 189 24.63 11.57 12.61
CA TYR L 189 25.52 12.39 13.41
C TYR L 189 25.72 11.74 14.77
N THR L 190 26.94 11.81 15.29
CA THR L 190 27.26 11.25 16.59
C THR L 190 26.97 12.28 17.69
N MET L 191 27.36 11.98 18.92
CA MET L 191 27.04 12.85 20.04
C MET L 191 27.98 14.03 20.17
N ASN L 192 29.03 14.10 19.36
CA ASN L 192 29.82 15.32 19.27
C ASN L 192 29.27 16.29 18.23
N ASP L 193 28.10 15.99 17.64
CA ASP L 193 27.49 16.84 16.64
C ASP L 193 26.07 17.25 16.95
N LEU L 194 25.31 16.44 17.69
CA LEU L 194 23.88 16.67 17.85
C LEU L 194 23.40 16.03 19.14
N ILE L 195 22.64 16.78 19.92
CA ILE L 195 22.07 16.29 21.17
C ILE L 195 20.57 16.54 21.15
N PHE L 196 19.81 15.50 21.48
CA PHE L 196 18.37 15.64 21.68
C PHE L 196 18.09 15.84 23.17
N GLU L 197 17.17 16.76 23.46
CA GLU L 197 16.73 17.04 24.82
C GLU L 197 15.21 17.16 24.81
N TRP L 198 14.64 17.37 25.99
CA TRP L 198 13.23 17.71 26.07
C TRP L 198 13.09 19.19 26.40
N GLN L 199 11.86 19.65 26.60
CA GLN L 199 11.62 21.04 26.99
C GLN L 199 11.69 21.14 28.51
N GLU L 200 12.19 22.29 28.99
CA GLU L 200 12.34 22.48 30.43
C GLU L 200 10.99 22.58 31.13
N GLN L 201 10.01 23.20 30.48
CA GLN L 201 8.66 23.31 31.02
C GLN L 201 7.67 22.88 29.95
N GLY L 202 6.87 21.85 30.25
CA GLY L 202 5.91 21.35 29.29
C GLY L 202 6.56 20.63 28.13
N ALA L 203 7.13 19.47 28.40
CA ALA L 203 7.91 18.72 27.41
C ALA L 203 7.08 17.68 26.68
N VAL L 204 5.76 17.70 26.83
CA VAL L 204 4.85 16.86 26.06
C VAL L 204 3.49 17.55 26.07
N GLN L 205 2.79 17.48 24.94
CA GLN L 205 1.47 18.07 24.83
C GLN L 205 0.47 17.03 24.35
N VAL L 206 -0.71 17.04 24.96
CA VAL L 206 -1.81 16.16 24.57
C VAL L 206 -2.95 17.04 24.09
N ALA L 207 -3.36 16.84 22.84
CA ALA L 207 -4.54 17.53 22.33
C ALA L 207 -5.79 16.97 23.01
N ASP L 208 -6.71 17.87 23.35
CA ASP L 208 -7.86 17.50 24.16
C ASP L 208 -8.86 16.64 23.38
N GLY L 209 -9.74 15.99 24.13
CA GLY L 209 -10.76 15.15 23.56
C GLY L 209 -10.30 13.81 23.07
N LEU L 210 -9.02 13.47 23.25
CA LEU L 210 -8.52 12.19 22.78
C LEU L 210 -8.94 11.10 23.75
N THR L 211 -10.13 10.54 23.54
CA THR L 211 -10.62 9.42 24.32
C THR L 211 -10.55 8.15 23.48
N LEU L 212 -10.25 7.03 24.13
CA LEU L 212 -9.96 5.82 23.41
C LEU L 212 -10.80 4.64 23.90
N PRO L 213 -11.16 3.73 23.02
CA PRO L 213 -11.75 2.47 23.47
C PRO L 213 -10.71 1.61 24.17
N GLN L 214 -11.13 1.01 25.29
CA GLN L 214 -10.33 0.16 26.18
C GLN L 214 -9.14 0.87 26.81
N PHE L 215 -9.03 2.18 26.72
CA PHE L 215 -7.82 2.84 27.18
C PHE L 215 -8.14 4.22 27.73
N ILE L 216 -7.29 4.67 28.65
CA ILE L 216 -7.14 6.07 28.99
C ILE L 216 -5.66 6.41 28.93
N LEU L 217 -5.37 7.63 28.48
CA LEU L 217 -4.00 8.12 28.48
C LEU L 217 -3.71 8.75 29.84
N LYS L 218 -2.74 8.18 30.55
CA LYS L 218 -2.39 8.70 31.86
C LYS L 218 -1.62 10.01 31.70
N GLU L 219 -1.87 10.94 32.63
CA GLU L 219 -1.44 12.32 32.44
C GLU L 219 0.05 12.49 32.74
N GLU L 220 0.53 11.86 33.82
CA GLU L 220 1.95 11.90 34.10
C GLU L 220 2.71 11.01 33.14
N LYS L 221 3.84 11.51 32.65
CA LYS L 221 4.60 10.85 31.60
C LYS L 221 6.08 10.93 31.96
N ASP L 222 6.76 9.78 31.99
CA ASP L 222 8.19 9.76 32.25
C ASP L 222 8.94 10.11 30.97
N LEU L 223 9.92 11.01 31.09
CA LEU L 223 10.72 11.43 29.94
C LEU L 223 12.19 11.32 30.35
N ARG L 224 12.80 10.19 30.04
CA ARG L 224 14.14 9.82 30.49
C ARG L 224 15.12 9.85 29.32
N TYR L 225 16.35 9.42 29.58
CA TYR L 225 17.41 9.40 28.58
C TYR L 225 17.78 7.96 28.24
N CYS L 226 17.26 7.47 27.12
CA CYS L 226 17.92 6.37 26.43
C CYS L 226 19.19 6.88 25.78
N THR L 227 20.08 5.96 25.41
CA THR L 227 21.27 6.33 24.65
C THR L 227 21.70 5.10 23.86
N LYS L 228 21.98 5.30 22.58
CA LYS L 228 22.43 4.24 21.69
C LYS L 228 23.93 4.37 21.46
N HIS L 229 24.65 3.27 21.63
CA HIS L 229 26.04 3.15 21.25
C HIS L 229 26.11 2.11 20.14
N TYR L 230 26.49 2.54 18.95
CA TYR L 230 26.62 1.63 17.83
C TYR L 230 28.09 1.41 17.49
N ASN L 231 28.33 0.62 16.46
CA ASN L 231 29.68 0.39 15.99
C ASN L 231 30.27 1.65 15.35
N THR L 232 29.40 2.53 14.85
CA THR L 232 29.86 3.83 14.39
C THR L 232 30.23 4.73 15.57
N GLY L 233 29.55 4.57 16.70
CA GLY L 233 29.89 5.33 17.89
C GLY L 233 28.75 5.71 18.82
N LYS L 234 28.90 6.87 19.46
CA LYS L 234 27.90 7.37 20.42
C LYS L 234 26.75 8.07 19.69
N PHE L 235 25.52 7.65 19.97
CA PHE L 235 24.32 8.27 19.41
C PHE L 235 23.39 8.76 20.51
N THR L 236 22.86 9.97 20.32
CA THR L 236 21.95 10.55 21.29
C THR L 236 20.55 9.97 21.11
N CYS L 237 19.87 9.75 22.23
CA CYS L 237 18.52 9.21 22.22
C CYS L 237 17.71 9.93 23.29
N ILE L 238 16.42 10.15 23.00
CA ILE L 238 15.44 10.56 23.99
C ILE L 238 14.16 9.79 23.73
N GLU L 239 13.37 9.61 24.77
CA GLU L 239 12.21 8.74 24.67
C GLU L 239 11.12 9.20 25.61
N ALA L 240 9.88 8.84 25.27
CA ALA L 240 8.72 9.10 26.08
C ALA L 240 8.17 7.79 26.62
N ARG L 241 7.37 7.90 27.68
CA ARG L 241 6.81 6.74 28.37
C ARG L 241 5.30 6.96 28.49
N PHE L 242 4.52 6.29 27.64
CA PHE L 242 3.07 6.40 27.66
C PHE L 242 2.48 5.21 28.40
N HIS L 243 2.13 5.42 29.66
CA HIS L 243 1.50 4.38 30.46
C HIS L 243 0.06 4.21 30.01
N LEU L 244 -0.29 3.03 29.50
CA LEU L 244 -1.64 2.75 29.03
C LEU L 244 -2.42 2.00 30.10
N GLU L 245 -3.19 2.74 30.90
CA GLU L 245 -4.10 2.12 31.85
C GLU L 245 -5.30 1.61 31.07
N ARG L 246 -5.40 0.29 30.94
CA ARG L 246 -6.44 -0.31 30.11
C ARG L 246 -7.79 -0.22 30.79
N GLN L 247 -8.81 0.19 30.03
CA GLN L 247 -10.19 0.16 30.50
C GLN L 247 -10.76 -1.22 30.22
N MET L 248 -11.15 -1.93 31.27
CA MET L 248 -11.64 -3.30 31.20
C MET L 248 -13.12 -3.40 30.85
N GLY L 249 -13.73 -2.32 30.36
CA GLY L 249 -15.15 -2.31 30.10
C GLY L 249 -15.60 -3.21 28.98
N TYR L 250 -14.70 -3.56 28.05
CA TYR L 250 -15.07 -4.47 26.98
C TYR L 250 -15.15 -5.90 27.50
N TYR L 251 -14.07 -6.39 28.11
CA TYR L 251 -13.94 -7.81 28.43
C TYR L 251 -14.78 -8.24 29.62
N LEU L 252 -15.46 -7.32 30.30
CA LEU L 252 -16.37 -7.72 31.37
C LEU L 252 -17.66 -8.29 30.79
N ILE L 253 -18.38 -7.48 30.00
CA ILE L 253 -19.66 -7.93 29.46
C ILE L 253 -19.44 -8.93 28.34
N GLN L 254 -18.39 -8.72 27.53
CA GLN L 254 -18.19 -9.55 26.35
C GLN L 254 -17.59 -10.91 26.71
N MET L 255 -16.62 -10.92 27.61
CA MET L 255 -15.89 -12.15 27.93
C MET L 255 -16.21 -12.71 29.31
N TYR L 256 -16.25 -11.86 30.34
CA TYR L 256 -16.39 -12.36 31.70
C TYR L 256 -17.81 -12.85 31.99
N ILE L 257 -18.82 -12.10 31.53
CA ILE L 257 -20.21 -12.50 31.73
C ILE L 257 -20.56 -13.82 31.05
N PRO L 258 -20.15 -14.09 29.80
CA PRO L 258 -20.37 -15.46 29.29
C PRO L 258 -19.52 -16.52 29.98
N SER L 259 -18.38 -16.14 30.58
CA SER L 259 -17.68 -17.10 31.41
C SER L 259 -18.37 -17.29 32.74
N LEU L 260 -19.07 -16.25 33.22
CA LEU L 260 -19.74 -16.34 34.52
C LEU L 260 -21.06 -17.09 34.41
N LEU L 261 -21.75 -16.95 33.28
CA LEU L 261 -23.11 -17.47 33.17
C LEU L 261 -23.14 -18.99 33.02
N ILE L 262 -22.14 -19.56 32.35
CA ILE L 262 -22.18 -20.99 32.05
C ILE L 262 -21.68 -21.82 33.23
N VAL L 263 -20.88 -21.24 34.12
CA VAL L 263 -20.40 -21.98 35.29
C VAL L 263 -21.55 -22.21 36.27
N ILE L 264 -22.34 -21.18 36.54
CA ILE L 264 -23.51 -21.34 37.41
C ILE L 264 -24.62 -22.10 36.70
N LEU L 265 -24.58 -22.17 35.36
CA LEU L 265 -25.46 -23.06 34.62
C LEU L 265 -25.16 -24.53 34.87
N SER L 266 -23.93 -24.85 35.27
CA SER L 266 -23.61 -26.24 35.59
C SER L 266 -24.19 -26.69 36.92
N TRP L 267 -24.67 -25.76 37.76
CA TRP L 267 -25.15 -26.13 39.08
C TRP L 267 -26.51 -26.82 39.04
N ILE L 268 -27.32 -26.56 38.02
CA ILE L 268 -28.64 -27.19 37.93
C ILE L 268 -28.57 -28.64 37.50
N SER L 269 -27.37 -29.12 37.13
CA SER L 269 -27.16 -30.55 36.97
C SER L 269 -27.34 -31.29 38.30
N PHE L 270 -27.03 -30.63 39.42
CA PHE L 270 -27.00 -31.28 40.72
C PHE L 270 -28.30 -31.10 41.50
N TRP L 271 -29.42 -30.88 40.81
CA TRP L 271 -30.71 -30.71 41.47
C TRP L 271 -31.84 -31.51 40.85
N ILE L 272 -31.66 -32.05 39.65
CA ILE L 272 -32.72 -32.74 38.92
C ILE L 272 -32.87 -34.16 39.44
N ASN L 273 -33.92 -34.84 38.99
CA ASN L 273 -34.23 -36.21 39.42
C ASN L 273 -33.12 -37.18 39.05
N MET L 274 -32.98 -38.23 39.86
CA MET L 274 -31.93 -39.23 39.63
C MET L 274 -32.29 -40.18 38.50
N ASP L 275 -33.55 -40.22 38.08
CA ASP L 275 -33.97 -40.98 36.91
C ASP L 275 -33.83 -40.19 35.62
N ALA L 276 -33.17 -39.03 35.67
CA ALA L 276 -32.92 -38.22 34.48
C ALA L 276 -31.54 -38.55 33.91
N ALA L 277 -31.35 -39.83 33.59
CA ALA L 277 -30.08 -40.32 33.07
C ALA L 277 -29.82 -39.95 31.60
N PRO L 278 -30.80 -39.92 30.69
CA PRO L 278 -30.54 -39.27 29.39
C PRO L 278 -30.69 -37.76 29.38
N ALA L 279 -31.10 -37.16 30.51
CA ALA L 279 -31.32 -35.71 30.54
C ALA L 279 -30.12 -34.95 31.09
N ARG L 280 -29.51 -35.46 32.18
CA ARG L 280 -28.37 -34.80 32.78
C ARG L 280 -27.15 -34.86 31.87
N VAL L 281 -27.09 -35.88 31.00
CA VAL L 281 -25.99 -36.01 30.06
C VAL L 281 -26.07 -34.96 28.95
N GLY L 282 -27.24 -34.37 28.71
CA GLY L 282 -27.38 -33.34 27.71
C GLY L 282 -27.04 -31.94 28.15
N LEU L 283 -26.65 -31.77 29.41
CA LEU L 283 -26.35 -30.46 29.98
C LEU L 283 -24.86 -30.16 30.00
N GLY L 284 -24.07 -31.04 30.61
CA GLY L 284 -22.66 -30.72 30.82
C GLY L 284 -21.83 -30.78 29.56
N ILE L 285 -22.17 -31.70 28.66
CA ILE L 285 -21.36 -31.90 27.45
C ILE L 285 -21.56 -30.77 26.46
N THR L 286 -22.80 -30.27 26.37
CA THR L 286 -23.08 -29.15 25.49
C THR L 286 -22.47 -27.86 26.05
N THR L 287 -22.55 -27.67 27.36
CA THR L 287 -22.01 -26.47 27.97
C THR L 287 -20.48 -26.46 28.02
N VAL L 288 -19.84 -27.63 28.09
CA VAL L 288 -18.39 -27.63 27.99
C VAL L 288 -17.97 -27.43 26.53
N LEU L 289 -18.83 -27.83 25.59
CA LEU L 289 -18.64 -27.42 24.20
C LEU L 289 -18.91 -25.94 24.03
N THR L 290 -19.85 -25.40 24.82
CA THR L 290 -20.14 -23.99 24.77
C THR L 290 -18.98 -23.18 25.35
N MET L 291 -18.37 -23.66 26.42
CA MET L 291 -17.17 -23.03 26.93
C MET L 291 -15.98 -23.23 26.00
N THR L 292 -15.97 -24.35 25.26
CA THR L 292 -15.00 -24.50 24.18
C THR L 292 -15.33 -23.54 23.04
N THR L 293 -16.63 -23.35 22.78
CA THR L 293 -17.05 -22.30 21.85
C THR L 293 -16.75 -20.91 22.44
N GLN L 294 -16.84 -20.77 23.76
CA GLN L 294 -16.37 -19.54 24.40
C GLN L 294 -14.86 -19.39 24.28
N SER L 295 -14.11 -20.48 24.44
CA SER L 295 -12.65 -20.39 24.35
C SER L 295 -12.21 -20.13 22.92
N SER L 296 -12.82 -20.82 21.96
CA SER L 296 -12.56 -20.53 20.55
C SER L 296 -13.10 -19.17 20.15
N GLY L 297 -14.12 -18.67 20.85
CA GLY L 297 -14.59 -17.32 20.64
C GLY L 297 -13.97 -16.35 21.63
N SER L 298 -12.69 -16.53 21.93
CA SER L 298 -11.98 -15.63 22.83
C SER L 298 -10.59 -15.25 22.36
N ARG L 299 -10.11 -15.78 21.24
CA ARG L 299 -8.71 -15.61 20.85
C ARG L 299 -8.58 -15.09 19.41
N ALA L 300 -9.55 -14.31 18.95
CA ALA L 300 -9.59 -13.92 17.53
C ALA L 300 -8.50 -12.90 17.21
N SER L 301 -8.57 -11.72 17.84
CA SER L 301 -7.55 -10.71 17.65
C SER L 301 -6.33 -10.94 18.54
N LEU L 302 -6.34 -11.97 19.36
CA LEU L 302 -5.27 -12.20 20.32
C LEU L 302 -4.00 -12.66 19.63
N PRO L 303 -2.83 -12.18 20.04
CA PRO L 303 -1.58 -12.64 19.46
C PRO L 303 -1.24 -14.06 19.90
N LYS L 304 -0.17 -14.60 19.29
CA LYS L 304 0.32 -15.94 19.59
C LYS L 304 1.62 -15.81 20.37
N VAL L 305 1.50 -15.74 21.70
CA VAL L 305 2.61 -15.44 22.59
C VAL L 305 2.84 -16.67 23.48
N SER L 306 4.10 -16.87 23.87
CA SER L 306 4.49 -18.09 24.60
C SER L 306 3.93 -18.11 26.02
N TYR L 307 4.15 -17.04 26.79
CA TYR L 307 3.81 -17.10 28.21
C TYR L 307 2.30 -16.98 28.42
N VAL L 308 1.87 -17.38 29.62
CA VAL L 308 0.45 -17.47 29.95
C VAL L 308 -0.03 -16.09 30.37
N LYS L 309 -1.33 -15.86 30.21
CA LYS L 309 -1.98 -14.60 30.54
C LYS L 309 -2.81 -14.78 31.81
N ALA L 310 -3.55 -13.74 32.17
CA ALA L 310 -4.58 -13.85 33.18
C ALA L 310 -5.97 -14.00 32.57
N ILE L 311 -6.13 -13.63 31.31
CA ILE L 311 -7.43 -13.72 30.66
C ILE L 311 -7.74 -15.16 30.26
N ASP L 312 -6.71 -15.94 29.95
CA ASP L 312 -6.94 -17.29 29.46
C ASP L 312 -7.09 -18.32 30.59
N ILE L 313 -6.43 -18.10 31.72
CA ILE L 313 -6.56 -19.02 32.83
C ILE L 313 -7.93 -18.91 33.49
N TRP L 314 -8.57 -17.74 33.41
CA TRP L 314 -9.97 -17.65 33.82
C TRP L 314 -10.85 -18.47 32.89
N MET L 315 -10.52 -18.51 31.60
CA MET L 315 -11.27 -19.33 30.67
C MET L 315 -11.04 -20.81 30.93
N ALA L 316 -9.81 -21.18 31.31
CA ALA L 316 -9.50 -22.57 31.53
C ALA L 316 -10.11 -23.09 32.83
N VAL L 317 -10.13 -22.25 33.88
CA VAL L 317 -10.71 -22.70 35.14
C VAL L 317 -12.24 -22.70 35.03
N CYS L 318 -12.79 -21.84 34.18
CA CYS L 318 -14.22 -21.95 33.89
C CYS L 318 -14.50 -23.11 32.96
N LEU L 319 -13.51 -23.50 32.15
CA LEU L 319 -13.66 -24.72 31.35
C LEU L 319 -13.56 -25.95 32.24
N LEU L 320 -12.75 -25.90 33.30
CA LEU L 320 -12.59 -27.07 34.15
C LEU L 320 -13.79 -27.28 35.07
N PHE L 321 -14.44 -26.20 35.49
CA PHE L 321 -15.60 -26.33 36.37
C PHE L 321 -16.79 -26.94 35.63
N VAL L 322 -17.01 -26.54 34.37
CA VAL L 322 -18.03 -27.19 33.57
C VAL L 322 -17.57 -28.58 33.12
N PHE L 323 -16.26 -28.81 33.08
CA PHE L 323 -15.75 -30.16 32.90
C PHE L 323 -15.99 -31.01 34.14
N SER L 324 -16.07 -30.37 35.31
CA SER L 324 -16.20 -31.09 36.57
C SER L 324 -17.59 -31.62 36.84
N ALA L 325 -18.57 -31.32 36.00
CA ALA L 325 -19.96 -31.58 36.35
C ALA L 325 -20.35 -33.04 36.15
N LEU L 326 -19.96 -33.64 35.03
CA LEU L 326 -20.53 -34.93 34.66
C LEU L 326 -19.77 -36.11 35.26
N LEU L 327 -18.46 -35.97 35.50
CA LEU L 327 -17.75 -37.08 36.14
C LEU L 327 -18.08 -37.20 37.62
N GLU L 328 -18.66 -36.16 38.21
CA GLU L 328 -19.40 -36.34 39.46
C GLU L 328 -20.52 -37.34 39.25
N TYR L 329 -21.33 -37.10 38.21
CA TYR L 329 -22.44 -38.00 37.92
C TYR L 329 -21.95 -39.31 37.32
N ALA L 330 -20.79 -39.32 36.66
CA ALA L 330 -20.22 -40.59 36.25
C ALA L 330 -19.69 -41.37 37.44
N ALA L 331 -19.27 -40.68 38.51
CA ALA L 331 -18.99 -41.36 39.76
C ALA L 331 -20.27 -41.80 40.45
N VAL L 332 -21.37 -41.07 40.20
CA VAL L 332 -22.67 -41.52 40.68
C VAL L 332 -23.12 -42.77 39.91
N ASN L 333 -22.85 -42.81 38.60
CA ASN L 333 -23.31 -43.91 37.76
C ASN L 333 -22.63 -45.24 38.09
N PHE L 334 -21.46 -45.23 38.73
CA PHE L 334 -20.93 -46.48 39.24
C PHE L 334 -21.56 -46.82 40.58
N VAL L 335 -21.90 -45.82 41.38
CA VAL L 335 -22.63 -46.07 42.62
C VAL L 335 -24.08 -46.42 42.30
N SER L 336 -24.72 -45.63 41.46
CA SER L 336 -26.10 -45.89 41.05
C SER L 336 -26.14 -46.79 39.82
N ILE L 416 -28.47 -46.22 47.37
CA ILE L 416 -29.26 -45.13 46.82
C ILE L 416 -29.01 -43.87 47.64
N GLN L 417 -29.15 -43.97 48.95
CA GLN L 417 -28.77 -42.86 49.83
C GLN L 417 -27.27 -42.69 49.93
N ARG L 418 -26.50 -43.73 49.58
CA ARG L 418 -25.05 -43.59 49.44
C ARG L 418 -24.70 -42.64 48.30
N ALA L 419 -25.46 -42.72 47.20
CA ALA L 419 -25.28 -41.76 46.12
C ALA L 419 -25.80 -40.38 46.50
N LYS L 420 -26.73 -40.32 47.44
CA LYS L 420 -27.16 -39.02 47.95
C LYS L 420 -26.07 -38.36 48.80
N LYS L 421 -25.19 -39.16 49.40
CA LYS L 421 -24.12 -38.59 50.21
C LYS L 421 -23.08 -37.90 49.33
N ILE L 422 -22.72 -38.51 48.20
CA ILE L 422 -21.74 -37.90 47.31
C ILE L 422 -22.35 -36.73 46.53
N ASP L 423 -23.68 -36.67 46.41
CA ASP L 423 -24.36 -35.51 45.88
C ASP L 423 -24.55 -34.44 46.94
N LYS L 424 -24.57 -34.82 48.22
CA LYS L 424 -24.68 -33.85 49.31
C LYS L 424 -23.46 -32.95 49.36
N ILE L 425 -22.29 -33.46 48.96
CA ILE L 425 -21.12 -32.63 48.78
C ILE L 425 -21.31 -31.69 47.58
N SER L 426 -22.07 -32.13 46.58
CA SER L 426 -22.18 -31.40 45.33
C SER L 426 -23.45 -30.57 45.21
N ARG L 427 -24.53 -30.91 45.92
CA ARG L 427 -25.76 -30.14 45.78
C ARG L 427 -25.70 -28.81 46.52
N ILE L 428 -24.99 -28.76 47.65
CA ILE L 428 -24.85 -27.54 48.42
C ILE L 428 -23.41 -27.05 48.47
N GLY L 429 -22.45 -27.94 48.69
CA GLY L 429 -21.07 -27.53 48.84
C GLY L 429 -20.42 -27.08 47.56
N PHE L 430 -20.79 -27.66 46.43
CA PHE L 430 -20.23 -27.26 45.14
C PHE L 430 -20.76 -25.92 44.61
N PRO L 431 -22.04 -25.54 44.76
CA PRO L 431 -22.39 -24.14 44.47
C PRO L 431 -21.83 -23.14 45.48
N MET L 432 -21.36 -23.59 46.64
CA MET L 432 -20.54 -22.74 47.49
C MET L 432 -19.07 -22.79 47.11
N ALA L 433 -18.71 -23.59 46.11
CA ALA L 433 -17.31 -23.79 45.72
C ALA L 433 -16.96 -23.05 44.43
N PHE L 434 -17.45 -21.84 44.26
CA PHE L 434 -17.02 -21.05 43.11
C PHE L 434 -16.50 -19.68 43.51
N LEU L 435 -17.06 -19.06 44.55
CA LEU L 435 -16.62 -17.75 45.01
C LEU L 435 -15.25 -17.80 45.67
N ILE L 436 -14.75 -18.99 45.99
CA ILE L 436 -13.41 -19.13 46.60
C ILE L 436 -12.32 -18.73 45.62
N PHE L 437 -12.57 -18.87 44.31
CA PHE L 437 -11.57 -18.47 43.32
C PHE L 437 -11.82 -17.08 42.76
N ASN L 438 -13.08 -16.64 42.72
CA ASN L 438 -13.41 -15.33 42.16
C ASN L 438 -12.82 -14.22 43.02
N MET L 439 -12.91 -14.36 44.35
CA MET L 439 -12.20 -13.42 45.22
C MET L 439 -10.70 -13.59 45.09
N PHE L 440 -10.24 -14.83 44.88
CA PHE L 440 -8.82 -15.10 44.71
C PHE L 440 -8.26 -14.51 43.42
N TYR L 441 -9.11 -14.30 42.41
CA TYR L 441 -8.63 -13.81 41.12
C TYR L 441 -8.24 -12.34 41.19
N TRP L 442 -9.13 -11.51 41.71
CA TRP L 442 -8.97 -10.06 41.59
C TRP L 442 -7.96 -9.48 42.58
N ILE L 443 -7.44 -10.29 43.51
CA ILE L 443 -6.48 -9.76 44.48
C ILE L 443 -5.09 -9.67 43.86
N ILE L 444 -4.65 -10.73 43.19
CA ILE L 444 -3.24 -10.84 42.79
C ILE L 444 -2.93 -9.93 41.61
N TYR L 445 -3.62 -10.13 40.49
CA TYR L 445 -3.24 -9.49 39.24
C TYR L 445 -3.95 -8.16 39.00
N LYS L 446 -4.32 -7.46 40.07
CA LYS L 446 -4.92 -6.14 39.94
C LYS L 446 -3.89 -5.02 39.81
N ILE L 447 -2.62 -5.31 40.06
CA ILE L 447 -1.56 -4.30 40.01
C ILE L 447 -0.92 -4.29 38.63
N SER M 37 0.52 37.81 -27.19
CA SER M 37 0.63 36.36 -27.36
C SER M 37 0.20 35.62 -26.11
N PRO M 38 -0.46 34.46 -26.28
CA PRO M 38 -0.79 33.63 -25.12
C PRO M 38 0.44 33.07 -24.42
N SER M 39 1.53 32.85 -25.15
CA SER M 39 2.80 32.52 -24.51
C SER M 39 3.36 33.73 -23.76
N ASP M 40 3.23 34.91 -24.35
CA ASP M 40 3.68 36.14 -23.69
C ASP M 40 2.74 36.56 -22.56
N PHE M 41 1.52 36.01 -22.54
CA PHE M 41 0.60 36.29 -21.42
C PHE M 41 1.14 35.70 -20.12
N LEU M 42 1.56 34.44 -20.16
CA LEU M 42 2.14 33.83 -18.97
C LEU M 42 3.55 34.34 -18.69
N ASP M 43 4.21 34.94 -19.69
CA ASP M 43 5.53 35.54 -19.47
C ASP M 43 5.44 36.76 -18.58
N LYS M 44 4.34 37.51 -18.66
CA LYS M 44 4.10 38.61 -17.73
C LYS M 44 3.48 38.12 -16.43
N LEU M 45 2.77 37.00 -16.45
CA LEU M 45 2.20 36.45 -15.23
C LEU M 45 3.26 35.81 -14.35
N MET M 46 3.94 34.80 -14.86
CA MET M 46 4.91 34.02 -14.12
C MET M 46 6.24 33.99 -14.87
N GLY M 47 7.19 33.25 -14.34
CA GLY M 47 8.46 33.04 -15.02
C GLY M 47 9.52 34.07 -14.69
N ARG M 48 10.39 34.35 -15.67
CA ARG M 48 11.59 35.15 -15.43
C ARG M 48 11.28 36.65 -15.42
N THR M 49 10.66 37.15 -16.49
CA THR M 49 10.41 38.57 -16.66
C THR M 49 9.35 39.09 -15.68
N SER M 50 8.49 38.21 -15.17
CA SER M 50 7.43 38.62 -14.27
C SER M 50 7.97 39.09 -12.92
N GLY M 51 8.90 38.34 -12.34
CA GLY M 51 9.34 38.63 -10.99
C GLY M 51 8.39 38.15 -9.92
N TYR M 52 7.44 37.29 -10.26
CA TYR M 52 6.54 36.71 -9.28
C TYR M 52 7.29 35.78 -8.34
N ASP M 53 6.83 35.75 -7.10
CA ASP M 53 7.32 34.78 -6.12
C ASP M 53 6.12 34.00 -5.58
N ALA M 54 6.24 32.69 -5.54
CA ALA M 54 5.19 31.84 -5.01
C ALA M 54 5.35 31.54 -3.53
N ARG M 55 6.47 31.96 -2.93
CA ARG M 55 6.77 31.65 -1.55
C ARG M 55 6.22 32.69 -0.58
N ILE M 56 5.50 33.68 -1.08
CA ILE M 56 5.01 34.79 -0.28
C ILE M 56 3.49 34.78 -0.34
N ARG M 57 2.84 34.92 0.82
CA ARG M 57 1.39 35.04 0.86
C ARG M 57 0.92 36.33 0.18
N PRO M 58 -0.30 36.36 -0.35
CA PRO M 58 -0.85 37.61 -0.86
C PRO M 58 -1.17 38.58 0.28
N ASN M 59 -1.17 39.87 -0.06
CA ASN M 59 -1.28 40.99 0.88
C ASN M 59 -0.22 40.89 1.97
N PHE M 60 1.04 40.83 1.54
CA PHE M 60 2.16 40.73 2.47
C PHE M 60 2.44 42.09 3.09
N LYS M 61 2.99 42.06 4.32
CA LYS M 61 3.17 43.22 5.19
C LYS M 61 1.84 43.95 5.40
N GLY M 62 0.82 43.21 5.79
CA GLY M 62 -0.50 43.79 5.95
C GLY M 62 -1.57 42.81 6.35
N PRO M 63 -2.70 42.86 5.63
CA PRO M 63 -3.87 42.09 6.06
C PRO M 63 -3.67 40.60 5.82
N PRO M 64 -4.40 39.75 6.53
CA PRO M 64 -4.36 38.32 6.24
C PRO M 64 -5.24 37.99 5.02
N VAL M 65 -5.32 36.70 4.74
CA VAL M 65 -6.09 36.20 3.62
C VAL M 65 -7.27 35.41 4.15
N ASN M 66 -8.48 35.89 3.92
CA ASN M 66 -9.67 35.09 4.20
C ASN M 66 -9.96 34.21 3.00
N VAL M 67 -10.40 32.98 3.27
CA VAL M 67 -10.61 31.99 2.23
C VAL M 67 -12.06 31.54 2.28
N SER M 68 -12.85 31.98 1.31
CA SER M 68 -14.16 31.41 1.10
C SER M 68 -14.01 30.08 0.37
N CYS M 69 -14.57 29.02 0.93
CA CYS M 69 -14.30 27.69 0.41
C CYS M 69 -15.44 26.75 0.77
N ASN M 70 -15.62 25.73 -0.06
CA ASN M 70 -16.57 24.65 0.22
C ASN M 70 -16.09 23.38 -0.44
N ILE M 71 -16.73 22.27 -0.07
CA ILE M 71 -16.36 20.95 -0.56
C ILE M 71 -17.42 20.46 -1.54
N PHE M 72 -16.97 19.68 -2.54
CA PHE M 72 -17.84 19.09 -3.55
C PHE M 72 -17.68 17.58 -3.36
N ILE M 73 -18.55 16.97 -2.56
CA ILE M 73 -18.38 15.56 -2.25
C ILE M 73 -18.77 14.70 -3.46
N ASN M 74 -18.08 13.58 -3.63
CA ASN M 74 -18.34 12.67 -4.74
C ASN M 74 -18.85 11.32 -4.25
N SER M 75 -18.07 10.61 -3.43
CA SER M 75 -18.49 9.32 -2.88
C SER M 75 -18.25 9.39 -1.38
N PHE M 76 -19.23 9.96 -0.67
CA PHE M 76 -19.24 9.90 0.77
C PHE M 76 -19.73 8.52 1.20
N GLY M 77 -19.19 8.04 2.31
CA GLY M 77 -19.65 6.77 2.85
C GLY M 77 -18.56 5.82 3.26
N SER M 78 -18.89 4.52 3.20
CA SER M 78 -18.05 3.42 3.68
C SER M 78 -17.63 3.64 5.14
N ILE M 79 -18.63 3.87 5.99
CA ILE M 79 -18.39 4.06 7.41
C ILE M 79 -18.01 2.72 8.04
N ALA M 80 -16.84 2.66 8.64
CA ALA M 80 -16.33 1.45 9.27
C ALA M 80 -16.67 1.43 10.75
N GLU M 81 -16.93 0.23 11.27
CA GLU M 81 -17.27 0.08 12.68
C GLU M 81 -16.01 -0.09 13.52
N THR M 82 -15.18 -1.07 13.18
CA THR M 82 -13.97 -1.34 13.95
C THR M 82 -12.91 -0.27 13.72
N THR M 83 -12.65 0.05 12.45
CA THR M 83 -11.61 1.02 12.12
C THR M 83 -12.03 2.44 12.50
N MET M 84 -13.34 2.68 12.61
CA MET M 84 -13.94 3.95 13.06
C MET M 84 -13.54 5.11 12.14
N ASP M 85 -13.83 4.93 10.86
CA ASP M 85 -13.55 5.95 9.86
C ASP M 85 -14.51 5.78 8.69
N TYR M 86 -14.32 6.59 7.65
CA TYR M 86 -15.14 6.55 6.45
C TYR M 86 -14.33 7.12 5.30
N ARG M 87 -14.38 6.47 4.15
CA ARG M 87 -13.62 6.92 2.98
C ARG M 87 -14.50 7.82 2.14
N VAL M 88 -14.10 9.09 2.03
CA VAL M 88 -14.86 10.09 1.28
C VAL M 88 -13.99 10.60 0.14
N ASN M 89 -14.64 10.89 -0.98
CA ASN M 89 -14.00 11.50 -2.14
C ASN M 89 -14.63 12.87 -2.36
N ILE M 90 -13.81 13.92 -2.32
CA ILE M 90 -14.30 15.29 -2.42
C ILE M 90 -13.50 16.03 -3.49
N PHE M 91 -14.12 17.08 -4.03
CA PHE M 91 -13.40 18.20 -4.60
C PHE M 91 -13.38 19.31 -3.57
N LEU M 92 -12.35 20.14 -3.60
CA LEU M 92 -12.20 21.23 -2.63
C LEU M 92 -12.09 22.55 -3.37
N ARG M 93 -13.21 23.25 -3.48
CA ARG M 93 -13.17 24.63 -3.96
C ARG M 93 -12.63 25.53 -2.86
N GLN M 94 -11.79 26.48 -3.24
CA GLN M 94 -11.45 27.60 -2.37
C GLN M 94 -11.18 28.84 -3.21
N GLN M 95 -11.43 29.99 -2.62
CA GLN M 95 -11.23 31.27 -3.29
C GLN M 95 -10.52 32.22 -2.34
N TRP M 96 -9.68 33.08 -2.92
CA TRP M 96 -9.03 34.14 -2.17
C TRP M 96 -8.71 35.26 -3.15
N ASN M 97 -7.92 36.22 -2.70
CA ASN M 97 -7.46 37.32 -3.55
C ASN M 97 -5.94 37.32 -3.56
N ASP M 98 -5.36 37.34 -4.75
CA ASP M 98 -3.93 37.58 -4.93
C ASP M 98 -3.81 38.87 -5.72
N PRO M 99 -3.76 40.02 -5.05
CA PRO M 99 -3.91 41.31 -5.77
C PRO M 99 -2.66 41.77 -6.52
N ARG M 100 -1.59 40.99 -6.56
CA ARG M 100 -0.43 41.35 -7.37
C ARG M 100 -0.47 40.73 -8.75
N LEU M 101 -1.66 40.31 -9.21
CA LEU M 101 -1.83 39.67 -10.50
C LEU M 101 -2.81 40.45 -11.37
N ALA M 102 -2.67 41.77 -11.39
CA ALA M 102 -3.53 42.60 -12.21
C ALA M 102 -3.04 42.59 -13.65
N TYR M 103 -3.98 42.67 -14.59
CA TYR M 103 -3.63 42.68 -16.00
C TYR M 103 -4.69 43.43 -16.79
N ASN M 104 -4.23 44.12 -17.83
CA ASN M 104 -5.11 44.81 -18.76
C ASN M 104 -4.86 44.37 -20.20
N GLU M 105 -4.17 43.26 -20.41
CA GLU M 105 -3.81 42.84 -21.76
C GLU M 105 -5.00 42.19 -22.46
N TYR M 106 -5.52 41.11 -21.88
CA TYR M 106 -6.64 40.38 -22.47
C TYR M 106 -7.91 40.69 -21.69
N PRO M 107 -8.99 41.11 -22.35
CA PRO M 107 -10.18 41.60 -21.64
C PRO M 107 -11.10 40.52 -21.11
N ASP M 108 -10.68 39.25 -21.09
CA ASP M 108 -11.52 38.20 -20.54
C ASP M 108 -11.57 38.28 -19.02
N ASP M 109 -12.76 38.14 -18.46
CA ASP M 109 -12.94 38.24 -17.01
C ASP M 109 -12.57 36.91 -16.35
N SER M 110 -13.33 35.86 -16.67
CA SER M 110 -12.97 34.52 -16.21
C SER M 110 -12.02 33.87 -17.19
N LEU M 111 -10.97 33.24 -16.68
CA LEU M 111 -9.91 32.73 -17.55
C LEU M 111 -9.27 31.53 -16.88
N ASP M 112 -9.49 30.35 -17.45
CA ASP M 112 -8.85 29.14 -16.96
C ASP M 112 -7.38 29.13 -17.38
N LEU M 113 -6.59 28.32 -16.67
CA LEU M 113 -5.16 28.23 -16.97
C LEU M 113 -4.75 26.76 -17.02
N ASP M 114 -3.44 26.56 -17.12
CA ASP M 114 -2.83 25.24 -17.13
C ASP M 114 -2.98 24.59 -15.77
N PRO M 115 -3.50 23.34 -15.69
CA PRO M 115 -3.70 22.70 -14.39
C PRO M 115 -2.43 22.15 -13.75
N SER M 116 -1.27 22.42 -14.35
CA SER M 116 0.01 22.02 -13.76
C SER M 116 0.89 23.20 -13.38
N MET M 117 0.49 24.43 -13.68
CA MET M 117 1.25 25.61 -13.26
C MET M 117 0.89 26.09 -11.87
N LEU M 118 0.08 25.33 -11.13
CA LEU M 118 -0.35 25.76 -9.80
C LEU M 118 0.77 25.68 -8.77
N ASP M 119 1.81 24.90 -9.03
CA ASP M 119 2.97 24.90 -8.15
C ASP M 119 3.85 26.12 -8.33
N SER M 120 3.63 26.89 -9.39
CA SER M 120 4.36 28.13 -9.63
C SER M 120 3.67 29.35 -9.04
N ILE M 121 2.60 29.16 -8.27
CA ILE M 121 1.88 30.25 -7.60
C ILE M 121 1.62 29.88 -6.15
N TRP M 122 1.17 30.87 -5.39
CA TRP M 122 0.91 30.69 -3.97
C TRP M 122 -0.29 29.77 -3.76
N LYS M 123 -0.24 28.99 -2.68
CA LYS M 123 -1.30 28.06 -2.37
C LYS M 123 -1.50 28.03 -0.87
N PRO M 124 -2.74 27.88 -0.41
CA PRO M 124 -2.99 27.67 1.01
C PRO M 124 -2.47 26.31 1.47
N ASP M 125 -2.27 26.21 2.78
CA ASP M 125 -1.62 25.07 3.40
C ASP M 125 -2.58 24.22 4.22
N LEU M 126 -3.80 24.04 3.71
CA LEU M 126 -4.83 23.34 4.45
C LEU M 126 -4.53 21.85 4.52
N PHE M 127 -4.92 21.24 5.63
CA PHE M 127 -4.91 19.80 5.78
C PHE M 127 -6.15 19.41 6.57
N PHE M 128 -6.28 18.14 6.87
CA PHE M 128 -7.40 17.65 7.67
C PHE M 128 -6.87 17.03 8.95
N ALA M 129 -7.59 17.27 10.04
CA ALA M 129 -7.10 16.89 11.36
C ALA M 129 -7.09 15.38 11.55
N ASN M 130 -8.21 14.73 11.23
CA ASN M 130 -8.33 13.28 11.36
C ASN M 130 -8.26 12.56 10.02
N GLU M 131 -7.39 13.01 9.11
CA GLU M 131 -7.41 12.54 7.73
C GLU M 131 -7.01 11.08 7.58
N LYS M 132 -6.10 10.58 8.43
CA LYS M 132 -5.75 9.17 8.60
C LYS M 132 -5.15 8.56 7.32
N GLY M 133 -4.68 9.38 6.38
CA GLY M 133 -4.22 8.90 5.10
C GLY M 133 -4.91 9.60 3.95
N ALA M 134 -4.14 10.23 3.07
CA ALA M 134 -4.71 11.01 1.98
C ALA M 134 -3.66 11.18 0.90
N HIS M 135 -4.12 11.50 -0.30
CA HIS M 135 -3.23 11.66 -1.44
C HIS M 135 -3.92 12.48 -2.53
N PHE M 136 -3.13 12.89 -3.51
CA PHE M 136 -3.60 13.63 -4.67
C PHE M 136 -4.21 12.66 -5.68
N HIS M 137 -4.48 13.17 -6.89
CA HIS M 137 -4.93 12.34 -8.00
C HIS M 137 -4.30 12.90 -9.27
N GLU M 138 -3.19 12.27 -9.69
CA GLU M 138 -2.49 12.67 -10.89
C GLU M 138 -2.90 11.83 -12.10
N ILE M 139 -4.15 11.37 -12.13
CA ILE M 139 -4.61 10.48 -13.19
C ILE M 139 -4.78 11.29 -14.46
N THR M 140 -3.83 11.10 -15.40
CA THR M 140 -3.71 11.65 -16.76
C THR M 140 -3.37 13.13 -16.79
N THR M 141 -3.46 13.81 -15.64
CA THR M 141 -3.22 15.24 -15.45
C THR M 141 -3.31 15.42 -13.94
N ASP M 142 -2.57 16.37 -13.38
CA ASP M 142 -2.83 16.84 -12.02
C ASP M 142 -4.26 17.35 -11.95
N ASN M 143 -5.14 16.64 -11.24
CA ASN M 143 -6.57 16.99 -11.18
C ASN M 143 -6.77 18.22 -10.30
N LYS M 144 -6.29 19.37 -10.78
CA LYS M 144 -6.00 20.54 -9.94
C LYS M 144 -6.41 21.77 -10.74
N LEU M 145 -7.62 22.24 -10.51
CA LEU M 145 -8.16 23.37 -11.26
C LEU M 145 -7.55 24.67 -10.77
N LEU M 146 -7.33 25.60 -11.70
CA LEU M 146 -6.74 26.90 -11.39
C LEU M 146 -7.39 27.93 -12.31
N ARG M 147 -8.26 28.77 -11.76
CA ARG M 147 -8.96 29.79 -12.51
C ARG M 147 -8.66 31.14 -11.89
N ILE M 148 -8.19 32.08 -12.71
CA ILE M 148 -7.79 33.41 -12.27
C ILE M 148 -8.74 34.43 -12.88
N SER M 149 -9.29 35.29 -12.04
CA SER M 149 -10.19 36.34 -12.51
C SER M 149 -9.40 37.51 -13.10
N ARG M 150 -10.11 38.57 -13.41
CA ARG M 150 -9.48 39.75 -14.02
C ARG M 150 -8.69 40.54 -13.00
N ASN M 151 -9.24 40.72 -11.81
CA ASN M 151 -8.61 41.59 -10.82
C ASN M 151 -7.49 40.90 -10.07
N GLY M 152 -7.64 39.60 -9.81
CA GLY M 152 -6.64 38.88 -9.03
C GLY M 152 -7.25 37.86 -8.10
N ASN M 153 -8.57 37.77 -8.07
CA ASN M 153 -9.24 36.70 -7.33
C ASN M 153 -9.00 35.38 -8.05
N VAL M 154 -8.79 34.32 -7.27
CA VAL M 154 -8.37 33.03 -7.80
C VAL M 154 -9.40 31.99 -7.40
N LEU M 155 -10.01 31.34 -8.40
CA LEU M 155 -10.79 30.15 -8.18
C LEU M 155 -9.89 28.93 -8.29
N TYR M 156 -10.04 28.01 -7.35
CA TYR M 156 -9.13 26.89 -7.19
C TYR M 156 -9.92 25.66 -6.79
N SER M 157 -9.55 24.50 -7.33
CA SER M 157 -10.27 23.27 -7.02
C SER M 157 -9.36 22.08 -7.24
N ILE M 158 -9.31 21.19 -6.24
CA ILE M 158 -8.53 19.96 -6.30
C ILE M 158 -9.35 18.81 -5.75
N ARG M 159 -8.95 17.60 -6.12
CA ARG M 159 -9.67 16.38 -5.77
C ARG M 159 -8.86 15.58 -4.75
N ILE M 160 -9.47 15.31 -3.59
CA ILE M 160 -8.80 14.64 -2.49
C ILE M 160 -9.66 13.48 -2.00
N THR M 161 -9.07 12.30 -1.89
CA THR M 161 -9.69 11.16 -1.24
C THR M 161 -9.20 11.09 0.21
N LEU M 162 -10.13 11.00 1.14
CA LEU M 162 -9.82 10.95 2.57
C LEU M 162 -10.31 9.65 3.17
N THR M 163 -9.85 9.38 4.39
CA THR M 163 -10.35 8.27 5.21
C THR M 163 -10.56 8.78 6.64
N LEU M 164 -11.33 9.86 6.75
CA LEU M 164 -11.55 10.63 7.99
C LEU M 164 -12.09 9.77 9.12
N ALA M 165 -11.45 9.87 10.28
CA ALA M 165 -11.80 9.08 11.45
C ALA M 165 -12.60 9.95 12.42
N CYS M 166 -13.83 9.53 12.72
CA CYS M 166 -14.66 10.28 13.64
C CYS M 166 -14.80 9.53 14.96
N PRO M 167 -14.55 10.18 16.09
CA PRO M 167 -14.86 9.55 17.38
C PRO M 167 -16.36 9.43 17.59
N MET M 168 -16.86 8.21 17.50
CA MET M 168 -18.29 7.97 17.43
C MET M 168 -18.82 7.49 18.78
N ASP M 169 -19.83 8.19 19.31
CA ASP M 169 -20.50 7.76 20.52
C ASP M 169 -21.56 6.72 20.14
N LEU M 170 -21.41 5.51 20.64
CA LEU M 170 -22.21 4.38 20.21
C LEU M 170 -22.97 3.77 21.39
N LYS M 171 -23.61 4.62 22.20
CA LYS M 171 -24.44 4.12 23.28
C LYS M 171 -25.70 3.44 22.74
N ASN M 172 -26.27 3.97 21.67
CA ASN M 172 -27.40 3.35 20.97
C ASN M 172 -27.01 3.19 19.50
N PHE M 173 -26.29 2.11 19.21
CA PHE M 173 -25.69 1.93 17.89
C PHE M 173 -26.70 1.72 16.75
N PRO M 174 -27.76 0.91 16.87
CA PRO M 174 -28.70 0.84 15.72
C PRO M 174 -29.59 2.06 15.56
N MET M 175 -29.58 3.01 16.49
CA MET M 175 -30.35 4.23 16.38
C MET M 175 -29.51 5.46 16.73
N ASP M 176 -28.31 5.54 16.16
CA ASP M 176 -27.42 6.65 16.44
C ASP M 176 -27.47 7.71 15.34
N VAL M 177 -27.19 8.94 15.73
CA VAL M 177 -27.04 10.07 14.81
C VAL M 177 -25.62 10.57 15.01
N GLN M 178 -24.71 10.15 14.14
CA GLN M 178 -23.28 10.33 14.37
C GLN M 178 -22.80 11.53 13.56
N THR M 179 -22.42 12.59 14.27
CA THR M 179 -21.89 13.80 13.66
C THR M 179 -20.41 13.57 13.38
N CYS M 180 -20.14 12.90 12.28
CA CYS M 180 -18.76 12.64 11.88
C CYS M 180 -18.26 13.80 11.04
N ILE M 181 -17.07 14.30 11.36
CA ILE M 181 -16.64 15.62 10.96
C ILE M 181 -15.33 15.54 10.19
N MET M 182 -15.02 16.63 9.50
CA MET M 182 -13.69 16.96 9.03
C MET M 182 -13.30 18.30 9.61
N GLN M 183 -12.00 18.56 9.68
CA GLN M 183 -11.50 19.82 10.23
C GLN M 183 -10.41 20.35 9.31
N LEU M 184 -10.74 21.36 8.52
CA LEU M 184 -9.71 22.08 7.79
C LEU M 184 -8.89 22.91 8.76
N GLU M 185 -7.60 23.05 8.46
CA GLU M 185 -6.66 23.65 9.40
C GLU M 185 -5.43 24.12 8.63
N SER M 186 -4.99 25.34 8.91
CA SER M 186 -3.74 25.83 8.36
C SER M 186 -2.60 25.46 9.31
N PHE M 187 -1.44 25.15 8.73
CA PHE M 187 -0.30 24.73 9.53
C PHE M 187 0.88 25.66 9.41
N GLY M 188 1.35 25.97 8.21
CA GLY M 188 2.52 26.79 8.06
C GLY M 188 2.30 28.29 8.16
N TYR M 189 1.10 28.72 8.57
CA TYR M 189 0.81 30.12 8.74
C TYR M 189 -0.12 30.31 9.93
N THR M 190 0.10 31.37 10.69
CA THR M 190 -0.74 31.68 11.84
C THR M 190 -1.95 32.50 11.41
N MET M 191 -2.71 32.99 12.37
CA MET M 191 -3.94 33.71 12.06
C MET M 191 -3.72 35.16 11.67
N ASN M 192 -2.49 35.66 11.76
CA ASN M 192 -2.17 36.94 11.16
C ASN M 192 -1.74 36.82 9.71
N ASP M 193 -1.85 35.63 9.12
CA ASP M 193 -1.47 35.41 7.74
C ASP M 193 -2.56 34.77 6.88
N LEU M 194 -3.46 33.98 7.47
CA LEU M 194 -4.40 33.20 6.68
C LEU M 194 -5.62 32.89 7.51
N ILE M 195 -6.80 33.11 6.93
CA ILE M 195 -8.07 32.83 7.58
C ILE M 195 -8.89 31.93 6.68
N PHE M 196 -9.43 30.85 7.24
CA PHE M 196 -10.39 30.02 6.55
C PHE M 196 -11.80 30.45 6.91
N GLU M 197 -12.67 30.48 5.91
CA GLU M 197 -14.08 30.81 6.09
C GLU M 197 -14.91 29.83 5.28
N TRP M 198 -16.23 29.97 5.36
CA TRP M 198 -17.10 29.22 4.47
C TRP M 198 -17.67 30.19 3.43
N GLN M 199 -18.56 29.70 2.57
CA GLN M 199 -19.21 30.54 1.59
C GLN M 199 -20.46 31.17 2.21
N GLU M 200 -20.76 32.41 1.80
CA GLU M 200 -21.90 33.11 2.37
C GLU M 200 -23.22 32.49 1.95
N GLN M 201 -23.31 31.97 0.73
CA GLN M 201 -24.50 31.28 0.24
C GLN M 201 -24.08 29.96 -0.38
N GLY M 202 -24.60 28.86 0.15
CA GLY M 202 -24.25 27.55 -0.36
C GLY M 202 -22.83 27.15 -0.02
N ALA M 203 -22.58 26.91 1.27
CA ALA M 203 -21.23 26.64 1.76
C ALA M 203 -20.91 25.15 1.83
N VAL M 204 -21.75 24.30 1.25
CA VAL M 204 -21.48 22.88 1.11
C VAL M 204 -22.33 22.36 -0.06
N GLN M 205 -21.75 21.46 -0.84
CA GLN M 205 -22.46 20.88 -1.98
C GLN M 205 -22.44 19.36 -1.88
N VAL M 206 -23.58 18.75 -2.17
CA VAL M 206 -23.73 17.30 -2.20
C VAL M 206 -24.07 16.90 -3.62
N ALA M 207 -23.23 16.07 -4.23
CA ALA M 207 -23.54 15.52 -5.54
C ALA M 207 -24.69 14.53 -5.42
N ASP M 208 -25.61 14.57 -6.38
CA ASP M 208 -26.85 13.81 -6.28
C ASP M 208 -26.60 12.31 -6.45
N GLY M 209 -27.61 11.54 -6.05
CA GLY M 209 -27.56 10.10 -6.16
C GLY M 209 -26.71 9.40 -5.13
N LEU M 210 -26.11 10.13 -4.19
CA LEU M 210 -25.26 9.51 -3.18
C LEU M 210 -26.15 8.85 -2.13
N THR M 211 -26.51 7.60 -2.37
CA THR M 211 -27.27 6.82 -1.40
C THR M 211 -26.35 5.77 -0.79
N LEU M 212 -26.56 5.50 0.50
CA LEU M 212 -25.62 4.68 1.24
C LEU M 212 -26.31 3.53 1.95
N PRO M 213 -25.63 2.38 2.07
CA PRO M 213 -26.14 1.32 2.94
C PRO M 213 -26.04 1.75 4.40
N GLN M 214 -27.10 1.45 5.15
CA GLN M 214 -27.28 1.76 6.58
C GLN M 214 -27.27 3.24 6.90
N PHE M 215 -27.33 4.13 5.91
CA PHE M 215 -27.16 5.55 6.20
C PHE M 215 -27.99 6.39 5.24
N ILE M 216 -28.35 7.57 5.72
CA ILE M 216 -28.78 8.68 4.87
C ILE M 216 -27.98 9.91 5.28
N LEU M 217 -27.62 10.72 4.30
CA LEU M 217 -26.96 11.99 4.59
C LEU M 217 -28.03 13.05 4.86
N LYS M 218 -28.02 13.60 6.07
CA LYS M 218 -28.98 14.63 6.42
C LYS M 218 -28.64 15.93 5.73
N GLU M 219 -29.68 16.66 5.31
CA GLU M 219 -29.49 17.77 4.39
C GLU M 219 -28.97 19.01 5.10
N GLU M 220 -29.50 19.31 6.28
CA GLU M 220 -28.99 20.42 7.05
C GLU M 220 -27.64 20.05 7.67
N LYS M 221 -26.70 20.99 7.61
CA LYS M 221 -25.32 20.75 8.02
C LYS M 221 -24.84 21.95 8.81
N ASP M 222 -24.33 21.70 10.02
CA ASP M 222 -23.77 22.77 10.83
C ASP M 222 -22.36 23.08 10.36
N LEU M 223 -22.06 24.37 10.20
CA LEU M 223 -20.74 24.82 9.75
C LEU M 223 -20.27 25.90 10.71
N ARG M 224 -19.52 25.49 11.73
CA ARG M 224 -19.11 26.35 12.84
C ARG M 224 -17.62 26.65 12.77
N TYR M 225 -17.11 27.32 13.80
CA TYR M 225 -15.70 27.71 13.88
C TYR M 225 -15.01 26.95 14.99
N CYS M 226 -14.29 25.89 14.62
CA CYS M 226 -13.20 25.41 15.46
C CYS M 226 -12.05 26.40 15.39
N THR M 227 -11.13 26.30 16.35
CA THR M 227 -9.92 27.11 16.31
C THR M 227 -8.84 26.36 17.09
N LYS M 228 -7.65 26.25 16.49
CA LYS M 228 -6.52 25.60 17.12
C LYS M 228 -5.55 26.64 17.64
N HIS M 229 -5.14 26.49 18.89
CA HIS M 229 -4.05 27.26 19.47
C HIS M 229 -2.94 26.28 19.81
N TYR M 230 -1.80 26.41 19.12
CA TYR M 230 -0.68 25.54 19.39
C TYR M 230 0.41 26.31 20.10
N ASN M 231 1.53 25.62 20.35
CA ASN M 231 2.68 26.27 20.96
C ASN M 231 3.34 27.24 20.01
N THR M 232 3.16 27.04 18.70
CA THR M 232 3.59 28.03 17.73
C THR M 232 2.68 29.26 17.75
N GLY M 233 1.39 29.06 18.05
CA GLY M 233 0.48 30.19 18.17
C GLY M 233 -0.95 29.95 17.73
N LYS M 234 -1.58 31.00 17.21
CA LYS M 234 -2.98 30.95 16.79
C LYS M 234 -3.10 30.35 15.40
N PHE M 235 -3.93 29.32 15.25
CA PHE M 235 -4.21 28.70 13.95
C PHE M 235 -5.70 28.74 13.63
N THR M 236 -6.00 29.06 12.38
CA THR M 236 -7.39 29.13 11.93
C THR M 236 -7.90 27.74 11.62
N CYS M 237 -9.17 27.50 11.96
CA CYS M 237 -9.80 26.21 11.73
C CYS M 237 -11.23 26.46 11.27
N ILE M 238 -11.72 25.61 10.36
CA ILE M 238 -13.13 25.53 10.02
C ILE M 238 -13.48 24.06 9.87
N GLU M 239 -14.75 23.75 10.09
CA GLU M 239 -15.16 22.36 10.16
C GLU M 239 -16.60 22.21 9.70
N ALA M 240 -16.93 21.01 9.24
CA ALA M 240 -18.27 20.63 8.85
C ALA M 240 -18.82 19.60 9.83
N ARG M 241 -20.15 19.48 9.84
CA ARG M 241 -20.85 18.58 10.75
C ARG M 241 -21.79 17.72 9.92
N PHE M 242 -21.41 16.46 9.68
CA PHE M 242 -22.22 15.53 8.89
C PHE M 242 -22.97 14.62 9.86
N HIS M 243 -24.25 14.93 10.09
CA HIS M 243 -25.09 14.10 10.94
C HIS M 243 -25.47 12.84 10.17
N LEU M 244 -25.06 11.68 10.68
CA LEU M 244 -25.35 10.41 10.03
C LEU M 244 -26.55 9.76 10.70
N GLU M 245 -27.73 9.95 10.13
CA GLU M 245 -28.92 9.25 10.58
C GLU M 245 -28.85 7.82 10.06
N ARG M 246 -28.60 6.87 10.95
CA ARG M 246 -28.38 5.49 10.54
C ARG M 246 -29.69 4.83 10.14
N GLN M 247 -29.66 4.13 9.00
CA GLN M 247 -30.79 3.32 8.57
C GLN M 247 -30.65 1.95 9.21
N MET M 248 -31.64 1.59 10.03
CA MET M 248 -31.64 0.36 10.81
C MET M 248 -32.13 -0.86 10.02
N GLY M 249 -32.21 -0.77 8.70
CA GLY M 249 -32.77 -1.84 7.90
C GLY M 249 -31.94 -3.10 7.87
N TYR M 250 -30.65 -3.00 8.15
CA TYR M 250 -29.82 -4.21 8.19
C TYR M 250 -30.07 -5.00 9.46
N TYR M 251 -29.93 -4.35 10.62
CA TYR M 251 -29.92 -5.04 11.90
C TYR M 251 -31.30 -5.51 12.35
N LEU M 252 -32.36 -5.16 11.64
CA LEU M 252 -33.68 -5.68 11.98
C LEU M 252 -33.81 -7.14 11.53
N ILE M 253 -33.66 -7.38 10.23
CA ILE M 253 -33.84 -8.74 9.72
C ILE M 253 -32.63 -9.61 10.08
N GLN M 254 -31.43 -9.03 10.06
CA GLN M 254 -30.22 -9.82 10.27
C GLN M 254 -30.00 -10.14 11.73
N MET M 255 -30.23 -9.17 12.63
CA MET M 255 -29.91 -9.33 14.04
C MET M 255 -31.15 -9.44 14.92
N TYR M 256 -32.15 -8.59 14.72
CA TYR M 256 -33.28 -8.54 15.64
C TYR M 256 -34.21 -9.73 15.45
N ILE M 257 -34.48 -10.12 14.20
CA ILE M 257 -35.35 -11.27 13.93
C ILE M 257 -34.77 -12.59 14.46
N PRO M 258 -33.47 -12.90 14.32
CA PRO M 258 -32.97 -14.09 15.02
C PRO M 258 -32.93 -13.93 16.53
N SER M 259 -32.86 -12.70 17.05
CA SER M 259 -33.03 -12.54 18.48
C SER M 259 -34.49 -12.69 18.89
N LEU M 260 -35.40 -12.36 17.98
CA LEU M 260 -36.82 -12.44 18.31
C LEU M 260 -37.34 -13.87 18.20
N LEU M 261 -36.79 -14.65 17.26
CA LEU M 261 -37.36 -15.96 16.96
C LEU M 261 -37.03 -16.99 18.02
N ILE M 262 -35.86 -16.89 18.64
CA ILE M 262 -35.41 -17.92 19.57
C ILE M 262 -36.00 -17.71 20.96
N VAL M 263 -36.38 -16.48 21.30
CA VAL M 263 -37.00 -16.22 22.61
C VAL M 263 -38.39 -16.84 22.68
N ILE M 264 -39.19 -16.64 21.63
CA ILE M 264 -40.51 -17.26 21.58
C ILE M 264 -40.42 -18.77 21.32
N LEU M 265 -39.28 -19.23 20.80
CA LEU M 265 -39.00 -20.65 20.71
C LEU M 265 -38.83 -21.29 22.09
N SER M 266 -38.46 -20.50 23.10
CA SER M 266 -38.34 -21.04 24.44
C SER M 266 -39.70 -21.28 25.11
N TRP M 267 -40.78 -20.75 24.54
CA TRP M 267 -42.08 -20.88 25.18
C TRP M 267 -42.69 -22.27 25.03
N ILE M 268 -42.31 -23.01 23.99
CA ILE M 268 -42.85 -24.36 23.80
C ILE M 268 -42.24 -25.38 24.74
N SER M 269 -41.22 -24.98 25.52
CA SER M 269 -40.77 -25.79 26.63
C SER M 269 -41.84 -25.94 27.69
N PHE M 270 -42.71 -24.93 27.84
CA PHE M 270 -43.68 -24.89 28.93
C PHE M 270 -45.06 -25.40 28.52
N TRP M 271 -45.12 -26.28 27.51
CA TRP M 271 -46.38 -26.84 27.06
C TRP M 271 -46.36 -28.34 26.85
N ILE M 272 -45.18 -28.97 26.81
CA ILE M 272 -45.06 -30.39 26.50
C ILE M 272 -45.35 -31.22 27.74
N ASN M 273 -45.44 -32.54 27.56
CA ASN M 273 -45.77 -33.47 28.64
C ASN M 273 -44.71 -33.44 29.74
N MET M 274 -45.16 -33.73 30.97
CA MET M 274 -44.25 -33.72 32.11
C MET M 274 -43.37 -34.96 32.17
N ASP M 275 -43.70 -36.00 31.40
CA ASP M 275 -42.84 -37.17 31.27
C ASP M 275 -41.80 -37.01 30.16
N ALA M 276 -41.66 -35.81 29.61
CA ALA M 276 -40.66 -35.50 28.59
C ALA M 276 -39.39 -34.94 29.25
N ALA M 277 -38.85 -35.73 30.16
CA ALA M 277 -37.65 -35.35 30.90
C ALA M 277 -36.35 -35.43 30.10
N PRO M 278 -36.12 -36.41 29.20
CA PRO M 278 -35.00 -36.24 28.27
C PRO M 278 -35.31 -35.39 27.04
N ALA M 279 -36.54 -34.90 26.88
CA ALA M 279 -36.90 -34.13 25.70
C ALA M 279 -36.83 -32.63 25.94
N ARG M 280 -37.33 -32.16 27.10
CA ARG M 280 -37.30 -30.74 27.41
C ARG M 280 -35.88 -30.25 27.63
N VAL M 281 -34.98 -31.15 28.05
CA VAL M 281 -33.59 -30.80 28.26
C VAL M 281 -32.86 -30.55 26.93
N GLY M 282 -33.39 -31.06 25.82
CA GLY M 282 -32.78 -30.85 24.53
C GLY M 282 -33.17 -29.58 23.83
N LEU M 283 -34.04 -28.76 24.44
CA LEU M 283 -34.53 -27.53 23.83
C LEU M 283 -33.80 -26.30 24.34
N GLY M 284 -33.74 -26.10 25.64
CA GLY M 284 -33.22 -24.85 26.18
C GLY M 284 -31.71 -24.74 26.06
N ILE M 285 -31.00 -25.87 26.19
CA ILE M 285 -29.54 -25.83 26.19
C ILE M 285 -29.00 -25.60 24.79
N THR M 286 -29.66 -26.18 23.78
CA THR M 286 -29.24 -25.95 22.40
C THR M 286 -29.57 -24.52 21.97
N THR M 287 -30.73 -24.01 22.38
CA THR M 287 -31.12 -22.66 21.99
C THR M 287 -30.35 -21.59 22.74
N VAL M 288 -29.88 -21.86 23.97
CA VAL M 288 -29.02 -20.87 24.61
C VAL M 288 -27.61 -20.96 24.01
N LEU M 289 -27.24 -22.12 23.48
CA LEU M 289 -26.04 -22.20 22.65
C LEU M 289 -26.27 -21.51 21.32
N THR M 290 -27.51 -21.56 20.81
CA THR M 290 -27.83 -20.87 19.57
C THR M 290 -27.80 -19.35 19.77
N MET M 291 -28.30 -18.88 20.92
CA MET M 291 -28.16 -17.46 21.23
C MET M 291 -26.71 -17.09 21.54
N THR M 292 -25.94 -18.04 22.06
CA THR M 292 -24.49 -17.82 22.15
C THR M 292 -23.87 -17.84 20.77
N THR M 293 -24.38 -18.69 19.88
CA THR M 293 -24.00 -18.64 18.48
C THR M 293 -24.52 -17.35 17.84
N GLN M 294 -25.69 -16.87 18.27
CA GLN M 294 -26.15 -15.55 17.85
C GLN M 294 -25.26 -14.45 18.40
N SER M 295 -24.82 -14.56 19.66
CA SER M 295 -23.98 -13.53 20.23
C SER M 295 -22.59 -13.54 19.62
N SER M 296 -22.02 -14.73 19.42
CA SER M 296 -20.76 -14.83 18.69
C SER M 296 -20.92 -14.49 17.23
N GLY M 297 -22.12 -14.63 16.68
CA GLY M 297 -22.41 -14.17 15.34
C GLY M 297 -23.03 -12.80 15.33
N SER M 298 -22.56 -11.91 16.22
CA SER M 298 -23.07 -10.54 16.27
C SER M 298 -21.98 -9.49 16.44
N ARG M 299 -20.71 -9.88 16.58
CA ARG M 299 -19.66 -8.94 16.94
C ARG M 299 -18.48 -9.00 15.98
N ALA M 300 -18.72 -9.34 14.71
CA ALA M 300 -17.63 -9.58 13.77
C ALA M 300 -16.93 -8.30 13.36
N SER M 301 -17.66 -7.39 12.72
CA SER M 301 -17.11 -6.09 12.35
C SER M 301 -17.16 -5.09 13.50
N LEU M 302 -17.69 -5.48 14.65
CA LEU M 302 -17.88 -4.55 15.76
C LEU M 302 -16.55 -4.20 16.42
N PRO M 303 -16.33 -2.94 16.78
CA PRO M 303 -15.10 -2.56 17.48
C PRO M 303 -15.07 -3.08 18.91
N LYS M 304 -13.93 -2.88 19.55
CA LYS M 304 -13.71 -3.30 20.93
C LYS M 304 -13.67 -2.05 21.81
N VAL M 305 -14.85 -1.63 22.28
CA VAL M 305 -15.04 -0.37 22.99
C VAL M 305 -15.46 -0.69 24.42
N SER M 306 -15.09 0.19 25.36
CA SER M 306 -15.30 -0.07 26.79
C SER M 306 -16.78 0.01 27.16
N TYR M 307 -17.45 1.10 26.80
CA TYR M 307 -18.80 1.31 27.31
C TYR M 307 -19.82 0.41 26.60
N VAL M 308 -20.97 0.25 27.23
CA VAL M 308 -21.99 -0.68 26.76
C VAL M 308 -22.82 0.00 25.68
N LYS M 309 -23.41 -0.81 24.81
CA LYS M 309 -24.22 -0.34 23.70
C LYS M 309 -25.70 -0.61 23.99
N ALA M 310 -26.56 -0.33 23.02
CA ALA M 310 -27.93 -0.78 23.05
C ALA M 310 -28.15 -2.05 22.24
N ILE M 311 -27.24 -2.35 21.32
CA ILE M 311 -27.39 -3.53 20.48
C ILE M 311 -27.01 -4.80 21.24
N ASP M 312 -26.08 -4.69 22.19
CA ASP M 312 -25.60 -5.86 22.89
C ASP M 312 -26.47 -6.24 24.09
N ILE M 313 -27.08 -5.25 24.74
CA ILE M 313 -27.94 -5.56 25.88
C ILE M 313 -29.24 -6.21 25.44
N TRP M 314 -29.70 -5.94 24.21
CA TRP M 314 -30.79 -6.73 23.65
C TRP M 314 -30.38 -8.17 23.44
N MET M 315 -29.13 -8.40 23.04
CA MET M 315 -28.64 -9.76 22.89
C MET M 315 -28.51 -10.45 24.25
N ALA M 316 -28.11 -9.70 25.27
CA ALA M 316 -27.92 -10.29 26.59
C ALA M 316 -29.25 -10.61 27.27
N VAL M 317 -30.25 -9.74 27.09
CA VAL M 317 -31.54 -10.00 27.71
C VAL M 317 -32.28 -11.09 26.94
N CYS M 318 -31.99 -11.22 25.64
CA CYS M 318 -32.51 -12.38 24.90
C CYS M 318 -31.72 -13.63 25.25
N LEU M 319 -30.45 -13.47 25.66
CA LEU M 319 -29.70 -14.60 26.16
C LEU M 319 -30.19 -15.03 27.53
N LEU M 320 -30.65 -14.07 28.34
CA LEU M 320 -31.09 -14.40 29.69
C LEU M 320 -32.47 -15.07 29.69
N PHE M 321 -33.33 -14.70 28.73
CA PHE M 321 -34.66 -15.29 28.68
C PHE M 321 -34.60 -16.75 28.24
N VAL M 322 -33.73 -17.07 27.28
CA VAL M 322 -33.53 -18.47 26.93
C VAL M 322 -32.70 -19.18 28.00
N PHE M 323 -31.92 -18.43 28.77
CA PHE M 323 -31.29 -18.99 29.97
C PHE M 323 -32.33 -19.28 31.05
N SER M 324 -33.44 -18.54 31.05
CA SER M 324 -34.45 -18.66 32.09
C SER M 324 -35.34 -19.87 31.96
N ALA M 325 -35.22 -20.64 30.88
CA ALA M 325 -36.22 -21.66 30.57
C ALA M 325 -36.05 -22.92 31.40
N LEU M 326 -34.82 -23.42 31.55
CA LEU M 326 -34.62 -24.75 32.09
C LEU M 326 -34.54 -24.77 33.61
N LEU M 327 -34.06 -23.69 34.25
CA LEU M 327 -34.04 -23.68 35.71
C LEU M 327 -35.42 -23.49 36.29
N GLU M 328 -36.39 -23.03 35.50
CA GLU M 328 -37.79 -23.23 35.82
C GLU M 328 -38.07 -24.73 35.95
N TYR M 329 -37.69 -25.49 34.93
CA TYR M 329 -37.91 -26.93 34.95
C TYR M 329 -36.95 -27.63 35.91
N ALA M 330 -35.78 -27.04 36.18
CA ALA M 330 -34.94 -27.59 37.23
C ALA M 330 -35.53 -27.33 38.61
N ALA M 331 -36.28 -26.23 38.75
CA ALA M 331 -37.08 -26.05 39.97
C ALA M 331 -38.28 -26.98 39.99
N VAL M 332 -38.77 -27.37 38.81
CA VAL M 332 -39.80 -28.40 38.74
C VAL M 332 -39.22 -29.75 39.13
N ASN M 333 -37.98 -30.04 38.71
CA ASN M 333 -37.37 -31.34 38.95
C ASN M 333 -37.08 -31.60 40.42
N PHE M 334 -36.98 -30.56 41.26
CA PHE M 334 -36.94 -30.81 42.69
C PHE M 334 -38.34 -31.02 43.26
N VAL M 335 -39.33 -30.35 42.67
CA VAL M 335 -40.71 -30.60 43.07
C VAL M 335 -41.18 -31.93 42.50
N SER M 336 -40.95 -32.16 41.21
CA SER M 336 -41.31 -33.42 40.58
C SER M 336 -40.17 -34.44 40.69
N ILE M 416 -47.78 -33.14 42.51
CA ILE M 416 -47.91 -33.19 41.06
C ILE M 416 -48.64 -31.94 40.58
N GLN M 417 -49.79 -31.65 41.17
CA GLN M 417 -50.48 -30.39 40.91
C GLN M 417 -49.77 -29.21 41.54
N ARG M 418 -48.92 -29.45 42.55
CA ARG M 418 -48.05 -28.40 43.06
C ARG M 418 -47.05 -27.94 42.01
N ALA M 419 -46.54 -28.88 41.22
CA ALA M 419 -45.68 -28.52 40.10
C ALA M 419 -46.47 -27.88 38.97
N LYS M 420 -47.78 -28.16 38.90
CA LYS M 420 -48.63 -27.47 37.94
C LYS M 420 -48.84 -26.01 38.34
N LYS M 421 -48.75 -25.70 39.63
CA LYS M 421 -48.91 -24.32 40.06
C LYS M 421 -47.73 -23.45 39.65
N ILE M 422 -46.51 -23.98 39.77
CA ILE M 422 -45.33 -23.21 39.38
C ILE M 422 -45.19 -23.15 37.86
N ASP M 423 -45.81 -24.08 37.13
CA ASP M 423 -45.91 -23.99 35.69
C ASP M 423 -47.05 -23.08 35.25
N LYS M 424 -48.07 -22.92 36.11
CA LYS M 424 -49.17 -22.00 35.81
C LYS M 424 -48.70 -20.56 35.73
N ILE M 425 -47.67 -20.21 36.49
CA ILE M 425 -46.99 -18.93 36.34
C ILE M 425 -46.25 -18.87 35.01
N SER M 426 -45.76 -20.02 34.53
CA SER M 426 -44.89 -20.06 33.37
C SER M 426 -45.60 -20.44 32.07
N ARG M 427 -46.72 -21.16 32.14
CA ARG M 427 -47.37 -21.59 30.91
C ARG M 427 -48.15 -20.46 30.26
N ILE M 428 -48.71 -19.54 31.05
CA ILE M 428 -49.47 -18.42 30.54
C ILE M 428 -48.81 -17.09 30.87
N GLY M 429 -48.33 -16.92 32.11
CA GLY M 429 -47.78 -15.63 32.52
C GLY M 429 -46.43 -15.32 31.92
N PHE M 430 -45.61 -16.35 31.69
CA PHE M 430 -44.30 -16.14 31.08
C PHE M 430 -44.34 -15.83 29.58
N PRO M 431 -45.21 -16.43 28.74
CA PRO M 431 -45.35 -15.87 27.38
C PRO M 431 -46.04 -14.51 27.33
N MET M 432 -46.69 -14.08 28.42
CA MET M 432 -47.07 -12.68 28.54
C MET M 432 -45.96 -11.82 29.11
N ALA M 433 -44.82 -12.41 29.45
CA ALA M 433 -43.72 -11.70 30.09
C ALA M 433 -42.57 -11.43 29.13
N PHE M 434 -42.86 -11.06 27.90
CA PHE M 434 -41.81 -10.64 27.00
C PHE M 434 -42.05 -9.27 26.38
N LEU M 435 -43.31 -8.93 26.11
CA LEU M 435 -43.64 -7.63 25.53
C LEU M 435 -43.45 -6.48 26.51
N ILE M 436 -43.28 -6.78 27.80
CA ILE M 436 -43.03 -5.74 28.80
C ILE M 436 -41.68 -5.06 28.59
N PHE M 437 -40.72 -5.76 27.99
CA PHE M 437 -39.42 -5.15 27.74
C PHE M 437 -39.30 -4.63 26.31
N ASN M 438 -40.01 -5.24 25.36
CA ASN M 438 -39.91 -4.82 23.97
C ASN M 438 -40.48 -3.42 23.78
N MET M 439 -41.60 -3.11 24.43
CA MET M 439 -42.09 -1.74 24.45
C MET M 439 -41.15 -0.84 25.24
N PHE M 440 -40.53 -1.39 26.30
CA PHE M 440 -39.58 -0.63 27.11
C PHE M 440 -38.30 -0.30 26.35
N TYR M 441 -37.96 -1.09 25.34
CA TYR M 441 -36.71 -0.90 24.63
C TYR M 441 -36.77 0.33 23.72
N TRP M 442 -37.80 0.43 22.89
CA TRP M 442 -37.83 1.43 21.83
C TRP M 442 -38.20 2.81 22.31
N ILE M 443 -38.56 2.98 23.58
CA ILE M 443 -38.92 4.31 24.08
C ILE M 443 -37.68 5.13 24.39
N ILE M 444 -36.73 4.53 25.10
CA ILE M 444 -35.62 5.30 25.68
C ILE M 444 -34.62 5.71 24.62
N TYR M 445 -34.02 4.71 23.94
CA TYR M 445 -32.87 4.96 23.09
C TYR M 445 -33.26 5.23 21.63
N LYS M 446 -34.45 5.79 21.39
CA LYS M 446 -34.86 6.16 20.06
C LYS M 446 -34.36 7.54 19.64
N ILE M 447 -33.84 8.34 20.59
CA ILE M 447 -33.38 9.68 20.29
C ILE M 447 -31.89 9.67 19.97
N SER N 37 40.57 8.13 -21.23
CA SER N 37 40.04 8.20 -19.87
C SER N 37 38.70 7.47 -19.76
N PRO N 38 38.47 6.81 -18.63
CA PRO N 38 37.15 6.21 -18.39
C PRO N 38 36.03 7.23 -18.30
N SER N 39 36.33 8.44 -17.83
CA SER N 39 35.36 9.53 -17.90
C SER N 39 35.14 9.95 -19.34
N ASP N 40 36.22 10.01 -20.12
CA ASP N 40 36.11 10.36 -21.53
C ASP N 40 35.54 9.23 -22.37
N PHE N 41 35.52 8.01 -21.83
CA PHE N 41 34.88 6.89 -22.52
C PHE N 41 33.37 7.11 -22.63
N LEU N 42 32.73 7.46 -21.51
CA LEU N 42 31.30 7.75 -21.55
C LEU N 42 31.00 9.09 -22.21
N ASP N 43 32.00 9.97 -22.32
CA ASP N 43 31.81 11.23 -23.03
C ASP N 43 31.61 11.02 -24.53
N LYS N 44 32.26 9.99 -25.09
CA LYS N 44 32.01 9.62 -26.48
C LYS N 44 30.80 8.70 -26.61
N LEU N 45 30.46 7.96 -25.56
CA LEU N 45 29.27 7.11 -25.59
C LEU N 45 27.99 7.93 -25.49
N MET N 46 27.83 8.65 -24.39
CA MET N 46 26.62 9.41 -24.09
C MET N 46 26.98 10.86 -23.80
N GLY N 47 25.97 11.64 -23.43
CA GLY N 47 26.19 13.01 -23.02
C GLY N 47 26.16 14.03 -24.15
N ARG N 48 26.94 15.10 -24.00
CA ARG N 48 26.85 16.25 -24.89
C ARG N 48 27.59 16.02 -26.20
N THR N 49 28.88 15.68 -26.12
CA THR N 49 29.72 15.54 -27.30
C THR N 49 29.34 14.31 -28.14
N SER N 50 28.68 13.32 -27.54
CA SER N 50 28.32 12.10 -28.26
C SER N 50 27.26 12.37 -29.32
N GLY N 51 26.21 13.11 -28.98
CA GLY N 51 25.09 13.26 -29.86
C GLY N 51 24.15 12.09 -29.88
N TYR N 52 24.24 11.20 -28.90
CA TYR N 52 23.34 10.07 -28.78
C TYR N 52 21.93 10.56 -28.42
N ASP N 53 20.93 9.85 -28.93
CA ASP N 53 19.55 10.06 -28.55
C ASP N 53 18.98 8.75 -28.05
N ALA N 54 18.32 8.80 -26.90
CA ALA N 54 17.70 7.61 -26.32
C ALA N 54 16.25 7.44 -26.75
N ARG N 55 15.69 8.41 -27.46
CA ARG N 55 14.29 8.41 -27.84
C ARG N 55 14.04 7.70 -29.16
N ILE N 56 15.08 7.15 -29.78
CA ILE N 56 15.00 6.55 -31.10
C ILE N 56 15.38 5.08 -30.97
N ARG N 57 14.58 4.20 -31.59
CA ARG N 57 14.91 2.79 -31.63
C ARG N 57 16.19 2.54 -32.43
N PRO N 58 16.91 1.47 -32.15
CA PRO N 58 18.04 1.09 -33.00
C PRO N 58 17.57 0.59 -34.36
N ASN N 59 18.46 0.72 -35.35
CA ASN N 59 18.18 0.46 -36.77
C ASN N 59 16.96 1.26 -37.24
N PHE N 60 17.04 2.57 -37.06
CA PHE N 60 15.96 3.46 -37.46
C PHE N 60 15.98 3.67 -38.96
N LYS N 61 14.79 3.94 -39.52
CA LYS N 61 14.53 3.97 -40.97
C LYS N 61 14.96 2.68 -41.65
N GLY N 62 14.51 1.55 -41.10
CA GLY N 62 14.91 0.27 -41.61
C GLY N 62 14.36 -0.92 -40.85
N PRO N 63 15.23 -1.87 -40.52
CA PRO N 63 14.76 -3.14 -39.96
C PRO N 63 14.24 -2.95 -38.53
N PRO N 64 13.40 -3.86 -38.06
CA PRO N 64 12.99 -3.82 -36.65
C PRO N 64 14.06 -4.44 -35.77
N VAL N 65 13.74 -4.52 -34.48
CA VAL N 65 14.65 -5.04 -33.48
C VAL N 65 14.08 -6.35 -32.95
N ASN N 66 14.76 -7.46 -33.21
CA ASN N 66 14.39 -8.70 -32.56
C ASN N 66 15.10 -8.78 -31.21
N VAL N 67 14.40 -9.32 -30.21
CA VAL N 67 14.88 -9.35 -28.83
C VAL N 67 14.95 -10.80 -28.39
N SER N 68 16.15 -11.34 -28.29
CA SER N 68 16.35 -12.60 -27.60
C SER N 68 16.34 -12.35 -26.11
N CYS N 69 15.49 -13.08 -25.38
CA CYS N 69 15.27 -12.76 -23.98
C CYS N 69 14.77 -14.00 -23.24
N ASN N 70 15.06 -14.04 -21.94
CA ASN N 70 14.53 -15.08 -21.08
C ASN N 70 14.41 -14.53 -19.65
N ILE N 71 13.73 -15.28 -18.80
CA ILE N 71 13.47 -14.88 -17.42
C ILE N 71 14.32 -15.71 -16.49
N PHE N 72 14.72 -15.11 -15.38
CA PHE N 72 15.52 -15.76 -14.33
C PHE N 72 14.63 -15.72 -13.09
N ILE N 73 13.84 -16.77 -12.86
CA ILE N 73 12.89 -16.74 -11.75
C ILE N 73 13.62 -16.89 -10.43
N ASN N 74 13.11 -16.24 -9.39
CA ASN N 74 13.70 -16.30 -8.05
C ASN N 74 12.77 -16.96 -7.06
N SER N 75 11.58 -16.42 -6.84
CA SER N 75 10.59 -17.00 -5.92
C SER N 75 9.29 -17.09 -6.69
N PHE N 76 9.15 -18.16 -7.45
CA PHE N 76 7.88 -18.49 -8.06
C PHE N 76 6.97 -19.12 -7.00
N GLY N 77 5.68 -18.87 -7.11
CA GLY N 77 4.74 -19.49 -6.21
C GLY N 77 3.72 -18.55 -5.61
N SER N 78 3.24 -18.92 -4.41
CA SER N 78 2.13 -18.27 -3.70
C SER N 78 0.89 -18.16 -4.59
N ILE N 79 0.48 -19.31 -5.13
CA ILE N 79 -0.71 -19.37 -5.96
C ILE N 79 -1.95 -19.20 -5.07
N ALA N 80 -2.75 -18.19 -5.36
CA ALA N 80 -3.95 -17.89 -4.60
C ALA N 80 -5.16 -18.53 -5.25
N GLU N 81 -6.11 -18.96 -4.41
CA GLU N 81 -7.32 -19.60 -4.90
C GLU N 81 -8.40 -18.57 -5.20
N THR N 82 -8.73 -17.72 -4.21
CA THR N 82 -9.78 -16.73 -4.40
C THR N 82 -9.31 -15.60 -5.30
N THR N 83 -8.12 -15.04 -5.03
CA THR N 83 -7.61 -13.92 -5.79
C THR N 83 -7.19 -14.34 -7.20
N MET N 84 -6.91 -15.64 -7.40
CA MET N 84 -6.58 -16.25 -8.69
C MET N 84 -5.35 -15.61 -9.33
N ASP N 85 -4.26 -15.62 -8.57
CA ASP N 85 -2.99 -15.09 -9.04
C ASP N 85 -1.85 -15.79 -8.29
N TYR N 86 -0.63 -15.32 -8.55
CA TYR N 86 0.57 -15.88 -7.92
C TYR N 86 1.65 -14.81 -7.95
N ARG N 87 2.35 -14.64 -6.83
CA ARG N 87 3.40 -13.64 -6.75
C ARG N 87 4.74 -14.26 -7.12
N VAL N 88 5.33 -13.78 -8.21
CA VAL N 88 6.58 -14.32 -8.72
C VAL N 88 7.62 -13.20 -8.70
N ASN N 89 8.86 -13.58 -8.41
CA ASN N 89 10.01 -12.68 -8.46
C ASN N 89 10.96 -13.18 -9.54
N ILE N 90 11.23 -12.35 -10.54
CA ILE N 90 12.05 -12.72 -11.68
C ILE N 90 13.13 -11.68 -11.90
N PHE N 91 14.21 -12.13 -12.55
CA PHE N 91 15.07 -11.25 -13.32
C PHE N 91 14.67 -11.39 -14.79
N LEU N 92 14.86 -10.34 -15.57
CA LEU N 92 14.49 -10.37 -16.98
C LEU N 92 15.72 -10.03 -17.82
N ARG N 93 16.37 -11.07 -18.33
CA ARG N 93 17.40 -10.86 -19.34
C ARG N 93 16.75 -10.54 -20.67
N GLN N 94 17.35 -9.58 -21.40
CA GLN N 94 17.03 -9.39 -22.80
C GLN N 94 18.26 -8.88 -23.53
N GLN N 95 18.34 -9.20 -24.81
CA GLN N 95 19.44 -8.79 -25.65
C GLN N 95 18.91 -8.26 -26.97
N TRP N 96 19.63 -7.28 -27.51
CA TRP N 96 19.33 -6.77 -28.84
C TRP N 96 20.62 -6.18 -29.40
N ASN N 97 20.51 -5.47 -30.51
CA ASN N 97 21.63 -4.78 -31.13
C ASN N 97 21.32 -3.30 -31.21
N ASP N 98 22.24 -2.47 -30.72
CA ASP N 98 22.20 -1.03 -30.93
C ASP N 98 23.45 -0.68 -31.72
N PRO N 99 23.39 -0.72 -33.06
CA PRO N 99 24.62 -0.65 -33.87
C PRO N 99 25.22 0.75 -34.00
N ARG N 100 24.67 1.77 -33.36
CA ARG N 100 25.28 3.08 -33.37
C ARG N 100 26.21 3.31 -32.18
N LEU N 101 26.65 2.24 -31.54
CA LEU N 101 27.52 2.31 -30.36
C LEU N 101 28.83 1.59 -30.61
N ALA N 102 29.42 1.79 -31.78
CA ALA N 102 30.69 1.17 -32.09
C ALA N 102 31.83 1.97 -31.45
N TYR N 103 32.88 1.25 -31.05
CA TYR N 103 34.02 1.89 -30.43
C TYR N 103 35.27 1.06 -30.66
N ASN N 104 36.39 1.77 -30.83
CA ASN N 104 37.70 1.14 -30.98
C ASN N 104 38.69 1.67 -29.95
N GLU N 105 38.21 2.35 -28.90
CA GLU N 105 39.11 2.96 -27.93
C GLU N 105 39.66 1.91 -26.97
N TYR N 106 38.79 1.24 -26.25
CA TYR N 106 39.20 0.24 -25.26
C TYR N 106 38.95 -1.15 -25.82
N PRO N 107 39.93 -2.04 -25.82
CA PRO N 107 39.80 -3.33 -26.51
C PRO N 107 39.04 -4.39 -25.74
N ASP N 108 38.35 -4.04 -24.65
CA ASP N 108 37.58 -5.04 -23.93
C ASP N 108 36.31 -5.40 -24.68
N ASP N 109 36.02 -6.70 -24.75
CA ASP N 109 34.84 -7.18 -25.48
C ASP N 109 33.59 -7.03 -24.63
N SER N 110 33.54 -7.75 -23.50
CA SER N 110 32.46 -7.56 -22.55
C SER N 110 32.82 -6.45 -21.57
N LEU N 111 31.86 -5.57 -21.31
CA LEU N 111 32.14 -4.37 -20.52
C LEU N 111 30.88 -3.95 -19.80
N ASP N 112 30.88 -4.09 -18.48
CA ASP N 112 29.77 -3.62 -17.66
C ASP N 112 29.81 -2.11 -17.54
N LEU N 113 28.67 -1.52 -17.21
CA LEU N 113 28.58 -0.07 -17.07
C LEU N 113 27.86 0.27 -15.78
N ASP N 114 27.59 1.56 -15.62
CA ASP N 114 26.85 2.09 -14.47
C ASP N 114 25.41 1.63 -14.50
N PRO N 115 24.88 1.04 -13.41
CA PRO N 115 23.50 0.54 -13.42
C PRO N 115 22.44 1.61 -13.29
N SER N 116 22.83 2.89 -13.33
CA SER N 116 21.87 3.98 -13.32
C SER N 116 21.89 4.82 -14.59
N MET N 117 22.80 4.55 -15.53
CA MET N 117 22.81 5.26 -16.80
C MET N 117 21.91 4.63 -17.84
N LEU N 118 21.09 3.64 -17.46
CA LEU N 118 20.23 2.96 -18.41
C LEU N 118 19.07 3.82 -18.88
N ASP N 119 18.72 4.87 -18.14
CA ASP N 119 17.71 5.80 -18.61
C ASP N 119 18.24 6.75 -19.66
N SER N 120 19.55 6.80 -19.85
CA SER N 120 20.17 7.63 -20.88
C SER N 120 20.37 6.88 -22.19
N ILE N 121 19.83 5.67 -22.32
CA ILE N 121 19.91 4.87 -23.53
C ILE N 121 18.54 4.28 -23.86
N TRP N 122 18.44 3.72 -25.06
CA TRP N 122 17.18 3.15 -25.53
C TRP N 122 16.83 1.90 -24.74
N LYS N 123 15.54 1.68 -24.55
CA LYS N 123 15.08 0.54 -23.79
C LYS N 123 13.80 0.00 -24.45
N PRO N 124 13.61 -1.31 -24.45
CA PRO N 124 12.33 -1.86 -24.89
C PRO N 124 11.21 -1.51 -23.93
N ASP N 125 9.98 -1.61 -24.44
CA ASP N 125 8.79 -1.15 -23.76
C ASP N 125 7.90 -2.31 -23.32
N LEU N 126 8.51 -3.39 -22.87
CA LEU N 126 7.78 -4.60 -22.52
C LEU N 126 6.97 -4.40 -21.24
N PHE N 127 5.81 -5.03 -21.19
CA PHE N 127 5.03 -5.12 -19.97
C PHE N 127 4.43 -6.53 -19.92
N PHE N 128 3.61 -6.78 -18.92
CA PHE N 128 2.95 -8.07 -18.78
C PHE N 128 1.45 -7.86 -18.84
N ALA N 129 0.76 -8.79 -19.51
CA ALA N 129 -0.66 -8.61 -19.81
C ALA N 129 -1.51 -8.71 -18.55
N ASN N 130 -1.29 -9.75 -17.76
CA ASN N 130 -2.05 -9.97 -16.53
C ASN N 130 -1.24 -9.66 -15.28
N GLU N 131 -0.43 -8.58 -15.32
CA GLU N 131 0.56 -8.32 -14.28
C GLU N 131 -0.07 -7.97 -12.93
N LYS N 132 -1.23 -7.29 -12.93
CA LYS N 132 -2.09 -7.06 -11.77
C LYS N 132 -1.39 -6.22 -10.68
N GLY N 133 -0.31 -5.53 -11.01
CA GLY N 133 0.47 -4.83 -10.02
C GLY N 133 1.94 -5.22 -10.07
N ALA N 134 2.82 -4.25 -10.29
CA ALA N 134 4.24 -4.53 -10.44
C ALA N 134 5.03 -3.26 -10.16
N HIS N 135 6.32 -3.44 -9.88
CA HIS N 135 7.18 -2.32 -9.55
C HIS N 135 8.63 -2.71 -9.74
N PHE N 136 9.50 -1.71 -9.70
CA PHE N 136 10.94 -1.89 -9.80
C PHE N 136 11.51 -2.31 -8.45
N HIS N 137 12.84 -2.29 -8.34
CA HIS N 137 13.52 -2.54 -7.07
C HIS N 137 14.73 -1.61 -7.01
N GLU N 138 14.57 -0.47 -6.34
CA GLU N 138 15.64 0.50 -6.18
C GLU N 138 16.38 0.32 -4.85
N ILE N 139 16.47 -0.92 -4.37
CA ILE N 139 17.07 -1.18 -3.07
C ILE N 139 18.58 -1.03 -3.20
N THR N 140 19.10 0.08 -2.65
CA THR N 140 20.50 0.51 -2.52
C THR N 140 21.13 0.92 -3.84
N THR N 141 20.47 0.62 -4.97
CA THR N 141 20.90 0.88 -6.34
C THR N 141 19.70 0.48 -7.19
N ASP N 142 19.50 1.12 -8.33
CA ASP N 142 18.60 0.60 -9.34
C ASP N 142 19.08 -0.79 -9.75
N ASN N 143 18.32 -1.83 -9.39
CA ASN N 143 18.73 -3.21 -9.65
C ASN N 143 18.59 -3.55 -11.13
N LYS N 144 19.43 -2.93 -11.96
CA LYS N 144 19.18 -2.76 -13.39
C LYS N 144 20.51 -2.93 -14.10
N LEU N 145 20.79 -4.15 -14.55
CA LEU N 145 22.06 -4.45 -15.17
C LEU N 145 22.10 -3.91 -16.60
N LEU N 146 23.28 -3.45 -17.00
CA LEU N 146 23.49 -2.88 -18.33
C LEU N 146 24.90 -3.27 -18.79
N ARG N 147 24.97 -4.20 -19.74
CA ARG N 147 26.25 -4.67 -20.26
C ARG N 147 26.27 -4.45 -21.76
N ILE N 148 27.31 -3.77 -22.25
CA ILE N 148 27.45 -3.41 -23.65
C ILE N 148 28.65 -4.16 -24.23
N SER N 149 28.44 -4.83 -25.35
CA SER N 149 29.51 -5.56 -26.01
C SER N 149 30.38 -4.60 -26.82
N ARG N 150 31.29 -5.19 -27.59
CA ARG N 150 32.22 -4.38 -28.38
C ARG N 150 31.53 -3.79 -29.61
N ASN N 151 30.70 -4.58 -30.28
CA ASN N 151 30.12 -4.14 -31.54
C ASN N 151 28.91 -3.24 -31.32
N GLY N 152 28.13 -3.50 -30.28
CA GLY N 152 26.91 -2.73 -30.06
C GLY N 152 25.76 -3.57 -29.55
N ASN N 153 25.99 -4.88 -29.39
CA ASN N 153 25.01 -5.73 -28.74
C ASN N 153 24.97 -5.41 -27.26
N VAL N 154 23.76 -5.42 -26.70
CA VAL N 154 23.54 -4.96 -25.32
C VAL N 154 22.95 -6.10 -24.51
N LEU N 155 23.63 -6.50 -23.45
CA LEU N 155 23.06 -7.38 -22.45
C LEU N 155 22.41 -6.52 -21.37
N TYR N 156 21.20 -6.92 -20.97
CA TYR N 156 20.36 -6.12 -20.11
C TYR N 156 19.62 -7.04 -19.16
N SER N 157 19.49 -6.61 -17.90
CA SER N 157 18.81 -7.44 -16.90
C SER N 157 18.25 -6.56 -15.80
N ILE N 158 16.97 -6.76 -15.47
CA ILE N 158 16.30 -6.05 -14.39
C ILE N 158 15.47 -7.02 -13.57
N ARG N 159 15.15 -6.61 -12.35
CA ARG N 159 14.44 -7.45 -11.39
C ARG N 159 13.03 -6.91 -11.20
N ILE N 160 12.04 -7.76 -11.44
CA ILE N 160 10.63 -7.38 -11.39
C ILE N 160 9.87 -8.38 -10.54
N THR N 161 9.11 -7.89 -9.57
CA THR N 161 8.15 -8.68 -8.83
C THR N 161 6.77 -8.52 -9.45
N LEU N 162 6.11 -9.64 -9.75
CA LEU N 162 4.80 -9.64 -10.37
C LEU N 162 3.79 -10.31 -9.45
N THR N 163 2.52 -10.13 -9.80
CA THR N 163 1.40 -10.85 -9.16
C THR N 163 0.44 -11.35 -10.25
N LEU N 164 1.02 -12.06 -11.22
CA LEU N 164 0.35 -12.51 -12.44
C LEU N 164 -0.91 -13.33 -12.17
N ALA N 165 -2.01 -12.95 -12.83
CA ALA N 165 -3.31 -13.58 -12.64
C ALA N 165 -3.57 -14.53 -13.80
N CYS N 166 -3.76 -15.81 -13.50
CA CYS N 166 -4.04 -16.79 -14.55
C CYS N 166 -5.49 -17.24 -14.47
N PRO N 167 -6.22 -17.22 -15.57
CA PRO N 167 -7.56 -17.82 -15.58
C PRO N 167 -7.48 -19.33 -15.49
N MET N 168 -7.85 -19.86 -14.33
CA MET N 168 -7.60 -21.26 -14.01
C MET N 168 -8.87 -22.09 -14.16
N ASP N 169 -8.79 -23.14 -14.96
CA ASP N 169 -9.89 -24.09 -15.09
C ASP N 169 -9.80 -25.09 -13.95
N LEU N 170 -10.82 -25.10 -13.10
CA LEU N 170 -10.80 -25.84 -11.85
C LEU N 170 -11.93 -26.87 -11.80
N LYS N 171 -12.10 -27.61 -12.89
CA LYS N 171 -13.09 -28.70 -12.90
C LYS N 171 -12.67 -29.83 -11.97
N ASN N 172 -11.38 -30.13 -11.93
CA ASN N 172 -10.82 -31.11 -10.99
C ASN N 172 -9.71 -30.42 -10.20
N PHE N 173 -10.11 -29.71 -9.14
CA PHE N 173 -9.18 -28.85 -8.42
C PHE N 173 -8.08 -29.59 -7.65
N PRO N 174 -8.32 -30.70 -6.92
CA PRO N 174 -7.17 -31.38 -6.28
C PRO N 174 -6.28 -32.15 -7.25
N MET N 175 -6.64 -32.28 -8.51
CA MET N 175 -5.83 -32.96 -9.51
C MET N 175 -5.74 -32.16 -10.79
N ASP N 176 -5.47 -30.87 -10.68
CA ASP N 176 -5.40 -30.00 -11.85
C ASP N 176 -3.95 -29.76 -12.28
N VAL N 177 -3.79 -29.52 -13.57
CA VAL N 177 -2.51 -29.12 -14.16
C VAL N 177 -2.76 -27.76 -14.78
N GLN N 178 -2.40 -26.70 -14.07
CA GLN N 178 -2.80 -25.35 -14.42
C GLN N 178 -1.66 -24.64 -15.14
N THR N 179 -1.88 -24.38 -16.43
CA THR N 179 -0.90 -23.67 -17.25
C THR N 179 -1.09 -22.18 -17.01
N CYS N 180 -0.50 -21.71 -15.92
CA CYS N 180 -0.56 -20.29 -15.59
C CYS N 180 0.59 -19.57 -16.27
N ILE N 181 0.28 -18.45 -16.93
CA ILE N 181 1.14 -17.87 -17.95
C ILE N 181 1.50 -16.44 -17.59
N MET N 182 2.52 -15.95 -18.27
CA MET N 182 2.78 -14.52 -18.42
C MET N 182 2.82 -14.21 -19.90
N GLN N 183 2.61 -12.95 -20.24
CA GLN N 183 2.60 -12.52 -21.64
C GLN N 183 3.40 -11.24 -21.76
N LEU N 184 4.62 -11.34 -22.27
CA LEU N 184 5.35 -10.14 -22.63
C LEU N 184 4.72 -9.51 -23.86
N GLU N 185 4.78 -8.18 -23.93
CA GLU N 185 4.05 -7.44 -24.94
C GLU N 185 4.65 -6.06 -25.08
N SER N 186 4.89 -5.63 -26.31
CA SER N 186 5.30 -4.26 -26.57
C SER N 186 4.08 -3.38 -26.75
N PHE N 187 4.19 -2.13 -26.27
CA PHE N 187 3.05 -1.22 -26.32
C PHE N 187 3.34 0.02 -27.17
N GLY N 188 4.42 0.73 -26.92
CA GLY N 188 4.67 1.95 -27.65
C GLY N 188 5.32 1.78 -29.01
N TYR N 189 5.41 0.55 -29.50
CA TYR N 189 5.98 0.29 -30.82
C TYR N 189 5.23 -0.86 -31.47
N THR N 190 5.02 -0.76 -32.78
CA THR N 190 4.34 -1.80 -33.53
C THR N 190 5.35 -2.86 -33.99
N MET N 191 4.91 -3.80 -34.82
CA MET N 191 5.76 -4.89 -35.24
C MET N 191 6.71 -4.52 -36.37
N ASN N 192 6.61 -3.32 -36.93
CA ASN N 192 7.64 -2.82 -37.82
C ASN N 192 8.74 -2.09 -37.07
N ASP N 193 8.74 -2.13 -35.74
CA ASP N 193 9.75 -1.47 -34.93
C ASP N 193 10.43 -2.37 -33.91
N LEU N 194 9.75 -3.41 -33.42
CA LEU N 194 10.27 -4.19 -32.31
C LEU N 194 9.68 -5.59 -32.34
N ILE N 195 10.53 -6.60 -32.20
CA ILE N 195 10.10 -8.00 -32.18
C ILE N 195 10.65 -8.64 -30.91
N PHE N 196 9.79 -9.33 -30.20
CA PHE N 196 10.20 -10.16 -29.07
C PHE N 196 10.39 -11.60 -29.54
N GLU N 197 11.46 -12.23 -29.07
CA GLU N 197 11.75 -13.62 -29.36
C GLU N 197 12.18 -14.30 -28.07
N TRP N 198 12.45 -15.60 -28.15
CA TRP N 198 13.07 -16.29 -27.04
C TRP N 198 14.53 -16.58 -27.38
N GLN N 199 15.23 -17.29 -26.51
CA GLN N 199 16.60 -17.67 -26.76
C GLN N 199 16.62 -19.00 -27.53
N GLU N 200 17.60 -19.15 -28.43
CA GLU N 200 17.69 -20.34 -29.25
C GLU N 200 18.04 -21.58 -28.43
N GLN N 201 18.87 -21.42 -27.41
CA GLN N 201 19.23 -22.50 -26.50
C GLN N 201 19.08 -22.02 -25.08
N GLY N 202 18.22 -22.70 -24.30
CA GLY N 202 17.99 -22.31 -22.93
C GLY N 202 17.21 -21.01 -22.81
N ALA N 203 15.94 -21.06 -23.19
CA ALA N 203 15.10 -19.86 -23.26
C ALA N 203 14.29 -19.63 -21.99
N VAL N 204 14.58 -20.37 -20.92
CA VAL N 204 13.99 -20.14 -19.61
C VAL N 204 14.95 -20.74 -18.58
N GLN N 205 15.09 -20.06 -17.45
CA GLN N 205 15.95 -20.52 -16.37
C GLN N 205 15.16 -20.60 -15.07
N VAL N 206 15.39 -21.67 -14.33
CA VAL N 206 14.78 -21.88 -13.02
C VAL N 206 15.90 -21.93 -12.00
N ALA N 207 15.86 -21.01 -11.03
CA ALA N 207 16.81 -21.07 -9.92
C ALA N 207 16.49 -22.26 -9.04
N ASP N 208 17.53 -22.94 -8.58
CA ASP N 208 17.37 -24.20 -7.87
C ASP N 208 16.79 -24.01 -6.48
N GLY N 209 16.29 -25.10 -5.91
CA GLY N 209 15.72 -25.10 -4.59
C GLY N 209 14.33 -24.52 -4.49
N LEU N 210 13.73 -24.11 -5.60
CA LEU N 210 12.40 -23.52 -5.56
C LEU N 210 11.38 -24.65 -5.41
N THR N 211 11.08 -25.02 -4.16
CA THR N 211 10.05 -25.99 -3.87
C THR N 211 8.85 -25.29 -3.27
N LEU N 212 7.65 -25.78 -3.60
CA LEU N 212 6.44 -25.06 -3.27
C LEU N 212 5.44 -25.94 -2.53
N PRO N 213 4.67 -25.36 -1.61
CA PRO N 213 3.54 -26.10 -1.04
C PRO N 213 2.46 -26.28 -2.08
N GLN N 214 1.90 -27.50 -2.10
CA GLN N 214 0.85 -27.97 -3.02
C GLN N 214 1.25 -27.96 -4.48
N PHE N 215 2.53 -27.76 -4.81
CA PHE N 215 2.89 -27.59 -6.22
C PHE N 215 4.27 -28.15 -6.47
N ILE N 216 4.48 -28.55 -7.73
CA ILE N 216 5.81 -28.74 -8.29
C ILE N 216 5.84 -27.99 -9.62
N LEU N 217 6.98 -27.39 -9.92
CA LEU N 217 7.17 -26.75 -11.21
C LEU N 217 7.65 -27.79 -12.21
N LYS N 218 6.86 -28.02 -13.26
CA LYS N 218 7.24 -28.99 -14.27
C LYS N 218 8.36 -28.44 -15.14
N GLU N 219 9.26 -29.33 -15.53
CA GLU N 219 10.53 -28.90 -16.11
C GLU N 219 10.37 -28.48 -17.56
N GLU N 220 9.61 -29.24 -18.34
CA GLU N 220 9.34 -28.86 -19.71
C GLU N 220 8.35 -27.70 -19.74
N LYS N 221 8.63 -26.73 -20.60
CA LYS N 221 7.88 -25.47 -20.65
C LYS N 221 7.64 -25.12 -22.11
N ASP N 222 6.38 -24.89 -22.47
CA ASP N 222 6.04 -24.47 -23.82
C ASP N 222 6.29 -22.99 -23.97
N LEU N 223 6.96 -22.59 -25.05
CA LEU N 223 7.27 -21.19 -25.32
C LEU N 223 6.83 -20.89 -26.75
N ARG N 224 5.61 -20.39 -26.90
CA ARG N 224 4.95 -20.20 -28.18
C ARG N 224 4.84 -18.71 -28.51
N TYR N 225 4.15 -18.40 -29.60
CA TYR N 225 3.95 -17.03 -30.07
C TYR N 225 2.49 -16.63 -29.93
N CYS N 226 2.17 -15.90 -28.86
CA CYS N 226 1.01 -15.04 -28.89
C CYS N 226 1.26 -13.86 -29.81
N THR N 227 0.20 -13.18 -30.20
CA THR N 227 0.34 -11.94 -30.97
C THR N 227 -0.89 -11.09 -30.72
N LYS N 228 -0.68 -9.81 -30.43
CA LYS N 228 -1.77 -8.88 -30.20
C LYS N 228 -1.94 -7.99 -31.42
N HIS N 229 -3.18 -7.87 -31.88
CA HIS N 229 -3.57 -6.89 -32.89
C HIS N 229 -4.54 -5.93 -32.24
N TYR N 230 -4.13 -4.67 -32.10
CA TYR N 230 -5.00 -3.68 -31.52
C TYR N 230 -5.50 -2.72 -32.59
N ASN N 231 -6.25 -1.72 -32.16
CA ASN N 231 -6.74 -0.71 -33.08
C ASN N 231 -5.61 0.19 -33.55
N THR N 232 -4.54 0.29 -32.76
CA THR N 232 -3.33 0.97 -33.23
C THR N 232 -2.60 0.14 -34.27
N GLY N 233 -2.67 -1.19 -34.17
CA GLY N 233 -2.07 -2.06 -35.16
C GLY N 233 -1.49 -3.37 -34.67
N LYS N 234 -0.43 -3.83 -35.33
CA LYS N 234 0.20 -5.10 -35.01
C LYS N 234 1.17 -4.95 -33.84
N PHE N 235 0.99 -5.77 -32.80
CA PHE N 235 1.89 -5.79 -31.64
C PHE N 235 2.50 -7.17 -31.44
N THR N 236 3.80 -7.19 -31.15
CA THR N 236 4.51 -8.43 -30.92
C THR N 236 4.25 -8.93 -29.51
N CYS N 237 4.12 -10.25 -29.38
CA CYS N 237 3.88 -10.88 -28.09
C CYS N 237 4.68 -12.16 -28.02
N ILE N 238 5.18 -12.48 -26.83
CA ILE N 238 5.74 -13.79 -26.52
C ILE N 238 5.27 -14.17 -25.13
N GLU N 239 5.20 -15.48 -24.88
CA GLU N 239 4.59 -15.95 -23.65
C GLU N 239 5.24 -17.26 -23.22
N ALA N 240 5.15 -17.53 -21.92
CA ALA N 240 5.60 -18.79 -21.33
C ALA N 240 4.41 -19.58 -20.83
N ARG N 241 4.62 -20.88 -20.65
CA ARG N 241 3.58 -21.80 -20.23
C ARG N 241 4.10 -22.58 -19.03
N PHE N 242 3.65 -22.23 -17.83
CA PHE N 242 4.06 -22.89 -16.60
C PHE N 242 2.99 -23.87 -16.19
N HIS N 243 3.20 -25.14 -16.49
CA HIS N 243 2.27 -26.19 -16.09
C HIS N 243 2.44 -26.46 -14.60
N LEU N 244 1.38 -26.22 -13.82
CA LEU N 244 1.42 -26.42 -12.38
C LEU N 244 0.79 -27.77 -12.04
N GLU N 245 1.63 -28.79 -11.88
CA GLU N 245 1.16 -30.08 -11.40
C GLU N 245 0.96 -29.96 -9.89
N ARG N 246 -0.30 -29.96 -9.47
CA ARG N 246 -0.63 -29.72 -8.07
C ARG N 246 -0.29 -30.94 -7.22
N GLN N 247 0.35 -30.70 -6.09
CA GLN N 247 0.59 -31.75 -5.11
C GLN N 247 -0.62 -31.82 -4.18
N MET N 248 -1.28 -32.98 -4.18
CA MET N 248 -2.52 -33.20 -3.44
C MET N 248 -2.30 -33.57 -1.98
N GLY N 249 -1.08 -33.35 -1.45
CA GLY N 249 -0.76 -33.77 -0.10
C GLY N 249 -1.49 -33.01 0.98
N TYR N 250 -1.97 -31.81 0.69
CA TYR N 250 -2.73 -31.07 1.69
C TYR N 250 -4.14 -31.64 1.83
N TYR N 251 -4.87 -31.70 0.72
CA TYR N 251 -6.30 -32.01 0.75
C TYR N 251 -6.61 -33.47 1.04
N LEU N 252 -5.60 -34.35 1.12
CA LEU N 252 -5.85 -35.72 1.51
C LEU N 252 -6.11 -35.82 3.00
N ILE N 253 -5.14 -35.40 3.81
CA ILE N 253 -5.28 -35.53 5.26
C ILE N 253 -6.24 -34.48 5.79
N GLN N 254 -6.21 -33.28 5.21
CA GLN N 254 -7.01 -32.18 5.75
C GLN N 254 -8.47 -32.29 5.36
N MET N 255 -8.75 -32.66 4.10
CA MET N 255 -10.10 -32.67 3.59
C MET N 255 -10.65 -34.07 3.36
N TYR N 256 -9.87 -34.96 2.74
CA TYR N 256 -10.41 -36.26 2.35
C TYR N 256 -10.59 -37.19 3.54
N ILE N 257 -9.63 -37.19 4.48
CA ILE N 257 -9.74 -38.03 5.66
C ILE N 257 -10.93 -37.65 6.56
N PRO N 258 -11.22 -36.36 6.83
CA PRO N 258 -12.48 -36.08 7.54
C PRO N 258 -13.71 -36.35 6.70
N SER N 259 -13.62 -36.35 5.38
CA SER N 259 -14.75 -36.81 4.59
C SER N 259 -14.86 -38.33 4.62
N LEU N 260 -13.73 -39.02 4.79
CA LEU N 260 -13.74 -40.48 4.79
C LEU N 260 -14.19 -41.02 6.15
N LEU N 261 -13.86 -40.32 7.23
CA LEU N 261 -14.07 -40.87 8.57
C LEU N 261 -15.54 -40.83 8.97
N ILE N 262 -16.27 -39.80 8.54
CA ILE N 262 -17.64 -39.63 9.00
C ILE N 262 -18.62 -40.49 8.22
N VAL N 263 -18.27 -40.88 7.00
CA VAL N 263 -19.14 -41.75 6.21
C VAL N 263 -19.20 -43.16 6.80
N ILE N 264 -18.03 -43.71 7.15
CA ILE N 264 -18.00 -45.01 7.80
C ILE N 264 -18.47 -44.92 9.25
N LEU N 265 -18.47 -43.72 9.83
CA LEU N 265 -19.11 -43.49 11.11
C LEU N 265 -20.62 -43.65 11.04
N SER N 266 -21.22 -43.47 9.87
CA SER N 266 -22.65 -43.68 9.73
C SER N 266 -23.04 -45.15 9.72
N TRP N 267 -22.08 -46.07 9.57
CA TRP N 267 -22.42 -47.49 9.46
C TRP N 267 -22.79 -48.10 10.80
N ILE N 268 -22.32 -47.55 11.91
CA ILE N 268 -22.65 -48.09 13.22
C ILE N 268 -24.06 -47.75 13.66
N SER N 269 -24.76 -46.91 12.89
CA SER N 269 -26.20 -46.74 13.08
C SER N 269 -26.95 -48.04 12.79
N PHE N 270 -26.43 -48.85 11.88
CA PHE N 270 -27.15 -50.03 11.40
C PHE N 270 -26.74 -51.31 12.13
N TRP N 271 -26.25 -51.19 13.37
CA TRP N 271 -25.85 -52.36 14.15
C TRP N 271 -26.36 -52.36 15.59
N ILE N 272 -26.86 -51.23 16.09
CA ILE N 272 -27.27 -51.11 17.48
C ILE N 272 -28.66 -51.71 17.67
N ASN N 273 -29.09 -51.82 18.93
CA ASN N 273 -30.37 -52.41 19.28
C ASN N 273 -31.53 -51.62 18.69
N MET N 274 -32.63 -52.33 18.42
CA MET N 274 -33.81 -51.69 17.83
C MET N 274 -34.61 -50.90 18.85
N ASP N 275 -34.36 -51.11 20.14
CA ASP N 275 -34.96 -50.30 21.19
C ASP N 275 -34.15 -49.05 21.49
N ALA N 276 -33.15 -48.73 20.67
CA ALA N 276 -32.36 -47.51 20.81
C ALA N 276 -32.94 -46.40 19.94
N ALA N 277 -34.20 -46.09 20.18
CA ALA N 277 -34.92 -45.07 19.44
C ALA N 277 -34.55 -43.63 19.81
N PRO N 278 -34.25 -43.26 21.07
CA PRO N 278 -33.62 -41.95 21.28
C PRO N 278 -32.10 -41.96 21.11
N ALA N 279 -31.48 -43.10 20.81
CA ALA N 279 -30.03 -43.17 20.69
C ALA N 279 -29.56 -43.08 19.24
N ARG N 280 -30.25 -43.79 18.33
CA ARG N 280 -29.87 -43.76 16.93
C ARG N 280 -30.13 -42.40 16.30
N VAL N 281 -31.10 -41.66 16.86
CA VAL N 281 -31.41 -40.33 16.37
C VAL N 281 -30.31 -39.33 16.71
N GLY N 282 -29.48 -39.62 17.71
CA GLY N 282 -28.40 -38.73 18.07
C GLY N 282 -27.12 -38.91 17.29
N LEU N 283 -27.10 -39.84 16.33
CA LEU N 283 -25.91 -40.14 15.55
C LEU N 283 -25.92 -39.47 14.18
N GLY N 284 -26.98 -39.70 13.40
CA GLY N 284 -26.99 -39.24 12.02
C GLY N 284 -27.15 -37.73 11.89
N ILE N 285 -27.92 -37.12 12.78
CA ILE N 285 -28.23 -35.70 12.67
C ILE N 285 -27.02 -34.86 13.06
N THR N 286 -26.28 -35.31 14.08
CA THR N 286 -25.08 -34.60 14.48
C THR N 286 -23.98 -34.76 13.43
N THR N 287 -23.85 -35.94 12.86
CA THR N 287 -22.81 -36.19 11.87
C THR N 287 -23.12 -35.55 10.51
N VAL N 288 -24.41 -35.37 10.18
CA VAL N 288 -24.70 -34.61 8.96
C VAL N 288 -24.52 -33.13 9.22
N LEU N 289 -24.68 -32.69 10.48
CA LEU N 289 -24.25 -31.35 10.86
C LEU N 289 -22.74 -31.25 10.86
N THR N 290 -22.06 -32.36 11.20
CA THR N 290 -20.60 -32.37 11.17
C THR N 290 -20.09 -32.31 9.74
N MET N 291 -20.75 -33.02 8.82
CA MET N 291 -20.41 -32.89 7.41
C MET N 291 -20.81 -31.53 6.86
N THR N 292 -21.86 -30.93 7.42
CA THR N 292 -22.15 -29.54 7.11
C THR N 292 -21.09 -28.62 7.71
N THR N 293 -20.62 -28.97 8.92
CA THR N 293 -19.45 -28.29 9.48
C THR N 293 -18.20 -28.60 8.66
N GLN N 294 -18.11 -29.81 8.10
CA GLN N 294 -17.04 -30.11 7.15
C GLN N 294 -17.20 -29.31 5.87
N SER N 295 -18.43 -29.16 5.37
CA SER N 295 -18.64 -28.41 4.13
C SER N 295 -18.41 -26.92 4.35
N SER N 296 -18.90 -26.38 5.45
CA SER N 296 -18.60 -25.00 5.80
C SER N 296 -17.13 -24.83 6.18
N GLY N 297 -16.47 -25.89 6.63
CA GLY N 297 -15.04 -25.85 6.85
C GLY N 297 -14.27 -26.40 5.67
N SER N 298 -14.73 -26.08 4.46
CA SER N 298 -14.05 -26.53 3.24
C SER N 298 -13.95 -25.46 2.16
N ARG N 299 -14.50 -24.27 2.37
CA ARG N 299 -14.61 -23.27 1.31
C ARG N 299 -14.06 -21.92 1.74
N ALA N 300 -13.06 -21.89 2.63
CA ALA N 300 -12.61 -20.64 3.22
C ALA N 300 -11.82 -19.81 2.22
N SER N 301 -10.69 -20.34 1.75
CA SER N 301 -9.90 -19.67 0.73
C SER N 301 -10.42 -19.91 -0.69
N LEU N 302 -11.48 -20.68 -0.83
CA LEU N 302 -11.97 -21.07 -2.15
C LEU N 302 -12.65 -19.90 -2.83
N PRO N 303 -12.45 -19.72 -4.14
CA PRO N 303 -13.13 -18.64 -4.86
C PRO N 303 -14.61 -18.95 -5.05
N LYS N 304 -15.32 -17.96 -5.59
CA LYS N 304 -16.75 -18.06 -5.86
C LYS N 304 -16.94 -18.16 -7.38
N VAL N 305 -16.90 -19.39 -7.89
CA VAL N 305 -16.91 -19.67 -9.32
C VAL N 305 -18.19 -20.41 -9.66
N SER N 306 -18.68 -20.19 -10.90
CA SER N 306 -19.98 -20.73 -11.30
C SER N 306 -19.96 -22.25 -11.47
N TYR N 307 -19.00 -22.79 -12.22
CA TYR N 307 -19.06 -24.19 -12.56
C TYR N 307 -18.65 -25.06 -11.38
N VAL N 308 -19.01 -26.35 -11.46
CA VAL N 308 -18.82 -27.27 -10.37
C VAL N 308 -17.39 -27.82 -10.43
N LYS N 309 -16.88 -28.25 -9.28
CA LYS N 309 -15.54 -28.78 -9.14
C LYS N 309 -15.61 -30.30 -8.94
N ALA N 310 -14.45 -30.90 -8.70
CA ALA N 310 -14.40 -32.27 -8.23
C ALA N 310 -14.23 -32.37 -6.73
N ILE N 311 -13.77 -31.30 -6.09
CA ILE N 311 -13.54 -31.33 -4.65
C ILE N 311 -14.86 -31.19 -3.90
N ASP N 312 -15.83 -30.47 -4.49
CA ASP N 312 -17.09 -30.21 -3.78
C ASP N 312 -18.10 -31.32 -3.95
N ILE N 313 -18.09 -32.02 -5.08
CA ILE N 313 -19.02 -33.12 -5.28
C ILE N 313 -18.66 -34.32 -4.42
N TRP N 314 -17.38 -34.48 -4.08
CA TRP N 314 -17.02 -35.47 -3.07
C TRP N 314 -17.59 -35.09 -1.71
N MET N 315 -17.63 -33.80 -1.41
CA MET N 315 -18.22 -33.35 -0.16
C MET N 315 -19.73 -33.56 -0.16
N ALA N 316 -20.36 -33.34 -1.33
CA ALA N 316 -21.81 -33.48 -1.41
C ALA N 316 -22.25 -34.94 -1.36
N VAL N 317 -21.49 -35.82 -1.99
CA VAL N 317 -21.87 -37.23 -1.96
C VAL N 317 -21.55 -37.83 -0.60
N CYS N 318 -20.54 -37.29 0.09
CA CYS N 318 -20.34 -37.68 1.48
C CYS N 318 -21.37 -37.04 2.39
N LEU N 319 -21.91 -35.90 1.98
CA LEU N 319 -23.03 -35.31 2.72
C LEU N 319 -24.30 -36.11 2.50
N LEU N 320 -24.46 -36.69 1.31
CA LEU N 320 -25.69 -37.43 1.01
C LEU N 320 -25.69 -38.79 1.69
N PHE N 321 -24.52 -39.43 1.85
CA PHE N 321 -24.46 -40.74 2.48
C PHE N 321 -24.77 -40.65 3.96
N VAL N 322 -24.27 -39.61 4.63
CA VAL N 322 -24.64 -39.40 6.02
C VAL N 322 -26.07 -38.86 6.12
N PHE N 323 -26.57 -38.24 5.05
CA PHE N 323 -27.98 -37.91 4.98
C PHE N 323 -28.83 -39.15 4.80
N SER N 324 -28.25 -40.21 4.21
CA SER N 324 -28.99 -41.42 3.89
C SER N 324 -29.24 -42.33 5.08
N ALA N 325 -28.69 -42.00 6.25
CA ALA N 325 -28.67 -42.96 7.36
C ALA N 325 -30.00 -43.03 8.10
N LEU N 326 -30.62 -41.89 8.39
CA LEU N 326 -31.74 -41.88 9.32
C LEU N 326 -33.08 -42.12 8.63
N LEU N 327 -33.24 -41.75 7.35
CA LEU N 327 -34.50 -42.04 6.68
C LEU N 327 -34.62 -43.51 6.32
N GLU N 328 -33.51 -44.25 6.33
CA GLU N 328 -33.59 -45.70 6.45
C GLU N 328 -34.34 -46.07 7.73
N TYR N 329 -33.88 -45.51 8.84
CA TYR N 329 -34.51 -45.80 10.13
C TYR N 329 -35.86 -45.11 10.27
N ALA N 330 -36.07 -43.99 9.56
CA ALA N 330 -37.42 -43.42 9.51
C ALA N 330 -38.35 -44.29 8.68
N ALA N 331 -37.82 -45.00 7.68
CA ALA N 331 -38.61 -46.03 7.01
C ALA N 331 -38.80 -47.25 7.90
N VAL N 332 -37.86 -47.50 8.81
CA VAL N 332 -38.05 -48.54 9.82
C VAL N 332 -39.13 -48.11 10.81
N ASN N 333 -39.16 -46.83 11.18
CA ASN N 333 -40.10 -46.34 12.19
C ASN N 333 -41.55 -46.39 11.74
N PHE N 334 -41.81 -46.43 10.43
CA PHE N 334 -43.17 -46.71 9.99
C PHE N 334 -43.45 -48.20 10.00
N VAL N 335 -42.44 -49.02 9.72
CA VAL N 335 -42.60 -50.46 9.85
C VAL N 335 -42.61 -50.86 11.32
N SER N 336 -41.66 -50.36 12.09
CA SER N 336 -41.61 -50.64 13.53
C SER N 336 -42.42 -49.61 14.31
N ILE N 416 -41.77 -57.35 12.77
CA ILE N 416 -40.51 -57.16 13.48
C ILE N 416 -39.37 -57.71 12.64
N GLN N 417 -39.51 -58.96 12.18
CA GLN N 417 -38.56 -59.51 11.22
C GLN N 417 -38.71 -58.90 9.84
N ARG N 418 -39.87 -58.29 9.55
CA ARG N 418 -40.02 -57.52 8.32
C ARG N 418 -39.12 -56.30 8.34
N ALA N 419 -38.97 -55.66 9.51
CA ALA N 419 -38.02 -54.56 9.65
C ALA N 419 -36.59 -55.07 9.63
N LYS N 420 -36.37 -56.34 10.00
CA LYS N 420 -35.05 -56.92 9.87
C LYS N 420 -34.68 -57.15 8.41
N LYS N 421 -35.67 -57.31 7.54
CA LYS N 421 -35.39 -57.52 6.12
C LYS N 421 -34.88 -56.23 5.48
N ILE N 422 -35.48 -55.09 5.81
CA ILE N 422 -35.05 -53.82 5.23
C ILE N 422 -33.75 -53.35 5.88
N ASP N 423 -33.40 -53.85 7.06
CA ASP N 423 -32.10 -53.63 7.65
C ASP N 423 -31.07 -54.61 7.11
N LYS N 424 -31.50 -55.78 6.63
CA LYS N 424 -30.59 -56.74 6.02
C LYS N 424 -29.96 -56.19 4.76
N ILE N 425 -30.69 -55.33 4.04
CA ILE N 425 -30.11 -54.58 2.93
C ILE N 425 -29.10 -53.57 3.43
N SER N 426 -29.31 -53.05 4.64
CA SER N 426 -28.51 -51.95 5.16
C SER N 426 -27.42 -52.38 6.13
N ARG N 427 -27.56 -53.52 6.82
CA ARG N 427 -26.56 -53.91 7.79
C ARG N 427 -25.31 -54.48 7.12
N ILE N 428 -25.46 -55.15 5.98
CA ILE N 428 -24.35 -55.73 5.26
C ILE N 428 -24.16 -55.08 3.88
N GLY N 429 -25.26 -54.89 3.14
CA GLY N 429 -25.14 -54.38 1.78
C GLY N 429 -24.76 -52.91 1.71
N PHE N 430 -25.21 -52.11 2.67
CA PHE N 430 -24.86 -50.69 2.68
C PHE N 430 -23.41 -50.39 3.10
N PRO N 431 -22.78 -51.09 4.07
CA PRO N 431 -21.32 -50.91 4.21
C PRO N 431 -20.52 -51.51 3.06
N MET N 432 -21.12 -52.35 2.21
CA MET N 432 -20.51 -52.69 0.94
C MET N 432 -20.84 -51.69 -0.15
N ALA N 433 -21.65 -50.67 0.15
CA ALA N 433 -22.11 -49.70 -0.84
C ALA N 433 -21.40 -48.36 -0.70
N PHE N 434 -20.10 -48.37 -0.45
CA PHE N 434 -19.35 -47.12 -0.48
C PHE N 434 -18.15 -47.17 -1.39
N LEU N 435 -17.49 -48.32 -1.51
CA LEU N 435 -16.32 -48.45 -2.37
C LEU N 435 -16.69 -48.43 -3.85
N ILE N 436 -17.97 -48.55 -4.19
CA ILE N 436 -18.42 -48.48 -5.58
C ILE N 436 -18.21 -47.09 -6.17
N PHE N 437 -18.22 -46.05 -5.33
CA PHE N 437 -17.99 -44.70 -5.82
C PHE N 437 -16.55 -44.25 -5.65
N ASN N 438 -15.85 -44.76 -4.63
CA ASN N 438 -14.48 -44.35 -4.37
C ASN N 438 -13.56 -44.79 -5.49
N MET N 439 -13.75 -46.01 -6.00
CA MET N 439 -13.03 -46.42 -7.20
C MET N 439 -13.50 -45.64 -8.41
N PHE N 440 -14.79 -45.30 -8.45
CA PHE N 440 -15.35 -44.52 -9.55
C PHE N 440 -14.82 -43.08 -9.57
N TYR N 441 -14.37 -42.57 -8.42
CA TYR N 441 -13.94 -41.18 -8.35
C TYR N 441 -12.58 -40.98 -9.02
N TRP N 442 -11.61 -41.82 -8.67
CA TRP N 442 -10.23 -41.56 -9.07
C TRP N 442 -9.93 -41.96 -10.50
N ILE N 443 -10.87 -42.58 -11.20
CA ILE N 443 -10.61 -42.98 -12.59
C ILE N 443 -10.77 -41.79 -13.53
N ILE N 444 -11.87 -41.05 -13.39
CA ILE N 444 -12.25 -40.06 -14.39
C ILE N 444 -11.36 -38.83 -14.32
N TYR N 445 -11.35 -38.15 -13.18
CA TYR N 445 -10.74 -36.84 -13.07
C TYR N 445 -9.29 -36.88 -12.62
N LYS N 446 -8.57 -37.97 -12.93
CA LYS N 446 -7.16 -38.06 -12.63
C LYS N 446 -6.28 -37.42 -13.70
N ILE N 447 -6.84 -37.08 -14.86
CA ILE N 447 -6.06 -36.50 -15.95
C ILE N 447 -6.12 -34.98 -15.88
N SER O 37 17.35 15.27 -40.41
CA SER O 37 17.76 14.36 -39.35
C SER O 37 16.59 14.02 -38.44
N PRO O 38 16.54 12.77 -37.96
CA PRO O 38 15.53 12.41 -36.96
C PRO O 38 15.68 13.14 -35.65
N SER O 39 16.91 13.51 -35.28
CA SER O 39 17.10 14.40 -34.13
C SER O 39 16.61 15.80 -34.45
N ASP O 40 16.86 16.27 -35.67
CA ASP O 40 16.37 17.58 -36.09
C ASP O 40 14.87 17.58 -36.36
N PHE O 41 14.27 16.40 -36.52
CA PHE O 41 12.82 16.31 -36.68
C PHE O 41 12.11 16.75 -35.40
N LEU O 42 12.54 16.22 -34.25
CA LEU O 42 11.96 16.63 -32.99
C LEU O 42 12.41 18.03 -32.58
N ASP O 43 13.50 18.54 -33.15
CA ASP O 43 13.94 19.90 -32.88
C ASP O 43 12.97 20.92 -33.45
N LYS O 44 12.34 20.61 -34.58
CA LYS O 44 11.28 21.46 -35.11
C LYS O 44 9.94 21.16 -34.48
N LEU O 45 9.74 19.94 -33.98
CA LEU O 45 8.49 19.60 -33.30
C LEU O 45 8.43 20.23 -31.91
N MET O 46 9.36 19.88 -31.05
CA MET O 46 9.38 20.31 -29.66
C MET O 46 10.72 20.96 -29.34
N GLY O 47 10.89 21.33 -28.07
CA GLY O 47 12.18 21.85 -27.62
C GLY O 47 12.32 23.35 -27.74
N ARG O 48 13.57 23.80 -27.96
CA ARG O 48 13.89 25.22 -27.89
C ARG O 48 13.50 25.96 -29.16
N THR O 49 13.99 25.50 -30.32
CA THR O 49 13.78 26.18 -31.59
C THR O 49 12.33 26.10 -32.06
N SER O 50 11.57 25.11 -31.58
CA SER O 50 10.18 24.94 -32.00
C SER O 50 9.30 26.07 -31.51
N GLY O 51 9.41 26.43 -30.23
CA GLY O 51 8.49 27.37 -29.64
C GLY O 51 7.16 26.77 -29.26
N TYR O 52 7.07 25.44 -29.21
CA TYR O 52 5.85 24.78 -28.78
C TYR O 52 5.60 25.02 -27.30
N ASP O 53 4.33 25.11 -26.93
CA ASP O 53 3.91 25.16 -25.54
C ASP O 53 2.94 24.02 -25.29
N ALA O 54 3.16 23.28 -24.21
CA ALA O 54 2.28 22.17 -23.84
C ALA O 54 1.18 22.61 -22.88
N ARG O 55 1.22 23.84 -22.41
CA ARG O 55 0.28 24.33 -21.42
C ARG O 55 -0.97 24.93 -22.03
N ILE O 56 -1.10 24.89 -23.35
CA ILE O 56 -2.19 25.53 -24.08
C ILE O 56 -2.94 24.44 -24.83
N ARG O 57 -4.28 24.47 -24.74
CA ARG O 57 -5.10 23.57 -25.50
C ARG O 57 -4.98 23.83 -27.00
N PRO O 58 -5.19 22.82 -27.83
CA PRO O 58 -5.25 23.07 -29.28
C PRO O 58 -6.51 23.84 -29.66
N ASN O 59 -6.40 24.55 -30.80
CA ASN O 59 -7.42 25.50 -31.27
C ASN O 59 -7.74 26.55 -30.22
N PHE O 60 -6.70 27.24 -29.75
CA PHE O 60 -6.86 28.25 -28.73
C PHE O 60 -7.42 29.53 -29.34
N LYS O 61 -8.13 30.31 -28.51
CA LYS O 61 -8.94 31.46 -28.92
C LYS O 61 -9.93 31.08 -30.02
N GLY O 62 -10.70 30.02 -29.78
CA GLY O 62 -11.62 29.54 -30.78
C GLY O 62 -12.38 28.29 -30.38
N PRO O 63 -12.41 27.31 -31.28
CA PRO O 63 -13.27 26.15 -31.05
C PRO O 63 -12.75 25.27 -29.95
N PRO O 64 -13.60 24.45 -29.34
CA PRO O 64 -13.14 23.47 -28.37
C PRO O 64 -12.56 22.25 -29.07
N VAL O 65 -12.18 21.27 -28.25
CA VAL O 65 -11.57 20.03 -28.75
C VAL O 65 -12.54 18.89 -28.48
N ASN O 66 -13.08 18.29 -29.53
CA ASN O 66 -13.82 17.05 -29.37
C ASN O 66 -12.85 15.87 -29.38
N VAL O 67 -13.13 14.89 -28.54
CA VAL O 67 -12.24 13.75 -28.35
C VAL O 67 -13.00 12.48 -28.69
N SER O 68 -12.67 11.89 -29.82
CA SER O 68 -13.13 10.54 -30.11
C SER O 68 -12.24 9.56 -29.35
N CYS O 69 -12.85 8.67 -28.58
CA CYS O 69 -12.08 7.84 -27.67
C CYS O 69 -12.86 6.58 -27.34
N ASN O 70 -12.11 5.52 -27.03
CA ASN O 70 -12.71 4.28 -26.55
C ASN O 70 -11.71 3.57 -25.62
N ILE O 71 -12.20 2.54 -24.94
CA ILE O 71 -11.40 1.79 -23.98
C ILE O 71 -11.08 0.42 -24.56
N PHE O 72 -9.90 -0.09 -24.19
CA PHE O 72 -9.45 -1.42 -24.61
C PHE O 72 -9.30 -2.21 -23.31
N ILE O 73 -10.33 -2.93 -22.91
CA ILE O 73 -10.29 -3.60 -21.61
C ILE O 73 -9.38 -4.82 -21.69
N ASN O 74 -8.71 -5.12 -20.58
CA ASN O 74 -7.80 -6.26 -20.51
C ASN O 74 -8.28 -7.30 -19.51
N SER O 75 -8.44 -6.95 -18.24
CA SER O 75 -8.93 -7.87 -17.21
C SER O 75 -10.06 -7.15 -16.49
N PHE O 76 -11.24 -7.23 -17.09
CA PHE O 76 -12.45 -6.79 -16.40
C PHE O 76 -12.87 -7.86 -15.40
N GLY O 77 -13.45 -7.42 -14.29
CA GLY O 77 -13.95 -8.36 -13.32
C GLY O 77 -13.56 -8.08 -11.88
N SER O 78 -13.51 -9.15 -11.09
CA SER O 78 -13.30 -9.10 -9.63
C SER O 78 -14.32 -8.19 -8.95
N ILE O 79 -15.59 -8.44 -9.24
CA ILE O 79 -16.67 -7.68 -8.62
C ILE O 79 -16.79 -8.06 -7.17
N ALA O 80 -16.66 -7.07 -6.29
CA ALA O 80 -16.73 -7.29 -4.86
C ALA O 80 -18.14 -7.04 -4.35
N GLU O 81 -18.54 -7.80 -3.33
CA GLU O 81 -19.86 -7.66 -2.75
C GLU O 81 -19.87 -6.61 -1.64
N THR O 82 -18.99 -6.78 -0.66
CA THR O 82 -18.96 -5.85 0.47
C THR O 82 -18.34 -4.52 0.07
N THR O 83 -17.19 -4.55 -0.61
CA THR O 83 -16.50 -3.33 -1.00
C THR O 83 -17.25 -2.58 -2.10
N MET O 84 -18.08 -3.31 -2.87
CA MET O 84 -18.95 -2.76 -3.92
C MET O 84 -18.15 -2.05 -5.01
N ASP O 85 -17.21 -2.80 -5.58
CA ASP O 85 -16.38 -2.30 -6.66
C ASP O 85 -15.90 -3.47 -7.52
N TYR O 86 -15.05 -3.17 -8.49
CA TYR O 86 -14.48 -4.17 -9.38
C TYR O 86 -13.18 -3.63 -9.94
N ARG O 87 -12.15 -4.47 -9.98
CA ARG O 87 -10.84 -4.04 -10.46
C ARG O 87 -10.74 -4.36 -11.95
N VAL O 88 -10.62 -3.31 -12.77
CA VAL O 88 -10.56 -3.45 -14.21
C VAL O 88 -9.21 -2.91 -14.69
N ASN O 89 -8.67 -3.55 -15.73
CA ASN O 89 -7.46 -3.11 -16.39
C ASN O 89 -7.82 -2.75 -17.83
N ILE O 90 -7.56 -1.50 -18.21
CA ILE O 90 -7.93 -1.00 -19.53
C ILE O 90 -6.73 -0.33 -20.18
N PHE O 91 -6.76 -0.28 -21.50
CA PHE O 91 -6.06 0.74 -22.26
C PHE O 91 -7.07 1.81 -22.63
N LEU O 92 -6.60 3.05 -22.78
CA LEU O 92 -7.50 4.16 -23.11
C LEU O 92 -7.00 4.83 -24.38
N ARG O 93 -7.62 4.47 -25.50
CA ARG O 93 -7.40 5.21 -26.73
C ARG O 93 -8.16 6.53 -26.68
N GLN O 94 -7.52 7.59 -27.17
CA GLN O 94 -8.23 8.82 -27.45
C GLN O 94 -7.56 9.52 -28.63
N GLN O 95 -8.36 10.28 -29.37
CA GLN O 95 -7.88 11.01 -30.53
C GLN O 95 -8.42 12.42 -30.50
N TRP O 96 -7.62 13.36 -30.99
CA TRP O 96 -8.05 14.74 -31.17
C TRP O 96 -7.22 15.35 -32.29
N ASN O 97 -7.32 16.66 -32.45
CA ASN O 97 -6.52 17.39 -33.42
C ASN O 97 -5.71 18.44 -32.69
N ASP O 98 -4.40 18.46 -32.97
CA ASP O 98 -3.51 19.54 -32.54
C ASP O 98 -2.97 20.18 -33.81
N PRO O 99 -3.67 21.18 -34.36
CA PRO O 99 -3.35 21.65 -35.72
C PRO O 99 -2.12 22.54 -35.80
N ARG O 100 -1.40 22.79 -34.71
CA ARG O 100 -0.16 23.55 -34.78
C ARG O 100 1.06 22.65 -34.96
N LEU O 101 0.86 21.41 -35.40
CA LEU O 101 1.93 20.44 -35.57
C LEU O 101 2.02 19.98 -37.02
N ALA O 102 1.92 20.91 -37.96
CA ALA O 102 2.03 20.57 -39.37
C ALA O 102 3.49 20.42 -39.77
N TYR O 103 3.75 19.50 -40.70
CA TYR O 103 5.10 19.27 -41.15
C TYR O 103 5.09 18.74 -42.58
N ASN O 104 6.10 19.15 -43.34
CA ASN O 104 6.29 18.66 -44.70
C ASN O 104 7.69 18.08 -44.89
N GLU O 105 8.40 17.78 -43.80
CA GLU O 105 9.78 17.30 -43.91
C GLU O 105 9.80 15.83 -44.30
N TYR O 106 9.21 14.97 -43.48
CA TYR O 106 9.20 13.54 -43.72
C TYR O 106 7.83 13.11 -44.23
N PRO O 107 7.75 12.40 -45.35
CA PRO O 107 6.45 12.13 -45.97
C PRO O 107 5.66 10.99 -45.36
N ASP O 108 6.05 10.48 -44.19
CA ASP O 108 5.29 9.41 -43.56
C ASP O 108 3.99 9.95 -42.96
N ASP O 109 2.91 9.22 -43.19
CA ASP O 109 1.59 9.64 -42.71
C ASP O 109 1.43 9.27 -41.23
N SER O 110 1.45 7.98 -40.93
CA SER O 110 1.45 7.51 -39.56
C SER O 110 2.87 7.43 -39.04
N LEU O 111 3.10 7.93 -37.83
CA LEU O 111 4.47 8.05 -37.32
C LEU O 111 4.43 7.96 -35.80
N ASP O 112 4.95 6.86 -35.27
CA ASP O 112 5.06 6.70 -33.83
C ASP O 112 6.21 7.57 -33.30
N LEU O 113 6.16 7.85 -32.00
CA LEU O 113 7.18 8.68 -31.38
C LEU O 113 7.66 8.02 -30.09
N ASP O 114 8.48 8.76 -29.35
CA ASP O 114 9.00 8.33 -28.06
C ASP O 114 7.89 8.27 -27.03
N PRO O 115 7.72 7.16 -26.31
CA PRO O 115 6.62 7.04 -25.34
C PRO O 115 6.86 7.79 -24.04
N SER O 116 7.93 8.56 -23.94
CA SER O 116 8.20 9.39 -22.77
C SER O 116 8.18 10.88 -23.07
N MET O 117 8.04 11.29 -24.33
CA MET O 117 7.93 12.71 -24.67
C MET O 117 6.51 13.23 -24.59
N LEU O 118 5.56 12.44 -24.08
CA LEU O 118 4.17 12.84 -24.01
C LEU O 118 3.93 13.93 -22.97
N ASP O 119 4.82 14.08 -21.99
CA ASP O 119 4.70 15.17 -21.04
C ASP O 119 5.15 16.50 -21.63
N SER O 120 5.80 16.48 -22.79
CA SER O 120 6.21 17.69 -23.48
C SER O 120 5.17 18.18 -24.47
N ILE O 121 3.98 17.59 -24.49
CA ILE O 121 2.89 18.00 -25.37
C ILE O 121 1.59 18.07 -24.58
N TRP O 122 0.57 18.65 -25.21
CA TRP O 122 -0.72 18.84 -24.57
C TRP O 122 -1.41 17.49 -24.35
N LYS O 123 -2.16 17.40 -23.26
CA LYS O 123 -2.85 16.16 -22.93
C LYS O 123 -4.21 16.51 -22.35
N PRO O 124 -5.24 15.71 -22.63
CA PRO O 124 -6.52 15.88 -21.94
C PRO O 124 -6.41 15.53 -20.47
N ASP O 125 -7.38 16.05 -19.72
CA ASP O 125 -7.38 15.99 -18.27
C ASP O 125 -8.46 15.06 -17.73
N LEU O 126 -8.66 13.93 -18.40
CA LEU O 126 -9.73 13.01 -18.03
C LEU O 126 -9.41 12.29 -16.74
N PHE O 127 -10.46 12.01 -15.96
CA PHE O 127 -10.36 11.14 -14.80
C PHE O 127 -11.64 10.31 -14.76
N PHE O 128 -11.77 9.50 -13.72
CA PHE O 128 -12.95 8.68 -13.54
C PHE O 128 -13.65 9.09 -12.25
N ALA O 129 -14.98 9.11 -12.29
CA ALA O 129 -15.76 9.66 -11.18
C ALA O 129 -15.68 8.75 -9.96
N ASN O 130 -15.92 7.46 -10.14
CA ASN O 130 -15.88 6.51 -9.03
C ASN O 130 -14.63 5.63 -9.06
N GLU O 131 -13.48 6.22 -9.37
CA GLU O 131 -12.26 5.45 -9.65
C GLU O 131 -11.72 4.75 -8.41
N LYS O 132 -11.87 5.34 -7.22
CA LYS O 132 -11.61 4.75 -5.91
C LYS O 132 -10.14 4.34 -5.72
N GLY O 133 -9.23 4.87 -6.54
CA GLY O 133 -7.85 4.45 -6.52
C GLY O 133 -7.36 4.02 -7.89
N ALA O 134 -6.32 4.67 -8.39
CA ALA O 134 -5.82 4.41 -9.72
C ALA O 134 -4.38 4.88 -9.83
N HIS O 135 -3.68 4.37 -10.83
CA HIS O 135 -2.28 4.70 -11.03
C HIS O 135 -1.87 4.38 -12.45
N PHE O 136 -0.68 4.86 -12.82
CA PHE O 136 -0.08 4.61 -14.12
C PHE O 136 0.57 3.23 -14.13
N HIS O 137 1.36 2.96 -15.19
CA HIS O 137 2.16 1.74 -15.26
C HIS O 137 3.48 2.10 -15.93
N GLU O 138 4.51 2.34 -15.12
CA GLU O 138 5.83 2.67 -15.62
C GLU O 138 6.73 1.44 -15.70
N ILE O 139 6.15 0.28 -15.98
CA ILE O 139 6.91 -0.97 -16.00
C ILE O 139 7.77 -0.99 -17.26
N THR O 140 9.08 -0.78 -17.07
CA THR O 140 10.20 -0.80 -18.03
C THR O 140 10.18 0.37 -19.00
N THR O 141 9.09 1.13 -19.04
CA THR O 141 8.84 2.26 -19.93
C THR O 141 7.52 2.83 -19.44
N ASP O 142 7.32 4.14 -19.56
CA ASP O 142 5.98 4.70 -19.44
C ASP O 142 5.07 4.07 -20.48
N ASN O 143 4.11 3.24 -20.05
CA ASN O 143 3.25 2.51 -20.98
C ASN O 143 2.23 3.44 -21.62
N LYS O 144 2.72 4.34 -22.47
CA LYS O 144 2.02 5.57 -22.84
C LYS O 144 2.29 5.80 -24.32
N LEU O 145 1.36 5.33 -25.17
CA LEU O 145 1.54 5.42 -26.61
C LEU O 145 1.26 6.85 -27.08
N LEU O 146 2.03 7.27 -28.09
CA LEU O 146 1.89 8.61 -28.66
C LEU O 146 2.16 8.51 -30.16
N ARG O 147 1.11 8.63 -30.96
CA ARG O 147 1.21 8.53 -32.41
C ARG O 147 0.66 9.82 -33.01
N ILE O 148 1.47 10.46 -33.86
CA ILE O 148 1.12 11.73 -34.48
C ILE O 148 0.97 11.52 -35.98
N SER O 149 -0.16 11.97 -36.53
CA SER O 149 -0.39 11.85 -37.96
C SER O 149 0.35 12.94 -38.71
N ARG O 150 0.07 13.02 -40.02
CA ARG O 150 0.75 14.00 -40.86
C ARG O 150 0.21 15.40 -40.63
N ASN O 151 -1.11 15.54 -40.51
CA ASN O 151 -1.72 16.86 -40.43
C ASN O 151 -1.64 17.45 -39.03
N GLY O 152 -1.74 16.62 -38.01
CA GLY O 152 -1.76 17.11 -36.64
C GLY O 152 -2.70 16.35 -35.74
N ASN O 153 -3.42 15.38 -36.31
CA ASN O 153 -4.23 14.49 -35.49
C ASN O 153 -3.33 13.57 -34.69
N VAL O 154 -3.70 13.32 -33.44
CA VAL O 154 -2.86 12.59 -32.50
C VAL O 154 -3.58 11.34 -32.03
N LEU O 155 -2.98 10.19 -32.26
CA LEU O 155 -3.42 8.95 -31.63
C LEU O 155 -2.67 8.76 -30.33
N TYR O 156 -3.40 8.39 -29.29
CA TYR O 156 -2.89 8.36 -27.94
C TYR O 156 -3.46 7.17 -27.21
N SER O 157 -2.64 6.50 -26.39
CA SER O 157 -3.10 5.33 -25.67
C SER O 157 -2.26 5.12 -24.43
N ILE O 158 -2.93 4.94 -23.28
CA ILE O 158 -2.29 4.68 -22.00
C ILE O 158 -3.02 3.56 -21.29
N ARG O 159 -2.32 2.93 -20.34
CA ARG O 159 -2.83 1.77 -19.61
C ARG O 159 -3.12 2.18 -18.16
N ILE O 160 -4.36 1.97 -17.74
CA ILE O 160 -4.82 2.38 -16.42
C ILE O 160 -5.52 1.21 -15.74
N THR O 161 -5.12 0.91 -14.52
CA THR O 161 -5.84 -0.03 -13.66
C THR O 161 -6.76 0.75 -12.74
N LEU O 162 -8.04 0.36 -12.70
CA LEU O 162 -9.05 1.03 -11.88
C LEU O 162 -9.62 0.05 -10.87
N THR O 163 -10.34 0.62 -9.89
CA THR O 163 -11.14 -0.15 -8.94
C THR O 163 -12.51 0.50 -8.79
N LEU O 164 -13.17 0.69 -9.94
CA LEU O 164 -14.42 1.44 -10.07
C LEU O 164 -15.53 0.90 -9.18
N ALA O 165 -16.18 1.80 -8.44
CA ALA O 165 -17.23 1.44 -7.49
C ALA O 165 -18.58 1.78 -8.10
N CYS O 166 -19.43 0.76 -8.24
CA CYS O 166 -20.75 0.96 -8.79
C CYS O 166 -21.80 0.84 -7.71
N PRO O 167 -22.72 1.81 -7.59
CA PRO O 167 -23.86 1.62 -6.69
C PRO O 167 -24.81 0.58 -7.22
N MET O 168 -24.83 -0.58 -6.59
CA MET O 168 -25.52 -1.75 -7.12
C MET O 168 -26.85 -1.97 -6.40
N ASP O 169 -27.92 -2.04 -7.18
CA ASP O 169 -29.23 -2.38 -6.66
C ASP O 169 -29.34 -3.89 -6.55
N LEU O 170 -29.50 -4.39 -5.33
CA LEU O 170 -29.40 -5.83 -5.05
C LEU O 170 -30.70 -6.34 -4.43
N LYS O 171 -31.84 -5.96 -5.03
CA LYS O 171 -33.12 -6.50 -4.57
C LYS O 171 -33.24 -7.98 -4.89
N ASN O 172 -32.74 -8.40 -6.05
CA ASN O 172 -32.67 -9.81 -6.42
C ASN O 172 -31.22 -10.14 -6.77
N PHE O 173 -30.43 -10.43 -5.73
CA PHE O 173 -28.99 -10.57 -5.89
C PHE O 173 -28.54 -11.79 -6.72
N PRO O 174 -29.10 -13.00 -6.57
CA PRO O 174 -28.65 -14.08 -7.47
C PRO O 174 -29.16 -13.98 -8.89
N MET O 175 -30.06 -13.05 -9.19
CA MET O 175 -30.56 -12.85 -10.55
C MET O 175 -30.58 -11.37 -10.92
N ASP O 176 -29.47 -10.67 -10.65
CA ASP O 176 -29.40 -9.26 -10.94
C ASP O 176 -28.67 -8.98 -12.25
N VAL O 177 -29.02 -7.87 -12.88
CA VAL O 177 -28.33 -7.36 -14.07
C VAL O 177 -27.81 -5.99 -13.68
N GLN O 178 -26.54 -5.93 -13.30
CA GLN O 178 -25.99 -4.73 -12.67
C GLN O 178 -25.23 -3.90 -13.69
N THR O 179 -25.77 -2.73 -13.99
CA THR O 179 -25.16 -1.80 -14.94
C THR O 179 -24.10 -1.01 -14.17
N CYS O 180 -22.93 -1.63 -14.01
CA CYS O 180 -21.82 -0.97 -13.33
C CYS O 180 -21.03 -0.16 -14.35
N ILE O 181 -20.73 1.08 -14.01
CA ILE O 181 -20.36 2.10 -14.98
C ILE O 181 -19.00 2.69 -14.64
N MET O 182 -18.42 3.37 -15.61
CA MET O 182 -17.36 4.33 -15.42
C MET O 182 -17.83 5.66 -16.01
N GLN O 183 -17.22 6.75 -15.55
CA GLN O 183 -17.61 8.09 -16.02
C GLN O 183 -16.33 8.87 -16.30
N LEU O 184 -16.00 9.02 -17.58
CA LEU O 184 -14.94 9.95 -17.95
C LEU O 184 -15.43 11.37 -17.75
N GLU O 185 -14.50 12.25 -17.37
CA GLU O 185 -14.87 13.60 -16.97
C GLU O 185 -13.64 14.49 -17.06
N SER O 186 -13.81 15.67 -17.66
CA SER O 186 -12.75 16.67 -17.66
C SER O 186 -12.88 17.53 -16.43
N PHE O 187 -11.74 17.95 -15.89
CA PHE O 187 -11.73 18.74 -14.66
C PHE O 187 -11.12 20.13 -14.85
N GLY O 188 -9.92 20.22 -15.40
CA GLY O 188 -9.28 21.52 -15.51
C GLY O 188 -9.71 22.34 -16.71
N TYR O 189 -10.75 21.94 -17.43
CA TYR O 189 -11.26 22.68 -18.57
C TYR O 189 -12.77 22.55 -18.63
N THR O 190 -13.43 23.64 -19.00
CA THR O 190 -14.88 23.65 -19.11
C THR O 190 -15.29 23.18 -20.51
N MET O 191 -16.58 23.28 -20.83
CA MET O 191 -17.09 22.79 -22.10
C MET O 191 -16.85 23.73 -23.25
N ASN O 192 -16.33 24.93 -23.01
CA ASN O 192 -15.86 25.77 -24.10
C ASN O 192 -14.41 25.51 -24.44
N ASP O 193 -13.79 24.47 -23.85
CA ASP O 193 -12.41 24.13 -24.10
C ASP O 193 -12.19 22.68 -24.53
N LEU O 194 -13.05 21.75 -24.10
CA LEU O 194 -12.77 20.34 -24.31
C LEU O 194 -14.08 19.56 -24.30
N ILE O 195 -14.26 18.69 -25.29
CA ILE O 195 -15.44 17.86 -25.39
C ILE O 195 -15.00 16.41 -25.51
N PHE O 196 -15.61 15.54 -24.71
CA PHE O 196 -15.42 14.10 -24.83
C PHE O 196 -16.55 13.52 -25.67
N GLU O 197 -16.19 12.60 -26.57
CA GLU O 197 -17.14 11.90 -27.41
C GLU O 197 -16.77 10.42 -27.43
N TRP O 198 -17.56 9.63 -28.12
CA TRP O 198 -17.18 8.26 -28.38
C TRP O 198 -16.76 8.12 -29.84
N GLN O 199 -16.46 6.90 -30.28
CA GLN O 199 -16.12 6.65 -31.67
C GLN O 199 -17.39 6.39 -32.46
N GLU O 200 -17.39 6.83 -33.72
CA GLU O 200 -18.57 6.69 -34.57
C GLU O 200 -18.85 5.23 -34.90
N GLN O 201 -17.80 4.43 -35.09
CA GLN O 201 -17.94 3.00 -35.36
C GLN O 201 -17.01 2.24 -34.43
N GLY O 202 -17.57 1.36 -33.62
CA GLY O 202 -16.76 0.60 -32.68
C GLY O 202 -16.23 1.44 -31.54
N ALA O 203 -17.13 1.89 -30.67
CA ALA O 203 -16.77 2.82 -29.60
C ALA O 203 -16.44 2.12 -28.29
N VAL O 204 -16.29 0.80 -28.31
CA VAL O 204 -15.82 0.03 -27.16
C VAL O 204 -15.24 -1.26 -27.69
N GLN O 205 -14.14 -1.72 -27.08
CA GLN O 205 -13.49 -2.95 -27.48
C GLN O 205 -13.34 -3.87 -26.28
N VAL O 206 -13.62 -5.15 -26.50
CA VAL O 206 -13.46 -6.18 -25.48
C VAL O 206 -12.41 -7.16 -25.97
N ALA O 207 -11.33 -7.31 -25.20
CA ALA O 207 -10.33 -8.32 -25.52
C ALA O 207 -10.92 -9.71 -25.26
N ASP O 208 -10.60 -10.64 -26.16
CA ASP O 208 -11.23 -11.95 -26.14
C ASP O 208 -10.75 -12.80 -24.97
N GLY O 209 -11.51 -13.84 -24.68
CA GLY O 209 -11.18 -14.76 -23.61
C GLY O 209 -11.48 -14.27 -22.22
N LEU O 210 -12.05 -13.08 -22.07
CA LEU O 210 -12.33 -12.54 -20.76
C LEU O 210 -13.59 -13.22 -20.21
N THR O 211 -13.42 -14.36 -19.54
CA THR O 211 -14.51 -15.05 -18.89
C THR O 211 -14.37 -14.87 -17.38
N LEU O 212 -15.51 -14.76 -16.71
CA LEU O 212 -15.51 -14.37 -15.31
C LEU O 212 -16.30 -15.36 -14.45
N PRO O 213 -15.87 -15.57 -13.20
CA PRO O 213 -16.72 -16.30 -12.26
C PRO O 213 -17.93 -15.47 -11.89
N GLN O 214 -19.09 -16.14 -11.84
CA GLN O 214 -20.41 -15.60 -11.54
C GLN O 214 -20.89 -14.53 -12.51
N PHE O 215 -20.23 -14.34 -13.65
CA PHE O 215 -20.58 -13.23 -14.52
C PHE O 215 -20.35 -13.59 -15.97
N ILE O 216 -21.12 -12.93 -16.83
CA ILE O 216 -20.80 -12.80 -18.25
C ILE O 216 -20.90 -11.33 -18.60
N LEU O 217 -20.01 -10.88 -19.49
CA LEU O 217 -20.08 -9.53 -20.00
C LEU O 217 -21.02 -9.50 -21.19
N LYS O 218 -22.10 -8.73 -21.08
CA LYS O 218 -23.06 -8.64 -22.16
C LYS O 218 -22.49 -7.80 -23.30
N GLU O 219 -22.80 -8.19 -24.53
CA GLU O 219 -22.10 -7.67 -25.69
C GLU O 219 -22.59 -6.27 -26.06
N GLU O 220 -23.90 -6.06 -26.02
CA GLU O 220 -24.44 -4.73 -26.27
C GLU O 220 -24.17 -3.82 -25.08
N LYS O 221 -23.75 -2.60 -25.36
CA LYS O 221 -23.32 -1.66 -24.34
C LYS O 221 -23.90 -0.29 -24.66
N ASP O 222 -24.57 0.31 -23.70
CA ASP O 222 -25.12 1.65 -23.88
C ASP O 222 -24.01 2.67 -23.65
N LEU O 223 -23.90 3.65 -24.54
CA LEU O 223 -22.89 4.70 -24.45
C LEU O 223 -23.59 6.04 -24.62
N ARG O 224 -23.97 6.64 -23.50
CA ARG O 224 -24.80 7.84 -23.46
C ARG O 224 -23.99 9.05 -23.00
N TYR O 225 -24.66 10.18 -22.81
CA TYR O 225 -24.04 11.43 -22.41
C TYR O 225 -24.47 11.78 -20.99
N CYS O 226 -23.63 11.49 -20.01
CA CYS O 226 -23.67 12.22 -18.76
C CYS O 226 -23.14 13.63 -18.98
N THR O 227 -23.43 14.52 -18.04
CA THR O 227 -22.86 15.87 -18.08
C THR O 227 -22.82 16.40 -16.66
N LYS O 228 -21.67 16.96 -16.28
CA LYS O 228 -21.50 17.54 -14.95
C LYS O 228 -21.55 19.05 -15.05
N HIS O 229 -22.36 19.65 -14.18
CA HIS O 229 -22.36 21.10 -13.99
C HIS O 229 -21.90 21.36 -12.56
N TYR O 230 -20.75 21.99 -12.41
CA TYR O 230 -20.24 22.31 -11.09
C TYR O 230 -20.36 23.81 -10.84
N ASN O 231 -19.86 24.23 -9.68
CA ASN O 231 -19.85 25.63 -9.33
C ASN O 231 -18.84 26.40 -10.18
N THR O 232 -17.83 25.70 -10.69
CA THR O 232 -16.93 26.31 -11.67
C THR O 232 -17.61 26.47 -13.02
N GLY O 233 -18.52 25.56 -13.36
CA GLY O 233 -19.27 25.67 -14.60
C GLY O 233 -19.66 24.38 -15.30
N LYS O 234 -19.71 24.44 -16.64
CA LYS O 234 -20.10 23.30 -17.45
C LYS O 234 -18.92 22.35 -17.67
N PHE O 235 -19.09 21.08 -17.35
CA PHE O 235 -18.07 20.05 -17.59
C PHE O 235 -18.60 18.93 -18.47
N THR O 236 -17.79 18.50 -19.43
CA THR O 236 -18.16 17.45 -20.34
C THR O 236 -17.98 16.09 -19.67
N CYS O 237 -18.90 15.18 -19.94
CA CYS O 237 -18.86 13.83 -19.38
C CYS O 237 -19.28 12.85 -20.45
N ILE O 238 -18.66 11.67 -20.45
CA ILE O 238 -19.13 10.52 -21.22
C ILE O 238 -18.98 9.29 -20.33
N GLU O 239 -19.81 8.29 -20.62
CA GLU O 239 -19.88 7.13 -19.73
C GLU O 239 -20.24 5.89 -20.51
N ALA O 240 -19.86 4.74 -19.96
CA ALA O 240 -20.21 3.44 -20.50
C ALA O 240 -21.16 2.73 -19.55
N ARG O 241 -21.86 1.73 -20.08
CA ARG O 241 -22.87 0.99 -19.34
C ARG O 241 -22.56 -0.50 -19.51
N PHE O 242 -21.98 -1.11 -18.48
CA PHE O 242 -21.62 -2.53 -18.51
C PHE O 242 -22.70 -3.31 -17.75
N HIS O 243 -23.61 -3.92 -18.50
CA HIS O 243 -24.65 -4.75 -17.90
C HIS O 243 -24.04 -6.08 -17.47
N LEU O 244 -24.06 -6.36 -16.17
CA LEU O 244 -23.50 -7.59 -15.63
C LEU O 244 -24.61 -8.60 -15.41
N GLU O 245 -24.80 -9.49 -16.39
CA GLU O 245 -25.72 -10.61 -16.21
C GLU O 245 -25.03 -11.65 -15.34
N ARG O 246 -25.50 -11.78 -14.10
CA ARG O 246 -24.84 -12.65 -13.14
C ARG O 246 -25.11 -14.11 -13.44
N GLN O 247 -24.05 -14.91 -13.40
CA GLN O 247 -24.18 -16.36 -13.52
C GLN O 247 -24.44 -16.92 -12.13
N MET O 248 -25.60 -17.57 -11.97
CA MET O 248 -26.06 -18.09 -10.69
C MET O 248 -25.51 -19.46 -10.36
N GLY O 249 -24.45 -19.91 -11.04
CA GLY O 249 -23.93 -21.25 -10.87
C GLY O 249 -23.28 -21.49 -9.52
N TYR O 250 -22.83 -20.43 -8.84
CA TYR O 250 -22.25 -20.61 -7.52
C TYR O 250 -23.32 -20.86 -6.48
N TYR O 251 -24.30 -19.95 -6.39
CA TYR O 251 -25.27 -19.96 -5.29
C TYR O 251 -26.31 -21.06 -5.40
N LEU O 252 -26.33 -21.82 -6.50
CA LEU O 252 -27.26 -22.95 -6.58
C LEU O 252 -26.74 -24.12 -5.74
N ILE O 253 -25.55 -24.61 -6.05
CA ILE O 253 -25.02 -25.77 -5.34
C ILE O 253 -24.55 -25.37 -3.94
N GLN O 254 -23.97 -24.17 -3.81
CA GLN O 254 -23.38 -23.76 -2.54
C GLN O 254 -24.43 -23.31 -1.54
N MET O 255 -25.43 -22.56 -2.00
CA MET O 255 -26.42 -21.97 -1.09
C MET O 255 -27.79 -22.60 -1.22
N TYR O 256 -28.28 -22.81 -2.43
CA TYR O 256 -29.67 -23.26 -2.61
C TYR O 256 -29.84 -24.73 -2.24
N ILE O 257 -28.88 -25.57 -2.62
CA ILE O 257 -28.96 -27.00 -2.28
C ILE O 257 -28.90 -27.27 -0.78
N PRO O 258 -28.04 -26.61 0.02
CA PRO O 258 -28.18 -26.79 1.47
C PRO O 258 -29.43 -26.14 2.04
N SER O 259 -30.01 -25.15 1.37
CA SER O 259 -31.32 -24.67 1.80
C SER O 259 -32.41 -25.65 1.40
N LEU O 260 -32.21 -26.38 0.30
CA LEU O 260 -33.22 -27.30 -0.17
C LEU O 260 -33.20 -28.61 0.61
N LEU O 261 -32.02 -29.03 1.05
CA LEU O 261 -31.87 -30.37 1.64
C LEU O 261 -32.44 -30.44 3.04
N ILE O 262 -32.33 -29.35 3.81
CA ILE O 262 -32.72 -29.39 5.22
C ILE O 262 -34.23 -29.19 5.39
N VAL O 263 -34.89 -28.56 4.42
CA VAL O 263 -36.34 -28.38 4.51
C VAL O 263 -37.06 -29.73 4.34
N ILE O 264 -36.65 -30.51 3.34
CA ILE O 264 -37.23 -31.83 3.16
C ILE O 264 -36.73 -32.81 4.22
N LEU O 265 -35.62 -32.49 4.89
CA LEU O 265 -35.19 -33.24 6.06
C LEU O 265 -36.15 -33.06 7.23
N SER O 266 -36.91 -31.96 7.27
CA SER O 266 -37.89 -31.77 8.33
C SER O 266 -39.12 -32.64 8.15
N TRP O 267 -39.32 -33.25 6.98
CA TRP O 267 -40.53 -34.01 6.74
C TRP O 267 -40.53 -35.37 7.44
N ILE O 268 -39.36 -35.92 7.72
CA ILE O 268 -39.29 -37.22 8.39
C ILE O 268 -39.60 -37.13 9.87
N SER O 269 -39.76 -35.91 10.40
CA SER O 269 -40.32 -35.73 11.73
C SER O 269 -41.76 -36.22 11.79
N PHE O 270 -42.49 -36.12 10.68
CA PHE O 270 -43.92 -36.41 10.65
C PHE O 270 -44.24 -37.83 10.21
N TRP O 271 -43.32 -38.77 10.39
CA TRP O 271 -43.53 -40.16 10.01
C TRP O 271 -43.13 -41.17 11.07
N ILE O 272 -42.37 -40.76 12.10
CA ILE O 272 -41.84 -41.68 13.09
C ILE O 272 -42.91 -42.00 14.12
N ASN O 273 -42.62 -42.97 15.00
CA ASN O 273 -43.55 -43.42 16.03
C ASN O 273 -43.92 -42.29 16.99
N MET O 274 -45.13 -42.38 17.55
CA MET O 274 -45.60 -41.36 18.47
C MET O 274 -44.99 -41.51 19.87
N ASP O 275 -44.38 -42.67 20.16
CA ASP O 275 -43.64 -42.85 21.40
C ASP O 275 -42.18 -42.42 21.28
N ALA O 276 -41.82 -41.73 20.19
CA ALA O 276 -40.48 -41.18 20.01
C ALA O 276 -40.43 -39.73 20.48
N ALA O 277 -40.78 -39.55 21.74
CA ALA O 277 -40.81 -38.22 22.36
C ALA O 277 -39.42 -37.64 22.68
N PRO O 278 -38.42 -38.40 23.13
CA PRO O 278 -37.06 -37.83 23.13
C PRO O 278 -36.34 -37.93 21.80
N ALA O 279 -36.94 -38.51 20.76
CA ALA O 279 -36.27 -38.67 19.49
C ALA O 279 -36.64 -37.60 18.49
N ARG O 280 -37.93 -37.25 18.40
CA ARG O 280 -38.39 -36.23 17.48
C ARG O 280 -37.89 -34.84 17.89
N VAL O 281 -37.62 -34.65 19.19
CA VAL O 281 -37.10 -33.39 19.68
C VAL O 281 -35.64 -33.18 19.26
N GLY O 282 -34.92 -34.24 18.91
CA GLY O 282 -33.55 -34.12 18.46
C GLY O 282 -33.36 -33.83 17.00
N LEU O 283 -34.45 -33.70 16.24
CA LEU O 283 -34.39 -33.47 14.80
C LEU O 283 -34.59 -32.00 14.45
N GLY O 284 -35.69 -31.39 14.90
CA GLY O 284 -36.03 -30.05 14.44
C GLY O 284 -35.14 -28.98 15.03
N ILE O 285 -34.70 -29.16 16.28
CA ILE O 285 -33.93 -28.13 16.96
C ILE O 285 -32.50 -28.07 16.41
N THR O 286 -31.94 -29.23 16.09
CA THR O 286 -30.61 -29.26 15.51
C THR O 286 -30.62 -28.73 14.09
N THR O 287 -31.66 -29.07 13.31
CA THR O 287 -31.74 -28.62 11.94
C THR O 287 -32.11 -27.14 11.82
N VAL O 288 -32.83 -26.58 12.79
CA VAL O 288 -33.05 -25.14 12.75
C VAL O 288 -31.79 -24.42 13.21
N LEU O 289 -30.97 -25.08 14.05
CA LEU O 289 -29.63 -24.57 14.32
C LEU O 289 -28.74 -24.74 13.10
N THR O 290 -28.98 -25.80 12.32
CA THR O 290 -28.23 -26.00 11.09
C THR O 290 -28.60 -24.95 10.04
N MET O 291 -29.88 -24.61 9.95
CA MET O 291 -30.27 -23.50 9.08
C MET O 291 -29.81 -22.16 9.63
N THR O 292 -29.69 -22.04 10.95
CA THR O 292 -29.02 -20.88 11.52
C THR O 292 -27.54 -20.92 11.22
N THR O 293 -26.94 -22.13 11.24
CA THR O 293 -25.58 -22.30 10.75
C THR O 293 -25.51 -22.06 9.25
N GLN O 294 -26.57 -22.42 8.51
CA GLN O 294 -26.66 -22.03 7.11
C GLN O 294 -26.81 -20.53 6.94
N SER O 295 -27.59 -19.88 7.80
CA SER O 295 -27.77 -18.43 7.67
C SER O 295 -26.52 -17.68 8.07
N SER O 296 -25.88 -18.11 9.16
CA SER O 296 -24.57 -17.55 9.52
C SER O 296 -23.50 -17.94 8.53
N GLY O 297 -23.67 -19.05 7.82
CA GLY O 297 -22.76 -19.41 6.75
C GLY O 297 -23.30 -18.97 5.40
N SER O 298 -23.91 -17.78 5.35
CA SER O 298 -24.42 -17.23 4.10
C SER O 298 -24.14 -15.75 3.90
N ARG O 299 -23.51 -15.08 4.86
CA ARG O 299 -23.38 -13.62 4.81
C ARG O 299 -21.94 -13.17 5.00
N ALA O 300 -20.96 -13.98 4.57
CA ALA O 300 -19.56 -13.69 4.88
C ALA O 300 -19.04 -12.53 4.05
N SER O 301 -19.02 -12.67 2.73
CA SER O 301 -18.62 -11.58 1.85
C SER O 301 -19.74 -10.60 1.58
N LEU O 302 -20.92 -10.82 2.13
CA LEU O 302 -22.08 -10.00 1.83
C LEU O 302 -21.96 -8.62 2.48
N PRO O 303 -22.35 -7.56 1.80
CA PRO O 303 -22.31 -6.22 2.41
C PRO O 303 -23.41 -6.05 3.45
N LYS O 304 -23.35 -4.91 4.14
CA LYS O 304 -24.32 -4.56 5.17
C LYS O 304 -25.22 -3.44 4.63
N VAL O 305 -26.31 -3.84 3.96
CA VAL O 305 -27.17 -2.93 3.22
C VAL O 305 -28.55 -2.95 3.88
N SER O 306 -29.25 -1.81 3.82
CA SER O 306 -30.51 -1.64 4.54
C SER O 306 -31.63 -2.48 3.94
N TYR O 307 -31.85 -2.39 2.63
CA TYR O 307 -33.03 -3.02 2.06
C TYR O 307 -32.85 -4.53 1.93
N VAL O 308 -33.98 -5.22 1.77
CA VAL O 308 -34.00 -6.68 1.78
C VAL O 308 -33.64 -7.19 0.39
N LYS O 309 -33.12 -8.40 0.33
CA LYS O 309 -32.70 -9.04 -0.90
C LYS O 309 -33.70 -10.15 -1.27
N ALA O 310 -33.38 -10.89 -2.33
CA ALA O 310 -34.09 -12.12 -2.63
C ALA O 310 -33.34 -13.34 -2.14
N ILE O 311 -32.04 -13.22 -1.88
CA ILE O 311 -31.26 -14.35 -1.43
C ILE O 311 -31.51 -14.64 0.05
N ASP O 312 -31.82 -13.61 0.83
CA ASP O 312 -31.96 -13.79 2.26
C ASP O 312 -33.37 -14.21 2.67
N ILE O 313 -34.39 -13.80 1.91
CA ILE O 313 -35.75 -14.22 2.23
C ILE O 313 -35.98 -15.67 1.90
N TRP O 314 -35.25 -16.23 0.94
CA TRP O 314 -35.26 -17.68 0.75
C TRP O 314 -34.64 -18.39 1.96
N MET O 315 -33.62 -17.79 2.56
CA MET O 315 -33.03 -18.37 3.76
C MET O 315 -33.99 -18.27 4.94
N ALA O 316 -34.74 -17.16 5.02
CA ALA O 316 -35.65 -16.96 6.14
C ALA O 316 -36.88 -17.86 6.04
N VAL O 317 -37.39 -18.06 4.82
CA VAL O 317 -38.56 -18.92 4.68
C VAL O 317 -38.15 -20.38 4.81
N CYS O 318 -36.89 -20.72 4.47
CA CYS O 318 -36.40 -22.05 4.78
C CYS O 318 -36.08 -22.17 6.25
N LEU O 319 -35.77 -21.06 6.91
CA LEU O 319 -35.60 -21.09 8.36
C LEU O 319 -36.95 -21.25 9.05
N LEU O 320 -38.02 -20.68 8.47
CA LEU O 320 -39.33 -20.75 9.10
C LEU O 320 -39.95 -22.13 8.94
N PHE O 321 -39.69 -22.80 7.83
CA PHE O 321 -40.27 -24.13 7.61
C PHE O 321 -39.66 -25.16 8.56
N VAL O 322 -38.35 -25.09 8.79
CA VAL O 322 -37.74 -25.95 9.79
C VAL O 322 -38.09 -25.47 11.19
N PHE O 323 -38.42 -24.19 11.35
CA PHE O 323 -39.00 -23.71 12.60
C PHE O 323 -40.41 -24.25 12.80
N SER O 324 -41.11 -24.56 11.71
CA SER O 324 -42.50 -24.97 11.77
C SER O 324 -42.70 -26.41 12.21
N ALA O 325 -41.62 -27.18 12.37
CA ALA O 325 -41.76 -28.63 12.52
C ALA O 325 -42.16 -29.03 13.94
N LEU O 326 -41.56 -28.44 14.96
CA LEU O 326 -41.71 -28.98 16.31
C LEU O 326 -42.92 -28.41 17.03
N LEU O 327 -43.35 -27.18 16.72
CA LEU O 327 -44.55 -26.67 17.37
C LEU O 327 -45.82 -27.31 16.82
N GLU O 328 -45.73 -27.96 15.66
CA GLU O 328 -46.73 -28.95 15.28
C GLU O 328 -46.77 -30.04 16.34
N TYR O 329 -45.61 -30.61 16.65
CA TYR O 329 -45.53 -31.68 17.65
C TYR O 329 -45.72 -31.14 19.06
N ALA O 330 -45.39 -29.86 19.30
CA ALA O 330 -45.74 -29.27 20.58
C ALA O 330 -47.24 -29.04 20.70
N ALA O 331 -47.93 -28.83 19.58
CA ALA O 331 -49.38 -28.84 19.60
C ALA O 331 -49.91 -30.27 19.73
N VAL O 332 -49.14 -31.25 19.27
CA VAL O 332 -49.49 -32.65 19.51
C VAL O 332 -49.30 -32.98 21.00
N ASN O 333 -48.24 -32.44 21.62
CA ASN O 333 -47.94 -32.76 23.01
C ASN O 333 -48.96 -32.23 24.00
N PHE O 334 -49.75 -31.22 23.62
CA PHE O 334 -50.89 -30.86 24.47
C PHE O 334 -52.07 -31.79 24.21
N VAL O 335 -52.22 -32.24 22.96
CA VAL O 335 -53.25 -33.23 22.66
C VAL O 335 -52.84 -34.59 23.20
N SER O 336 -51.61 -35.01 22.92
CA SER O 336 -51.09 -36.27 23.41
C SER O 336 -50.44 -36.10 24.78
N ILE O 416 -56.22 -39.94 20.95
CA ILE O 416 -55.07 -40.54 20.28
C ILE O 416 -55.24 -40.41 18.77
N GLN O 417 -56.41 -40.83 18.27
CA GLN O 417 -56.73 -40.60 16.87
C GLN O 417 -57.04 -39.14 16.59
N ARG O 418 -57.39 -38.36 17.62
CA ARG O 418 -57.51 -36.92 17.47
C ARG O 418 -56.16 -36.29 17.14
N ALA O 419 -55.09 -36.79 17.76
CA ALA O 419 -53.75 -36.35 17.39
C ALA O 419 -53.34 -36.87 16.03
N LYS O 420 -53.93 -37.98 15.58
CA LYS O 420 -53.70 -38.45 14.22
C LYS O 420 -54.35 -37.54 13.18
N LYS O 421 -55.41 -36.83 13.57
CA LYS O 421 -56.07 -35.93 12.65
C LYS O 421 -55.22 -34.70 12.37
N ILE O 422 -54.59 -34.14 13.41
CA ILE O 422 -53.74 -32.96 13.22
C ILE O 422 -52.41 -33.34 12.58
N ASP O 423 -52.00 -34.61 12.65
CA ASP O 423 -50.87 -35.11 11.90
C ASP O 423 -51.25 -35.48 10.47
N LYS O 424 -52.54 -35.78 10.23
CA LYS O 424 -53.01 -36.06 8.87
C LYS O 424 -52.89 -34.85 7.98
N ILE O 425 -53.03 -33.65 8.55
CA ILE O 425 -52.73 -32.42 7.83
C ILE O 425 -51.22 -32.31 7.56
N SER O 426 -50.40 -32.87 8.45
CA SER O 426 -48.96 -32.67 8.38
C SER O 426 -48.21 -33.85 7.76
N ARG O 427 -48.76 -35.06 7.80
CA ARG O 427 -48.03 -36.21 7.26
C ARG O 427 -48.07 -36.25 5.74
N ILE O 428 -49.17 -35.78 5.14
CA ILE O 428 -49.32 -35.76 3.68
C ILE O 428 -49.43 -34.34 3.15
N GLY O 429 -50.23 -33.49 3.79
CA GLY O 429 -50.45 -32.15 3.27
C GLY O 429 -49.27 -31.22 3.42
N PHE O 430 -48.49 -31.37 4.48
CA PHE O 430 -47.31 -30.54 4.69
C PHE O 430 -46.12 -30.88 3.77
N PRO O 431 -45.81 -32.14 3.43
CA PRO O 431 -44.85 -32.36 2.34
C PRO O 431 -45.37 -31.98 0.96
N MET O 432 -46.67 -31.78 0.80
CA MET O 432 -47.19 -31.13 -0.39
C MET O 432 -47.20 -29.61 -0.25
N ALA O 433 -46.78 -29.08 0.89
CA ALA O 433 -46.82 -27.64 1.17
C ALA O 433 -45.45 -27.00 1.09
N PHE O 434 -44.63 -27.39 0.12
CA PHE O 434 -43.37 -26.68 -0.09
C PHE O 434 -43.20 -26.19 -1.51
N LEU O 435 -43.70 -26.93 -2.50
CA LEU O 435 -43.58 -26.54 -3.90
C LEU O 435 -44.47 -25.35 -4.24
N ILE O 436 -45.39 -24.97 -3.36
CA ILE O 436 -46.26 -23.81 -3.59
C ILE O 436 -45.45 -22.51 -3.55
N PHE O 437 -44.33 -22.49 -2.82
CA PHE O 437 -43.51 -21.29 -2.77
C PHE O 437 -42.33 -21.36 -3.74
N ASN O 438 -41.84 -22.55 -4.04
CA ASN O 438 -40.68 -22.69 -4.93
C ASN O 438 -41.03 -22.25 -6.34
N MET O 439 -42.23 -22.61 -6.82
CA MET O 439 -42.70 -22.07 -8.09
C MET O 439 -42.98 -20.58 -7.97
N PHE O 440 -43.46 -20.15 -6.80
CA PHE O 440 -43.74 -18.74 -6.55
C PHE O 440 -42.47 -17.89 -6.52
N TYR O 441 -41.32 -18.50 -6.20
CA TYR O 441 -40.09 -17.74 -6.06
C TYR O 441 -39.55 -17.30 -7.43
N TRP O 442 -39.44 -18.25 -8.36
CA TRP O 442 -38.70 -17.98 -9.60
C TRP O 442 -39.50 -17.19 -10.62
N ILE O 443 -40.78 -16.91 -10.36
CA ILE O 443 -41.58 -16.15 -11.32
C ILE O 443 -41.29 -14.67 -11.20
N ILE O 444 -41.29 -14.14 -9.97
CA ILE O 444 -41.29 -12.69 -9.76
C ILE O 444 -39.92 -12.10 -10.06
N TYR O 445 -38.90 -12.53 -9.33
CA TYR O 445 -37.60 -11.88 -9.34
C TYR O 445 -36.64 -12.46 -10.37
N LYS O 446 -37.17 -13.01 -11.47
CA LYS O 446 -36.32 -13.51 -12.54
C LYS O 446 -35.92 -12.42 -13.54
N ILE O 447 -36.53 -11.24 -13.47
CA ILE O 447 -36.23 -10.16 -14.39
C ILE O 447 -35.17 -9.24 -13.81
#